data_6W22
#
_entry.id   6W22
#
loop_
_entity.id
_entity.type
_entity.pdbx_description
1 polymer 'ATP-dependent Clp protease ATP-binding subunit ClpA'
2 polymer 'RepA, green fluorescent protein fusion'
3 non-polymer "ADENOSINE-5'-TRIPHOSPHATE"
4 non-polymer "ADENOSINE-5'-DIPHOSPHATE"
#
loop_
_entity_poly.entity_id
_entity_poly.type
_entity_poly.pdbx_seq_one_letter_code
_entity_poly.pdbx_strand_id
1 'polypeptide(L)'
;MLNQELELSLNMAFARAREHRHEFMTVEHLLLALLSNPSAREALEACSVDLVALRQELEAFIEQTTPVLPASEEERDTQP
TLSFQRVLQRAVFHVQSSGRNEVTGANVLVAIFSEQESQAAYLLRKHEVSRLDVVNFISHGTRKDEPTQSSDPGSQPNSE
EQAGGEERMENFTTNLNQLARVGGIDPLIGREKELERAIQVLCRRRKNNPLLVGESGVGKTAIAEGLAWRIVQGDVPEVM
ADCTIYSLDIGSLLAGTKYRGDFEKRFKALLKQLEQDTNSILFIDEIHTIIGAGAASGGQVDAANLIKPLLSSGKIRVIG
STTYQEFSNIFEKDRALARRFQKIDITEPSIEETVQIINGLKPKYEAHHDVRYTAKAVRAAVELAVKYINDRHLPDKAID
VIDEAGARARLMPVSKRKKTVNVADIESVVARIARIPEKSVSQSDRDTLKNLGDRLKMLVFGQDKAIEALTEAIKMARAG
LGHEHKPVGSFLFAGPTGVGKTEVTVQLSKALGIELLRFDMSEYMERHTVSRLIGAPPGYVGFDQGGLLTDAVIKHPHAV
LLLDEIEKAHPDVFNILLQVMDNGTLTDNNGRKADFRNVVLVMTTNAGVRETERKSIGLIHQDNSTDAMEEIKKIFTPEF
RNRLDNIIWFDHLSTDVIHQVVDKFIVELQVQLDQKGVSLEVSQEARNWLAEKGYDRAMGARPMARVIQDNLKKPLANEL
LFGSLVDGGQVTVALDKEKNELTYGFQSAQKHKAEAAH
;
A,B,C,D,E,F
2 'polypeptide(L)'
;(UNK)(UNK)(UNK)(UNK)(UNK)(UNK)(UNK)(UNK)(UNK)(UNK)(UNK)(UNK)(UNK)(UNK)(UNK)(UNK)
(UNK)(UNK)(UNK)(UNK)(UNK)(UNK)(UNK)(UNK)
;
X
#
loop_
_chem_comp.id
_chem_comp.type
_chem_comp.name
_chem_comp.formula
ADP non-polymer ADENOSINE-5'-DIPHOSPHATE 'C10 H15 N5 O10 P2'
ATP non-polymer ADENOSINE-5'-TRIPHOSPHATE 'C10 H16 N5 O13 P3'
#
# COMPACT_ATOMS: atom_id res chain seq x y z
N MET A 169 -31.10 22.14 -11.49
CA MET A 169 -31.58 21.09 -12.39
C MET A 169 -31.44 21.41 -13.85
N GLU A 170 -31.41 22.69 -14.20
CA GLU A 170 -31.44 23.08 -15.60
C GLU A 170 -30.32 22.47 -16.42
N ASN A 171 -29.15 22.34 -15.82
CA ASN A 171 -28.02 21.75 -16.49
C ASN A 171 -27.50 20.53 -15.75
N PHE A 172 -28.36 19.93 -14.93
CA PHE A 172 -27.94 18.77 -14.15
C PHE A 172 -28.83 17.56 -14.35
N THR A 173 -30.13 17.77 -14.56
CA THR A 173 -31.00 16.62 -14.63
C THR A 173 -31.76 16.49 -15.93
N THR A 174 -31.84 15.26 -16.41
CA THR A 174 -32.63 14.99 -17.60
C THR A 174 -33.98 14.47 -17.22
N ASN A 175 -35.01 15.09 -17.73
CA ASN A 175 -36.36 14.63 -17.43
C ASN A 175 -36.60 13.43 -18.31
N LEU A 176 -36.62 12.25 -17.72
CA LEU A 176 -36.72 11.04 -18.50
C LEU A 176 -38.12 10.82 -18.98
N ASN A 177 -39.10 11.51 -18.39
CA ASN A 177 -40.43 11.29 -18.87
C ASN A 177 -40.53 12.06 -20.14
N GLN A 178 -39.91 13.23 -20.15
CA GLN A 178 -39.95 14.01 -21.35
C GLN A 178 -39.16 13.31 -22.40
N LEU A 179 -38.09 12.66 -21.99
CA LEU A 179 -37.33 11.95 -22.97
C LEU A 179 -38.17 10.82 -23.50
N ALA A 180 -38.87 10.06 -22.63
CA ALA A 180 -39.69 8.94 -23.08
C ALA A 180 -40.81 9.41 -24.01
N ARG A 181 -41.38 10.58 -23.73
CA ARG A 181 -42.42 11.13 -24.58
C ARG A 181 -41.89 11.41 -25.98
N VAL A 182 -40.65 11.88 -26.05
CA VAL A 182 -39.97 12.17 -27.31
C VAL A 182 -39.54 10.90 -28.03
N GLY A 183 -39.00 9.96 -27.27
CA GLY A 183 -38.45 8.72 -27.76
C GLY A 183 -37.34 8.36 -26.79
N GLY A 184 -36.17 8.02 -27.29
CA GLY A 184 -35.01 7.83 -26.41
C GLY A 184 -34.93 6.53 -25.62
N ILE A 185 -35.93 6.31 -24.80
CA ILE A 185 -36.03 5.20 -23.89
C ILE A 185 -36.83 4.03 -24.44
N ASP A 186 -36.19 2.90 -24.46
CA ASP A 186 -36.77 1.67 -24.91
C ASP A 186 -37.81 1.11 -23.97
N PRO A 187 -38.82 0.39 -24.47
CA PRO A 187 -39.75 -0.35 -23.69
C PRO A 187 -38.96 -1.49 -23.16
N LEU A 188 -39.29 -2.02 -22.01
CA LEU A 188 -38.55 -3.20 -21.64
C LEU A 188 -39.34 -4.43 -21.87
N ILE A 189 -38.62 -5.42 -22.30
CA ILE A 189 -39.16 -6.66 -22.69
C ILE A 189 -38.80 -7.72 -21.67
N GLY A 190 -39.81 -8.36 -21.11
CA GLY A 190 -39.54 -9.42 -20.15
C GLY A 190 -39.12 -8.97 -18.76
N ARG A 191 -39.36 -7.70 -18.42
CA ARG A 191 -38.97 -7.20 -17.12
C ARG A 191 -40.23 -6.88 -16.34
N GLU A 192 -40.66 -7.81 -15.49
CA GLU A 192 -41.88 -7.55 -14.76
C GLU A 192 -41.61 -7.40 -13.29
N LYS A 193 -40.74 -8.24 -12.75
CA LYS A 193 -40.39 -8.20 -11.33
C LYS A 193 -39.52 -7.00 -11.01
N GLU A 194 -38.40 -6.87 -11.71
CA GLU A 194 -37.47 -5.76 -11.50
C GLU A 194 -38.22 -4.43 -11.37
N LEU A 195 -39.26 -4.26 -12.18
CA LEU A 195 -40.04 -3.06 -12.16
C LEU A 195 -41.09 -3.14 -11.10
N GLU A 196 -41.71 -4.30 -10.88
CA GLU A 196 -42.69 -4.36 -9.83
C GLU A 196 -42.06 -3.97 -8.53
N ARG A 197 -40.84 -4.45 -8.28
CA ARG A 197 -40.20 -4.07 -7.05
C ARG A 197 -39.81 -2.61 -7.06
N ALA A 198 -39.35 -2.06 -8.18
CA ALA A 198 -39.01 -0.66 -8.13
C ALA A 198 -40.24 0.13 -7.72
N ILE A 199 -41.41 -0.26 -8.20
CA ILE A 199 -42.62 0.41 -7.82
C ILE A 199 -42.89 0.17 -6.36
N GLN A 200 -42.73 -1.06 -5.93
CA GLN A 200 -43.06 -1.38 -4.56
C GLN A 200 -42.23 -0.58 -3.58
N VAL A 201 -40.98 -0.35 -3.90
CA VAL A 201 -40.10 0.42 -3.04
C VAL A 201 -40.45 1.89 -3.09
N LEU A 202 -40.69 2.43 -4.27
CA LEU A 202 -41.00 3.84 -4.40
C LEU A 202 -42.29 4.18 -3.64
N CYS A 203 -43.19 3.20 -3.53
CA CYS A 203 -44.44 3.35 -2.82
C CYS A 203 -44.34 3.31 -1.29
N ARG A 204 -43.16 3.08 -0.75
CA ARG A 204 -43.00 3.01 0.71
C ARG A 204 -43.01 4.38 1.40
N ARG A 205 -43.36 4.40 2.69
CA ARG A 205 -43.38 5.65 3.45
C ARG A 205 -41.98 6.17 3.64
N ARG A 206 -41.06 5.24 3.90
CA ARG A 206 -39.68 5.56 4.16
C ARG A 206 -38.73 4.71 3.37
N LYS A 207 -37.56 5.24 3.11
CA LYS A 207 -36.54 4.54 2.39
C LYS A 207 -37.07 4.07 1.06
N ASN A 208 -37.85 4.90 0.42
CA ASN A 208 -38.42 4.55 -0.84
C ASN A 208 -37.46 4.93 -1.93
N ASN A 209 -36.33 4.26 -1.86
CA ASN A 209 -35.18 4.52 -2.67
C ASN A 209 -34.60 3.21 -3.17
N PRO A 210 -35.07 2.61 -4.25
CA PRO A 210 -34.60 1.31 -4.70
C PRO A 210 -33.20 1.44 -5.22
N LEU A 211 -32.44 0.38 -5.09
CA LEU A 211 -31.11 0.30 -5.65
C LEU A 211 -30.98 -0.90 -6.53
N LEU A 212 -30.65 -0.68 -7.76
CA LEU A 212 -30.52 -1.76 -8.71
C LEU A 212 -29.10 -2.20 -8.74
N VAL A 213 -28.86 -3.44 -8.41
CA VAL A 213 -27.50 -3.94 -8.35
C VAL A 213 -27.34 -5.02 -9.39
N GLY A 214 -26.36 -4.87 -10.25
CA GLY A 214 -26.19 -5.85 -11.32
C GLY A 214 -24.76 -6.09 -11.80
N GLU A 215 -24.70 -6.51 -13.05
CA GLU A 215 -23.49 -6.87 -13.75
C GLU A 215 -23.52 -6.20 -15.09
N SER A 216 -22.41 -6.10 -15.77
CA SER A 216 -22.40 -5.38 -17.02
C SER A 216 -23.30 -5.91 -18.11
N GLY A 217 -24.13 -5.04 -18.66
CA GLY A 217 -25.03 -5.41 -19.74
C GLY A 217 -26.26 -6.21 -19.32
N VAL A 218 -26.73 -6.09 -18.09
CA VAL A 218 -27.89 -6.92 -17.73
C VAL A 218 -29.20 -6.16 -17.73
N GLY A 219 -29.21 -4.93 -18.20
CA GLY A 219 -30.46 -4.15 -18.22
C GLY A 219 -30.59 -3.32 -16.96
N LYS A 220 -29.52 -3.28 -16.23
CA LYS A 220 -29.42 -2.55 -14.98
C LYS A 220 -29.86 -1.11 -15.04
N THR A 221 -29.52 -0.39 -16.10
CA THR A 221 -29.89 1.01 -16.20
C THR A 221 -31.07 1.11 -17.11
N ALA A 222 -31.22 0.10 -17.96
CA ALA A 222 -32.33 0.05 -18.87
C ALA A 222 -33.62 0.04 -18.06
N ILE A 223 -33.61 -0.65 -16.91
CA ILE A 223 -34.75 -0.74 -16.02
C ILE A 223 -35.14 0.57 -15.43
N ALA A 224 -34.19 1.33 -14.91
CA ALA A 224 -34.61 2.61 -14.36
C ALA A 224 -35.23 3.48 -15.45
N GLU A 225 -34.66 3.46 -16.66
CA GLU A 225 -35.24 4.26 -17.71
C GLU A 225 -36.57 3.69 -18.16
N GLY A 226 -36.66 2.36 -18.14
CA GLY A 226 -37.86 1.66 -18.54
C GLY A 226 -38.99 2.08 -17.66
N LEU A 227 -38.71 2.36 -16.38
CA LEU A 227 -39.78 2.81 -15.54
C LEU A 227 -40.25 4.17 -16.00
N ALA A 228 -39.34 5.07 -16.35
CA ALA A 228 -39.83 6.37 -16.81
C ALA A 228 -40.73 6.20 -18.02
N TRP A 229 -40.35 5.27 -18.89
CA TRP A 229 -41.13 5.00 -20.07
C TRP A 229 -42.50 4.51 -19.65
N ARG A 230 -42.51 3.52 -18.76
CA ARG A 230 -43.74 2.96 -18.24
C ARG A 230 -44.66 3.99 -17.58
N ILE A 231 -44.09 4.99 -16.94
CA ILE A 231 -44.93 5.99 -16.29
C ILE A 231 -45.62 6.78 -17.39
N VAL A 232 -44.84 7.18 -18.38
CA VAL A 232 -45.33 7.96 -19.51
C VAL A 232 -46.39 7.25 -20.29
N GLN A 233 -46.24 5.96 -20.46
CA GLN A 233 -47.19 5.17 -21.21
C GLN A 233 -48.39 4.72 -20.41
N GLY A 234 -48.46 5.05 -19.10
CA GLY A 234 -49.58 4.60 -18.30
C GLY A 234 -49.51 3.13 -17.90
N ASP A 235 -48.31 2.59 -17.79
CA ASP A 235 -48.05 1.19 -17.46
C ASP A 235 -47.62 1.02 -15.99
N VAL A 236 -48.03 1.99 -15.18
CA VAL A 236 -47.75 1.99 -13.76
C VAL A 236 -49.06 2.25 -12.99
N PRO A 237 -49.16 1.91 -11.70
CA PRO A 237 -50.28 2.22 -10.81
C PRO A 237 -50.41 3.71 -10.71
N GLU A 238 -51.62 4.21 -10.38
CA GLU A 238 -51.90 5.64 -10.27
C GLU A 238 -51.10 6.30 -9.16
N VAL A 239 -50.53 5.51 -8.32
CA VAL A 239 -49.70 5.96 -7.24
C VAL A 239 -48.52 6.72 -7.85
N MET A 240 -48.06 6.25 -9.01
CA MET A 240 -46.97 6.81 -9.78
C MET A 240 -47.42 7.87 -10.77
N ALA A 241 -48.70 8.21 -10.76
CA ALA A 241 -49.20 9.14 -11.73
C ALA A 241 -48.45 10.41 -11.59
N ASP A 242 -48.12 10.98 -12.73
CA ASP A 242 -47.45 12.26 -12.87
C ASP A 242 -46.06 12.29 -12.26
N CYS A 243 -45.52 11.12 -11.95
CA CYS A 243 -44.20 11.12 -11.40
C CYS A 243 -43.17 11.21 -12.46
N THR A 244 -42.13 11.95 -12.14
CA THR A 244 -41.03 12.13 -13.06
C THR A 244 -39.74 11.66 -12.53
N ILE A 245 -39.10 10.85 -13.33
CA ILE A 245 -37.80 10.37 -12.97
C ILE A 245 -36.80 11.23 -13.69
N TYR A 246 -35.92 11.81 -12.92
CA TYR A 246 -34.90 12.64 -13.48
C TYR A 246 -33.59 11.89 -13.46
N SER A 247 -32.79 11.99 -14.51
CA SER A 247 -31.49 11.33 -14.50
C SER A 247 -30.42 12.33 -14.16
N LEU A 248 -29.64 12.04 -13.13
CA LEU A 248 -28.66 13.02 -12.67
C LEU A 248 -27.30 12.92 -13.32
N ASP A 249 -26.86 14.01 -13.91
CA ASP A 249 -25.58 14.08 -14.58
C ASP A 249 -24.52 14.48 -13.56
N ILE A 250 -23.77 13.49 -13.10
CA ILE A 250 -22.77 13.68 -12.06
C ILE A 250 -21.67 14.56 -12.61
N GLY A 251 -21.32 14.33 -13.86
CA GLY A 251 -20.27 15.10 -14.49
C GLY A 251 -20.58 16.58 -14.42
N SER A 252 -21.73 17.00 -14.94
CA SER A 252 -22.01 18.44 -14.93
C SER A 252 -22.20 18.98 -13.53
N LEU A 253 -22.66 18.13 -12.61
CA LEU A 253 -22.85 18.57 -11.26
C LEU A 253 -21.53 18.86 -10.57
N LEU A 254 -20.50 18.06 -10.86
CA LEU A 254 -19.23 18.21 -10.19
C LEU A 254 -18.20 19.06 -10.93
N ALA A 255 -18.36 19.20 -12.23
CA ALA A 255 -17.46 19.99 -13.05
C ALA A 255 -17.61 21.46 -12.76
N GLY A 256 -16.53 22.23 -12.93
CA GLY A 256 -16.69 23.67 -12.80
C GLY A 256 -16.81 24.19 -11.36
N THR A 257 -16.17 23.51 -10.41
CA THR A 257 -16.20 23.92 -9.01
C THR A 257 -14.87 24.51 -8.57
N LYS A 258 -14.14 23.76 -7.73
CA LYS A 258 -12.85 24.11 -7.13
C LYS A 258 -12.84 25.21 -6.04
N TYR A 259 -14.01 25.53 -5.50
CA TYR A 259 -14.13 26.51 -4.41
C TYR A 259 -14.55 25.79 -3.12
N ARG A 260 -14.45 26.47 -1.98
CA ARG A 260 -14.81 25.90 -0.69
C ARG A 260 -16.31 25.67 -0.46
N GLY A 261 -17.17 26.30 -1.25
CA GLY A 261 -18.61 26.11 -1.06
C GLY A 261 -19.43 26.08 -2.36
N ASP A 262 -18.85 25.70 -3.47
CA ASP A 262 -19.60 25.70 -4.72
C ASP A 262 -20.48 24.48 -4.93
N PHE A 263 -19.92 23.30 -4.71
CA PHE A 263 -20.69 22.09 -4.95
C PHE A 263 -21.94 22.05 -4.12
N GLU A 264 -21.81 22.30 -2.82
CA GLU A 264 -22.95 22.30 -1.92
C GLU A 264 -24.06 23.27 -2.35
N LYS A 265 -23.69 24.37 -2.98
CA LYS A 265 -24.69 25.34 -3.41
C LYS A 265 -25.47 24.84 -4.58
N ARG A 266 -24.77 24.32 -5.58
CA ARG A 266 -25.53 23.86 -6.75
C ARG A 266 -26.29 22.61 -6.43
N PHE A 267 -25.71 21.80 -5.54
CA PHE A 267 -26.32 20.56 -5.11
C PHE A 267 -27.62 20.84 -4.35
N LYS A 268 -27.57 21.80 -3.43
CA LYS A 268 -28.76 22.12 -2.69
C LYS A 268 -29.79 22.76 -3.57
N ALA A 269 -29.37 23.64 -4.49
CA ALA A 269 -30.35 24.21 -5.39
C ALA A 269 -31.03 23.12 -6.22
N LEU A 270 -30.25 22.14 -6.66
CA LEU A 270 -30.79 21.05 -7.44
C LEU A 270 -31.84 20.36 -6.60
N LEU A 271 -31.49 20.06 -5.36
CA LEU A 271 -32.43 19.34 -4.57
C LEU A 271 -33.66 20.18 -4.30
N LYS A 272 -33.53 21.47 -4.06
CA LYS A 272 -34.73 22.26 -3.77
C LYS A 272 -35.73 22.18 -4.90
N GLN A 273 -35.22 22.21 -6.12
CA GLN A 273 -36.08 22.16 -7.28
C GLN A 273 -36.77 20.80 -7.37
N LEU A 274 -36.14 19.74 -6.87
CA LEU A 274 -36.80 18.44 -6.85
C LEU A 274 -37.76 18.32 -5.65
N GLU A 275 -37.34 18.87 -4.49
CA GLU A 275 -38.05 18.81 -3.22
C GLU A 275 -39.40 19.48 -3.25
N GLN A 276 -39.52 20.55 -4.02
CA GLN A 276 -40.78 21.26 -4.11
C GLN A 276 -41.90 20.37 -4.68
N ASP A 277 -41.54 19.29 -5.37
CA ASP A 277 -42.52 18.40 -5.97
C ASP A 277 -42.89 17.34 -4.93
N THR A 278 -43.80 16.44 -5.27
CA THR A 278 -44.14 15.34 -4.39
C THR A 278 -43.99 14.10 -5.20
N ASN A 279 -43.98 14.35 -6.50
CA ASN A 279 -43.96 13.32 -7.52
C ASN A 279 -42.60 13.21 -8.19
N SER A 280 -41.58 13.79 -7.56
CA SER A 280 -40.24 13.75 -8.13
C SER A 280 -39.41 12.58 -7.65
N ILE A 281 -38.84 11.88 -8.61
CA ILE A 281 -37.96 10.76 -8.41
C ILE A 281 -36.63 11.07 -9.06
N LEU A 282 -35.54 10.90 -8.36
CA LEU A 282 -34.26 11.14 -8.97
C LEU A 282 -33.55 9.84 -9.18
N PHE A 283 -32.95 9.65 -10.34
CA PHE A 283 -32.18 8.47 -10.65
C PHE A 283 -30.72 8.76 -10.75
N ILE A 284 -29.97 8.08 -9.90
CA ILE A 284 -28.55 8.27 -9.89
C ILE A 284 -27.89 7.03 -10.37
N ASP A 285 -27.36 7.09 -11.56
CA ASP A 285 -26.71 5.90 -12.02
C ASP A 285 -25.37 5.99 -11.42
N GLU A 286 -24.54 5.02 -11.62
CA GLU A 286 -23.20 5.10 -11.11
C GLU A 286 -23.20 5.62 -9.68
N ILE A 287 -24.07 5.07 -8.83
CA ILE A 287 -24.22 5.57 -7.47
C ILE A 287 -22.97 5.41 -6.65
N HIS A 288 -22.05 4.59 -7.09
CA HIS A 288 -20.82 4.42 -6.40
C HIS A 288 -19.95 5.67 -6.48
N THR A 289 -20.36 6.64 -7.30
CA THR A 289 -19.62 7.88 -7.40
C THR A 289 -20.16 8.90 -6.37
N ILE A 290 -21.19 8.51 -5.62
CA ILE A 290 -21.74 9.33 -4.56
C ILE A 290 -21.05 8.99 -3.27
N ILE A 291 -20.96 7.70 -3.02
CA ILE A 291 -20.41 7.22 -1.77
C ILE A 291 -18.91 7.31 -1.80
N GLY A 292 -18.33 7.93 -0.76
CA GLY A 292 -16.89 8.08 -0.68
C GLY A 292 -16.46 9.53 -0.85
N ALA A 293 -17.37 10.45 -0.54
CA ALA A 293 -17.09 11.88 -0.66
C ALA A 293 -17.15 12.33 -2.11
N GLY A 294 -17.07 11.38 -3.03
CA GLY A 294 -17.12 11.67 -4.45
C GLY A 294 -16.26 12.87 -4.82
N ALA A 295 -16.89 14.03 -4.93
CA ALA A 295 -16.18 15.25 -5.27
C ALA A 295 -15.50 15.79 -4.02
N ALA A 296 -16.25 15.82 -2.93
CA ALA A 296 -15.72 16.30 -1.65
C ALA A 296 -14.23 16.32 -1.59
N SER A 297 -13.73 17.16 -0.69
CA SER A 297 -12.33 17.27 -0.38
C SER A 297 -12.22 17.71 1.08
N GLY A 298 -11.11 17.38 1.73
CA GLY A 298 -10.87 17.86 3.10
C GLY A 298 -11.41 16.96 4.21
N GLY A 299 -12.17 15.94 3.83
CA GLY A 299 -12.78 15.01 4.78
C GLY A 299 -14.28 15.20 4.92
N GLN A 300 -15.01 14.10 4.88
CA GLN A 300 -16.47 14.05 5.00
C GLN A 300 -17.17 15.07 4.11
N VAL A 301 -18.21 15.73 4.67
CA VAL A 301 -19.07 16.71 4.02
C VAL A 301 -19.23 16.38 2.55
N ASP A 302 -19.56 15.13 2.27
CA ASP A 302 -19.62 14.66 0.92
C ASP A 302 -20.99 14.45 0.35
N ALA A 303 -21.05 13.92 -0.87
CA ALA A 303 -22.34 13.71 -1.50
C ALA A 303 -23.19 12.75 -0.68
N ALA A 304 -22.57 11.74 -0.08
CA ALA A 304 -23.31 10.78 0.72
C ALA A 304 -23.90 11.44 1.96
N ASN A 305 -23.13 12.34 2.57
CA ASN A 305 -23.57 12.98 3.80
C ASN A 305 -24.69 13.92 3.50
N LEU A 306 -24.62 14.53 2.36
CA LEU A 306 -25.62 15.49 1.98
C LEU A 306 -26.95 14.83 1.70
N ILE A 307 -26.95 13.63 1.11
CA ILE A 307 -28.22 12.99 0.82
C ILE A 307 -28.83 12.24 2.00
N LYS A 308 -28.04 11.66 2.91
CA LYS A 308 -28.63 10.89 4.01
C LYS A 308 -29.85 11.53 4.67
N PRO A 309 -29.83 12.80 5.12
CA PRO A 309 -30.93 13.44 5.79
C PRO A 309 -32.18 13.53 4.91
N LEU A 310 -32.01 13.41 3.61
CA LEU A 310 -33.12 13.51 2.70
C LEU A 310 -33.68 12.14 2.43
N LEU A 311 -32.79 11.17 2.29
CA LEU A 311 -33.19 9.81 1.99
C LEU A 311 -34.02 9.29 3.12
N SER A 312 -33.74 9.81 4.32
CA SER A 312 -34.38 9.47 5.57
C SER A 312 -35.84 9.76 5.61
N SER A 313 -36.33 10.73 4.83
CA SER A 313 -37.75 11.00 4.85
C SER A 313 -38.33 10.70 3.48
N GLY A 314 -37.46 10.56 2.49
CA GLY A 314 -37.92 10.32 1.14
C GLY A 314 -38.42 11.61 0.52
N LYS A 315 -37.75 12.74 0.83
CA LYS A 315 -38.26 14.00 0.29
C LYS A 315 -38.33 13.88 -1.23
N ILE A 316 -37.31 13.25 -1.79
CA ILE A 316 -37.16 12.98 -3.20
C ILE A 316 -36.96 11.49 -3.25
N ARG A 317 -37.70 10.80 -4.07
CA ARG A 317 -37.46 9.37 -4.09
C ARG A 317 -36.19 9.18 -4.86
N VAL A 318 -35.24 8.38 -4.37
CA VAL A 318 -34.04 8.20 -5.16
C VAL A 318 -33.81 6.78 -5.59
N ILE A 319 -33.67 6.59 -6.89
CA ILE A 319 -33.40 5.31 -7.47
C ILE A 319 -31.93 5.29 -7.73
N GLY A 320 -31.23 4.31 -7.21
CA GLY A 320 -29.80 4.28 -7.48
C GLY A 320 -29.47 3.06 -8.31
N SER A 321 -28.30 3.07 -8.92
CA SER A 321 -27.82 1.90 -9.65
C SER A 321 -26.32 1.65 -9.58
N THR A 322 -25.95 0.40 -9.31
CA THR A 322 -24.54 0.01 -9.27
C THR A 322 -24.32 -1.46 -9.60
N THR A 323 -23.09 -1.91 -9.52
CA THR A 323 -22.77 -3.30 -9.78
C THR A 323 -22.59 -4.04 -8.49
N TYR A 324 -22.54 -5.35 -8.55
CA TYR A 324 -22.36 -6.12 -7.34
C TYR A 324 -21.02 -5.93 -6.68
N GLN A 325 -19.99 -5.67 -7.47
CA GLN A 325 -18.68 -5.52 -6.90
C GLN A 325 -18.58 -4.16 -6.27
N GLU A 326 -19.14 -3.16 -6.92
CA GLU A 326 -19.09 -1.84 -6.34
C GLU A 326 -19.94 -1.84 -5.13
N PHE A 327 -21.05 -2.53 -5.20
CA PHE A 327 -21.97 -2.53 -4.12
C PHE A 327 -21.34 -3.03 -2.87
N SER A 328 -20.76 -4.23 -2.89
CA SER A 328 -20.23 -4.71 -1.63
C SER A 328 -18.99 -3.94 -1.18
N ASN A 329 -18.28 -3.29 -2.09
CA ASN A 329 -17.13 -2.50 -1.70
C ASN A 329 -17.45 -1.14 -1.09
N ILE A 330 -18.56 -0.51 -1.47
CA ILE A 330 -18.86 0.83 -0.94
C ILE A 330 -20.01 0.82 0.07
N PHE A 331 -21.04 0.03 -0.22
CA PHE A 331 -22.20 -0.07 0.60
C PHE A 331 -21.90 -1.14 1.58
N GLU A 332 -22.60 -1.15 2.67
CA GLU A 332 -22.38 -2.10 3.74
C GLU A 332 -21.04 -1.82 4.42
N LYS A 333 -20.55 -0.61 4.17
CA LYS A 333 -19.37 0.00 4.72
C LYS A 333 -19.95 1.27 5.28
N ASP A 334 -20.47 2.10 4.39
CA ASP A 334 -21.15 3.28 4.87
C ASP A 334 -22.56 2.78 5.11
N ARG A 335 -22.73 2.10 6.23
CA ARG A 335 -23.93 1.38 6.58
C ARG A 335 -25.13 2.28 6.58
N ALA A 336 -24.93 3.51 7.00
CA ALA A 336 -26.04 4.42 7.04
C ALA A 336 -26.65 4.63 5.66
N LEU A 337 -25.89 4.58 4.56
CA LEU A 337 -26.60 4.71 3.30
C LEU A 337 -27.09 3.39 2.86
N ALA A 338 -26.35 2.36 3.16
CA ALA A 338 -26.76 1.08 2.66
C ALA A 338 -28.14 0.73 3.14
N ARG A 339 -28.47 1.11 4.35
CA ARG A 339 -29.76 0.71 4.84
C ARG A 339 -30.86 1.62 4.36
N ARG A 340 -30.49 2.69 3.65
CA ARG A 340 -31.47 3.65 3.16
C ARG A 340 -31.90 3.31 1.75
N PHE A 341 -31.29 2.27 1.17
CA PHE A 341 -31.63 1.86 -0.17
C PHE A 341 -32.18 0.48 -0.19
N GLN A 342 -33.08 0.21 -1.10
CA GLN A 342 -33.65 -1.11 -1.17
C GLN A 342 -33.12 -1.88 -2.34
N LYS A 343 -32.20 -2.77 -2.09
CA LYS A 343 -31.56 -3.53 -3.15
C LYS A 343 -32.48 -4.47 -3.93
N ILE A 344 -32.36 -4.38 -5.25
CA ILE A 344 -33.03 -5.22 -6.22
C ILE A 344 -31.97 -5.92 -7.09
N ASP A 345 -32.04 -7.24 -7.17
CA ASP A 345 -31.06 -8.00 -7.94
C ASP A 345 -31.41 -8.06 -9.42
N ILE A 346 -30.58 -7.48 -10.27
CA ILE A 346 -30.88 -7.48 -11.70
C ILE A 346 -30.00 -8.49 -12.36
N THR A 347 -30.58 -9.54 -12.91
CA THR A 347 -29.79 -10.59 -13.52
C THR A 347 -29.92 -10.60 -15.02
N GLU A 348 -29.05 -11.37 -15.67
CA GLU A 348 -29.09 -11.52 -17.11
C GLU A 348 -30.23 -12.47 -17.53
N PRO A 349 -30.98 -12.05 -18.54
CA PRO A 349 -32.11 -12.78 -19.09
C PRO A 349 -31.68 -14.07 -19.80
N SER A 350 -32.63 -14.93 -20.06
CA SER A 350 -32.43 -16.20 -20.77
C SER A 350 -32.19 -15.95 -22.26
N ILE A 351 -31.83 -17.01 -22.97
CA ILE A 351 -31.58 -16.91 -24.40
C ILE A 351 -32.86 -16.52 -25.10
N GLU A 352 -33.98 -17.11 -24.69
CA GLU A 352 -35.23 -16.75 -25.34
C GLU A 352 -35.59 -15.32 -25.01
N GLU A 353 -35.34 -14.92 -23.76
CA GLU A 353 -35.65 -13.56 -23.38
C GLU A 353 -34.78 -12.62 -24.17
N THR A 354 -33.53 -12.98 -24.41
CA THR A 354 -32.64 -12.12 -25.16
C THR A 354 -33.19 -11.97 -26.58
N VAL A 355 -33.66 -13.08 -27.16
CA VAL A 355 -34.24 -13.03 -28.49
C VAL A 355 -35.45 -12.13 -28.48
N GLN A 356 -36.29 -12.23 -27.45
CA GLN A 356 -37.45 -11.38 -27.35
C GLN A 356 -37.04 -9.93 -27.24
N ILE A 357 -35.96 -9.66 -26.51
CA ILE A 357 -35.48 -8.30 -26.35
C ILE A 357 -35.05 -7.80 -27.70
N ILE A 358 -34.31 -8.60 -28.45
CA ILE A 358 -33.90 -8.13 -29.74
C ILE A 358 -35.11 -7.89 -30.59
N ASN A 359 -36.04 -8.83 -30.63
CA ASN A 359 -37.18 -8.67 -31.51
C ASN A 359 -38.10 -7.51 -31.16
N GLY A 360 -38.24 -7.18 -29.88
CA GLY A 360 -39.07 -6.05 -29.58
C GLY A 360 -38.34 -4.73 -29.85
N LEU A 361 -37.00 -4.74 -29.81
CA LEU A 361 -36.26 -3.51 -30.07
C LEU A 361 -35.89 -3.43 -31.53
N LYS A 362 -35.76 -4.58 -32.17
CA LYS A 362 -35.39 -4.78 -33.55
C LYS A 362 -35.87 -3.74 -34.52
N PRO A 363 -37.13 -3.29 -34.54
CA PRO A 363 -37.57 -2.33 -35.51
C PRO A 363 -36.69 -1.08 -35.55
N LYS A 364 -36.03 -0.67 -34.45
CA LYS A 364 -35.21 0.53 -34.55
C LYS A 364 -33.85 0.25 -35.15
N TYR A 365 -33.48 -1.02 -35.18
CA TYR A 365 -32.21 -1.40 -35.74
C TYR A 365 -32.49 -1.48 -37.20
N GLU A 366 -33.63 -2.04 -37.53
CA GLU A 366 -33.96 -2.18 -38.91
C GLU A 366 -34.18 -0.79 -39.52
N ALA A 367 -34.88 0.08 -38.76
CA ALA A 367 -35.17 1.43 -39.23
C ALA A 367 -33.93 2.28 -39.35
N HIS A 368 -32.99 2.17 -38.41
CA HIS A 368 -31.78 2.95 -38.45
C HIS A 368 -30.91 2.51 -39.59
N HIS A 369 -30.77 1.20 -39.71
CA HIS A 369 -29.89 0.64 -40.68
C HIS A 369 -30.48 0.45 -42.07
N ASP A 370 -31.79 0.38 -42.21
CA ASP A 370 -32.44 0.06 -43.47
C ASP A 370 -32.03 -1.36 -43.87
N VAL A 371 -32.16 -2.24 -42.88
CA VAL A 371 -31.85 -3.67 -43.01
C VAL A 371 -33.02 -4.42 -42.45
N ARG A 372 -33.10 -5.71 -42.70
CA ARG A 372 -34.14 -6.51 -42.05
C ARG A 372 -33.51 -7.75 -41.45
N TYR A 373 -33.93 -8.16 -40.25
CA TYR A 373 -33.30 -9.34 -39.66
C TYR A 373 -34.20 -10.58 -39.66
N THR A 374 -33.67 -11.73 -40.10
CA THR A 374 -34.50 -12.93 -40.09
C THR A 374 -34.68 -13.41 -38.66
N ALA A 375 -35.66 -14.29 -38.45
CA ALA A 375 -35.88 -14.85 -37.12
C ALA A 375 -34.68 -15.67 -36.68
N LYS A 376 -34.07 -16.33 -37.66
CA LYS A 376 -32.93 -17.15 -37.40
C LYS A 376 -31.74 -16.29 -37.11
N ALA A 377 -31.62 -15.15 -37.79
CA ALA A 377 -30.49 -14.27 -37.55
C ALA A 377 -30.49 -13.81 -36.11
N VAL A 378 -31.68 -13.51 -35.61
CA VAL A 378 -31.76 -13.04 -34.25
C VAL A 378 -31.45 -14.13 -33.26
N ARG A 379 -32.03 -15.30 -33.43
CA ARG A 379 -31.73 -16.34 -32.48
C ARG A 379 -30.29 -16.72 -32.52
N ALA A 380 -29.72 -16.79 -33.73
CA ALA A 380 -28.33 -17.15 -33.84
C ALA A 380 -27.48 -16.13 -33.17
N ALA A 381 -27.81 -14.83 -33.28
CA ALA A 381 -26.97 -13.83 -32.65
C ALA A 381 -26.86 -14.08 -31.17
N VAL A 382 -27.98 -14.47 -30.57
CA VAL A 382 -27.96 -14.73 -29.15
C VAL A 382 -27.19 -15.99 -28.80
N GLU A 383 -27.47 -17.08 -29.50
CA GLU A 383 -26.82 -18.34 -29.18
C GLU A 383 -25.32 -18.31 -29.44
N LEU A 384 -24.94 -17.68 -30.53
CA LEU A 384 -23.56 -17.56 -30.92
C LEU A 384 -22.85 -16.66 -29.95
N ALA A 385 -23.50 -15.57 -29.51
CA ALA A 385 -22.85 -14.71 -28.55
C ALA A 385 -22.59 -15.47 -27.26
N VAL A 386 -23.51 -16.34 -26.83
CA VAL A 386 -23.26 -17.05 -25.60
C VAL A 386 -22.03 -17.93 -25.74
N LYS A 387 -21.93 -18.64 -26.84
CA LYS A 387 -20.81 -19.52 -27.05
C LYS A 387 -19.46 -18.83 -27.24
N TYR A 388 -19.42 -17.73 -27.98
CA TYR A 388 -18.12 -17.14 -28.28
C TYR A 388 -17.78 -15.80 -27.62
N ILE A 389 -18.74 -15.02 -27.16
CA ILE A 389 -18.48 -13.72 -26.58
C ILE A 389 -18.78 -13.82 -25.10
N ASN A 390 -17.75 -13.78 -24.26
CA ASN A 390 -17.95 -14.01 -22.84
C ASN A 390 -17.49 -12.92 -21.85
N ASP A 391 -17.44 -11.65 -22.25
CA ASP A 391 -17.01 -10.60 -21.33
C ASP A 391 -18.13 -9.72 -20.79
N ARG A 392 -19.36 -10.08 -21.05
CA ARG A 392 -20.51 -9.30 -20.62
C ARG A 392 -21.75 -10.15 -20.74
N HIS A 393 -22.87 -9.64 -20.26
CA HIS A 393 -24.14 -10.32 -20.34
C HIS A 393 -24.90 -10.04 -21.65
N LEU A 394 -25.81 -10.96 -21.99
CA LEU A 394 -26.57 -10.97 -23.24
C LEU A 394 -27.29 -9.73 -23.69
N PRO A 395 -28.02 -8.98 -22.89
CA PRO A 395 -28.68 -7.80 -23.37
C PRO A 395 -27.71 -6.90 -24.07
N ASP A 396 -26.43 -6.89 -23.68
CA ASP A 396 -25.51 -6.02 -24.37
C ASP A 396 -24.88 -6.77 -25.54
N LYS A 397 -24.33 -7.95 -25.29
CA LYS A 397 -23.60 -8.60 -26.39
C LYS A 397 -24.46 -9.12 -27.53
N ALA A 398 -25.67 -9.58 -27.27
CA ALA A 398 -26.45 -10.06 -28.40
C ALA A 398 -26.85 -8.87 -29.25
N ILE A 399 -27.12 -7.75 -28.58
CA ILE A 399 -27.47 -6.52 -29.25
C ILE A 399 -26.31 -6.02 -30.05
N ASP A 400 -25.12 -6.13 -29.49
CA ASP A 400 -23.93 -5.68 -30.18
C ASP A 400 -23.77 -6.47 -31.49
N VAL A 401 -24.13 -7.76 -31.47
CA VAL A 401 -24.05 -8.56 -32.69
C VAL A 401 -25.07 -8.08 -33.72
N ILE A 402 -26.29 -7.82 -33.28
CA ILE A 402 -27.35 -7.35 -34.15
C ILE A 402 -27.02 -6.01 -34.75
N ASP A 403 -26.52 -5.10 -33.93
CA ASP A 403 -26.20 -3.77 -34.40
C ASP A 403 -25.01 -3.81 -35.33
N GLU A 404 -24.03 -4.65 -35.00
CA GLU A 404 -22.84 -4.82 -35.83
C GLU A 404 -23.23 -5.40 -37.19
N ALA A 405 -24.14 -6.37 -37.20
CA ALA A 405 -24.58 -6.98 -38.44
C ALA A 405 -25.39 -6.00 -39.26
N GLY A 406 -26.22 -5.19 -38.60
CA GLY A 406 -27.02 -4.19 -39.29
C GLY A 406 -26.11 -3.14 -39.91
N ALA A 407 -25.06 -2.77 -39.17
CA ALA A 407 -24.09 -1.79 -39.61
C ALA A 407 -23.38 -2.25 -40.87
N ARG A 408 -23.11 -3.54 -40.95
CA ARG A 408 -22.50 -4.04 -42.17
C ARG A 408 -23.55 -4.21 -43.26
N ALA A 409 -24.71 -4.71 -42.91
CA ALA A 409 -25.73 -4.95 -43.91
C ALA A 409 -26.17 -3.65 -44.56
N ARG A 410 -26.09 -2.54 -43.83
CA ARG A 410 -26.48 -1.25 -44.40
C ARG A 410 -25.35 -0.59 -45.20
N LEU A 411 -24.18 -1.24 -45.17
CA LEU A 411 -22.98 -0.80 -45.86
C LEU A 411 -22.85 -1.54 -47.18
N MET A 412 -23.09 -2.85 -47.14
CA MET A 412 -22.99 -3.68 -48.34
C MET A 412 -23.82 -3.12 -49.49
N PRO A 413 -24.77 -2.23 -49.17
CA PRO A 413 -25.60 -1.62 -50.20
C PRO A 413 -24.73 -0.99 -51.29
N VAL A 414 -23.45 -0.82 -50.99
CA VAL A 414 -22.50 -0.24 -51.93
C VAL A 414 -22.05 -1.28 -52.96
N SER A 415 -22.56 -2.50 -52.82
CA SER A 415 -22.22 -3.57 -53.73
C SER A 415 -23.50 -4.34 -54.12
N LYS A 416 -24.66 -3.68 -53.96
CA LYS A 416 -26.01 -4.17 -54.24
C LYS A 416 -26.52 -5.34 -53.38
N ARG A 417 -26.10 -5.42 -52.12
CA ARG A 417 -26.66 -6.43 -51.24
C ARG A 417 -28.09 -6.06 -50.87
N LYS A 418 -28.93 -7.07 -50.63
CA LYS A 418 -30.31 -6.86 -50.18
C LYS A 418 -30.34 -6.53 -48.70
N LYS A 419 -31.43 -5.89 -48.26
CA LYS A 419 -31.57 -5.44 -46.88
C LYS A 419 -31.58 -6.54 -45.80
N THR A 420 -32.10 -7.71 -46.10
CA THR A 420 -32.21 -8.77 -45.11
C THR A 420 -30.86 -9.30 -44.58
N VAL A 421 -30.76 -9.43 -43.26
CA VAL A 421 -29.62 -9.93 -42.52
C VAL A 421 -29.93 -11.32 -42.07
N ASN A 422 -29.14 -12.30 -42.50
CA ASN A 422 -29.47 -13.66 -42.13
C ASN A 422 -28.45 -14.18 -41.14
N VAL A 423 -28.61 -15.43 -40.72
CA VAL A 423 -27.70 -16.06 -39.80
C VAL A 423 -26.29 -15.98 -40.34
N ALA A 424 -26.12 -16.18 -41.62
CA ALA A 424 -24.79 -16.15 -42.15
C ALA A 424 -24.06 -14.83 -41.87
N ASP A 425 -24.78 -13.70 -41.82
CA ASP A 425 -24.13 -12.42 -41.63
C ASP A 425 -23.85 -12.24 -40.15
N ILE A 426 -24.75 -12.78 -39.33
CA ILE A 426 -24.60 -12.81 -37.89
C ILE A 426 -23.39 -13.63 -37.50
N GLU A 427 -23.20 -14.76 -38.14
CA GLU A 427 -22.07 -15.62 -37.86
C GLU A 427 -20.77 -14.91 -38.17
N SER A 428 -20.71 -14.15 -39.26
CA SER A 428 -19.50 -13.41 -39.56
C SER A 428 -19.24 -12.38 -38.46
N VAL A 429 -20.30 -11.75 -37.99
CA VAL A 429 -20.17 -10.78 -36.92
C VAL A 429 -19.75 -11.36 -35.59
N VAL A 430 -20.34 -12.46 -35.17
CA VAL A 430 -19.94 -13.02 -33.89
C VAL A 430 -18.53 -13.49 -33.99
N ALA A 431 -18.19 -14.15 -35.09
CA ALA A 431 -16.87 -14.64 -35.22
C ALA A 431 -15.87 -13.50 -35.18
N ARG A 432 -16.21 -12.38 -35.79
CA ARG A 432 -15.28 -11.28 -35.77
C ARG A 432 -15.11 -10.71 -34.37
N ILE A 433 -16.22 -10.52 -33.66
CA ILE A 433 -16.18 -9.93 -32.33
C ILE A 433 -15.40 -10.78 -31.37
N ALA A 434 -15.65 -12.07 -31.44
CA ALA A 434 -15.04 -13.07 -30.58
C ALA A 434 -13.65 -13.53 -31.04
N ARG A 435 -13.15 -12.97 -32.15
CA ARG A 435 -11.87 -13.32 -32.72
C ARG A 435 -11.71 -14.83 -33.04
N ILE A 436 -12.72 -15.35 -33.75
CA ILE A 436 -12.89 -16.70 -34.25
C ILE A 436 -12.67 -16.66 -35.78
N PRO A 437 -11.89 -17.57 -36.40
CA PRO A 437 -11.65 -17.58 -37.84
C PRO A 437 -12.99 -17.57 -38.57
N GLU A 438 -13.05 -16.82 -39.67
CA GLU A 438 -14.29 -16.61 -40.40
C GLU A 438 -15.00 -17.91 -40.77
N LYS A 439 -16.29 -17.94 -40.38
CA LYS A 439 -17.25 -19.04 -40.55
C LYS A 439 -16.89 -20.36 -39.83
N SER A 440 -15.83 -20.36 -39.00
CA SER A 440 -15.43 -21.57 -38.22
C SER A 440 -16.32 -21.65 -37.01
N VAL A 441 -17.04 -20.57 -36.85
CA VAL A 441 -18.00 -20.30 -35.84
C VAL A 441 -19.21 -21.23 -36.03
N SER A 442 -19.42 -21.70 -37.29
CA SER A 442 -20.55 -22.54 -37.63
C SER A 442 -20.29 -23.65 -38.65
N GLN A 443 -20.33 -23.28 -39.93
CA GLN A 443 -20.33 -24.25 -41.02
C GLN A 443 -19.06 -24.56 -41.80
N SER A 444 -18.06 -23.66 -41.82
CA SER A 444 -16.95 -23.89 -42.74
C SER A 444 -16.11 -25.10 -42.42
N ASP A 445 -16.09 -25.47 -41.15
CA ASP A 445 -15.32 -26.60 -40.69
C ASP A 445 -15.83 -27.88 -41.29
N ARG A 446 -17.08 -27.95 -41.75
CA ARG A 446 -17.54 -29.23 -42.23
C ARG A 446 -16.62 -29.73 -43.33
N ASP A 447 -15.99 -28.81 -44.08
CA ASP A 447 -15.15 -29.21 -45.17
C ASP A 447 -13.68 -29.32 -44.82
N THR A 448 -13.34 -29.18 -43.55
CA THR A 448 -11.94 -29.33 -43.19
C THR A 448 -11.89 -30.52 -42.25
N LEU A 449 -12.99 -30.74 -41.57
CA LEU A 449 -13.06 -31.84 -40.61
C LEU A 449 -12.98 -33.16 -41.33
N LYS A 450 -13.56 -33.21 -42.50
CA LYS A 450 -13.61 -34.40 -43.32
C LYS A 450 -12.26 -34.88 -43.75
N ASN A 451 -11.25 -34.02 -43.72
CA ASN A 451 -9.94 -34.41 -44.15
C ASN A 451 -8.93 -34.13 -43.07
N LEU A 452 -9.42 -33.93 -41.84
CA LEU A 452 -8.54 -33.60 -40.73
C LEU A 452 -7.59 -34.73 -40.50
N GLY A 453 -8.11 -35.95 -40.56
CA GLY A 453 -7.28 -37.10 -40.31
C GLY A 453 -6.17 -37.20 -41.35
N ASP A 454 -6.42 -36.77 -42.57
CA ASP A 454 -5.40 -36.95 -43.59
C ASP A 454 -4.41 -35.84 -43.51
N ARG A 455 -4.87 -34.65 -43.14
CA ARG A 455 -3.94 -33.56 -43.01
C ARG A 455 -2.96 -33.89 -41.89
N LEU A 456 -3.41 -34.61 -40.88
CA LEU A 456 -2.50 -35.01 -39.84
C LEU A 456 -1.69 -36.25 -40.24
N LYS A 457 -2.27 -37.22 -40.94
CA LYS A 457 -1.51 -38.41 -41.33
C LYS A 457 -0.34 -38.09 -42.24
N MET A 458 -0.47 -37.06 -43.05
CA MET A 458 0.63 -36.69 -43.92
C MET A 458 1.78 -36.04 -43.14
N LEU A 459 1.53 -35.61 -41.90
CA LEU A 459 2.56 -34.96 -41.08
C LEU A 459 3.15 -35.90 -40.04
N VAL A 460 2.34 -36.80 -39.50
CA VAL A 460 2.81 -37.76 -38.53
C VAL A 460 2.58 -39.13 -39.08
N PHE A 461 3.66 -39.88 -39.30
CA PHE A 461 3.56 -41.20 -39.89
C PHE A 461 3.44 -42.29 -38.84
N GLY A 462 2.53 -43.23 -39.08
CA GLY A 462 2.34 -44.31 -38.14
C GLY A 462 1.37 -43.74 -37.14
N GLN A 463 0.99 -44.52 -36.14
CA GLN A 463 0.05 -43.98 -35.17
C GLN A 463 -1.20 -43.46 -35.83
N ASP A 464 -1.66 -44.13 -36.89
CA ASP A 464 -2.82 -43.67 -37.60
C ASP A 464 -4.00 -43.68 -36.68
N LYS A 465 -4.01 -44.68 -35.83
CA LYS A 465 -5.07 -44.88 -34.88
C LYS A 465 -5.14 -43.74 -33.87
N ALA A 466 -4.03 -43.07 -33.57
CA ALA A 466 -4.06 -41.99 -32.64
C ALA A 466 -4.69 -40.80 -33.30
N ILE A 467 -4.34 -40.64 -34.56
CA ILE A 467 -4.82 -39.53 -35.32
C ILE A 467 -6.31 -39.70 -35.49
N GLU A 468 -6.73 -40.90 -35.79
CA GLU A 468 -8.13 -41.15 -35.96
C GLU A 468 -8.87 -40.92 -34.67
N ALA A 469 -8.32 -41.35 -33.53
CA ALA A 469 -9.05 -41.12 -32.31
C ALA A 469 -9.29 -39.64 -32.05
N LEU A 470 -8.29 -38.82 -32.33
CA LEU A 470 -8.48 -37.39 -32.14
C LEU A 470 -9.48 -36.85 -33.08
N THR A 471 -9.41 -37.31 -34.30
CA THR A 471 -10.24 -36.81 -35.33
C THR A 471 -11.69 -37.13 -35.01
N GLU A 472 -11.95 -38.35 -34.54
CA GLU A 472 -13.32 -38.70 -34.25
C GLU A 472 -13.84 -37.92 -33.06
N ALA A 473 -12.99 -37.71 -32.06
CA ALA A 473 -13.44 -36.97 -30.90
C ALA A 473 -13.82 -35.55 -31.27
N ILE A 474 -13.06 -34.95 -32.15
CA ILE A 474 -13.34 -33.60 -32.56
C ILE A 474 -14.61 -33.54 -33.35
N LYS A 475 -14.78 -34.47 -34.29
CA LYS A 475 -15.97 -34.47 -35.09
C LYS A 475 -17.21 -34.64 -34.23
N MET A 476 -17.19 -35.52 -33.25
CA MET A 476 -18.42 -35.64 -32.50
C MET A 476 -18.63 -34.42 -31.66
N ALA A 477 -17.55 -33.76 -31.24
CA ALA A 477 -17.76 -32.55 -30.49
C ALA A 477 -18.41 -31.51 -31.41
N ARG A 478 -17.92 -31.38 -32.63
CA ARG A 478 -18.50 -30.44 -33.59
C ARG A 478 -19.95 -30.79 -33.93
N ALA A 479 -20.27 -32.08 -33.97
CA ALA A 479 -21.59 -32.56 -34.28
C ALA A 479 -22.56 -32.30 -33.14
N GLY A 480 -22.08 -31.80 -32.00
CA GLY A 480 -22.96 -31.53 -30.89
C GLY A 480 -23.22 -32.73 -30.02
N LEU A 481 -22.34 -33.73 -30.07
CA LEU A 481 -22.56 -34.94 -29.30
C LEU A 481 -21.65 -35.00 -28.06
N GLY A 482 -21.01 -33.88 -27.74
CA GLY A 482 -20.10 -33.81 -26.61
C GLY A 482 -20.86 -33.37 -25.37
N HIS A 483 -20.17 -32.82 -24.40
CA HIS A 483 -20.88 -32.44 -23.18
C HIS A 483 -20.79 -30.96 -22.88
N GLU A 484 -21.90 -30.42 -22.43
CA GLU A 484 -21.95 -29.01 -22.06
C GLU A 484 -21.05 -28.70 -20.85
N HIS A 485 -20.62 -29.72 -20.10
CA HIS A 485 -19.78 -29.47 -18.97
C HIS A 485 -18.44 -30.17 -19.08
N LYS A 486 -17.93 -30.44 -20.26
CA LYS A 486 -16.63 -31.09 -20.30
C LYS A 486 -15.79 -30.44 -21.38
N PRO A 487 -14.47 -30.64 -21.40
CA PRO A 487 -13.56 -30.19 -22.44
C PRO A 487 -13.99 -30.85 -23.72
N VAL A 488 -13.40 -30.43 -24.83
CA VAL A 488 -13.74 -30.99 -26.13
C VAL A 488 -13.53 -32.47 -26.08
N GLY A 489 -12.46 -32.86 -25.44
CA GLY A 489 -12.13 -34.23 -25.21
C GLY A 489 -11.00 -34.22 -24.22
N SER A 490 -10.82 -35.33 -23.52
CA SER A 490 -9.75 -35.46 -22.54
C SER A 490 -9.11 -36.83 -22.70
N PHE A 491 -7.93 -36.88 -23.30
CA PHE A 491 -7.26 -38.15 -23.51
C PHE A 491 -5.76 -38.17 -23.25
N LEU A 492 -5.31 -39.27 -22.65
CA LEU A 492 -3.95 -39.54 -22.34
C LEU A 492 -3.27 -40.19 -23.51
N PHE A 493 -2.13 -39.69 -23.89
CA PHE A 493 -1.34 -40.30 -24.95
C PHE A 493 -0.24 -41.08 -24.33
N ALA A 494 -0.36 -42.38 -24.40
CA ALA A 494 0.57 -43.24 -23.74
C ALA A 494 1.49 -43.89 -24.74
N GLY A 495 2.78 -43.71 -24.58
CA GLY A 495 3.65 -44.34 -25.53
C GLY A 495 5.08 -43.94 -25.34
N PRO A 496 6.00 -44.52 -26.09
CA PRO A 496 7.42 -44.32 -25.99
C PRO A 496 7.73 -42.90 -26.29
N THR A 497 8.89 -42.48 -25.86
CA THR A 497 9.41 -41.15 -26.15
C THR A 497 9.72 -40.99 -27.64
N GLY A 498 9.40 -39.82 -28.19
CA GLY A 498 9.82 -39.54 -29.57
C GLY A 498 9.02 -40.25 -30.65
N VAL A 499 7.74 -40.41 -30.45
CA VAL A 499 6.95 -41.11 -31.43
C VAL A 499 5.84 -40.25 -31.96
N GLY A 500 5.95 -38.95 -31.76
CA GLY A 500 4.96 -38.00 -32.22
C GLY A 500 3.82 -37.69 -31.24
N LYS A 501 3.96 -37.95 -29.95
CA LYS A 501 2.85 -37.60 -29.09
C LYS A 501 2.69 -36.08 -29.12
N THR A 502 3.80 -35.37 -28.92
CA THR A 502 3.82 -33.93 -28.99
C THR A 502 3.59 -33.50 -30.41
N GLU A 503 4.27 -34.13 -31.36
CA GLU A 503 4.10 -33.68 -32.73
C GLU A 503 2.66 -33.77 -33.19
N VAL A 504 1.92 -34.81 -32.84
CA VAL A 504 0.54 -34.84 -33.26
C VAL A 504 -0.22 -33.72 -32.63
N THR A 505 0.00 -33.50 -31.35
CA THR A 505 -0.69 -32.46 -30.62
C THR A 505 -0.45 -31.10 -31.24
N VAL A 506 0.80 -30.83 -31.58
CA VAL A 506 1.13 -29.55 -32.16
C VAL A 506 0.49 -29.40 -33.51
N GLN A 507 0.54 -30.43 -34.32
CA GLN A 507 -0.04 -30.30 -35.63
C GLN A 507 -1.53 -30.19 -35.56
N LEU A 508 -2.14 -30.81 -34.55
CA LEU A 508 -3.56 -30.64 -34.40
C LEU A 508 -3.97 -29.23 -34.12
N SER A 509 -3.26 -28.55 -33.23
CA SER A 509 -3.69 -27.18 -32.96
C SER A 509 -3.57 -26.36 -34.22
N LYS A 510 -2.59 -26.68 -35.06
CA LYS A 510 -2.47 -25.94 -36.29
C LYS A 510 -3.61 -26.29 -37.22
N ALA A 511 -3.92 -27.56 -37.32
CA ALA A 511 -4.96 -28.04 -38.21
C ALA A 511 -6.31 -27.44 -37.89
N LEU A 512 -6.55 -27.20 -36.61
CA LEU A 512 -7.80 -26.64 -36.16
C LEU A 512 -7.82 -25.12 -36.11
N GLY A 513 -6.68 -24.47 -36.36
CA GLY A 513 -6.61 -23.01 -36.28
C GLY A 513 -6.68 -22.44 -34.86
N ILE A 514 -6.19 -23.16 -33.85
CA ILE A 514 -6.29 -22.68 -32.46
C ILE A 514 -4.92 -22.66 -31.79
N GLU A 515 -4.78 -21.99 -30.66
CA GLU A 515 -3.47 -21.97 -30.03
C GLU A 515 -3.13 -23.24 -29.29
N LEU A 516 -1.93 -23.26 -28.75
CA LEU A 516 -1.45 -24.36 -27.98
C LEU A 516 -0.99 -23.84 -26.66
N LEU A 517 -1.53 -24.41 -25.59
CA LEU A 517 -1.16 -24.02 -24.23
C LEU A 517 -0.38 -25.20 -23.65
N ARG A 518 0.95 -25.07 -23.66
CA ARG A 518 1.80 -26.15 -23.16
C ARG A 518 2.48 -25.94 -21.81
N PHE A 519 2.26 -26.90 -20.92
CA PHE A 519 2.85 -26.92 -19.61
C PHE A 519 3.69 -28.15 -19.45
N ASP A 520 4.79 -28.02 -18.76
CA ASP A 520 5.65 -29.16 -18.53
C ASP A 520 5.46 -29.66 -17.13
N MET A 521 4.90 -30.84 -16.95
CA MET A 521 4.57 -31.29 -15.62
C MET A 521 5.77 -31.53 -14.77
N SER A 522 6.94 -31.64 -15.36
CA SER A 522 8.15 -31.83 -14.58
C SER A 522 8.46 -30.56 -13.78
N GLU A 523 7.81 -29.44 -14.10
CA GLU A 523 8.02 -28.22 -13.35
C GLU A 523 7.05 -28.16 -12.17
N TYR A 524 6.16 -29.14 -12.06
CA TYR A 524 5.18 -29.17 -10.99
C TYR A 524 5.22 -30.50 -10.29
N MET A 525 6.40 -30.87 -9.79
CA MET A 525 6.57 -32.13 -9.10
C MET A 525 6.56 -31.99 -7.59
N GLU A 526 6.34 -30.78 -7.10
CA GLU A 526 6.42 -30.51 -5.68
C GLU A 526 5.10 -30.04 -5.14
N ARG A 527 4.90 -30.21 -3.85
CA ARG A 527 3.61 -29.85 -3.29
C ARG A 527 3.31 -28.37 -3.32
N HIS A 528 4.31 -27.53 -3.37
CA HIS A 528 3.98 -26.13 -3.34
C HIS A 528 3.97 -25.48 -4.70
N THR A 529 3.98 -26.29 -5.75
CA THR A 529 3.92 -25.69 -7.07
C THR A 529 2.54 -25.60 -7.65
N VAL A 530 1.56 -26.27 -7.09
CA VAL A 530 0.22 -26.20 -7.68
C VAL A 530 -0.33 -24.81 -7.67
N SER A 531 -0.05 -24.06 -6.62
CA SER A 531 -0.55 -22.72 -6.54
C SER A 531 -0.04 -21.86 -7.68
N ARG A 532 0.98 -22.27 -8.40
CA ARG A 532 1.43 -21.50 -9.53
C ARG A 532 0.41 -21.58 -10.64
N LEU A 533 -0.34 -22.68 -10.68
CA LEU A 533 -1.29 -22.93 -11.72
C LEU A 533 -2.60 -22.23 -11.45
N ILE A 534 -2.92 -22.07 -10.17
CA ILE A 534 -4.16 -21.44 -9.69
C ILE A 534 -4.01 -19.97 -9.26
N GLY A 535 -2.94 -19.66 -8.54
CA GLY A 535 -2.63 -18.36 -7.96
C GLY A 535 -2.56 -18.54 -6.45
N ALA A 536 -1.71 -17.79 -5.76
CA ALA A 536 -1.63 -17.98 -4.31
C ALA A 536 -2.90 -17.47 -3.65
N PRO A 537 -3.30 -17.95 -2.49
CA PRO A 537 -4.43 -17.45 -1.75
C PRO A 537 -4.24 -16.00 -1.38
N PRO A 538 -5.28 -15.24 -1.10
CA PRO A 538 -5.21 -13.89 -0.64
C PRO A 538 -4.30 -13.81 0.54
N GLY A 539 -3.49 -12.78 0.54
CA GLY A 539 -2.52 -12.54 1.57
C GLY A 539 -1.16 -13.14 1.32
N TYR A 540 -1.03 -14.02 0.33
CA TYR A 540 0.28 -14.66 0.12
C TYR A 540 1.08 -14.23 -1.11
N VAL A 541 2.41 -14.30 -0.98
CA VAL A 541 3.28 -13.96 -2.08
C VAL A 541 2.95 -14.87 -3.22
N GLY A 542 2.71 -14.29 -4.39
CA GLY A 542 2.31 -15.04 -5.56
C GLY A 542 0.82 -14.85 -5.80
N PHE A 543 0.18 -14.05 -4.96
CA PHE A 543 -1.23 -13.76 -5.10
C PHE A 543 -1.54 -13.18 -6.44
N ASP A 544 -0.72 -12.27 -6.90
CA ASP A 544 -1.00 -11.61 -8.16
C ASP A 544 -0.84 -12.46 -9.43
N GLN A 545 -0.52 -13.74 -9.32
CA GLN A 545 -0.62 -14.61 -10.48
C GLN A 545 -2.05 -15.07 -10.57
N GLY A 546 -2.68 -14.89 -11.73
CA GLY A 546 -4.07 -15.30 -11.91
C GLY A 546 -4.19 -16.80 -12.10
N GLY A 547 -3.06 -17.44 -12.12
CA GLY A 547 -2.78 -18.85 -12.24
C GLY A 547 -2.22 -19.10 -13.60
N LEU A 548 -1.12 -19.79 -13.70
CA LEU A 548 -0.59 -19.95 -15.04
C LEU A 548 -1.57 -20.70 -15.92
N LEU A 549 -2.26 -21.67 -15.36
CA LEU A 549 -3.15 -22.46 -16.14
C LEU A 549 -4.42 -21.75 -16.33
N THR A 550 -4.90 -21.13 -15.27
CA THR A 550 -6.15 -20.45 -15.35
C THR A 550 -6.08 -19.17 -16.15
N ASP A 551 -4.90 -18.58 -16.31
CA ASP A 551 -4.85 -17.42 -17.18
C ASP A 551 -4.76 -17.91 -18.61
N ALA A 552 -4.00 -18.97 -18.85
CA ALA A 552 -3.84 -19.46 -20.20
C ALA A 552 -5.17 -19.82 -20.83
N VAL A 553 -6.07 -20.40 -20.06
CA VAL A 553 -7.32 -20.84 -20.65
C VAL A 553 -8.40 -19.80 -20.60
N ILE A 554 -8.08 -18.61 -20.12
CA ILE A 554 -9.01 -17.51 -20.15
C ILE A 554 -8.67 -16.69 -21.37
N LYS A 555 -7.38 -16.48 -21.61
CA LYS A 555 -6.97 -15.76 -22.80
C LYS A 555 -7.29 -16.53 -24.06
N HIS A 556 -7.19 -17.85 -24.01
CA HIS A 556 -7.43 -18.67 -25.17
C HIS A 556 -8.40 -19.78 -24.88
N PRO A 557 -9.71 -19.52 -24.78
CA PRO A 557 -10.73 -20.46 -24.43
C PRO A 557 -10.82 -21.63 -25.40
N HIS A 558 -10.29 -21.43 -26.60
CA HIS A 558 -10.30 -22.43 -27.64
C HIS A 558 -8.87 -22.71 -27.97
N ALA A 559 -8.35 -23.78 -27.43
CA ALA A 559 -6.94 -24.09 -27.59
C ALA A 559 -6.70 -25.54 -27.32
N VAL A 560 -5.57 -26.05 -27.77
CA VAL A 560 -5.19 -27.38 -27.40
C VAL A 560 -4.34 -27.22 -26.19
N LEU A 561 -4.66 -27.92 -25.15
CA LEU A 561 -3.93 -27.85 -23.91
C LEU A 561 -3.10 -29.10 -23.71
N LEU A 562 -1.79 -28.93 -23.69
CA LEU A 562 -0.88 -30.03 -23.59
C LEU A 562 -0.13 -30.07 -22.29
N LEU A 563 -0.27 -31.16 -21.57
CA LEU A 563 0.45 -31.31 -20.32
C LEU A 563 1.48 -32.41 -20.51
N ASP A 564 2.75 -32.05 -20.57
CA ASP A 564 3.77 -33.04 -20.84
C ASP A 564 4.17 -33.85 -19.65
N GLU A 565 4.36 -35.13 -19.88
CA GLU A 565 4.86 -36.02 -18.83
C GLU A 565 4.03 -35.94 -17.58
N ILE A 566 2.76 -36.16 -17.74
CA ILE A 566 1.81 -36.07 -16.66
C ILE A 566 2.07 -37.00 -15.52
N GLU A 567 2.72 -38.14 -15.78
CA GLU A 567 3.03 -39.09 -14.72
C GLU A 567 3.99 -38.53 -13.65
N LYS A 568 4.61 -37.38 -13.93
CA LYS A 568 5.54 -36.76 -13.01
C LYS A 568 4.86 -35.74 -12.16
N ALA A 569 3.65 -35.36 -12.50
CA ALA A 569 3.02 -34.33 -11.77
C ALA A 569 2.79 -34.74 -10.36
N HIS A 570 2.89 -33.78 -9.47
CA HIS A 570 2.59 -34.00 -8.09
C HIS A 570 1.12 -34.38 -7.97
N PRO A 571 0.71 -35.30 -7.10
CA PRO A 571 -0.67 -35.65 -6.86
C PRO A 571 -1.58 -34.46 -6.68
N ASP A 572 -1.12 -33.37 -6.13
CA ASP A 572 -2.01 -32.25 -5.97
C ASP A 572 -2.42 -31.66 -7.31
N VAL A 573 -1.62 -31.88 -8.36
CA VAL A 573 -1.93 -31.41 -9.69
C VAL A 573 -3.03 -32.27 -10.22
N PHE A 574 -2.88 -33.55 -10.01
CA PHE A 574 -3.87 -34.49 -10.49
C PHE A 574 -5.22 -34.20 -9.90
N ASN A 575 -5.23 -33.83 -8.65
CA ASN A 575 -6.47 -33.57 -7.98
C ASN A 575 -7.19 -32.35 -8.58
N ILE A 576 -6.46 -31.48 -9.27
CA ILE A 576 -7.06 -30.32 -9.90
C ILE A 576 -7.61 -30.79 -11.21
N LEU A 577 -6.86 -31.62 -11.90
CA LEU A 577 -7.29 -32.10 -13.19
C LEU A 577 -8.59 -32.86 -13.06
N LEU A 578 -8.85 -33.48 -11.94
CA LEU A 578 -10.11 -34.16 -11.87
C LEU A 578 -11.25 -33.20 -12.13
N GLN A 579 -11.14 -31.99 -11.63
CA GLN A 579 -12.20 -31.02 -11.83
C GLN A 579 -12.21 -30.52 -13.24
N VAL A 580 -11.04 -30.40 -13.85
CA VAL A 580 -11.05 -29.84 -15.17
C VAL A 580 -11.69 -30.83 -16.10
N MET A 581 -11.40 -32.10 -15.89
CA MET A 581 -11.91 -33.14 -16.74
C MET A 581 -13.36 -33.38 -16.54
N ASP A 582 -13.86 -33.21 -15.32
CA ASP A 582 -15.25 -33.47 -15.06
C ASP A 582 -16.18 -32.33 -15.38
N ASN A 583 -15.83 -31.08 -15.05
CA ASN A 583 -16.78 -29.99 -15.29
C ASN A 583 -16.34 -28.85 -16.18
N GLY A 584 -15.16 -28.93 -16.79
CA GLY A 584 -14.76 -27.89 -17.71
C GLY A 584 -14.30 -26.62 -17.02
N THR A 585 -14.12 -26.66 -15.72
CA THR A 585 -13.73 -25.43 -15.10
C THR A 585 -12.95 -25.49 -13.83
N LEU A 586 -12.15 -24.44 -13.63
CA LEU A 586 -11.41 -24.17 -12.41
C LEU A 586 -11.68 -22.79 -11.90
N THR A 587 -11.57 -22.59 -10.60
CA THR A 587 -11.73 -21.24 -10.13
C THR A 587 -10.37 -20.71 -9.78
N ASP A 588 -10.00 -19.54 -10.24
CA ASP A 588 -8.66 -19.08 -9.91
C ASP A 588 -8.66 -18.43 -8.54
N ASN A 589 -7.55 -17.87 -8.13
CA ASN A 589 -7.52 -17.34 -6.77
C ASN A 589 -8.21 -16.00 -6.63
N ASN A 590 -8.81 -15.47 -7.68
CA ASN A 590 -9.55 -14.25 -7.59
C ASN A 590 -11.02 -14.53 -7.77
N GLY A 591 -11.38 -15.80 -7.82
CA GLY A 591 -12.75 -16.18 -8.00
C GLY A 591 -13.24 -16.19 -9.45
N ARG A 592 -12.34 -16.11 -10.42
CA ARG A 592 -12.76 -16.08 -11.82
C ARG A 592 -12.87 -17.49 -12.38
N LYS A 593 -13.90 -17.77 -13.17
CA LYS A 593 -14.01 -19.10 -13.70
C LYS A 593 -13.21 -19.26 -14.95
N ALA A 594 -12.36 -20.25 -14.93
CA ALA A 594 -11.58 -20.63 -16.06
C ALA A 594 -12.42 -21.65 -16.76
N ASP A 595 -13.06 -21.25 -17.84
CA ASP A 595 -13.97 -22.11 -18.59
C ASP A 595 -13.29 -22.67 -19.79
N PHE A 596 -13.00 -23.97 -19.77
CA PHE A 596 -12.28 -24.59 -20.88
C PHE A 596 -13.04 -25.68 -21.58
N ARG A 597 -14.36 -25.54 -21.62
CA ARG A 597 -15.21 -26.54 -22.27
C ARG A 597 -14.88 -26.63 -23.76
N ASN A 598 -14.13 -25.64 -24.24
CA ASN A 598 -13.74 -25.59 -25.63
C ASN A 598 -12.27 -25.92 -25.84
N VAL A 599 -11.61 -26.57 -24.89
CA VAL A 599 -10.22 -26.87 -25.18
C VAL A 599 -10.04 -28.35 -25.30
N VAL A 600 -8.96 -28.75 -25.93
CA VAL A 600 -8.68 -30.16 -26.07
C VAL A 600 -7.64 -30.52 -25.05
N LEU A 601 -7.93 -31.43 -24.15
CA LEU A 601 -6.92 -31.73 -23.14
C LEU A 601 -6.14 -32.96 -23.48
N VAL A 602 -4.87 -32.75 -23.73
CA VAL A 602 -4.00 -33.81 -24.13
C VAL A 602 -2.94 -33.96 -23.10
N MET A 603 -2.84 -35.12 -22.52
CA MET A 603 -1.83 -35.32 -21.52
C MET A 603 -0.93 -36.36 -22.05
N THR A 604 0.37 -36.25 -21.88
CA THR A 604 1.18 -37.31 -22.45
C THR A 604 1.93 -38.06 -21.39
N THR A 605 2.22 -39.31 -21.68
CA THR A 605 2.94 -40.16 -20.75
C THR A 605 3.61 -41.35 -21.40
N ASN A 606 4.65 -41.84 -20.74
CA ASN A 606 5.39 -43.01 -21.18
C ASN A 606 5.36 -43.95 -19.98
N ALA A 607 4.26 -43.89 -19.25
CA ALA A 607 4.05 -44.66 -18.03
C ALA A 607 3.89 -46.16 -18.22
N GLY A 608 3.02 -46.59 -19.15
CA GLY A 608 2.87 -48.03 -19.29
C GLY A 608 3.84 -48.62 -20.28
N VAL A 609 4.79 -47.82 -20.72
CA VAL A 609 5.68 -48.22 -21.79
C VAL A 609 6.80 -49.08 -21.37
N ARG A 610 7.47 -48.70 -20.32
CA ARG A 610 8.63 -49.44 -19.94
C ARG A 610 8.29 -50.88 -19.66
N GLU A 611 7.14 -51.06 -19.04
CA GLU A 611 6.65 -52.38 -18.65
C GLU A 611 6.52 -53.43 -19.75
N THR A 612 6.29 -53.02 -21.00
CA THR A 612 6.15 -54.04 -22.02
C THR A 612 7.34 -54.13 -22.92
N GLU A 613 8.40 -53.42 -22.56
CA GLU A 613 9.64 -53.49 -23.30
C GLU A 613 10.48 -54.54 -22.62
N ARG A 614 9.94 -55.09 -21.54
CA ARG A 614 10.63 -56.05 -20.73
C ARG A 614 9.89 -57.34 -20.66
N LYS A 615 10.63 -58.40 -20.48
CA LYS A 615 10.02 -59.68 -20.26
C LYS A 615 10.22 -59.98 -18.81
N SER A 616 9.47 -60.91 -18.28
CA SER A 616 9.63 -61.24 -16.89
C SER A 616 10.97 -61.89 -16.65
N ILE A 617 11.37 -61.92 -15.40
CA ILE A 617 12.65 -62.49 -15.07
C ILE A 617 12.47 -63.93 -14.72
N GLY A 618 13.11 -64.83 -15.42
CA GLY A 618 12.91 -66.21 -15.09
C GLY A 618 13.08 -67.06 -16.29
N LEU A 619 12.91 -68.36 -16.10
CA LEU A 619 13.09 -69.28 -17.19
C LEU A 619 11.84 -69.37 -18.04
N ILE A 620 10.69 -69.10 -17.45
CA ILE A 620 9.44 -69.21 -18.16
C ILE A 620 8.86 -67.85 -18.37
N HIS A 621 8.58 -67.47 -19.59
CA HIS A 621 8.01 -66.16 -19.71
C HIS A 621 6.54 -66.16 -19.38
N GLN A 622 6.14 -65.08 -18.77
CA GLN A 622 4.79 -64.80 -18.36
C GLN A 622 4.19 -63.81 -19.32
N ASP A 623 2.87 -63.72 -19.38
CA ASP A 623 2.30 -62.66 -20.19
C ASP A 623 2.77 -61.30 -19.72
N ASN A 624 3.22 -60.48 -20.66
CA ASN A 624 3.63 -59.14 -20.39
C ASN A 624 2.91 -58.17 -21.30
N SER A 625 1.68 -58.48 -21.72
CA SER A 625 0.97 -57.57 -22.61
C SER A 625 -0.02 -56.73 -21.86
N THR A 626 -0.46 -57.22 -20.71
CA THR A 626 -1.50 -56.51 -19.95
C THR A 626 -0.90 -55.47 -19.04
N ASP A 627 0.42 -55.41 -19.06
CA ASP A 627 1.18 -54.50 -18.26
C ASP A 627 1.09 -53.10 -18.83
N ALA A 628 0.86 -52.96 -20.15
CA ALA A 628 0.73 -51.62 -20.72
C ALA A 628 -0.71 -51.21 -20.60
N MET A 629 -1.12 -51.15 -19.35
CA MET A 629 -2.42 -50.81 -18.89
C MET A 629 -2.42 -50.94 -17.40
N GLU A 630 -1.98 -52.08 -16.88
CA GLU A 630 -1.94 -52.24 -15.44
C GLU A 630 -1.05 -51.20 -14.78
N GLU A 631 0.07 -50.86 -15.40
CA GLU A 631 0.90 -49.87 -14.75
C GLU A 631 0.17 -48.55 -14.74
N ILE A 632 -0.60 -48.25 -15.77
CA ILE A 632 -1.36 -47.02 -15.82
C ILE A 632 -2.37 -47.05 -14.70
N LYS A 633 -3.03 -48.19 -14.52
CA LYS A 633 -4.02 -48.31 -13.47
C LYS A 633 -3.46 -48.01 -12.09
N LYS A 634 -2.19 -48.32 -11.87
CA LYS A 634 -1.55 -48.06 -10.58
C LYS A 634 -0.98 -46.65 -10.46
N ILE A 635 -1.02 -45.87 -11.52
CA ILE A 635 -0.48 -44.54 -11.51
C ILE A 635 -1.57 -43.53 -11.46
N PHE A 636 -2.58 -43.78 -12.23
CA PHE A 636 -3.67 -42.87 -12.33
C PHE A 636 -4.82 -43.38 -11.50
N THR A 637 -5.13 -42.64 -10.47
CA THR A 637 -6.14 -42.97 -9.50
C THR A 637 -7.43 -43.24 -10.25
N PRO A 638 -8.21 -44.27 -9.94
CA PRO A 638 -9.46 -44.57 -10.62
C PRO A 638 -10.34 -43.38 -10.86
N GLU A 639 -10.46 -42.47 -9.91
CA GLU A 639 -11.26 -41.26 -10.12
C GLU A 639 -10.74 -40.41 -11.31
N PHE A 640 -9.44 -40.51 -11.60
CA PHE A 640 -8.81 -39.77 -12.67
C PHE A 640 -9.09 -40.49 -13.93
N ARG A 641 -8.79 -41.78 -13.93
CA ARG A 641 -8.97 -42.62 -15.11
C ARG A 641 -10.40 -42.65 -15.61
N ASN A 642 -11.35 -42.61 -14.68
CA ASN A 642 -12.77 -42.64 -15.01
C ASN A 642 -13.27 -41.36 -15.68
N ARG A 643 -12.43 -40.33 -15.72
CA ARG A 643 -12.82 -39.10 -16.33
C ARG A 643 -12.22 -38.88 -17.69
N LEU A 644 -11.42 -39.81 -18.16
CA LEU A 644 -10.80 -39.69 -19.47
C LEU A 644 -11.75 -40.18 -20.52
N ASP A 645 -11.67 -39.65 -21.72
CA ASP A 645 -12.48 -40.22 -22.76
C ASP A 645 -11.72 -41.44 -23.25
N ASN A 646 -10.41 -41.32 -23.32
CA ASN A 646 -9.64 -42.50 -23.66
C ASN A 646 -8.14 -42.43 -23.36
N ILE A 647 -7.49 -43.55 -23.63
CA ILE A 647 -6.07 -43.67 -23.59
C ILE A 647 -5.67 -44.05 -24.98
N ILE A 648 -4.79 -43.30 -25.57
CA ILE A 648 -4.35 -43.55 -26.91
C ILE A 648 -2.97 -44.06 -26.91
N TRP A 649 -2.75 -45.19 -27.50
CA TRP A 649 -1.42 -45.71 -27.51
C TRP A 649 -0.64 -45.29 -28.71
N PHE A 650 0.60 -44.94 -28.50
CA PHE A 650 1.50 -44.60 -29.56
C PHE A 650 2.56 -45.68 -29.62
N ASP A 651 2.88 -46.09 -30.82
CA ASP A 651 3.86 -47.14 -31.06
C ASP A 651 5.25 -46.62 -31.27
N HIS A 652 6.17 -47.54 -31.46
CA HIS A 652 7.55 -47.23 -31.77
C HIS A 652 7.56 -46.88 -33.22
N LEU A 653 8.57 -46.17 -33.69
CA LEU A 653 8.51 -45.89 -35.09
C LEU A 653 9.13 -47.06 -35.83
N SER A 654 8.54 -47.40 -36.96
CA SER A 654 8.99 -48.44 -37.84
C SER A 654 10.09 -47.93 -38.71
N THR A 655 10.79 -48.83 -39.39
CA THR A 655 11.84 -48.42 -40.28
C THR A 655 11.33 -47.46 -41.34
N ASP A 656 10.16 -47.75 -41.89
CA ASP A 656 9.63 -46.89 -42.94
C ASP A 656 9.36 -45.51 -42.40
N VAL A 657 8.81 -45.46 -41.19
CA VAL A 657 8.53 -44.20 -40.59
C VAL A 657 9.76 -43.43 -40.31
N ILE A 658 10.79 -44.12 -39.82
CA ILE A 658 12.06 -43.50 -39.51
C ILE A 658 12.57 -42.77 -40.75
N HIS A 659 12.48 -43.42 -41.90
CA HIS A 659 12.91 -42.80 -43.12
C HIS A 659 11.98 -41.67 -43.51
N GLN A 660 10.67 -41.83 -43.31
CA GLN A 660 9.74 -40.76 -43.65
C GLN A 660 10.02 -39.53 -42.80
N VAL A 661 10.42 -39.73 -41.56
CA VAL A 661 10.75 -38.63 -40.68
C VAL A 661 11.99 -37.94 -41.21
N VAL A 662 12.99 -38.71 -41.63
CA VAL A 662 14.19 -38.10 -42.18
C VAL A 662 13.82 -37.32 -43.41
N ASP A 663 12.95 -37.87 -44.24
CA ASP A 663 12.55 -37.17 -45.44
C ASP A 663 11.91 -35.87 -45.06
N LYS A 664 11.06 -35.83 -44.04
CA LYS A 664 10.48 -34.53 -43.71
C LYS A 664 11.53 -33.51 -43.39
N PHE A 665 12.55 -33.92 -42.65
CA PHE A 665 13.58 -32.97 -42.31
C PHE A 665 14.35 -32.50 -43.52
N ILE A 666 14.65 -33.41 -44.43
CA ILE A 666 15.35 -33.04 -45.63
C ILE A 666 14.51 -32.13 -46.48
N VAL A 667 13.25 -32.45 -46.65
CA VAL A 667 12.40 -31.64 -47.47
C VAL A 667 12.32 -30.26 -46.94
N GLU A 668 12.17 -30.12 -45.62
CA GLU A 668 12.11 -28.79 -45.08
C GLU A 668 13.40 -28.06 -45.32
N LEU A 669 14.53 -28.74 -45.18
CA LEU A 669 15.77 -28.05 -45.41
C LEU A 669 15.86 -27.63 -46.86
N GLN A 670 15.41 -28.49 -47.78
CA GLN A 670 15.45 -28.12 -49.18
C GLN A 670 14.60 -26.91 -49.42
N VAL A 671 13.45 -26.83 -48.81
CA VAL A 671 12.65 -25.66 -49.05
C VAL A 671 13.40 -24.43 -48.58
N GLN A 672 14.02 -24.50 -47.41
CA GLN A 672 14.72 -23.35 -46.93
C GLN A 672 15.89 -22.95 -47.81
N LEU A 673 16.63 -23.91 -48.35
CA LEU A 673 17.76 -23.53 -49.20
C LEU A 673 17.30 -23.03 -50.57
N ASP A 674 16.25 -23.63 -51.12
CA ASP A 674 15.79 -23.25 -52.45
C ASP A 674 15.32 -21.81 -52.43
N GLN A 675 14.70 -21.41 -51.33
CA GLN A 675 14.15 -20.08 -51.16
C GLN A 675 15.23 -19.03 -50.91
N LYS A 676 16.46 -19.46 -50.67
CA LYS A 676 17.57 -18.58 -50.42
C LYS A 676 18.38 -18.47 -51.68
N GLY A 677 17.89 -19.09 -52.76
CA GLY A 677 18.56 -19.03 -54.03
C GLY A 677 19.54 -20.16 -54.31
N VAL A 678 19.61 -21.17 -53.44
CA VAL A 678 20.54 -22.27 -53.65
C VAL A 678 19.79 -23.57 -53.72
N SER A 679 19.72 -24.20 -54.88
CA SER A 679 18.91 -25.41 -54.93
C SER A 679 19.53 -26.53 -54.12
N LEU A 680 18.75 -27.25 -53.33
CA LEU A 680 19.34 -28.35 -52.55
C LEU A 680 18.86 -29.73 -52.94
N GLU A 681 19.80 -30.65 -53.03
CA GLU A 681 19.49 -32.07 -53.18
C GLU A 681 20.28 -32.91 -52.22
N VAL A 682 19.67 -33.98 -51.75
CA VAL A 682 20.28 -34.92 -50.82
C VAL A 682 20.10 -36.34 -51.35
N SER A 683 21.17 -37.13 -51.36
CA SER A 683 21.13 -38.49 -51.87
C SER A 683 20.39 -39.48 -50.99
N GLN A 684 20.08 -40.66 -51.56
CA GLN A 684 19.43 -41.72 -50.79
C GLN A 684 20.35 -42.26 -49.74
N GLU A 685 21.63 -42.30 -50.04
CA GLU A 685 22.55 -42.84 -49.07
C GLU A 685 22.63 -41.89 -47.89
N ALA A 686 22.58 -40.58 -48.17
CA ALA A 686 22.61 -39.61 -47.10
C ALA A 686 21.40 -39.84 -46.20
N ARG A 687 20.26 -40.17 -46.79
CA ARG A 687 19.08 -40.43 -45.99
C ARG A 687 19.19 -41.65 -45.16
N ASN A 688 19.77 -42.70 -45.72
CA ASN A 688 19.80 -43.92 -44.96
C ASN A 688 20.63 -43.73 -43.72
N TRP A 689 21.75 -43.07 -43.87
CA TRP A 689 22.64 -42.81 -42.75
C TRP A 689 22.04 -41.89 -41.72
N LEU A 690 21.38 -40.82 -42.14
CA LEU A 690 20.79 -39.91 -41.18
C LEU A 690 19.75 -40.67 -40.37
N ALA A 691 18.98 -41.55 -41.01
CA ALA A 691 17.99 -42.31 -40.28
C ALA A 691 18.62 -43.17 -39.20
N GLU A 692 19.77 -43.76 -39.52
CA GLU A 692 20.53 -44.59 -38.59
C GLU A 692 21.08 -43.78 -37.42
N LYS A 693 21.54 -42.56 -37.71
CA LYS A 693 22.10 -41.68 -36.68
C LYS A 693 21.04 -41.07 -35.77
N GLY A 694 19.90 -40.74 -36.33
CA GLY A 694 18.80 -40.12 -35.62
C GLY A 694 18.07 -41.07 -34.70
N TYR A 695 17.50 -42.11 -35.28
CA TYR A 695 16.77 -43.10 -34.51
C TYR A 695 17.32 -43.23 -33.09
N ASP A 696 16.71 -44.13 -32.32
CA ASP A 696 17.10 -44.40 -30.94
C ASP A 696 15.86 -45.00 -30.29
N ARG A 697 16.00 -46.18 -29.70
CA ARG A 697 14.84 -46.79 -29.10
C ARG A 697 14.56 -46.03 -27.84
N ALA A 698 15.60 -45.38 -27.33
CA ALA A 698 15.53 -44.58 -26.12
C ALA A 698 14.65 -43.36 -26.28
N MET A 699 14.79 -42.73 -27.41
CA MET A 699 14.12 -41.48 -27.57
C MET A 699 13.48 -41.29 -28.89
N GLY A 700 13.58 -42.27 -29.75
CA GLY A 700 12.97 -42.13 -31.01
C GLY A 700 13.47 -40.96 -31.81
N ALA A 701 12.48 -40.19 -32.22
CA ALA A 701 12.53 -39.00 -33.02
C ALA A 701 13.14 -37.75 -32.35
N ARG A 702 13.14 -37.65 -31.03
CA ARG A 702 13.66 -36.45 -30.37
C ARG A 702 15.06 -35.98 -30.86
N PRO A 703 16.12 -36.83 -30.92
CA PRO A 703 17.44 -36.49 -31.40
C PRO A 703 17.57 -36.27 -32.91
N MET A 704 16.51 -36.57 -33.68
CA MET A 704 16.62 -36.48 -35.11
C MET A 704 16.92 -35.07 -35.54
N ALA A 705 16.34 -34.09 -34.89
CA ALA A 705 16.53 -32.71 -35.29
C ALA A 705 17.99 -32.29 -35.20
N ARG A 706 18.68 -32.83 -34.20
CA ARG A 706 20.09 -32.51 -33.97
C ARG A 706 20.94 -33.17 -35.03
N VAL A 707 20.59 -34.40 -35.38
CA VAL A 707 21.34 -35.10 -36.39
C VAL A 707 21.23 -34.37 -37.69
N ILE A 708 20.04 -33.94 -38.03
CA ILE A 708 19.88 -33.21 -39.26
C ILE A 708 20.67 -31.91 -39.19
N GLN A 709 20.61 -31.15 -38.11
CA GLN A 709 21.39 -29.93 -38.13
C GLN A 709 22.90 -30.16 -38.27
N ASP A 710 23.44 -31.10 -37.54
CA ASP A 710 24.89 -31.26 -37.59
C ASP A 710 25.37 -31.82 -38.89
N ASN A 711 24.57 -32.66 -39.51
CA ASN A 711 24.98 -33.26 -40.74
C ASN A 711 24.55 -32.52 -42.00
N LEU A 712 23.38 -31.93 -42.03
CA LEU A 712 22.92 -31.24 -43.22
C LEU A 712 22.90 -29.71 -43.17
N LYS A 713 23.05 -29.07 -42.00
CA LYS A 713 22.95 -27.62 -42.01
C LYS A 713 24.29 -26.99 -41.71
N LYS A 714 24.95 -27.47 -40.68
CA LYS A 714 26.22 -26.85 -40.31
C LYS A 714 27.28 -26.86 -41.40
N PRO A 715 27.48 -27.95 -42.16
CA PRO A 715 28.45 -28.05 -43.24
C PRO A 715 28.18 -27.09 -44.38
N LEU A 716 26.99 -26.50 -44.44
CA LEU A 716 26.62 -25.58 -45.49
C LEU A 716 26.81 -24.15 -45.07
N ALA A 717 27.04 -23.90 -43.78
CA ALA A 717 27.01 -22.52 -43.32
C ALA A 717 28.05 -21.61 -43.92
N ASN A 718 29.28 -22.05 -44.11
CA ASN A 718 30.27 -21.13 -44.63
C ASN A 718 30.15 -20.95 -46.11
N GLU A 719 29.78 -22.01 -46.79
CA GLU A 719 29.66 -21.93 -48.23
C GLU A 719 28.49 -21.04 -48.56
N LEU A 720 27.43 -21.10 -47.76
CA LEU A 720 26.29 -20.26 -48.03
C LEU A 720 26.60 -18.81 -47.60
N LEU A 721 27.18 -18.63 -46.43
CA LEU A 721 27.45 -17.31 -45.89
C LEU A 721 28.44 -16.51 -46.70
N PHE A 722 29.46 -17.15 -47.23
CA PHE A 722 30.46 -16.39 -47.93
C PHE A 722 30.33 -16.43 -49.45
N GLY A 723 29.18 -16.90 -49.95
CA GLY A 723 28.94 -16.89 -51.38
C GLY A 723 29.54 -17.98 -52.23
N SER A 724 29.88 -19.15 -51.68
CA SER A 724 30.38 -20.18 -52.58
C SER A 724 29.11 -20.66 -53.27
N LEU A 725 28.06 -20.62 -52.48
CA LEU A 725 26.72 -20.91 -52.88
C LEU A 725 26.13 -19.54 -53.04
N VAL A 726 25.70 -19.25 -54.22
CA VAL A 726 25.24 -17.93 -54.55
C VAL A 726 23.85 -17.99 -55.03
N ASP A 727 23.18 -16.86 -55.13
CA ASP A 727 21.85 -16.89 -55.67
C ASP A 727 22.01 -17.56 -57.02
N GLY A 728 21.21 -18.56 -57.32
CA GLY A 728 21.41 -19.29 -58.56
C GLY A 728 22.50 -20.34 -58.33
N GLY A 729 22.61 -20.80 -57.08
CA GLY A 729 23.58 -21.78 -56.63
C GLY A 729 22.98 -23.18 -56.59
N GLN A 730 23.67 -24.09 -55.91
CA GLN A 730 23.21 -25.47 -55.83
C GLN A 730 24.13 -26.29 -54.96
N VAL A 731 23.49 -27.06 -54.09
CA VAL A 731 24.14 -27.98 -53.20
C VAL A 731 23.62 -29.39 -53.39
N THR A 732 24.44 -30.28 -53.89
CA THR A 732 24.03 -31.68 -53.90
C THR A 732 24.83 -32.38 -52.85
N VAL A 733 24.13 -32.96 -51.89
CA VAL A 733 24.75 -33.59 -50.76
C VAL A 733 24.71 -35.10 -50.82
N ALA A 734 25.87 -35.70 -50.67
CA ALA A 734 25.90 -37.15 -50.66
C ALA A 734 27.01 -37.64 -49.77
N LEU A 735 26.84 -38.85 -49.25
CA LEU A 735 27.87 -39.40 -48.41
C LEU A 735 29.02 -40.04 -49.10
N ASP A 736 30.17 -39.75 -48.54
CA ASP A 736 31.40 -40.43 -48.85
C ASP A 736 31.44 -41.59 -47.92
N LYS A 737 31.22 -42.78 -48.47
CA LYS A 737 31.00 -44.04 -47.76
C LYS A 737 32.12 -44.43 -46.83
N GLU A 738 33.31 -43.94 -47.12
CA GLU A 738 34.46 -44.29 -46.31
C GLU A 738 34.33 -43.70 -44.91
N LYS A 739 33.79 -42.49 -44.83
CA LYS A 739 33.67 -41.77 -43.57
C LYS A 739 32.25 -41.42 -43.21
N ASN A 740 31.35 -41.58 -44.17
CA ASN A 740 29.99 -41.10 -44.13
C ASN A 740 29.98 -39.60 -43.94
N GLU A 741 30.84 -38.97 -44.72
CA GLU A 741 30.95 -37.53 -44.75
C GLU A 741 30.05 -36.98 -45.82
N LEU A 742 29.19 -36.04 -45.45
CA LEU A 742 28.29 -35.45 -46.42
C LEU A 742 28.99 -34.32 -47.13
N THR A 743 29.09 -34.43 -48.45
CA THR A 743 29.79 -33.42 -49.20
C THR A 743 28.97 -32.88 -50.33
N TYR A 744 29.33 -31.68 -50.76
CA TYR A 744 28.73 -30.94 -51.86
C TYR A 744 29.73 -29.89 -52.31
N GLY A 745 29.47 -29.24 -53.44
CA GLY A 745 30.28 -28.11 -53.87
C GLY A 745 29.58 -27.40 -55.00
N PHE A 746 30.16 -26.31 -55.47
CA PHE A 746 29.57 -25.51 -56.52
C PHE A 746 30.64 -24.63 -57.13
N MET B 169 -28.99 31.21 11.21
CA MET B 169 -29.76 30.14 11.80
C MET B 169 -31.06 30.02 11.07
N GLU B 170 -31.67 31.15 10.75
CA GLU B 170 -32.96 31.17 10.10
C GLU B 170 -32.98 30.46 8.75
N ASN B 171 -31.82 30.33 8.15
CA ASN B 171 -31.64 29.66 6.88
C ASN B 171 -30.65 28.50 6.94
N PHE B 172 -30.28 28.08 8.15
CA PHE B 172 -29.31 27.00 8.29
C PHE B 172 -29.83 25.85 9.12
N THR B 173 -30.74 26.14 10.04
CA THR B 173 -31.22 25.09 10.90
C THR B 173 -32.72 25.02 10.88
N THR B 174 -33.24 23.88 11.25
CA THR B 174 -34.67 23.68 11.38
C THR B 174 -35.09 23.68 12.81
N ASN B 175 -36.09 24.45 13.13
CA ASN B 175 -36.58 24.45 14.49
C ASN B 175 -37.43 23.22 14.61
N LEU B 176 -36.96 22.23 15.35
CA LEU B 176 -37.65 20.95 15.37
C LEU B 176 -38.94 21.03 16.13
N ASN B 177 -39.15 22.09 16.88
CA ASN B 177 -40.39 22.18 17.61
C ASN B 177 -41.50 22.54 16.62
N GLN B 178 -41.11 22.97 15.41
CA GLN B 178 -42.08 23.33 14.41
C GLN B 178 -42.50 22.10 13.66
N LEU B 179 -41.78 21.02 13.86
CA LEU B 179 -42.16 19.81 13.21
C LEU B 179 -42.92 19.04 14.22
N ALA B 180 -42.49 19.14 15.47
CA ALA B 180 -43.16 18.38 16.50
C ALA B 180 -44.61 18.75 16.60
N ARG B 181 -44.90 20.04 16.51
CA ARG B 181 -46.25 20.53 16.65
C ARG B 181 -47.15 20.22 15.48
N VAL B 182 -46.59 19.79 14.35
CA VAL B 182 -47.42 19.50 13.20
C VAL B 182 -47.36 18.01 12.87
N GLY B 183 -46.66 17.24 13.70
CA GLY B 183 -46.50 15.81 13.43
C GLY B 183 -45.50 15.51 12.31
N GLY B 184 -44.53 16.41 12.06
CA GLY B 184 -43.56 16.24 11.00
C GLY B 184 -42.48 15.24 11.36
N ILE B 185 -42.41 14.90 12.63
CA ILE B 185 -41.45 13.96 13.15
C ILE B 185 -42.21 12.88 13.87
N ASP B 186 -41.74 11.66 13.74
CA ASP B 186 -42.38 10.51 14.37
C ASP B 186 -42.27 10.61 15.88
N PRO B 187 -43.23 10.05 16.63
CA PRO B 187 -43.24 10.03 18.08
C PRO B 187 -42.15 9.13 18.56
N LEU B 188 -41.60 9.40 19.73
CA LEU B 188 -40.60 8.51 20.28
C LEU B 188 -41.23 7.62 21.33
N ILE B 189 -41.12 6.32 21.16
CA ILE B 189 -41.70 5.40 22.09
C ILE B 189 -40.65 4.80 23.00
N GLY B 190 -40.86 4.88 24.29
CA GLY B 190 -39.85 4.34 25.19
C GLY B 190 -38.60 5.19 25.23
N ARG B 191 -37.44 4.53 25.37
CA ARG B 191 -36.15 5.19 25.50
C ARG B 191 -36.11 6.17 26.66
N GLU B 192 -36.70 5.77 27.78
CA GLU B 192 -36.74 6.60 28.95
C GLU B 192 -35.39 6.86 29.58
N LYS B 193 -34.54 5.84 29.60
CA LYS B 193 -33.25 5.99 30.26
C LYS B 193 -32.28 6.71 29.37
N GLU B 194 -32.46 6.54 28.08
CA GLU B 194 -31.60 7.19 27.13
C GLU B 194 -31.87 8.68 27.24
N LEU B 195 -33.14 9.07 27.38
CA LEU B 195 -33.40 10.47 27.57
C LEU B 195 -33.04 10.91 28.96
N GLU B 196 -33.27 10.10 29.99
CA GLU B 196 -32.83 10.59 31.27
C GLU B 196 -31.37 10.98 31.24
N ARG B 197 -30.52 10.17 30.62
CA ARG B 197 -29.15 10.57 30.60
C ARG B 197 -29.00 11.80 29.71
N ALA B 198 -29.66 11.87 28.57
CA ALA B 198 -29.45 13.04 27.72
C ALA B 198 -29.79 14.32 28.46
N ILE B 199 -30.84 14.28 29.24
CA ILE B 199 -31.23 15.46 29.97
C ILE B 199 -30.17 15.75 31.02
N GLN B 200 -29.71 14.74 31.74
CA GLN B 200 -28.70 14.98 32.75
C GLN B 200 -27.44 15.55 32.15
N VAL B 201 -27.09 15.15 30.93
CA VAL B 201 -25.96 15.78 30.31
C VAL B 201 -26.25 17.23 29.96
N LEU B 202 -27.41 17.52 29.39
CA LEU B 202 -27.76 18.88 29.01
C LEU B 202 -27.82 19.78 30.24
N CYS B 203 -28.17 19.19 31.36
CA CYS B 203 -28.25 19.90 32.62
C CYS B 203 -26.91 20.18 33.30
N ARG B 204 -25.81 19.66 32.77
CA ARG B 204 -24.49 19.87 33.38
C ARG B 204 -24.02 21.32 33.29
N ARG B 205 -23.10 21.72 34.16
CA ARG B 205 -22.60 23.09 34.13
C ARG B 205 -21.71 23.34 32.94
N ARG B 206 -20.86 22.39 32.57
CA ARG B 206 -19.96 22.60 31.43
C ARG B 206 -19.89 21.39 30.53
N LYS B 207 -19.65 21.58 29.22
CA LYS B 207 -19.54 20.47 28.31
C LYS B 207 -20.81 19.64 28.36
N ASN B 208 -21.93 20.33 28.44
CA ASN B 208 -23.24 19.74 28.52
C ASN B 208 -23.81 19.47 27.16
N ASN B 209 -23.12 18.59 26.47
CA ASN B 209 -23.40 18.25 25.09
C ASN B 209 -23.43 16.74 24.90
N PRO B 210 -24.56 16.07 24.97
CA PRO B 210 -24.60 14.66 24.84
C PRO B 210 -24.31 14.32 23.41
N LEU B 211 -23.71 13.19 23.20
CA LEU B 211 -23.45 12.67 21.88
C LEU B 211 -24.10 11.33 21.79
N LEU B 212 -24.98 11.14 20.84
CA LEU B 212 -25.67 9.87 20.76
C LEU B 212 -24.92 8.94 19.85
N VAL B 213 -24.40 7.85 20.40
CA VAL B 213 -23.58 6.94 19.62
C VAL B 213 -24.14 5.56 19.64
N GLY B 214 -24.21 4.95 18.47
CA GLY B 214 -24.76 3.61 18.39
C GLY B 214 -24.62 2.98 17.02
N GLU B 215 -25.25 1.83 16.82
CA GLU B 215 -25.20 1.16 15.54
C GLU B 215 -26.15 1.87 14.65
N SER B 216 -26.07 1.69 13.36
CA SER B 216 -27.01 2.38 12.55
C SER B 216 -28.40 1.86 12.68
N GLY B 217 -29.40 2.70 12.47
CA GLY B 217 -30.76 2.18 12.51
C GLY B 217 -31.24 1.78 13.89
N VAL B 218 -30.77 2.41 14.96
CA VAL B 218 -31.22 1.99 16.29
C VAL B 218 -32.04 3.06 16.95
N GLY B 219 -32.31 4.14 16.25
CA GLY B 219 -33.08 5.21 16.85
C GLY B 219 -32.28 6.40 17.39
N LYS B 220 -31.01 6.55 17.06
CA LYS B 220 -30.27 7.68 17.59
C LYS B 220 -30.88 9.01 17.25
N THR B 221 -31.27 9.17 16.00
CA THR B 221 -31.81 10.43 15.58
C THR B 221 -33.26 10.41 15.94
N ALA B 222 -33.83 9.21 16.05
CA ALA B 222 -35.22 9.15 16.46
C ALA B 222 -35.32 9.75 17.85
N ILE B 223 -34.33 9.49 18.69
CA ILE B 223 -34.30 10.04 20.04
C ILE B 223 -34.06 11.53 20.03
N ALA B 224 -33.10 12.02 19.26
CA ALA B 224 -32.89 13.45 19.30
C ALA B 224 -34.12 14.21 18.81
N GLU B 225 -34.77 13.72 17.77
CA GLU B 225 -35.96 14.39 17.31
C GLU B 225 -37.07 14.12 18.29
N GLY B 226 -37.03 12.95 18.89
CA GLY B 226 -37.99 12.53 19.85
C GLY B 226 -38.00 13.48 21.01
N LEU B 227 -36.87 14.05 21.38
CA LEU B 227 -36.91 15.00 22.45
C LEU B 227 -37.63 16.23 21.97
N ALA B 228 -37.38 16.72 20.75
CA ALA B 228 -38.12 17.91 20.34
C ALA B 228 -39.62 17.63 20.39
N TRP B 229 -39.98 16.42 20.02
CA TRP B 229 -41.36 16.00 20.04
C TRP B 229 -41.87 16.06 21.47
N ARG B 230 -41.14 15.46 22.40
CA ARG B 230 -41.55 15.45 23.79
C ARG B 230 -41.61 16.83 24.40
N ILE B 231 -40.74 17.73 23.99
CA ILE B 231 -40.81 19.06 24.58
C ILE B 231 -42.13 19.69 24.19
N VAL B 232 -42.46 19.59 22.92
CA VAL B 232 -43.70 20.16 22.42
C VAL B 232 -44.92 19.50 23.03
N GLN B 233 -44.86 18.21 23.25
CA GLN B 233 -45.99 17.51 23.81
C GLN B 233 -46.05 17.61 25.33
N GLY B 234 -45.07 18.25 25.99
CA GLY B 234 -45.09 18.33 27.44
C GLY B 234 -44.71 17.01 28.12
N ASP B 235 -43.90 16.20 27.45
CA ASP B 235 -43.49 14.89 27.92
C ASP B 235 -42.06 14.90 28.44
N VAL B 236 -41.64 16.06 28.94
CA VAL B 236 -40.30 16.23 29.48
C VAL B 236 -40.29 17.11 30.73
N PRO B 237 -39.24 16.96 31.54
CA PRO B 237 -39.06 17.71 32.76
C PRO B 237 -39.14 19.19 32.42
N GLU B 238 -39.66 20.00 33.33
CA GLU B 238 -39.78 21.44 33.09
C GLU B 238 -38.46 22.10 32.69
N VAL B 239 -37.35 21.48 33.07
CA VAL B 239 -36.04 21.97 32.77
C VAL B 239 -35.86 22.08 31.26
N MET B 240 -36.38 21.09 30.53
CA MET B 240 -36.32 21.05 29.07
C MET B 240 -37.50 21.75 28.47
N ALA B 241 -38.57 21.80 29.23
CA ALA B 241 -39.76 22.42 28.74
C ALA B 241 -39.41 23.82 28.30
N ASP B 242 -40.04 24.21 27.22
CA ASP B 242 -39.90 25.52 26.60
C ASP B 242 -38.56 25.81 25.95
N CYS B 243 -37.68 24.83 25.83
CA CYS B 243 -36.39 25.03 25.16
C CYS B 243 -36.51 24.60 23.68
N THR B 244 -35.77 25.25 22.79
CA THR B 244 -35.83 24.91 21.37
C THR B 244 -34.68 24.09 20.85
N ILE B 245 -35.00 23.01 20.16
CA ILE B 245 -33.95 22.21 19.56
C ILE B 245 -33.92 22.52 18.08
N TYR B 246 -32.78 22.95 17.57
CA TYR B 246 -32.66 23.28 16.17
C TYR B 246 -31.81 22.22 15.49
N SER B 247 -32.13 21.78 14.29
CA SER B 247 -31.32 20.79 13.58
C SER B 247 -30.52 21.42 12.47
N LEU B 248 -29.21 21.23 12.50
CA LEU B 248 -28.36 21.90 11.53
C LEU B 248 -28.05 21.21 10.24
N ASP B 249 -28.23 21.94 9.15
CA ASP B 249 -27.90 21.49 7.82
C ASP B 249 -26.47 21.92 7.49
N ILE B 250 -25.52 21.00 7.62
CA ILE B 250 -24.13 21.39 7.40
C ILE B 250 -23.93 21.82 5.98
N GLY B 251 -24.59 21.16 5.06
CA GLY B 251 -24.44 21.49 3.67
C GLY B 251 -24.87 22.91 3.38
N SER B 252 -26.00 23.36 3.95
CA SER B 252 -26.43 24.72 3.65
C SER B 252 -25.56 25.73 4.37
N LEU B 253 -24.94 25.32 5.47
CA LEU B 253 -24.07 26.24 6.18
C LEU B 253 -22.83 26.49 5.35
N LEU B 254 -22.30 25.44 4.69
CA LEU B 254 -21.13 25.55 3.82
C LEU B 254 -21.47 26.03 2.42
N ALA B 255 -22.67 25.77 1.95
CA ALA B 255 -23.01 26.14 0.60
C ALA B 255 -22.91 27.62 0.36
N GLY B 256 -22.22 27.98 -0.70
CA GLY B 256 -22.08 29.35 -1.11
C GLY B 256 -21.00 30.12 -0.38
N THR B 257 -20.25 29.48 0.51
CA THR B 257 -19.24 30.21 1.26
C THR B 257 -17.98 30.45 0.47
N LYS B 258 -18.08 31.22 -0.56
CA LYS B 258 -16.97 31.57 -1.42
C LYS B 258 -16.30 32.75 -0.75
N TYR B 259 -15.06 33.06 -1.11
CA TYR B 259 -14.29 34.18 -0.57
C TYR B 259 -13.69 33.76 0.73
N ARG B 260 -12.80 34.59 1.24
CA ARG B 260 -12.11 34.26 2.45
C ARG B 260 -12.83 34.93 3.59
N GLY B 261 -13.44 34.16 4.48
CA GLY B 261 -14.23 34.71 5.58
C GLY B 261 -15.74 34.49 5.53
N ASP B 262 -16.35 34.06 4.41
CA ASP B 262 -17.80 33.92 4.48
C ASP B 262 -18.23 32.78 5.38
N PHE B 263 -17.54 31.66 5.33
CA PHE B 263 -17.91 30.54 6.19
C PHE B 263 -17.81 30.90 7.63
N GLU B 264 -16.66 31.49 7.98
CA GLU B 264 -16.37 31.87 9.35
C GLU B 264 -17.44 32.81 9.85
N LYS B 265 -17.88 33.72 8.98
CA LYS B 265 -18.90 34.65 9.37
C LYS B 265 -20.22 33.96 9.61
N ARG B 266 -20.60 33.05 8.73
CA ARG B 266 -21.87 32.38 8.90
C ARG B 266 -21.86 31.53 10.13
N PHE B 267 -20.74 30.83 10.32
CA PHE B 267 -20.55 29.93 11.45
C PHE B 267 -20.67 30.70 12.75
N LYS B 268 -19.96 31.83 12.84
CA LYS B 268 -20.04 32.61 14.03
C LYS B 268 -21.42 33.21 14.21
N ALA B 269 -22.09 33.63 13.13
CA ALA B 269 -23.40 34.20 13.28
C ALA B 269 -24.34 33.19 13.87
N LEU B 270 -24.22 31.95 13.43
CA LEU B 270 -25.07 30.91 13.97
C LEU B 270 -24.84 30.75 15.43
N LEU B 271 -23.59 30.70 15.81
CA LEU B 271 -23.31 30.45 17.19
C LEU B 271 -23.77 31.61 18.05
N LYS B 272 -23.61 32.82 17.55
CA LYS B 272 -24.06 33.96 18.29
C LYS B 272 -25.55 33.89 18.50
N GLN B 273 -26.29 33.52 17.46
CA GLN B 273 -27.72 33.45 17.58
C GLN B 273 -28.12 32.42 18.62
N LEU B 274 -27.37 31.33 18.70
CA LEU B 274 -27.68 30.33 19.70
C LEU B 274 -27.36 30.84 21.10
N GLU B 275 -26.20 31.49 21.25
CA GLU B 275 -25.80 32.03 22.54
C GLU B 275 -26.80 33.09 23.05
N GLN B 276 -27.43 33.83 22.14
CA GLN B 276 -28.38 34.85 22.49
C GLN B 276 -29.78 34.31 22.68
N ASP B 277 -29.97 33.03 22.40
CA ASP B 277 -31.27 32.42 22.60
C ASP B 277 -31.31 32.11 24.07
N THR B 278 -30.21 31.50 24.52
CA THR B 278 -29.93 31.05 25.88
C THR B 278 -30.74 29.83 26.30
N ASN B 279 -31.76 29.45 25.54
CA ASN B 279 -32.56 28.33 25.93
C ASN B 279 -32.81 27.46 24.71
N SER B 280 -31.72 27.04 24.11
CA SER B 280 -31.79 26.27 22.91
C SER B 280 -30.69 25.27 22.88
N ILE B 281 -30.93 24.26 22.08
CA ILE B 281 -30.03 23.18 21.85
C ILE B 281 -29.84 23.01 20.36
N LEU B 282 -28.62 22.85 19.92
CA LEU B 282 -28.43 22.61 18.51
C LEU B 282 -28.25 21.12 18.35
N PHE B 283 -28.84 20.53 17.35
CA PHE B 283 -28.67 19.13 17.08
C PHE B 283 -27.99 18.86 15.78
N ILE B 284 -26.96 18.05 15.81
CA ILE B 284 -26.26 17.76 14.60
C ILE B 284 -26.29 16.29 14.25
N ASP B 285 -26.80 15.99 13.07
CA ASP B 285 -26.79 14.63 12.58
C ASP B 285 -25.42 14.41 12.07
N GLU B 286 -24.93 13.17 12.09
CA GLU B 286 -23.60 12.87 11.56
C GLU B 286 -22.63 13.97 11.97
N ILE B 287 -22.58 14.22 13.26
CA ILE B 287 -21.74 15.22 13.87
C ILE B 287 -20.28 15.05 13.56
N HIS B 288 -19.84 13.89 13.18
CA HIS B 288 -18.46 13.71 12.85
C HIS B 288 -18.08 14.49 11.61
N THR B 289 -19.06 14.91 10.84
CA THR B 289 -18.76 15.65 9.65
C THR B 289 -18.40 17.09 9.99
N ILE B 290 -18.64 17.57 11.21
CA ILE B 290 -18.29 18.96 11.43
C ILE B 290 -16.79 19.11 11.39
N ILE B 291 -16.08 18.04 11.70
CA ILE B 291 -14.65 18.01 11.74
C ILE B 291 -14.06 18.25 10.36
N GLY B 292 -14.83 17.97 9.33
CA GLY B 292 -14.42 18.12 7.94
C GLY B 292 -14.94 19.44 7.36
N ALA B 293 -15.48 20.32 8.19
CA ALA B 293 -16.03 21.54 7.65
C ALA B 293 -14.94 22.23 6.91
N GLY B 294 -15.32 22.91 5.86
CA GLY B 294 -14.35 23.50 4.99
C GLY B 294 -13.50 24.61 5.53
N ALA B 295 -12.33 24.24 6.04
CA ALA B 295 -11.29 25.22 6.21
C ALA B 295 -10.97 25.62 4.78
N ALA B 296 -10.70 26.88 4.52
CA ALA B 296 -10.53 27.29 3.13
C ALA B 296 -9.37 26.65 2.38
N SER B 297 -8.24 26.47 3.04
CA SER B 297 -7.08 26.01 2.30
C SER B 297 -6.26 25.00 3.05
N GLY B 298 -5.06 25.42 3.47
CA GLY B 298 -4.15 24.56 4.22
C GLY B 298 -4.25 24.79 5.71
N GLY B 299 -5.17 25.66 6.10
CA GLY B 299 -5.36 26.05 7.48
C GLY B 299 -6.25 25.11 8.25
N GLN B 300 -6.35 25.40 9.53
CA GLN B 300 -7.16 24.59 10.44
C GLN B 300 -8.37 25.28 11.00
N VAL B 301 -8.80 26.38 10.42
CA VAL B 301 -9.98 26.99 10.99
C VAL B 301 -11.20 26.45 10.29
N ASP B 302 -11.99 25.72 11.03
CA ASP B 302 -13.18 25.05 10.56
C ASP B 302 -14.20 24.97 11.67
N ALA B 303 -15.32 24.33 11.40
CA ALA B 303 -16.38 24.23 12.38
C ALA B 303 -15.97 23.59 13.67
N ALA B 304 -15.05 22.63 13.67
CA ALA B 304 -14.76 22.04 14.96
C ALA B 304 -13.90 22.99 15.74
N ASN B 305 -12.96 23.60 15.10
CA ASN B 305 -12.09 24.48 15.85
C ASN B 305 -12.82 25.72 16.34
N LEU B 306 -13.82 26.14 15.61
CA LEU B 306 -14.64 27.25 16.01
C LEU B 306 -15.72 26.90 17.04
N ILE B 307 -15.94 25.63 17.34
CA ILE B 307 -17.02 25.28 18.25
C ILE B 307 -16.44 25.04 19.62
N LYS B 308 -15.28 24.41 19.67
CA LYS B 308 -14.67 23.99 20.91
C LYS B 308 -14.80 24.90 22.14
N PRO B 309 -14.43 26.19 22.11
CA PRO B 309 -14.51 27.02 23.28
C PRO B 309 -15.92 27.25 23.78
N LEU B 310 -16.93 27.05 22.96
CA LEU B 310 -18.26 27.31 23.42
C LEU B 310 -18.86 26.11 24.06
N LEU B 311 -18.16 25.01 23.98
CA LEU B 311 -18.72 23.85 24.58
C LEU B 311 -18.10 23.76 25.97
N SER B 312 -16.81 24.11 26.03
CA SER B 312 -16.10 24.01 27.28
C SER B 312 -16.68 24.96 28.28
N SER B 313 -17.07 26.11 27.81
CA SER B 313 -17.60 27.16 28.62
C SER B 313 -19.03 26.96 29.10
N GLY B 314 -19.77 26.03 28.49
CA GLY B 314 -21.16 25.86 28.82
C GLY B 314 -22.07 26.87 28.11
N LYS B 315 -21.51 27.70 27.24
CA LYS B 315 -22.32 28.70 26.56
C LYS B 315 -23.42 28.18 25.66
N ILE B 316 -23.16 27.11 24.92
CA ILE B 316 -24.20 26.57 24.07
C ILE B 316 -24.37 25.09 24.34
N ARG B 317 -25.49 24.53 23.94
CA ARG B 317 -25.69 23.10 24.12
C ARG B 317 -25.89 22.43 22.80
N VAL B 318 -25.12 21.40 22.56
CA VAL B 318 -25.19 20.65 21.32
C VAL B 318 -25.46 19.19 21.54
N ILE B 319 -26.43 18.63 20.84
CA ILE B 319 -26.68 17.21 20.90
C ILE B 319 -26.09 16.66 19.64
N GLY B 320 -25.17 15.73 19.75
CA GLY B 320 -24.60 15.18 18.56
C GLY B 320 -25.20 13.82 18.26
N SER B 321 -24.82 13.25 17.15
CA SER B 321 -25.23 11.92 16.77
C SER B 321 -24.28 11.33 15.77
N THR B 322 -23.82 10.12 16.03
CA THR B 322 -22.88 9.48 15.12
C THR B 322 -22.88 7.96 15.34
N THR B 323 -22.44 7.20 14.38
CA THR B 323 -22.40 5.77 14.59
C THR B 323 -21.17 5.39 15.36
N TYR B 324 -21.15 4.17 15.87
CA TYR B 324 -19.99 3.68 16.60
C TYR B 324 -18.71 3.64 15.75
N GLN B 325 -18.87 3.47 14.43
CA GLN B 325 -17.73 3.42 13.55
C GLN B 325 -17.23 4.80 13.19
N GLU B 326 -18.14 5.73 12.97
CA GLU B 326 -17.74 7.08 12.64
C GLU B 326 -17.22 7.75 13.89
N PHE B 327 -17.77 7.32 15.03
CA PHE B 327 -17.36 7.87 16.32
C PHE B 327 -15.93 7.42 16.63
N SER B 328 -15.62 6.18 16.25
CA SER B 328 -14.31 5.63 16.47
C SER B 328 -13.26 6.15 15.54
N ASN B 329 -13.58 6.28 14.28
CA ASN B 329 -12.57 6.77 13.37
C ASN B 329 -12.49 8.26 13.19
N ILE B 330 -13.32 9.03 13.89
CA ILE B 330 -13.31 10.46 13.67
C ILE B 330 -13.33 11.20 14.99
N PHE B 331 -14.38 10.96 15.78
CA PHE B 331 -14.57 11.65 17.05
C PHE B 331 -13.55 11.24 18.08
N GLU B 332 -13.20 9.96 18.06
CA GLU B 332 -12.23 9.41 18.99
C GLU B 332 -10.86 10.00 18.73
N LYS B 333 -10.56 10.31 17.46
CA LYS B 333 -9.28 10.88 17.14
C LYS B 333 -9.16 12.35 17.57
N ASP B 334 -10.18 13.17 17.41
CA ASP B 334 -10.00 14.53 17.87
C ASP B 334 -10.31 14.58 19.35
N ARG B 335 -9.28 14.40 20.16
CA ARG B 335 -9.44 14.27 21.58
C ARG B 335 -10.02 15.50 22.21
N ALA B 336 -9.60 16.66 21.76
CA ALA B 336 -10.09 17.87 22.37
C ALA B 336 -11.56 18.05 22.08
N LEU B 337 -11.99 17.69 20.89
CA LEU B 337 -13.41 17.85 20.65
C LEU B 337 -14.16 16.79 21.39
N ALA B 338 -13.63 15.59 21.42
CA ALA B 338 -14.32 14.50 22.03
C ALA B 338 -14.58 14.76 23.49
N ARG B 339 -13.64 15.41 24.16
CA ARG B 339 -13.81 15.73 25.58
C ARG B 339 -14.94 16.72 25.87
N ARG B 340 -15.54 17.31 24.83
CA ARG B 340 -16.60 18.24 25.04
C ARG B 340 -17.94 17.61 24.84
N PHE B 341 -17.94 16.31 24.55
CA PHE B 341 -19.17 15.59 24.41
C PHE B 341 -19.28 14.45 25.40
N GLN B 342 -20.48 14.17 25.80
CA GLN B 342 -20.73 13.07 26.69
C GLN B 342 -21.40 11.97 25.94
N LYS B 343 -20.69 10.89 25.74
CA LYS B 343 -21.25 9.83 24.92
C LYS B 343 -22.31 9.03 25.61
N ILE B 344 -23.44 8.92 24.94
CA ILE B 344 -24.58 8.15 25.37
C ILE B 344 -24.66 6.94 24.51
N ASP B 345 -24.63 5.81 25.16
CA ASP B 345 -24.57 4.53 24.48
C ASP B 345 -25.97 4.04 24.15
N ILE B 346 -26.34 4.07 22.88
CA ILE B 346 -27.69 3.67 22.51
C ILE B 346 -27.69 2.32 21.89
N THR B 347 -28.25 1.38 22.62
CA THR B 347 -28.24 0.00 22.20
C THR B 347 -29.50 -0.32 21.46
N GLU B 348 -29.52 -1.50 20.83
CA GLU B 348 -30.70 -1.97 20.13
C GLU B 348 -31.74 -2.44 21.16
N PRO B 349 -33.00 -2.10 20.91
CA PRO B 349 -34.13 -2.43 21.76
C PRO B 349 -34.46 -3.91 21.72
N SER B 350 -35.20 -4.37 22.70
CA SER B 350 -35.66 -5.75 22.80
C SER B 350 -36.82 -6.02 21.87
N ILE B 351 -37.25 -7.28 21.84
CA ILE B 351 -38.37 -7.68 21.00
C ILE B 351 -39.62 -6.96 21.45
N GLU B 352 -39.86 -6.97 22.75
CA GLU B 352 -41.04 -6.32 23.33
C GLU B 352 -41.02 -4.83 23.06
N GLU B 353 -39.84 -4.23 23.12
CA GLU B 353 -39.73 -2.82 22.90
C GLU B 353 -39.98 -2.51 21.44
N THR B 354 -39.51 -3.38 20.55
CA THR B 354 -39.69 -3.13 19.14
C THR B 354 -41.16 -3.20 18.80
N VAL B 355 -41.88 -4.15 19.37
CA VAL B 355 -43.30 -4.26 19.10
C VAL B 355 -43.99 -2.99 19.54
N GLN B 356 -43.61 -2.50 20.71
CA GLN B 356 -44.21 -1.30 21.23
C GLN B 356 -43.92 -0.09 20.37
N ILE B 357 -42.70 0.02 19.79
CA ILE B 357 -42.50 1.21 18.97
C ILE B 357 -43.34 1.07 17.72
N ILE B 358 -43.52 -0.16 17.23
CA ILE B 358 -44.39 -0.30 16.09
C ILE B 358 -45.78 0.08 16.48
N ASN B 359 -46.28 -0.37 17.61
CA ASN B 359 -47.64 0.02 17.90
C ASN B 359 -47.81 1.53 17.91
N GLY B 360 -46.80 2.25 18.42
CA GLY B 360 -46.85 3.71 18.42
C GLY B 360 -46.73 4.34 17.02
N LEU B 361 -45.85 3.79 16.18
CA LEU B 361 -45.60 4.30 14.84
C LEU B 361 -46.63 3.89 13.83
N LYS B 362 -47.18 2.71 14.03
CA LYS B 362 -48.14 2.06 13.18
C LYS B 362 -49.17 2.96 12.56
N PRO B 363 -49.89 3.83 13.29
CA PRO B 363 -50.94 4.64 12.74
C PRO B 363 -50.47 5.48 11.56
N LYS B 364 -49.17 5.79 11.47
CA LYS B 364 -48.73 6.60 10.36
C LYS B 364 -48.46 5.75 9.15
N TYR B 365 -48.20 4.46 9.34
CA TYR B 365 -48.00 3.59 8.21
C TYR B 365 -49.38 3.28 7.73
N GLU B 366 -50.29 3.13 8.68
CA GLU B 366 -51.65 2.80 8.32
C GLU B 366 -52.22 3.94 7.53
N ALA B 367 -51.96 5.17 7.98
CA ALA B 367 -52.47 6.27 7.22
C ALA B 367 -51.78 6.39 5.87
N HIS B 368 -50.47 6.26 5.84
CA HIS B 368 -49.74 6.47 4.60
C HIS B 368 -50.14 5.50 3.52
N HIS B 369 -50.29 4.25 3.89
CA HIS B 369 -50.57 3.21 2.93
C HIS B 369 -52.03 2.85 2.80
N ASP B 370 -52.90 3.57 3.50
CA ASP B 370 -54.31 3.21 3.51
C ASP B 370 -54.52 1.72 3.90
N VAL B 371 -53.84 1.29 4.97
CA VAL B 371 -53.89 -0.10 5.45
C VAL B 371 -54.14 -0.16 6.91
N ARG B 372 -54.43 -1.34 7.40
CA ARG B 372 -54.52 -1.57 8.83
C ARG B 372 -53.72 -2.81 9.11
N TYR B 373 -53.02 -2.87 10.23
CA TYR B 373 -52.20 -4.05 10.55
C TYR B 373 -52.78 -4.83 11.72
N THR B 374 -52.82 -6.15 11.60
CA THR B 374 -53.35 -6.94 12.68
C THR B 374 -52.33 -7.03 13.81
N ALA B 375 -52.77 -7.47 14.98
CA ALA B 375 -51.83 -7.62 16.09
C ALA B 375 -50.79 -8.68 15.79
N LYS B 376 -51.20 -9.72 15.07
CA LYS B 376 -50.29 -10.78 14.74
C LYS B 376 -49.30 -10.28 13.73
N ALA B 377 -49.76 -9.45 12.81
CA ALA B 377 -48.86 -8.92 11.81
C ALA B 377 -47.72 -8.14 12.46
N VAL B 378 -48.04 -7.36 13.48
CA VAL B 378 -47.01 -6.59 14.13
C VAL B 378 -46.08 -7.45 14.95
N ARG B 379 -46.64 -8.34 15.74
CA ARG B 379 -45.78 -9.16 16.55
C ARG B 379 -44.87 -9.98 15.67
N ALA B 380 -45.42 -10.52 14.59
CA ALA B 380 -44.64 -11.32 13.69
C ALA B 380 -43.58 -10.52 13.00
N ALA B 381 -43.85 -9.27 12.61
CA ALA B 381 -42.79 -8.56 11.92
C ALA B 381 -41.57 -8.51 12.80
N VAL B 382 -41.76 -8.31 14.08
CA VAL B 382 -40.60 -8.25 14.93
C VAL B 382 -39.94 -9.62 15.09
N GLU B 383 -40.73 -10.65 15.37
CA GLU B 383 -40.17 -11.97 15.63
C GLU B 383 -39.49 -12.58 14.41
N LEU B 384 -40.11 -12.39 13.25
CA LEU B 384 -39.61 -12.91 12.01
C LEU B 384 -38.39 -12.15 11.58
N ALA B 385 -38.38 -10.83 11.75
CA ALA B 385 -37.23 -10.09 11.32
C ALA B 385 -36.03 -10.53 12.11
N VAL B 386 -36.25 -10.75 13.41
CA VAL B 386 -35.19 -11.23 14.29
C VAL B 386 -34.63 -12.58 13.84
N LYS B 387 -35.50 -13.51 13.47
CA LYS B 387 -35.06 -14.80 13.05
C LYS B 387 -34.40 -14.78 11.68
N TYR B 388 -34.94 -13.99 10.76
CA TYR B 388 -34.45 -14.02 9.39
C TYR B 388 -33.69 -12.88 8.74
N ILE B 389 -33.75 -11.67 9.23
CA ILE B 389 -33.10 -10.58 8.51
C ILE B 389 -31.82 -10.13 9.16
N ASN B 390 -30.73 -10.26 8.43
CA ASN B 390 -29.42 -9.92 8.98
C ASN B 390 -28.98 -8.52 8.58
N ASP B 391 -27.83 -8.10 9.10
CA ASP B 391 -27.19 -6.83 8.78
C ASP B 391 -28.08 -5.60 8.93
N ARG B 392 -28.88 -5.61 9.97
CA ARG B 392 -29.77 -4.53 10.33
C ARG B 392 -30.06 -4.65 11.82
N HIS B 393 -30.58 -3.60 12.43
CA HIS B 393 -30.94 -3.66 13.84
C HIS B 393 -32.45 -3.50 14.02
N LEU B 394 -33.03 -4.13 15.05
CA LEU B 394 -34.47 -4.24 15.23
C LEU B 394 -35.41 -3.13 14.98
N PRO B 395 -35.19 -1.97 15.60
CA PRO B 395 -36.06 -0.81 15.43
C PRO B 395 -36.28 -0.50 13.95
N ASP B 396 -35.29 -0.84 13.12
CA ASP B 396 -35.40 -0.60 11.72
C ASP B 396 -35.90 -1.84 11.02
N LYS B 397 -35.33 -2.98 11.39
CA LYS B 397 -35.67 -4.26 10.77
C LYS B 397 -37.15 -4.63 10.77
N ALA B 398 -37.84 -4.38 11.87
CA ALA B 398 -39.23 -4.71 11.98
C ALA B 398 -40.07 -3.71 11.25
N ILE B 399 -39.65 -2.47 11.31
CA ILE B 399 -40.32 -1.34 10.71
C ILE B 399 -40.29 -1.47 9.23
N ASP B 400 -39.14 -1.87 8.71
CA ASP B 400 -38.99 -2.02 7.28
C ASP B 400 -39.99 -3.05 6.77
N VAL B 401 -40.20 -4.13 7.53
CA VAL B 401 -41.18 -5.13 7.14
C VAL B 401 -42.59 -4.56 7.17
N ILE B 402 -42.92 -3.80 8.22
CA ILE B 402 -44.24 -3.19 8.34
C ILE B 402 -44.49 -2.23 7.20
N ASP B 403 -43.50 -1.43 6.86
CA ASP B 403 -43.65 -0.45 5.81
C ASP B 403 -43.81 -1.14 4.49
N GLU B 404 -42.99 -2.14 4.19
CA GLU B 404 -43.18 -2.77 2.91
C GLU B 404 -44.50 -3.52 2.85
N ALA B 405 -44.87 -4.23 3.90
CA ALA B 405 -46.11 -4.96 3.84
C ALA B 405 -47.27 -3.99 3.65
N GLY B 406 -47.19 -2.82 4.27
CA GLY B 406 -48.21 -1.81 4.10
C GLY B 406 -48.23 -1.41 2.65
N ALA B 407 -47.04 -1.18 2.10
CA ALA B 407 -46.83 -0.77 0.73
C ALA B 407 -47.32 -1.83 -0.22
N ARG B 408 -47.26 -3.11 0.16
CA ARG B 408 -47.77 -4.13 -0.71
C ARG B 408 -49.26 -4.05 -0.75
N ALA B 409 -49.86 -3.91 0.42
CA ALA B 409 -51.30 -3.81 0.51
C ALA B 409 -51.77 -2.54 -0.17
N ARG B 410 -50.97 -1.48 -0.15
CA ARG B 410 -51.31 -0.22 -0.81
C ARG B 410 -51.54 -0.37 -2.31
N LEU B 411 -50.96 -1.41 -2.91
CA LEU B 411 -51.09 -1.62 -4.34
C LEU B 411 -52.14 -2.65 -4.63
N MET B 412 -52.85 -3.09 -3.62
CA MET B 412 -53.94 -4.02 -3.83
C MET B 412 -55.23 -3.25 -4.21
N PRO B 413 -55.70 -2.20 -3.50
CA PRO B 413 -56.90 -1.47 -3.80
C PRO B 413 -56.69 -0.47 -4.93
N VAL B 414 -56.20 -0.98 -6.05
CA VAL B 414 -55.96 -0.26 -7.28
C VAL B 414 -56.87 -1.00 -8.24
N SER B 415 -57.13 -2.25 -7.83
CA SER B 415 -58.01 -3.22 -8.49
C SER B 415 -59.13 -3.51 -7.52
N LYS B 416 -59.16 -2.64 -6.51
CA LYS B 416 -60.02 -2.61 -5.34
C LYS B 416 -59.93 -3.87 -4.50
N ARG B 417 -58.74 -4.44 -4.41
CA ARG B 417 -58.50 -5.60 -3.60
C ARG B 417 -58.16 -5.05 -2.23
N LYS B 418 -59.13 -4.45 -1.60
CA LYS B 418 -58.88 -3.80 -0.33
C LYS B 418 -58.72 -4.85 0.74
N LYS B 419 -57.67 -4.70 1.54
CA LYS B 419 -57.42 -5.64 2.61
C LYS B 419 -56.54 -5.03 3.66
N THR B 420 -56.53 -5.68 4.82
CA THR B 420 -55.65 -5.35 5.92
C THR B 420 -54.36 -6.15 5.74
N VAL B 421 -53.35 -5.87 6.55
CA VAL B 421 -52.10 -6.60 6.48
C VAL B 421 -52.08 -7.63 7.61
N ASN B 422 -52.15 -8.89 7.23
CA ASN B 422 -52.20 -9.92 8.25
C ASN B 422 -50.82 -10.54 8.41
N VAL B 423 -50.73 -11.49 9.31
CA VAL B 423 -49.49 -12.16 9.55
C VAL B 423 -48.97 -12.84 8.30
N ALA B 424 -49.86 -13.30 7.44
CA ALA B 424 -49.47 -13.92 6.19
C ALA B 424 -48.76 -12.95 5.26
N ASP B 425 -49.08 -11.66 5.32
CA ASP B 425 -48.50 -10.70 4.41
C ASP B 425 -47.15 -10.30 4.94
N ILE B 426 -47.05 -10.26 6.25
CA ILE B 426 -45.80 -9.94 6.89
C ILE B 426 -44.83 -11.04 6.62
N GLU B 427 -45.32 -12.27 6.73
CA GLU B 427 -44.50 -13.45 6.49
C GLU B 427 -44.01 -13.45 5.05
N SER B 428 -44.87 -13.04 4.12
CA SER B 428 -44.46 -12.99 2.73
C SER B 428 -43.35 -11.99 2.52
N VAL B 429 -43.47 -10.82 3.12
CA VAL B 429 -42.44 -9.80 3.00
C VAL B 429 -41.12 -10.23 3.61
N VAL B 430 -41.14 -10.84 4.78
CA VAL B 430 -39.89 -11.28 5.35
C VAL B 430 -39.32 -12.36 4.46
N ALA B 431 -40.17 -13.26 4.01
CA ALA B 431 -39.75 -14.35 3.18
C ALA B 431 -39.09 -13.86 1.91
N ARG B 432 -39.50 -12.72 1.40
CA ARG B 432 -38.87 -12.18 0.20
C ARG B 432 -37.36 -12.03 0.42
N ILE B 433 -36.96 -11.70 1.63
CA ILE B 433 -35.59 -11.46 2.01
C ILE B 433 -34.94 -12.76 2.49
N ALA B 434 -35.67 -13.51 3.32
CA ALA B 434 -35.24 -14.79 3.91
C ALA B 434 -35.05 -15.92 2.88
N ARG B 435 -35.83 -15.86 1.82
CA ARG B 435 -35.92 -16.75 0.68
C ARG B 435 -36.63 -18.09 0.88
N ILE B 436 -37.11 -18.39 2.08
CA ILE B 436 -37.91 -19.59 2.26
C ILE B 436 -39.15 -19.28 3.07
N PRO B 437 -40.31 -19.01 2.49
CA PRO B 437 -41.51 -18.71 3.21
C PRO B 437 -41.94 -19.86 4.08
N GLU B 438 -42.51 -19.54 5.22
CA GLU B 438 -43.09 -20.52 6.13
C GLU B 438 -44.56 -20.78 5.85
N LYS B 439 -45.22 -19.90 5.11
CA LYS B 439 -46.64 -20.11 4.92
C LYS B 439 -46.95 -20.72 3.55
N SER B 440 -46.17 -20.40 2.52
CA SER B 440 -46.44 -20.88 1.15
C SER B 440 -46.17 -22.36 1.05
N VAL B 441 -45.52 -22.89 2.07
CA VAL B 441 -45.21 -24.31 2.16
C VAL B 441 -46.49 -25.09 2.17
N SER B 442 -47.58 -24.45 2.58
CA SER B 442 -48.89 -25.05 2.68
C SER B 442 -49.64 -25.18 1.37
N GLN B 443 -49.12 -24.56 0.30
CA GLN B 443 -49.78 -24.50 -1.00
C GLN B 443 -49.28 -25.58 -1.95
N SER B 444 -49.09 -25.23 -3.23
CA SER B 444 -48.67 -26.17 -4.28
C SER B 444 -47.25 -26.65 -4.03
N ASP B 445 -46.58 -25.90 -3.19
CA ASP B 445 -45.25 -26.16 -2.76
C ASP B 445 -45.25 -27.50 -2.00
N ARG B 446 -46.38 -27.88 -1.37
CA ARG B 446 -46.43 -29.14 -0.66
C ARG B 446 -46.18 -30.29 -1.60
N ASP B 447 -46.67 -30.19 -2.83
CA ASP B 447 -46.55 -31.27 -3.79
C ASP B 447 -45.24 -31.16 -4.50
N THR B 448 -44.76 -29.94 -4.66
CA THR B 448 -43.48 -29.81 -5.31
C THR B 448 -42.48 -30.56 -4.44
N LEU B 449 -42.59 -30.34 -3.14
CA LEU B 449 -41.75 -31.00 -2.18
C LEU B 449 -42.06 -32.49 -2.06
N LYS B 450 -43.33 -32.87 -2.01
CA LYS B 450 -43.71 -34.27 -1.86
C LYS B 450 -43.12 -35.17 -2.92
N ASN B 451 -43.07 -34.68 -4.14
CA ASN B 451 -42.63 -35.47 -5.27
C ASN B 451 -41.14 -35.36 -5.53
N LEU B 452 -40.44 -34.68 -4.64
CA LEU B 452 -39.02 -34.49 -4.80
C LEU B 452 -38.29 -35.80 -4.81
N GLY B 453 -38.69 -36.71 -3.94
CA GLY B 453 -38.00 -37.97 -3.87
C GLY B 453 -38.08 -38.74 -5.18
N ASP B 454 -39.19 -38.61 -5.89
CA ASP B 454 -39.32 -39.40 -7.09
C ASP B 454 -38.66 -38.72 -8.26
N ARG B 455 -38.68 -37.40 -8.28
CA ARG B 455 -38.02 -36.73 -9.37
C ARG B 455 -36.55 -37.08 -9.30
N LEU B 456 -36.01 -37.24 -8.09
CA LEU B 456 -34.63 -37.62 -7.99
C LEU B 456 -34.42 -39.11 -8.27
N LYS B 457 -35.33 -40.00 -7.82
CA LYS B 457 -35.12 -41.42 -8.09
C LYS B 457 -35.10 -41.77 -9.56
N MET B 458 -35.83 -41.02 -10.37
CA MET B 458 -35.80 -41.30 -11.79
C MET B 458 -34.50 -40.84 -12.45
N LEU B 459 -33.73 -39.99 -11.77
CA LEU B 459 -32.49 -39.47 -12.31
C LEU B 459 -31.27 -40.16 -11.74
N VAL B 460 -31.36 -40.60 -10.49
CA VAL B 460 -30.28 -41.29 -9.80
C VAL B 460 -30.76 -42.66 -9.39
N PHE B 461 -30.08 -43.70 -9.82
CA PHE B 461 -30.57 -45.02 -9.56
C PHE B 461 -29.77 -45.72 -8.51
N GLY B 462 -30.45 -46.40 -7.62
CA GLY B 462 -29.75 -47.09 -6.55
C GLY B 462 -29.52 -45.97 -5.58
N GLN B 463 -28.86 -46.19 -4.46
CA GLN B 463 -28.68 -45.03 -3.61
C GLN B 463 -29.96 -44.31 -3.20
N ASP B 464 -31.05 -45.06 -3.00
CA ASP B 464 -32.29 -44.43 -2.60
C ASP B 464 -32.12 -43.78 -1.26
N LYS B 465 -31.25 -44.34 -0.45
CA LYS B 465 -30.99 -43.82 0.86
C LYS B 465 -30.43 -42.40 0.80
N ALA B 466 -29.70 -42.03 -0.27
CA ALA B 466 -29.15 -40.70 -0.33
C ALA B 466 -30.26 -39.76 -0.65
N ILE B 467 -31.15 -40.21 -1.49
CA ILE B 467 -32.26 -39.39 -1.87
C ILE B 467 -33.11 -39.16 -0.68
N GLU B 468 -33.37 -40.21 0.09
CA GLU B 468 -34.16 -40.05 1.28
C GLU B 468 -33.48 -39.12 2.26
N ALA B 469 -32.17 -39.22 2.43
CA ALA B 469 -31.57 -38.35 3.41
C ALA B 469 -31.75 -36.89 3.06
N LEU B 470 -31.59 -36.56 1.79
CA LEU B 470 -31.73 -35.18 1.38
C LEU B 470 -33.15 -34.74 1.41
N THR B 471 -34.04 -35.61 0.97
CA THR B 471 -35.42 -35.27 0.85
C THR B 471 -36.00 -35.04 2.24
N GLU B 472 -35.64 -35.88 3.19
CA GLU B 472 -36.18 -35.73 4.51
C GLU B 472 -35.63 -34.47 5.17
N ALA B 473 -34.35 -34.16 4.97
CA ALA B 473 -33.82 -32.97 5.60
C ALA B 473 -34.55 -31.74 5.14
N ILE B 474 -34.88 -31.71 3.87
CA ILE B 474 -35.57 -30.56 3.39
C ILE B 474 -36.95 -30.54 3.92
N LYS B 475 -37.64 -31.68 3.88
CA LYS B 475 -38.99 -31.65 4.39
C LYS B 475 -39.06 -31.17 5.82
N MET B 476 -38.19 -31.64 6.68
CA MET B 476 -38.26 -31.19 8.05
C MET B 476 -38.04 -29.69 8.14
N ALA B 477 -37.06 -29.21 7.42
CA ALA B 477 -36.82 -27.78 7.41
C ALA B 477 -38.00 -26.98 6.90
N ARG B 478 -38.75 -27.51 5.95
CA ARG B 478 -39.86 -26.74 5.43
C ARG B 478 -41.07 -26.89 6.33
N ALA B 479 -41.16 -28.04 6.97
CA ALA B 479 -42.23 -28.35 7.90
C ALA B 479 -42.18 -27.37 9.03
N GLY B 480 -40.96 -26.99 9.39
CA GLY B 480 -40.70 -26.08 10.47
C GLY B 480 -39.94 -26.79 11.55
N LEU B 481 -39.67 -28.06 11.35
CA LEU B 481 -38.94 -28.83 12.31
C LEU B 481 -37.48 -28.73 11.95
N GLY B 482 -36.97 -27.52 12.04
CA GLY B 482 -35.61 -27.24 11.65
C GLY B 482 -34.67 -27.31 12.82
N HIS B 483 -33.52 -26.68 12.68
CA HIS B 483 -32.50 -26.71 13.72
C HIS B 483 -32.25 -25.36 14.33
N GLU B 484 -33.14 -24.42 14.08
CA GLU B 484 -33.08 -23.05 14.59
C GLU B 484 -31.91 -22.21 14.07
N HIS B 485 -30.70 -22.67 14.34
CA HIS B 485 -29.51 -22.02 13.87
C HIS B 485 -28.63 -22.85 12.94
N LYS B 486 -28.83 -24.14 12.82
CA LYS B 486 -27.93 -24.93 11.97
C LYS B 486 -28.41 -24.91 10.50
N PRO B 487 -27.61 -25.37 9.51
CA PRO B 487 -27.94 -25.53 8.10
C PRO B 487 -29.08 -26.49 7.94
N VAL B 488 -29.69 -26.54 6.76
CA VAL B 488 -30.84 -27.41 6.51
C VAL B 488 -30.46 -28.82 6.83
N GLY B 489 -29.28 -29.18 6.43
CA GLY B 489 -28.74 -30.46 6.74
C GLY B 489 -27.32 -30.51 6.26
N SER B 490 -26.55 -31.46 6.77
CA SER B 490 -25.16 -31.62 6.39
C SER B 490 -24.87 -33.10 6.25
N PHE B 491 -24.69 -33.57 5.02
CA PHE B 491 -24.45 -34.99 4.79
C PHE B 491 -23.23 -35.31 3.93
N LEU B 492 -22.38 -36.19 4.47
CA LEU B 492 -21.20 -36.65 3.81
C LEU B 492 -21.60 -37.81 2.95
N PHE B 493 -21.35 -37.73 1.66
CA PHE B 493 -21.69 -38.81 0.76
C PHE B 493 -20.44 -39.50 0.37
N ALA B 494 -20.29 -40.71 0.84
CA ALA B 494 -19.07 -41.42 0.64
C ALA B 494 -19.29 -42.65 -0.17
N GLY B 495 -18.34 -43.00 -1.04
CA GLY B 495 -18.51 -44.20 -1.86
C GLY B 495 -17.62 -44.41 -3.06
N PRO B 496 -17.78 -45.58 -3.66
CA PRO B 496 -17.06 -46.03 -4.85
C PRO B 496 -17.27 -45.05 -5.92
N THR B 497 -16.42 -45.02 -6.93
CA THR B 497 -16.63 -44.02 -7.95
C THR B 497 -17.73 -44.32 -8.91
N GLY B 498 -18.22 -43.29 -9.57
CA GLY B 498 -19.23 -43.38 -10.60
C GLY B 498 -20.57 -43.80 -10.03
N VAL B 499 -20.87 -43.44 -8.80
CA VAL B 499 -22.10 -43.92 -8.20
C VAL B 499 -23.12 -42.84 -7.97
N GLY B 500 -22.90 -41.68 -8.56
CA GLY B 500 -23.84 -40.59 -8.44
C GLY B 500 -23.68 -39.69 -7.22
N LYS B 501 -22.51 -39.61 -6.58
CA LYS B 501 -22.39 -38.77 -5.40
C LYS B 501 -22.54 -37.31 -5.66
N THR B 502 -22.02 -36.81 -6.76
CA THR B 502 -22.17 -35.41 -6.98
C THR B 502 -23.35 -35.24 -7.87
N GLU B 503 -23.71 -36.29 -8.61
CA GLU B 503 -24.83 -36.09 -9.49
C GLU B 503 -26.10 -35.91 -8.72
N VAL B 504 -26.28 -36.63 -7.62
CA VAL B 504 -27.51 -36.46 -6.90
C VAL B 504 -27.64 -35.08 -6.31
N THR B 505 -26.55 -34.45 -5.91
CA THR B 505 -26.61 -33.14 -5.31
C THR B 505 -26.88 -32.11 -6.36
N VAL B 506 -26.32 -32.33 -7.53
CA VAL B 506 -26.58 -31.43 -8.62
C VAL B 506 -28.05 -31.52 -8.96
N GLN B 507 -28.56 -32.75 -9.01
CA GLN B 507 -29.95 -32.88 -9.34
C GLN B 507 -30.81 -32.32 -8.26
N LEU B 508 -30.40 -32.40 -7.00
CA LEU B 508 -31.19 -31.76 -5.98
C LEU B 508 -31.33 -30.28 -6.20
N SER B 509 -30.25 -29.59 -6.49
CA SER B 509 -30.41 -28.15 -6.63
C SER B 509 -31.32 -27.86 -7.80
N LYS B 510 -31.26 -28.71 -8.82
CA LYS B 510 -32.11 -28.47 -9.96
C LYS B 510 -33.56 -28.72 -9.62
N ALA B 511 -33.82 -29.81 -8.92
CA ALA B 511 -35.17 -30.21 -8.56
C ALA B 511 -35.84 -29.16 -7.70
N LEU B 512 -35.07 -28.52 -6.84
CA LEU B 512 -35.59 -27.53 -5.94
C LEU B 512 -35.68 -26.14 -6.53
N GLY B 513 -35.12 -25.93 -7.71
CA GLY B 513 -35.11 -24.60 -8.27
C GLY B 513 -34.17 -23.63 -7.55
N ILE B 514 -33.07 -24.11 -6.98
CA ILE B 514 -32.18 -23.21 -6.23
C ILE B 514 -30.76 -23.25 -6.70
N GLU B 515 -30.00 -22.25 -6.31
CA GLU B 515 -28.63 -22.11 -6.73
C GLU B 515 -27.71 -23.18 -6.21
N LEU B 516 -26.83 -23.69 -7.05
CA LEU B 516 -25.83 -24.63 -6.59
C LEU B 516 -24.54 -23.87 -6.40
N LEU B 517 -24.00 -23.89 -5.21
CA LEU B 517 -22.76 -23.23 -4.94
C LEU B 517 -21.76 -24.34 -4.94
N ARG B 518 -20.80 -24.27 -5.86
CA ARG B 518 -19.77 -25.30 -5.97
C ARG B 518 -18.41 -24.85 -5.47
N PHE B 519 -17.74 -25.72 -4.71
CA PHE B 519 -16.41 -25.44 -4.18
C PHE B 519 -15.57 -26.70 -4.33
N ASP B 520 -14.63 -26.66 -5.28
CA ASP B 520 -13.79 -27.81 -5.52
C ASP B 520 -12.78 -27.98 -4.44
N MET B 521 -12.93 -28.97 -3.62
CA MET B 521 -12.03 -29.03 -2.50
C MET B 521 -10.62 -29.32 -2.86
N SER B 522 -10.36 -29.80 -4.05
CA SER B 522 -8.98 -30.09 -4.40
C SER B 522 -8.20 -28.84 -4.60
N GLU B 523 -8.86 -27.70 -4.70
CA GLU B 523 -8.17 -26.45 -4.91
C GLU B 523 -7.75 -25.86 -3.59
N TYR B 524 -8.19 -26.47 -2.49
CA TYR B 524 -7.84 -26.02 -1.15
C TYR B 524 -7.06 -27.20 -0.62
N MET B 525 -5.87 -27.37 -1.19
CA MET B 525 -5.04 -28.50 -0.86
C MET B 525 -4.05 -28.23 0.22
N GLU B 526 -3.96 -26.98 0.65
CA GLU B 526 -3.02 -26.57 1.68
C GLU B 526 -3.64 -25.75 2.76
N ARG B 527 -3.00 -25.75 3.89
CA ARG B 527 -3.56 -25.07 5.04
C ARG B 527 -3.89 -23.61 4.81
N HIS B 528 -3.05 -22.91 4.12
CA HIS B 528 -3.23 -21.50 3.95
C HIS B 528 -4.24 -21.12 2.93
N THR B 529 -4.78 -22.10 2.23
CA THR B 529 -5.72 -21.85 1.18
C THR B 529 -7.03 -21.41 1.74
N VAL B 530 -7.17 -21.50 3.04
CA VAL B 530 -8.35 -21.06 3.71
C VAL B 530 -8.63 -19.62 3.43
N SER B 531 -7.61 -18.80 3.28
CA SER B 531 -7.92 -17.40 3.06
C SER B 531 -8.72 -17.21 1.77
N ARG B 532 -8.74 -18.18 0.86
CA ARG B 532 -9.56 -17.98 -0.31
C ARG B 532 -11.02 -18.03 0.05
N LEU B 533 -11.37 -18.75 1.10
CA LEU B 533 -12.75 -18.92 1.45
C LEU B 533 -13.28 -17.76 2.26
N ILE B 534 -12.45 -17.23 3.14
CA ILE B 534 -12.87 -16.14 4.03
C ILE B 534 -12.17 -14.78 3.89
N GLY B 535 -11.09 -14.69 3.13
CA GLY B 535 -10.39 -13.44 2.89
C GLY B 535 -9.10 -13.28 3.67
N ALA B 536 -8.21 -12.42 3.17
CA ALA B 536 -6.93 -12.17 3.81
C ALA B 536 -7.16 -11.30 5.05
N PRO B 537 -6.38 -11.40 6.10
CA PRO B 537 -6.47 -10.53 7.22
C PRO B 537 -6.18 -9.11 6.79
N PRO B 538 -6.69 -8.15 7.55
CA PRO B 538 -6.50 -6.73 7.28
C PRO B 538 -5.02 -6.39 7.21
N GLY B 539 -4.64 -5.68 6.16
CA GLY B 539 -3.27 -5.28 5.95
C GLY B 539 -2.56 -6.09 4.91
N TYR B 540 -3.11 -7.25 4.54
CA TYR B 540 -2.46 -8.11 3.55
C TYR B 540 -2.99 -7.94 2.13
N VAL B 541 -2.15 -8.30 1.16
CA VAL B 541 -2.52 -8.22 -0.24
C VAL B 541 -3.72 -9.07 -0.50
N GLY B 542 -4.69 -8.52 -1.18
CA GLY B 542 -5.88 -9.28 -1.42
C GLY B 542 -6.92 -9.08 -0.33
N PHE B 543 -6.64 -8.22 0.63
CA PHE B 543 -7.59 -7.95 1.70
C PHE B 543 -8.96 -7.61 1.21
N ASP B 544 -9.06 -6.76 0.23
CA ASP B 544 -10.34 -6.34 -0.23
C ASP B 544 -10.87 -7.17 -1.37
N GLN B 545 -10.29 -8.35 -1.60
CA GLN B 545 -10.74 -9.21 -2.64
C GLN B 545 -12.01 -9.93 -2.28
N GLY B 546 -12.27 -10.14 -1.00
CA GLY B 546 -13.46 -10.86 -0.63
C GLY B 546 -13.11 -12.13 0.06
N GLY B 547 -13.96 -13.13 -0.11
CA GLY B 547 -13.86 -14.44 0.51
C GLY B 547 -14.88 -15.26 -0.22
N LEU B 548 -14.43 -16.28 -0.92
CA LEU B 548 -15.30 -16.93 -1.87
C LEU B 548 -16.49 -17.58 -1.25
N LEU B 549 -16.33 -18.17 -0.10
CA LEU B 549 -17.40 -18.90 0.50
C LEU B 549 -18.34 -17.98 1.14
N THR B 550 -17.83 -16.99 1.82
CA THR B 550 -18.75 -16.12 2.47
C THR B 550 -19.53 -15.31 1.45
N ASP B 551 -18.93 -14.89 0.34
CA ASP B 551 -19.75 -14.19 -0.62
C ASP B 551 -20.75 -15.08 -1.30
N ALA B 552 -20.39 -16.32 -1.59
CA ALA B 552 -21.34 -17.18 -2.26
C ALA B 552 -22.58 -17.37 -1.41
N VAL B 553 -22.39 -17.54 -0.12
CA VAL B 553 -23.50 -17.76 0.77
C VAL B 553 -24.27 -16.49 1.00
N ILE B 554 -23.61 -15.38 1.14
CA ILE B 554 -24.31 -14.15 1.34
C ILE B 554 -25.18 -13.80 0.12
N LYS B 555 -24.65 -13.96 -1.09
CA LYS B 555 -25.48 -13.69 -2.26
C LYS B 555 -26.64 -14.63 -2.43
N HIS B 556 -26.47 -15.88 -2.03
CA HIS B 556 -27.51 -16.87 -2.22
C HIS B 556 -27.88 -17.58 -0.94
N PRO B 557 -28.61 -16.95 -0.02
CA PRO B 557 -28.97 -17.49 1.26
C PRO B 557 -29.60 -18.86 1.16
N HIS B 558 -30.37 -19.11 0.10
CA HIS B 558 -31.03 -20.38 -0.08
C HIS B 558 -30.32 -21.07 -1.21
N ALA B 559 -29.63 -22.13 -0.89
CA ALA B 559 -28.79 -22.78 -1.87
C ALA B 559 -28.38 -24.16 -1.47
N VAL B 560 -27.85 -24.90 -2.43
CA VAL B 560 -27.22 -26.17 -2.12
C VAL B 560 -25.76 -25.92 -2.21
N LEU B 561 -25.04 -26.23 -1.16
CA LEU B 561 -23.61 -26.03 -1.13
C LEU B 561 -22.94 -27.34 -1.26
N LEU B 562 -22.20 -27.50 -2.32
CA LEU B 562 -21.53 -28.73 -2.61
C LEU B 562 -20.06 -28.61 -2.53
N LEU B 563 -19.45 -29.40 -1.68
CA LEU B 563 -18.02 -29.34 -1.57
C LEU B 563 -17.52 -30.64 -2.16
N ASP B 564 -17.03 -30.57 -3.39
CA ASP B 564 -16.54 -31.75 -4.11
C ASP B 564 -15.24 -32.32 -3.54
N GLU B 565 -15.18 -33.65 -3.46
CA GLU B 565 -14.01 -34.35 -2.95
C GLU B 565 -13.44 -33.66 -1.72
N ILE B 566 -14.23 -33.64 -0.64
CA ILE B 566 -13.79 -33.00 0.57
C ILE B 566 -12.51 -33.53 1.14
N GLU B 567 -12.25 -34.82 0.94
CA GLU B 567 -11.02 -35.43 1.43
C GLU B 567 -9.76 -34.94 0.71
N LYS B 568 -9.92 -34.08 -0.30
CA LYS B 568 -8.79 -33.58 -1.02
C LYS B 568 -8.40 -32.19 -0.52
N ALA B 569 -9.21 -31.60 0.36
CA ALA B 569 -8.84 -30.32 0.92
C ALA B 569 -7.83 -30.62 2.00
N HIS B 570 -6.99 -29.70 2.32
CA HIS B 570 -6.10 -29.97 3.42
C HIS B 570 -7.00 -30.18 4.63
N PRO B 571 -6.76 -31.15 5.52
CA PRO B 571 -7.55 -31.39 6.70
C PRO B 571 -7.83 -30.20 7.55
N ASP B 572 -6.98 -29.22 7.58
CA ASP B 572 -7.28 -28.10 8.44
C ASP B 572 -8.38 -27.27 7.88
N VAL B 573 -8.69 -27.43 6.62
CA VAL B 573 -9.71 -26.61 6.01
C VAL B 573 -11.05 -27.03 6.56
N PHE B 574 -11.14 -28.23 7.11
CA PHE B 574 -12.37 -28.76 7.62
C PHE B 574 -12.78 -28.01 8.84
N ASN B 575 -11.84 -27.37 9.49
CA ASN B 575 -12.11 -26.70 10.71
C ASN B 575 -13.05 -25.54 10.48
N ILE B 576 -13.11 -25.03 9.27
CA ILE B 576 -14.01 -23.95 8.95
C ILE B 576 -15.43 -24.42 9.03
N LEU B 577 -15.65 -25.65 8.63
CA LEU B 577 -16.97 -26.17 8.60
C LEU B 577 -17.44 -26.48 9.98
N LEU B 578 -16.57 -26.65 10.94
CA LEU B 578 -17.11 -26.97 12.24
C LEU B 578 -18.06 -25.88 12.70
N GLN B 579 -17.73 -24.61 12.53
CA GLN B 579 -18.70 -23.62 12.97
C GLN B 579 -19.80 -23.46 11.97
N VAL B 580 -19.58 -23.82 10.73
CA VAL B 580 -20.70 -23.66 9.84
C VAL B 580 -21.76 -24.69 10.14
N MET B 581 -21.34 -25.92 10.26
CA MET B 581 -22.27 -26.98 10.46
C MET B 581 -23.02 -26.83 11.75
N ASP B 582 -22.32 -26.43 12.79
CA ASP B 582 -22.94 -26.32 14.09
C ASP B 582 -23.57 -24.99 14.43
N ASN B 583 -23.05 -23.88 13.94
CA ASN B 583 -23.65 -22.63 14.33
C ASN B 583 -24.43 -21.98 13.21
N GLY B 584 -24.25 -22.44 11.98
CA GLY B 584 -24.92 -21.80 10.88
C GLY B 584 -24.21 -20.58 10.39
N THR B 585 -23.03 -20.26 10.93
CA THR B 585 -22.37 -19.07 10.46
C THR B 585 -20.91 -19.22 10.20
N LEU B 586 -20.41 -18.34 9.32
CA LEU B 586 -18.99 -18.13 9.06
C LEU B 586 -18.71 -16.64 8.95
N THR B 587 -17.66 -16.16 9.61
CA THR B 587 -17.42 -14.70 9.54
C THR B 587 -16.30 -14.37 8.56
N ASP B 588 -16.51 -13.39 7.69
CA ASP B 588 -15.43 -13.09 6.74
C ASP B 588 -14.41 -12.13 7.33
N ASN B 589 -13.42 -11.74 6.53
CA ASN B 589 -12.38 -10.87 7.04
C ASN B 589 -12.82 -9.43 7.24
N ASN B 590 -14.07 -9.12 7.01
CA ASN B 590 -14.59 -7.83 7.32
C ASN B 590 -15.57 -7.86 8.45
N GLY B 591 -15.72 -9.01 9.07
CA GLY B 591 -16.66 -9.12 10.16
C GLY B 591 -18.10 -9.36 9.70
N ARG B 592 -18.31 -9.71 8.43
CA ARG B 592 -19.67 -9.91 7.93
C ARG B 592 -20.00 -11.38 8.13
N LYS B 593 -21.25 -11.71 8.44
CA LYS B 593 -21.53 -13.11 8.64
C LYS B 593 -22.33 -13.75 7.55
N ALA B 594 -21.86 -14.90 7.12
CA ALA B 594 -22.52 -15.72 6.16
C ALA B 594 -23.44 -16.63 6.91
N ASP B 595 -24.72 -16.54 6.61
CA ASP B 595 -25.79 -17.28 7.25
C ASP B 595 -26.16 -18.50 6.44
N PHE B 596 -25.88 -19.67 6.95
CA PHE B 596 -26.03 -20.92 6.24
C PHE B 596 -27.30 -21.64 6.60
N ARG B 597 -28.17 -20.99 7.37
CA ARG B 597 -29.43 -21.60 7.80
C ARG B 597 -30.34 -22.13 6.68
N ASN B 598 -30.20 -21.59 5.47
CA ASN B 598 -31.01 -21.99 4.36
C ASN B 598 -30.18 -22.74 3.32
N VAL B 599 -29.01 -23.17 3.73
CA VAL B 599 -28.13 -23.89 2.86
C VAL B 599 -28.12 -25.38 3.16
N VAL B 600 -28.17 -26.18 2.10
CA VAL B 600 -28.06 -27.63 2.27
C VAL B 600 -26.61 -27.96 2.03
N LEU B 601 -25.91 -28.53 2.98
CA LEU B 601 -24.50 -28.81 2.77
C LEU B 601 -24.22 -30.24 2.46
N VAL B 602 -23.62 -30.49 1.31
CA VAL B 602 -23.25 -31.85 1.00
C VAL B 602 -21.80 -31.89 0.65
N MET B 603 -21.10 -32.79 1.26
CA MET B 603 -19.71 -32.98 1.01
C MET B 603 -19.57 -34.32 0.41
N THR B 604 -18.73 -34.50 -0.58
CA THR B 604 -18.62 -35.84 -1.13
C THR B 604 -17.24 -36.40 -0.95
N THR B 605 -17.12 -37.72 -0.92
CA THR B 605 -15.82 -38.36 -0.73
C THR B 605 -15.70 -39.79 -1.21
N ASN B 606 -14.50 -40.25 -1.49
CA ASN B 606 -14.34 -41.68 -1.67
C ASN B 606 -13.27 -42.18 -0.75
N ALA B 607 -13.11 -41.52 0.38
CA ALA B 607 -12.02 -41.84 1.27
C ALA B 607 -11.99 -43.29 1.73
N GLY B 608 -13.13 -43.90 1.97
CA GLY B 608 -13.10 -45.25 2.51
C GLY B 608 -13.10 -46.35 1.46
N VAL B 609 -13.04 -45.97 0.20
CA VAL B 609 -13.16 -46.94 -0.85
C VAL B 609 -11.97 -47.83 -1.05
N ARG B 610 -10.76 -47.29 -1.04
CA ARG B 610 -9.61 -48.11 -1.33
C ARG B 610 -9.46 -49.22 -0.33
N GLU B 611 -9.82 -48.97 0.90
CA GLU B 611 -9.66 -49.93 1.95
C GLU B 611 -10.50 -51.18 1.78
N THR B 612 -11.62 -51.13 1.07
CA THR B 612 -12.44 -52.31 0.96
C THR B 612 -12.18 -53.04 -0.34
N GLU B 613 -11.23 -52.53 -1.13
CA GLU B 613 -10.85 -53.17 -2.38
C GLU B 613 -9.67 -54.07 -2.13
N ARG B 614 -9.15 -53.99 -0.92
CA ARG B 614 -7.98 -54.67 -0.47
C ARG B 614 -8.19 -56.17 -0.38
N LYS B 615 -7.26 -56.94 -0.92
CA LYS B 615 -7.31 -58.39 -0.82
C LYS B 615 -6.58 -58.82 0.43
N SER B 616 -7.09 -59.80 1.15
CA SER B 616 -6.41 -60.29 2.34
C SER B 616 -5.43 -61.39 2.02
N ILE B 617 -4.52 -61.65 2.93
CA ILE B 617 -3.53 -62.69 2.69
C ILE B 617 -3.67 -63.76 3.74
N GLY B 618 -3.83 -64.98 3.36
CA GLY B 618 -3.91 -66.03 4.36
C GLY B 618 -4.70 -67.18 3.85
N LEU B 619 -4.77 -68.24 4.63
CA LEU B 619 -5.51 -69.41 4.26
C LEU B 619 -7.00 -69.19 4.46
N ILE B 620 -7.36 -68.39 5.44
CA ILE B 620 -8.75 -68.12 5.73
C ILE B 620 -9.02 -66.68 5.46
N HIS B 621 -10.01 -66.38 4.64
CA HIS B 621 -10.27 -64.97 4.37
C HIS B 621 -11.13 -64.34 5.41
N GLN B 622 -10.89 -63.07 5.62
CA GLN B 622 -11.72 -62.27 6.48
C GLN B 622 -12.43 -61.31 5.61
N ASP B 623 -13.58 -60.86 6.04
CA ASP B 623 -14.27 -59.85 5.30
C ASP B 623 -13.77 -58.48 5.62
N ASN B 624 -13.77 -57.63 4.64
CA ASN B 624 -13.51 -56.24 4.87
C ASN B 624 -14.87 -55.66 4.69
N SER B 625 -15.04 -54.36 4.92
CA SER B 625 -16.33 -53.65 4.76
C SER B 625 -16.46 -52.58 5.77
N THR B 626 -16.16 -52.95 7.01
CA THR B 626 -16.21 -52.04 8.14
C THR B 626 -15.09 -51.05 8.07
N ASP B 627 -14.19 -51.29 7.15
CA ASP B 627 -13.02 -50.51 6.91
C ASP B 627 -13.45 -49.26 6.20
N ALA B 628 -14.55 -49.28 5.46
CA ALA B 628 -14.94 -48.05 4.84
C ALA B 628 -15.21 -47.01 5.89
N MET B 629 -15.81 -47.44 6.99
CA MET B 629 -16.13 -46.50 8.02
C MET B 629 -14.95 -46.22 8.87
N GLU B 630 -14.06 -47.19 9.03
CA GLU B 630 -12.92 -46.89 9.87
C GLU B 630 -12.10 -45.85 9.19
N GLU B 631 -11.99 -45.91 7.87
CA GLU B 631 -11.19 -44.91 7.24
C GLU B 631 -11.87 -43.56 7.33
N ILE B 632 -13.17 -43.49 7.17
CA ILE B 632 -13.78 -42.18 7.29
C ILE B 632 -13.54 -41.62 8.67
N LYS B 633 -13.64 -42.46 9.68
CA LYS B 633 -13.40 -42.01 11.02
C LYS B 633 -12.00 -41.47 11.24
N LYS B 634 -11.01 -41.89 10.43
CA LYS B 634 -9.66 -41.39 10.55
C LYS B 634 -9.42 -40.13 9.72
N ILE B 635 -10.38 -39.71 8.93
CA ILE B 635 -10.22 -38.53 8.10
C ILE B 635 -10.88 -37.37 8.79
N PHE B 636 -12.06 -37.60 9.28
CA PHE B 636 -12.80 -36.54 9.91
C PHE B 636 -12.74 -36.77 11.38
N THR B 637 -12.49 -35.73 12.16
CA THR B 637 -12.38 -35.91 13.59
C THR B 637 -13.74 -36.11 14.22
N PRO B 638 -13.84 -36.65 15.43
CA PRO B 638 -15.08 -36.82 16.16
C PRO B 638 -15.93 -35.59 16.24
N GLU B 639 -15.33 -34.42 16.39
CA GLU B 639 -16.09 -33.21 16.48
C GLU B 639 -16.62 -32.77 15.14
N PHE B 640 -16.07 -33.33 14.08
CA PHE B 640 -16.51 -32.96 12.76
C PHE B 640 -17.66 -33.85 12.47
N ARG B 641 -17.42 -35.15 12.64
CA ARG B 641 -18.40 -36.18 12.35
C ARG B 641 -19.72 -36.02 13.09
N ASN B 642 -19.64 -35.60 14.35
CA ASN B 642 -20.81 -35.41 15.18
C ASN B 642 -21.60 -34.15 14.86
N ARG B 643 -21.18 -33.43 13.83
CA ARG B 643 -21.85 -32.20 13.41
C ARG B 643 -22.58 -32.46 12.10
N LEU B 644 -22.53 -33.71 11.66
CA LEU B 644 -23.17 -34.15 10.42
C LEU B 644 -24.51 -34.73 10.72
N ASP B 645 -25.43 -34.63 9.77
CA ASP B 645 -26.69 -35.30 9.96
C ASP B 645 -26.48 -36.72 9.59
N ASN B 646 -25.72 -36.96 8.54
CA ASN B 646 -25.38 -38.35 8.32
C ASN B 646 -24.17 -38.56 7.45
N ILE B 647 -23.83 -39.81 7.30
CA ILE B 647 -22.83 -40.30 6.39
C ILE B 647 -23.54 -41.31 5.56
N ILE B 648 -23.62 -41.08 4.28
CA ILE B 648 -24.34 -41.99 3.45
C ILE B 648 -23.37 -42.77 2.64
N TRP B 649 -23.29 -44.08 2.86
CA TRP B 649 -22.35 -44.83 2.06
C TRP B 649 -23.07 -45.29 0.80
N PHE B 650 -22.53 -44.91 -0.35
CA PHE B 650 -23.09 -45.23 -1.65
C PHE B 650 -22.57 -46.56 -2.08
N ASP B 651 -23.38 -47.37 -2.73
CA ASP B 651 -22.90 -48.67 -3.14
C ASP B 651 -22.34 -48.69 -4.52
N HIS B 652 -21.85 -49.84 -4.94
CA HIS B 652 -21.41 -50.01 -6.30
C HIS B 652 -22.66 -50.22 -7.06
N LEU B 653 -22.65 -49.94 -8.34
CA LEU B 653 -23.88 -50.15 -9.05
C LEU B 653 -23.97 -51.55 -9.58
N SER B 654 -25.19 -52.04 -9.56
CA SER B 654 -25.61 -53.33 -10.06
C SER B 654 -25.91 -53.27 -11.55
N THR B 655 -26.12 -54.43 -12.13
CA THR B 655 -26.44 -54.49 -13.54
C THR B 655 -27.82 -53.96 -13.82
N ASP B 656 -28.71 -54.02 -12.84
CA ASP B 656 -30.06 -53.53 -13.03
C ASP B 656 -29.99 -52.03 -13.20
N VAL B 657 -29.15 -51.44 -12.36
CA VAL B 657 -28.89 -50.04 -12.49
C VAL B 657 -28.29 -49.70 -13.79
N ILE B 658 -27.35 -50.49 -14.28
CA ILE B 658 -26.80 -50.11 -15.55
C ILE B 658 -27.86 -50.07 -16.60
N HIS B 659 -28.78 -51.00 -16.60
CA HIS B 659 -29.79 -50.89 -17.64
C HIS B 659 -30.50 -49.55 -17.52
N GLN B 660 -30.79 -49.11 -16.30
CA GLN B 660 -31.42 -47.82 -16.12
C GLN B 660 -30.50 -46.68 -16.58
N VAL B 661 -29.20 -46.82 -16.35
CA VAL B 661 -28.22 -45.82 -16.75
C VAL B 661 -28.15 -45.69 -18.23
N VAL B 662 -28.14 -46.80 -18.94
CA VAL B 662 -28.09 -46.74 -20.37
C VAL B 662 -29.33 -46.07 -20.87
N ASP B 663 -30.49 -46.42 -20.33
CA ASP B 663 -31.67 -45.75 -20.82
C ASP B 663 -31.57 -44.25 -20.64
N LYS B 664 -31.04 -43.75 -19.51
CA LYS B 664 -30.98 -42.30 -19.45
C LYS B 664 -29.90 -41.73 -20.34
N PHE B 665 -28.81 -42.45 -20.60
CA PHE B 665 -27.79 -41.88 -21.48
C PHE B 665 -28.28 -41.82 -22.90
N ILE B 666 -29.07 -42.80 -23.30
CA ILE B 666 -29.61 -42.76 -24.63
C ILE B 666 -30.54 -41.58 -24.72
N VAL B 667 -31.34 -41.34 -23.69
CA VAL B 667 -32.21 -40.19 -23.75
C VAL B 667 -31.41 -38.91 -23.90
N GLU B 668 -30.30 -38.78 -23.18
CA GLU B 668 -29.50 -37.56 -23.34
C GLU B 668 -29.04 -37.43 -24.80
N LEU B 669 -28.67 -38.56 -25.41
CA LEU B 669 -28.29 -38.54 -26.80
C LEU B 669 -29.43 -38.16 -27.68
N GLN B 670 -30.62 -38.68 -27.39
CA GLN B 670 -31.73 -38.34 -28.22
C GLN B 670 -31.94 -36.85 -28.18
N VAL B 671 -31.78 -36.22 -27.03
CA VAL B 671 -31.95 -34.78 -26.97
C VAL B 671 -30.90 -34.08 -27.84
N GLN B 672 -29.66 -34.56 -27.78
CA GLN B 672 -28.60 -33.97 -28.58
C GLN B 672 -28.85 -34.15 -30.07
N LEU B 673 -29.56 -35.17 -30.46
CA LEU B 673 -29.86 -35.32 -31.87
C LEU B 673 -31.12 -34.53 -32.24
N ASP B 674 -32.07 -34.43 -31.32
CA ASP B 674 -33.32 -33.75 -31.60
C ASP B 674 -33.05 -32.29 -31.92
N GLN B 675 -32.05 -31.71 -31.28
CA GLN B 675 -31.72 -30.30 -31.51
C GLN B 675 -31.22 -30.09 -32.94
N LYS B 676 -30.82 -31.16 -33.62
CA LYS B 676 -30.33 -31.09 -34.99
C LYS B 676 -31.40 -31.52 -35.97
N GLY B 677 -32.60 -31.79 -35.45
CA GLY B 677 -33.70 -32.23 -36.26
C GLY B 677 -33.63 -33.70 -36.60
N VAL B 678 -32.87 -34.48 -35.83
CA VAL B 678 -32.76 -35.88 -36.14
C VAL B 678 -33.20 -36.73 -35.00
N SER B 679 -34.17 -37.59 -35.23
CA SER B 679 -34.58 -38.45 -34.14
C SER B 679 -33.77 -39.72 -34.16
N LEU B 680 -33.70 -40.42 -33.03
CA LEU B 680 -32.99 -41.70 -32.97
C LEU B 680 -33.76 -42.80 -32.31
N GLU B 681 -33.87 -43.91 -33.02
CA GLU B 681 -34.45 -45.09 -32.44
C GLU B 681 -33.43 -46.18 -32.18
N VAL B 682 -33.36 -46.59 -30.94
CA VAL B 682 -32.45 -47.64 -30.56
C VAL B 682 -33.32 -48.80 -30.15
N SER B 683 -33.01 -49.99 -30.68
CA SER B 683 -33.79 -51.16 -30.34
C SER B 683 -33.46 -51.64 -28.95
N GLN B 684 -34.31 -52.49 -28.40
CA GLN B 684 -34.04 -53.00 -27.07
C GLN B 684 -32.83 -53.90 -27.06
N GLU B 685 -32.62 -54.63 -28.12
CA GLU B 685 -31.49 -55.53 -28.18
C GLU B 685 -30.22 -54.74 -28.18
N ALA B 686 -30.21 -53.62 -28.89
CA ALA B 686 -29.02 -52.80 -28.92
C ALA B 686 -28.73 -52.30 -27.53
N ARG B 687 -29.77 -51.97 -26.77
CA ARG B 687 -29.55 -51.50 -25.42
C ARG B 687 -29.06 -52.57 -24.50
N ASN B 688 -29.59 -53.77 -24.63
CA ASN B 688 -29.18 -54.79 -23.69
C ASN B 688 -27.73 -55.16 -23.95
N TRP B 689 -27.36 -55.17 -25.22
CA TRP B 689 -26.02 -55.46 -25.61
C TRP B 689 -25.07 -54.43 -25.12
N LEU B 690 -25.45 -53.18 -25.32
CA LEU B 690 -24.62 -52.07 -25.00
C LEU B 690 -24.46 -51.98 -23.49
N ALA B 691 -25.53 -52.21 -22.75
CA ALA B 691 -25.46 -52.19 -21.31
C ALA B 691 -24.55 -53.27 -20.77
N GLU B 692 -24.61 -54.45 -21.37
CA GLU B 692 -23.77 -55.52 -20.89
C GLU B 692 -22.33 -55.22 -21.22
N LYS B 693 -22.09 -54.68 -22.41
CA LYS B 693 -20.76 -54.39 -22.84
C LYS B 693 -20.04 -53.38 -21.97
N GLY B 694 -20.72 -52.30 -21.61
CA GLY B 694 -20.09 -51.27 -20.82
C GLY B 694 -19.99 -51.50 -19.32
N TYR B 695 -20.77 -52.39 -18.75
CA TYR B 695 -20.69 -52.52 -17.31
C TYR B 695 -19.38 -52.98 -16.74
N ASP B 696 -18.98 -52.26 -15.70
CA ASP B 696 -17.84 -52.56 -14.88
C ASP B 696 -18.16 -52.10 -13.50
N ARG B 697 -18.32 -53.03 -12.59
CA ARG B 697 -18.71 -52.70 -11.25
C ARG B 697 -17.75 -51.70 -10.65
N ALA B 698 -16.47 -51.87 -10.95
CA ALA B 698 -15.45 -51.03 -10.37
C ALA B 698 -15.59 -49.56 -10.67
N MET B 699 -16.14 -49.18 -11.82
CA MET B 699 -16.15 -47.78 -12.14
C MET B 699 -17.55 -47.20 -12.12
N GLY B 700 -18.47 -47.94 -11.56
CA GLY B 700 -19.82 -47.42 -11.49
C GLY B 700 -20.39 -47.19 -12.86
N ALA B 701 -21.20 -46.16 -12.98
CA ALA B 701 -21.91 -45.80 -14.19
C ALA B 701 -21.14 -44.93 -15.10
N ARG B 702 -20.01 -44.41 -14.66
CA ARG B 702 -19.22 -43.48 -15.49
C ARG B 702 -18.86 -43.94 -16.91
N PRO B 703 -18.48 -45.20 -17.03
CA PRO B 703 -18.06 -45.82 -18.27
C PRO B 703 -19.14 -46.07 -19.26
N MET B 704 -20.39 -46.02 -18.82
CA MET B 704 -21.43 -46.30 -19.75
C MET B 704 -21.47 -45.17 -20.74
N ALA B 705 -20.96 -44.02 -20.37
CA ALA B 705 -20.96 -42.91 -21.26
C ALA B 705 -20.00 -43.18 -22.40
N ARG B 706 -19.01 -44.02 -22.13
CA ARG B 706 -17.98 -44.36 -23.09
C ARG B 706 -18.54 -45.26 -24.16
N VAL B 707 -19.39 -46.20 -23.78
CA VAL B 707 -19.94 -47.07 -24.79
C VAL B 707 -20.92 -46.28 -25.61
N ILE B 708 -21.62 -45.32 -25.01
CA ILE B 708 -22.49 -44.53 -25.82
C ILE B 708 -21.64 -43.73 -26.80
N GLN B 709 -20.52 -43.15 -26.37
CA GLN B 709 -19.75 -42.40 -27.35
C GLN B 709 -19.28 -43.26 -28.52
N ASP B 710 -18.84 -44.48 -28.25
CA ASP B 710 -18.31 -45.27 -29.34
C ASP B 710 -19.31 -46.03 -30.16
N ASN B 711 -20.39 -46.47 -29.56
CA ASN B 711 -21.34 -47.25 -30.30
C ASN B 711 -22.43 -46.42 -30.90
N LEU B 712 -22.78 -45.29 -30.31
CA LEU B 712 -23.84 -44.54 -30.93
C LEU B 712 -23.35 -43.22 -31.46
N LYS B 713 -22.63 -42.48 -30.65
CA LYS B 713 -22.31 -41.13 -31.08
C LYS B 713 -21.31 -40.98 -32.19
N LYS B 714 -20.22 -41.72 -32.18
CA LYS B 714 -19.29 -41.52 -33.27
C LYS B 714 -19.91 -41.85 -34.64
N PRO B 715 -20.57 -43.01 -34.85
CA PRO B 715 -21.25 -43.29 -36.08
C PRO B 715 -22.15 -42.13 -36.50
N LEU B 716 -22.91 -41.60 -35.53
CA LEU B 716 -23.80 -40.51 -35.83
C LEU B 716 -23.05 -39.28 -36.19
N ALA B 717 -21.93 -39.02 -35.56
CA ALA B 717 -21.23 -37.81 -35.85
C ALA B 717 -20.87 -37.73 -37.30
N ASN B 718 -20.49 -38.84 -37.89
CA ASN B 718 -20.10 -38.74 -39.28
C ASN B 718 -21.29 -38.57 -40.18
N GLU B 719 -22.37 -39.28 -39.88
CA GLU B 719 -23.59 -39.16 -40.69
C GLU B 719 -24.20 -37.77 -40.62
N LEU B 720 -24.09 -37.12 -39.45
CA LEU B 720 -24.63 -35.79 -39.24
C LEU B 720 -23.70 -34.70 -39.74
N LEU B 721 -22.44 -34.85 -39.44
CA LEU B 721 -21.49 -33.83 -39.75
C LEU B 721 -21.31 -33.61 -41.22
N PHE B 722 -21.33 -34.68 -41.99
CA PHE B 722 -21.11 -34.49 -43.41
C PHE B 722 -22.39 -34.52 -44.22
N GLY B 723 -23.53 -34.41 -43.53
CA GLY B 723 -24.83 -34.29 -44.16
C GLY B 723 -25.53 -35.52 -44.74
N SER B 724 -25.17 -36.75 -44.36
CA SER B 724 -25.91 -37.85 -44.97
C SER B 724 -27.20 -37.99 -44.19
N LEU B 725 -27.14 -37.59 -42.94
CA LEU B 725 -28.24 -37.58 -42.02
C LEU B 725 -28.44 -36.14 -41.62
N VAL B 726 -29.56 -35.56 -41.98
CA VAL B 726 -29.80 -34.16 -41.74
C VAL B 726 -31.14 -33.92 -41.10
N ASP B 727 -31.35 -32.67 -40.70
CA ASP B 727 -32.58 -32.20 -40.11
C ASP B 727 -33.76 -32.64 -40.96
N GLY B 728 -34.68 -33.37 -40.32
CA GLY B 728 -35.85 -33.94 -40.95
C GLY B 728 -35.70 -35.46 -41.08
N GLY B 729 -34.47 -35.92 -40.84
CA GLY B 729 -34.12 -37.33 -40.90
C GLY B 729 -34.34 -38.09 -39.60
N GLN B 730 -34.18 -39.40 -39.72
CA GLN B 730 -34.33 -40.34 -38.64
C GLN B 730 -33.20 -41.30 -38.74
N VAL B 731 -32.70 -41.74 -37.64
CA VAL B 731 -31.67 -42.75 -37.65
C VAL B 731 -32.05 -43.86 -36.72
N THR B 732 -31.71 -45.06 -37.11
CA THR B 732 -32.03 -46.23 -36.34
C THR B 732 -30.83 -47.10 -36.08
N VAL B 733 -30.79 -47.64 -34.88
CA VAL B 733 -29.74 -48.56 -34.45
C VAL B 733 -30.32 -49.84 -33.89
N ALA B 734 -29.76 -50.96 -34.30
CA ALA B 734 -30.27 -52.23 -33.81
C ALA B 734 -29.18 -53.26 -33.69
N LEU B 735 -29.40 -54.25 -32.85
CA LEU B 735 -28.40 -55.28 -32.74
C LEU B 735 -28.63 -56.35 -33.75
N ASP B 736 -27.57 -56.72 -34.42
CA ASP B 736 -27.57 -57.87 -35.29
C ASP B 736 -27.12 -59.01 -34.41
N LYS B 737 -28.05 -59.85 -34.03
CA LYS B 737 -27.82 -60.92 -33.08
C LYS B 737 -26.76 -61.92 -33.53
N GLU B 738 -26.72 -62.18 -34.83
CA GLU B 738 -25.78 -63.14 -35.38
C GLU B 738 -24.37 -62.56 -35.37
N LYS B 739 -24.27 -61.29 -35.73
CA LYS B 739 -22.98 -60.64 -35.74
C LYS B 739 -22.54 -60.18 -34.36
N ASN B 740 -23.51 -59.94 -33.47
CA ASN B 740 -23.26 -59.40 -32.14
C ASN B 740 -22.57 -58.08 -32.35
N GLU B 741 -23.17 -57.32 -33.24
CA GLU B 741 -22.73 -56.02 -33.69
C GLU B 741 -23.94 -55.14 -33.93
N LEU B 742 -23.75 -53.85 -33.89
CA LEU B 742 -24.89 -52.98 -34.14
C LEU B 742 -24.99 -52.60 -35.59
N THR B 743 -26.21 -52.34 -36.03
CA THR B 743 -26.46 -51.91 -37.38
C THR B 743 -26.90 -50.50 -37.29
N TYR B 744 -26.72 -49.76 -38.37
CA TYR B 744 -27.13 -48.37 -38.42
C TYR B 744 -27.84 -48.09 -39.71
N GLY B 745 -28.84 -47.23 -39.69
CA GLY B 745 -29.46 -46.83 -40.95
C GLY B 745 -30.27 -45.57 -40.84
N PHE B 746 -30.74 -45.08 -41.97
CA PHE B 746 -31.44 -43.80 -42.04
C PHE B 746 -31.85 -43.49 -43.48
N MET C 169 -9.28 45.16 18.06
CA MET C 169 -9.22 44.32 19.23
C MET C 169 -10.52 44.32 20.00
N GLU C 170 -11.25 45.41 19.90
CA GLU C 170 -12.41 45.63 20.73
C GLU C 170 -13.44 44.53 20.65
N ASN C 171 -13.62 43.96 19.48
CA ASN C 171 -14.55 42.86 19.31
C ASN C 171 -13.89 41.59 18.81
N PHE C 172 -12.59 41.47 19.04
CA PHE C 172 -11.89 40.28 18.59
C PHE C 172 -11.31 39.49 19.74
N THR C 173 -11.05 40.17 20.84
CA THR C 173 -10.47 39.48 21.95
C THR C 173 -11.31 39.67 23.19
N THR C 174 -11.08 38.81 24.16
CA THR C 174 -11.73 38.91 25.45
C THR C 174 -10.76 39.37 26.49
N ASN C 175 -11.15 40.37 27.25
CA ASN C 175 -10.29 40.81 28.31
C ASN C 175 -10.50 39.84 29.43
N LEU C 176 -9.48 39.06 29.72
CA LEU C 176 -9.66 38.02 30.70
C LEU C 176 -9.56 38.55 32.09
N ASN C 177 -8.95 39.72 32.29
CA ASN C 177 -8.93 40.20 33.65
C ASN C 177 -10.32 40.69 33.91
N GLN C 178 -10.92 41.25 32.89
CA GLN C 178 -12.24 41.76 33.09
C GLN C 178 -13.19 40.64 33.37
N LEU C 179 -13.03 39.54 32.65
CA LEU C 179 -13.89 38.42 32.86
C LEU C 179 -13.63 37.76 34.19
N ALA C 180 -12.36 37.51 34.49
CA ALA C 180 -11.98 36.84 35.72
C ALA C 180 -12.36 37.63 36.93
N ARG C 181 -12.29 38.95 36.82
CA ARG C 181 -12.65 39.80 37.92
C ARG C 181 -14.14 39.85 38.16
N VAL C 182 -14.92 39.98 37.10
CA VAL C 182 -16.35 40.16 37.28
C VAL C 182 -17.19 38.90 37.30
N GLY C 183 -17.04 38.04 36.31
CA GLY C 183 -17.89 36.84 36.28
C GLY C 183 -17.18 35.71 36.97
N GLY C 184 -15.88 35.66 36.75
CA GLY C 184 -15.05 34.61 37.27
C GLY C 184 -14.83 33.60 36.17
N ILE C 185 -13.70 32.95 36.23
CA ILE C 185 -13.33 31.93 35.27
C ILE C 185 -13.00 30.66 36.00
N ASP C 186 -13.47 30.59 37.22
CA ASP C 186 -13.24 29.50 38.15
C ASP C 186 -11.79 29.58 38.61
N PRO C 187 -11.50 29.34 39.88
CA PRO C 187 -10.18 29.47 40.45
C PRO C 187 -9.25 28.45 39.93
N LEU C 188 -7.97 28.79 39.87
CA LEU C 188 -6.95 27.84 39.52
C LEU C 188 -6.37 27.31 40.81
N ILE C 189 -6.37 26.01 40.98
CA ILE C 189 -5.84 25.43 42.18
C ILE C 189 -4.46 24.86 41.98
N GLY C 190 -3.54 25.23 42.83
CA GLY C 190 -2.19 24.72 42.72
C GLY C 190 -1.50 25.16 41.45
N ARG C 191 -0.86 24.22 40.76
CA ARG C 191 -0.15 24.52 39.52
C ARG C 191 0.88 25.62 39.75
N GLU C 192 1.63 25.49 40.84
CA GLU C 192 2.65 26.45 41.17
C GLU C 192 3.82 26.44 40.25
N LYS C 193 4.24 25.25 39.81
CA LYS C 193 5.42 25.16 39.00
C LYS C 193 5.12 25.55 37.58
N GLU C 194 3.89 25.26 37.16
CA GLU C 194 3.44 25.58 35.82
C GLU C 194 3.46 27.09 35.65
N LEU C 195 2.94 27.79 36.67
CA LEU C 195 2.92 29.24 36.60
C LEU C 195 4.30 29.80 36.78
N GLU C 196 5.11 29.19 37.64
CA GLU C 196 6.43 29.73 37.81
C GLU C 196 7.12 29.78 36.47
N ARG C 197 7.01 28.72 35.67
CA ARG C 197 7.67 28.85 34.39
C ARG C 197 6.95 29.81 33.50
N ALA C 198 5.63 29.83 33.47
CA ALA C 198 4.99 30.73 32.54
C ALA C 198 5.42 32.16 32.78
N ILE C 199 5.57 32.52 34.04
CA ILE C 199 5.96 33.86 34.37
C ILE C 199 7.42 34.06 33.99
N GLN C 200 8.29 33.12 34.32
CA GLN C 200 9.69 33.27 33.96
C GLN C 200 9.84 33.43 32.47
N VAL C 201 9.03 32.74 31.69
CA VAL C 201 9.10 32.87 30.26
C VAL C 201 8.62 34.25 29.84
N LEU C 202 7.50 34.70 30.39
CA LEU C 202 6.96 36.02 30.06
C LEU C 202 7.91 37.14 30.46
N CYS C 203 8.75 36.88 31.46
CA CYS C 203 9.73 37.83 31.91
C CYS C 203 11.04 37.82 31.12
N ARG C 204 11.16 36.96 30.10
CA ARG C 204 12.38 36.90 29.30
C ARG C 204 12.54 38.10 28.37
N ARG C 205 13.78 38.42 27.99
CA ARG C 205 14.04 39.53 27.11
C ARG C 205 13.48 39.29 25.74
N ARG C 206 13.64 38.07 25.19
CA ARG C 206 13.12 37.82 23.84
C ARG C 206 12.40 36.49 23.75
N LYS C 207 11.39 36.43 22.89
CA LYS C 207 10.61 35.23 22.69
C LYS C 207 10.00 34.83 24.01
N ASN C 208 9.49 35.82 24.72
CA ASN C 208 8.90 35.65 26.00
C ASN C 208 7.45 35.30 25.87
N ASN C 209 7.25 34.15 25.26
CA ASN C 209 5.96 33.62 24.90
C ASN C 209 5.86 32.16 25.32
N PRO C 210 5.24 31.79 26.41
CA PRO C 210 5.14 30.42 26.81
C PRO C 210 4.11 29.72 25.96
N LEU C 211 4.26 28.44 25.72
CA LEU C 211 3.23 27.63 25.09
C LEU C 211 2.88 26.48 25.98
N LEU C 212 1.63 26.36 26.34
CA LEU C 212 1.27 25.28 27.22
C LEU C 212 0.86 24.09 26.39
N VAL C 213 1.60 23.00 26.52
CA VAL C 213 1.38 21.85 25.68
C VAL C 213 1.09 20.66 26.57
N GLY C 214 0.07 19.89 26.23
CA GLY C 214 -0.23 18.72 27.07
C GLY C 214 -1.40 17.88 26.59
N GLU C 215 -1.78 16.88 27.37
CA GLU C 215 -2.88 16.01 27.00
C GLU C 215 -4.16 16.80 27.17
N SER C 216 -5.16 16.56 26.32
CA SER C 216 -6.36 17.34 26.50
C SER C 216 -6.95 17.06 27.84
N GLY C 217 -7.54 18.05 28.46
CA GLY C 217 -8.21 17.91 29.74
C GLY C 217 -7.27 17.89 30.94
N VAL C 218 -6.17 18.63 30.89
CA VAL C 218 -5.23 18.63 31.99
C VAL C 218 -5.18 19.98 32.67
N GLY C 219 -5.80 20.98 32.09
CA GLY C 219 -5.77 22.31 32.69
C GLY C 219 -4.96 23.30 31.92
N LYS C 220 -4.73 23.08 30.64
CA LYS C 220 -3.93 24.04 29.91
C LYS C 220 -4.64 25.37 29.81
N THR C 221 -5.93 25.37 29.53
CA THR C 221 -6.60 26.64 29.45
C THR C 221 -6.86 27.09 30.86
N ALA C 222 -7.04 26.14 31.77
CA ALA C 222 -7.32 26.54 33.13
C ALA C 222 -6.17 27.37 33.64
N ILE C 223 -4.93 27.00 33.31
CA ILE C 223 -3.78 27.78 33.72
C ILE C 223 -3.66 29.06 32.94
N ALA C 224 -3.78 28.99 31.63
CA ALA C 224 -3.60 30.21 30.87
C ALA C 224 -4.58 31.27 31.28
N GLU C 225 -5.83 30.90 31.50
CA GLU C 225 -6.77 31.87 31.97
C GLU C 225 -6.64 32.06 33.47
N GLY C 226 -6.20 31.02 34.18
CA GLY C 226 -6.03 31.06 35.62
C GLY C 226 -5.06 32.14 36.00
N LEU C 227 -4.09 32.42 35.15
CA LEU C 227 -3.17 33.49 35.42
C LEU C 227 -3.92 34.81 35.49
N ALA C 228 -4.93 35.03 34.63
CA ALA C 228 -5.68 36.28 34.66
C ALA C 228 -6.39 36.37 35.98
N TRP C 229 -6.87 35.24 36.44
CA TRP C 229 -7.56 35.19 37.71
C TRP C 229 -6.59 35.57 38.82
N ARG C 230 -5.40 35.01 38.84
CA ARG C 230 -4.48 35.36 39.88
C ARG C 230 -4.11 36.84 39.83
N ILE C 231 -4.02 37.40 38.63
CA ILE C 231 -3.70 38.82 38.55
C ILE C 231 -4.83 39.63 39.16
N VAL C 232 -6.08 39.33 38.80
CA VAL C 232 -7.17 40.15 39.36
C VAL C 232 -7.34 39.94 40.85
N GLN C 233 -6.93 38.78 41.35
CA GLN C 233 -6.99 38.53 42.78
C GLN C 233 -5.75 39.06 43.48
N GLY C 234 -4.78 39.56 42.71
CA GLY C 234 -3.52 40.09 43.22
C GLY C 234 -2.50 39.04 43.61
N ASP C 235 -2.77 37.78 43.32
CA ASP C 235 -1.87 36.72 43.76
C ASP C 235 -0.81 36.44 42.72
N VAL C 236 -0.05 37.46 42.38
CA VAL C 236 1.00 37.37 41.40
C VAL C 236 2.25 38.11 41.82
N PRO C 237 3.42 37.83 41.24
CA PRO C 237 4.61 38.64 41.38
C PRO C 237 4.22 40.01 40.88
N GLU C 238 4.65 41.07 41.55
CA GLU C 238 4.32 42.43 41.12
C GLU C 238 4.65 42.70 39.64
N VAL C 239 5.60 41.95 39.10
CA VAL C 239 6.03 42.07 37.74
C VAL C 239 4.84 41.84 36.83
N MET C 240 4.02 40.85 37.19
CA MET C 240 2.84 40.46 36.46
C MET C 240 1.66 41.30 36.81
N ALA C 241 1.68 41.81 38.02
CA ALA C 241 0.59 42.61 38.49
C ALA C 241 0.34 43.72 37.53
N ASP C 242 -0.92 44.04 37.36
CA ASP C 242 -1.42 45.10 36.51
C ASP C 242 -1.27 44.89 35.01
N CYS C 243 -0.85 43.71 34.57
CA CYS C 243 -0.76 43.41 33.14
C CYS C 243 -2.09 42.79 32.72
N THR C 244 -2.53 43.02 31.47
CA THR C 244 -3.79 42.47 31.02
C THR C 244 -3.66 41.35 30.04
N ILE C 245 -4.35 40.26 30.29
CA ILE C 245 -4.30 39.15 29.36
C ILE C 245 -5.57 39.17 28.54
N TYR C 246 -5.42 39.13 27.22
CA TYR C 246 -6.56 39.14 26.32
C TYR C 246 -6.57 37.85 25.52
N SER C 247 -7.74 37.24 25.40
CA SER C 247 -7.85 35.99 24.66
C SER C 247 -8.37 36.20 23.27
N LEU C 248 -7.68 35.70 22.28
CA LEU C 248 -8.07 35.98 20.89
C LEU C 248 -8.90 34.93 20.21
N ASP C 249 -10.04 35.35 19.70
CA ASP C 249 -10.86 34.44 18.93
C ASP C 249 -10.54 34.65 17.47
N ILE C 250 -9.72 33.78 16.89
CA ILE C 250 -9.28 34.01 15.52
C ILE C 250 -10.41 33.88 14.53
N GLY C 251 -11.50 33.25 14.94
CA GLY C 251 -12.62 33.08 14.04
C GLY C 251 -13.17 34.43 13.66
N SER C 252 -13.08 35.39 14.57
CA SER C 252 -13.65 36.68 14.35
C SER C 252 -12.77 37.53 13.47
N LEU C 253 -11.54 37.08 13.22
CA LEU C 253 -10.68 37.87 12.39
C LEU C 253 -10.88 37.49 10.95
N LEU C 254 -11.62 36.41 10.72
CA LEU C 254 -11.88 35.95 9.37
C LEU C 254 -13.31 36.28 9.02
N ALA C 255 -14.17 36.27 10.03
CA ALA C 255 -15.57 36.59 9.82
C ALA C 255 -15.74 37.98 9.23
N GLY C 256 -14.84 38.89 9.58
CA GLY C 256 -14.91 40.26 9.11
C GLY C 256 -14.16 40.51 7.78
N THR C 257 -13.75 39.46 7.06
CA THR C 257 -13.01 39.62 5.80
C THR C 257 -13.78 39.13 4.61
N LYS C 258 -13.27 39.45 3.42
CA LYS C 258 -13.90 39.04 2.16
C LYS C 258 -12.93 39.09 0.97
N TYR C 259 -12.35 40.26 0.71
CA TYR C 259 -11.42 40.44 -0.40
C TYR C 259 -9.95 40.41 0.01
N ARG C 260 -9.07 40.77 -0.91
CA ARG C 260 -7.65 40.78 -0.64
C ARG C 260 -7.22 41.96 0.23
N GLY C 261 -6.43 41.68 1.27
CA GLY C 261 -5.84 42.68 2.15
C GLY C 261 -6.63 43.07 3.41
N ASP C 262 -7.90 42.68 3.52
CA ASP C 262 -8.61 43.13 4.71
C ASP C 262 -8.20 42.39 5.97
N PHE C 263 -7.86 41.13 5.82
CA PHE C 263 -7.41 40.33 6.93
C PHE C 263 -6.18 40.91 7.52
N GLU C 264 -5.20 41.21 6.69
CA GLU C 264 -3.95 41.72 7.18
C GLU C 264 -4.12 43.06 7.83
N LYS C 265 -4.95 43.93 7.26
CA LYS C 265 -5.14 45.21 7.95
C LYS C 265 -5.69 45.01 9.34
N ARG C 266 -6.71 44.17 9.46
CA ARG C 266 -7.33 43.90 10.75
C ARG C 266 -6.37 43.22 11.74
N PHE C 267 -5.65 42.23 11.23
CA PHE C 267 -4.71 41.48 12.05
C PHE C 267 -3.59 42.35 12.57
N LYS C 268 -3.07 43.23 11.72
CA LYS C 268 -2.00 44.10 12.15
C LYS C 268 -2.53 45.18 13.05
N ALA C 269 -3.76 45.63 12.84
CA ALA C 269 -4.30 46.62 13.75
C ALA C 269 -4.32 46.07 15.16
N LEU C 270 -4.62 44.77 15.33
CA LEU C 270 -4.62 44.24 16.69
C LEU C 270 -3.23 44.23 17.23
N LEU C 271 -2.26 43.91 16.39
CA LEU C 271 -0.91 43.86 16.89
C LEU C 271 -0.48 45.24 17.34
N LYS C 272 -0.89 46.26 16.60
CA LYS C 272 -0.53 47.60 16.96
C LYS C 272 -1.14 47.92 18.30
N GLN C 273 -2.38 47.51 18.52
CA GLN C 273 -3.01 47.79 19.78
C GLN C 273 -2.28 47.09 20.91
N LEU C 274 -1.79 45.87 20.71
CA LEU C 274 -1.05 45.22 21.78
C LEU C 274 0.23 45.95 22.07
N GLU C 275 0.91 46.41 21.04
CA GLU C 275 2.15 47.11 21.24
C GLU C 275 1.92 48.41 21.96
N GLN C 276 0.82 49.09 21.65
CA GLN C 276 0.47 50.34 22.29
C GLN C 276 0.13 50.12 23.74
N ASP C 277 -0.53 49.02 24.09
CA ASP C 277 -0.82 48.83 25.49
C ASP C 277 0.46 48.63 26.28
N THR C 278 1.40 47.89 25.69
CA THR C 278 2.75 47.57 26.21
C THR C 278 2.80 46.63 27.41
N ASN C 279 1.68 46.48 28.08
CA ASN C 279 1.61 45.70 29.29
C ASN C 279 0.46 44.74 29.19
N SER C 280 0.48 44.00 28.11
CA SER C 280 -0.56 43.06 27.88
C SER C 280 0.00 41.84 27.23
N ILE C 281 -0.73 40.79 27.41
CA ILE C 281 -0.42 39.48 26.93
C ILE C 281 -1.55 38.97 26.10
N LEU C 282 -1.26 38.43 24.95
CA LEU C 282 -2.34 37.87 24.19
C LEU C 282 -2.35 36.39 24.45
N PHE C 283 -3.50 35.80 24.62
CA PHE C 283 -3.62 34.38 24.78
C PHE C 283 -4.28 33.76 23.59
N ILE C 284 -3.59 32.84 22.98
CA ILE C 284 -4.19 32.20 21.85
C ILE C 284 -4.37 30.75 22.12
N ASP C 285 -5.61 30.34 22.28
CA ASP C 285 -5.81 28.96 22.56
C ASP C 285 -5.76 28.30 21.23
N GLU C 286 -5.82 26.97 21.20
CA GLU C 286 -5.77 26.25 19.94
C GLU C 286 -4.81 27.02 19.05
N ILE C 287 -3.55 27.04 19.48
CA ILE C 287 -2.52 27.79 18.77
C ILE C 287 -2.25 27.23 17.42
N HIS C 288 -2.54 25.94 17.22
CA HIS C 288 -2.33 25.30 15.94
C HIS C 288 -3.35 25.72 14.88
N THR C 289 -4.26 26.63 15.23
CA THR C 289 -5.25 27.08 14.29
C THR C 289 -4.91 28.44 13.78
N ILE C 290 -3.84 29.04 14.29
CA ILE C 290 -3.46 30.33 13.76
C ILE C 290 -2.91 30.15 12.36
N ILE C 291 -2.59 28.93 11.96
CA ILE C 291 -2.10 28.70 10.62
C ILE C 291 -3.31 28.73 9.71
N GLY C 292 -3.31 29.66 8.75
CA GLY C 292 -4.49 29.84 7.91
C GLY C 292 -4.58 31.27 7.40
N ALA C 293 -5.80 31.75 7.17
CA ALA C 293 -6.11 33.09 6.62
C ALA C 293 -5.79 33.19 5.13
N GLY C 294 -4.56 32.89 4.74
CA GLY C 294 -4.24 32.91 3.34
C GLY C 294 -4.94 31.74 2.63
N ALA C 295 -5.48 32.03 1.46
CA ALA C 295 -6.16 31.05 0.63
C ALA C 295 -6.17 31.58 -0.77
N ALA C 296 -6.32 30.69 -1.75
CA ALA C 296 -6.43 31.02 -3.19
C ALA C 296 -5.05 31.41 -3.73
N SER C 297 -4.47 32.43 -3.13
CA SER C 297 -3.11 32.83 -3.37
C SER C 297 -2.34 32.14 -2.26
N GLY C 298 -2.34 32.74 -1.09
CA GLY C 298 -1.68 32.14 0.05
C GLY C 298 -0.20 32.47 0.05
N GLY C 299 0.56 31.75 0.86
CA GLY C 299 1.99 31.97 1.05
C GLY C 299 2.18 32.84 2.28
N GLN C 300 1.10 33.50 2.65
CA GLN C 300 0.98 34.37 3.80
C GLN C 300 0.16 33.57 4.75
N VAL C 301 0.85 33.00 5.70
CA VAL C 301 0.29 32.02 6.59
C VAL C 301 -0.39 32.61 7.79
N ASP C 302 -0.23 33.93 8.01
CA ASP C 302 -0.75 34.61 9.21
C ASP C 302 0.04 34.27 10.44
N ALA C 303 -0.02 33.02 10.79
CA ALA C 303 0.53 32.48 11.98
C ALA C 303 1.93 32.81 12.12
N ALA C 304 2.62 32.80 11.02
CA ALA C 304 3.99 33.12 11.12
C ALA C 304 4.24 34.42 10.41
N ASN C 305 3.59 34.61 9.28
CA ASN C 305 3.97 35.76 8.50
C ASN C 305 3.62 37.09 9.11
N LEU C 306 2.58 37.16 9.93
CA LEU C 306 2.28 38.44 10.49
C LEU C 306 2.84 38.59 11.88
N ILE C 307 3.40 37.53 12.47
CA ILE C 307 3.87 37.66 13.84
C ILE C 307 5.28 37.20 14.13
N LYS C 308 5.96 36.49 13.23
CA LYS C 308 7.31 36.08 13.58
C LYS C 308 8.14 37.19 14.24
N PRO C 309 8.29 38.41 13.64
CA PRO C 309 9.09 39.48 14.18
C PRO C 309 8.51 40.10 15.44
N LEU C 310 7.23 39.89 15.69
CA LEU C 310 6.61 40.48 16.85
C LEU C 310 6.99 39.67 18.05
N LEU C 311 7.16 38.40 17.80
CA LEU C 311 7.48 37.50 18.86
C LEU C 311 8.98 37.53 19.09
N SER C 312 9.77 37.49 18.02
CA SER C 312 11.20 37.41 18.25
C SER C 312 11.78 38.71 18.75
N SER C 313 11.12 39.83 18.49
CA SER C 313 11.58 41.15 18.92
C SER C 313 11.22 41.50 20.34
N GLY C 314 10.35 40.73 20.95
CA GLY C 314 9.91 41.05 22.29
C GLY C 314 8.82 42.11 22.33
N LYS C 315 8.35 42.57 21.17
CA LYS C 315 7.33 43.61 21.16
C LYS C 315 6.03 43.20 21.83
N ILE C 316 5.60 41.97 21.64
CA ILE C 316 4.38 41.52 22.29
C ILE C 316 4.61 40.23 23.00
N ARG C 317 3.75 39.92 23.96
CA ARG C 317 3.85 38.66 24.66
C ARG C 317 2.64 37.84 24.37
N VAL C 318 2.85 36.61 23.96
CA VAL C 318 1.77 35.72 23.65
C VAL C 318 1.85 34.40 24.40
N ILE C 319 0.77 34.01 25.04
CA ILE C 319 0.70 32.73 25.71
C ILE C 319 -0.08 31.86 24.78
N GLY C 320 0.44 30.73 24.41
CA GLY C 320 -0.37 29.89 23.55
C GLY C 320 -0.79 28.66 24.29
N SER C 321 -1.64 27.86 23.70
CA SER C 321 -2.04 26.58 24.27
C SER C 321 -2.40 25.54 23.22
N THR C 322 -1.93 24.30 23.42
CA THR C 322 -2.25 23.23 22.47
C THR C 322 -2.18 21.81 22.98
N THR C 323 -2.94 20.96 22.33
CA THR C 323 -2.94 19.56 22.61
C THR C 323 -1.63 19.04 22.14
N TYR C 324 -1.01 18.18 22.94
CA TYR C 324 0.27 17.58 22.58
C TYR C 324 0.31 16.99 21.17
N GLN C 325 -0.76 16.33 20.74
CA GLN C 325 -0.78 15.74 19.41
C GLN C 325 -0.81 16.75 18.29
N GLU C 326 -1.58 17.81 18.46
CA GLU C 326 -1.73 18.84 17.47
C GLU C 326 -0.45 19.60 17.37
N PHE C 327 0.19 19.75 18.53
CA PHE C 327 1.47 20.42 18.63
C PHE C 327 2.52 19.73 17.77
N SER C 328 2.59 18.40 17.82
CA SER C 328 3.59 17.74 17.01
C SER C 328 3.18 17.53 15.56
N ASN C 329 1.89 17.42 15.27
CA ASN C 329 1.45 17.22 13.90
C ASN C 329 1.23 18.45 13.06
N ILE C 330 0.92 19.57 13.70
CA ILE C 330 0.69 20.83 12.99
C ILE C 330 1.52 21.96 13.58
N PHE C 331 1.31 22.23 14.87
CA PHE C 331 2.04 23.29 15.55
C PHE C 331 3.54 23.03 15.52
N GLU C 332 3.96 22.01 14.80
CA GLU C 332 5.36 21.66 14.70
C GLU C 332 5.73 21.25 13.27
N LYS C 333 5.93 22.25 12.42
CA LYS C 333 6.28 22.01 11.05
C LYS C 333 6.93 23.28 10.71
N ASP C 334 6.42 24.30 11.37
CA ASP C 334 6.88 25.63 11.17
C ASP C 334 7.96 25.86 12.18
N ARG C 335 9.19 25.66 11.78
CA ARG C 335 10.30 25.73 12.70
C ARG C 335 10.44 27.14 13.21
N ALA C 336 10.15 28.11 12.37
CA ALA C 336 10.28 29.48 12.81
C ALA C 336 9.34 29.74 13.97
N LEU C 337 8.12 29.20 13.92
CA LEU C 337 7.28 29.41 15.08
C LEU C 337 7.73 28.54 16.22
N ALA C 338 8.17 27.33 15.94
CA ALA C 338 8.56 26.42 17.00
C ALA C 338 9.65 27.04 17.84
N ARG C 339 10.51 27.82 17.20
CA ARG C 339 11.60 28.47 17.84
C ARG C 339 11.22 29.72 18.65
N ARG C 340 10.02 30.27 18.44
CA ARG C 340 9.65 31.57 19.02
C ARG C 340 8.88 31.60 20.31
N PHE C 341 8.67 30.44 20.90
CA PHE C 341 7.93 30.35 22.14
C PHE C 341 8.56 29.25 22.97
N GLN C 342 8.48 29.37 24.29
CA GLN C 342 9.08 28.37 25.12
C GLN C 342 8.02 27.36 25.53
N LYS C 343 8.25 26.09 25.28
CA LYS C 343 7.25 25.09 25.66
C LYS C 343 7.28 24.73 27.13
N ILE C 344 6.09 24.69 27.73
CA ILE C 344 5.86 24.22 29.08
C ILE C 344 4.93 23.02 29.04
N ASP C 345 5.35 21.92 29.62
CA ASP C 345 4.54 20.71 29.61
C ASP C 345 3.59 20.65 30.77
N ILE C 346 2.32 20.59 30.47
CA ILE C 346 1.33 20.51 31.52
C ILE C 346 0.91 19.08 31.67
N THR C 347 1.26 18.47 32.77
CA THR C 347 0.92 17.08 32.96
C THR C 347 -0.31 17.03 33.82
N GLU C 348 -0.94 15.87 33.88
CA GLU C 348 -2.12 15.70 34.74
C GLU C 348 -1.74 15.44 36.24
N PRO C 349 -2.46 16.12 37.13
CA PRO C 349 -2.30 16.03 38.56
C PRO C 349 -2.44 14.63 39.03
N SER C 350 -2.07 14.35 40.26
CA SER C 350 -2.29 13.04 40.80
C SER C 350 -3.58 13.04 41.58
N ILE C 351 -3.78 12.02 42.39
CA ILE C 351 -5.03 11.88 43.10
C ILE C 351 -5.25 13.01 44.07
N GLU C 352 -4.25 13.36 44.84
CA GLU C 352 -4.48 14.39 45.81
C GLU C 352 -4.70 15.72 45.17
N GLU C 353 -3.86 16.09 44.22
CA GLU C 353 -4.05 17.34 43.49
C GLU C 353 -5.44 17.44 42.87
N THR C 354 -6.00 16.30 42.41
CA THR C 354 -7.30 16.30 41.82
C THR C 354 -8.33 16.57 42.89
N VAL C 355 -8.16 15.97 44.06
CA VAL C 355 -9.11 16.22 45.12
C VAL C 355 -9.08 17.67 45.52
N GLN C 356 -7.90 18.29 45.65
CA GLN C 356 -7.91 19.70 46.02
C GLN C 356 -8.49 20.56 44.92
N ILE C 357 -8.28 20.19 43.67
CA ILE C 357 -8.83 20.96 42.57
C ILE C 357 -10.32 20.89 42.69
N ILE C 358 -10.86 19.70 42.95
CA ILE C 358 -12.27 19.64 43.11
C ILE C 358 -12.70 20.45 44.27
N ASN C 359 -12.03 20.36 45.40
CA ASN C 359 -12.53 21.14 46.51
C ASN C 359 -12.57 22.63 46.21
N GLY C 360 -11.59 23.11 45.46
CA GLY C 360 -11.57 24.52 45.09
C GLY C 360 -12.66 24.89 44.10
N LEU C 361 -13.01 23.96 43.22
CA LEU C 361 -14.03 24.22 42.20
C LEU C 361 -15.42 23.94 42.69
N LYS C 362 -15.51 23.01 43.61
CA LYS C 362 -16.73 22.51 44.17
C LYS C 362 -17.79 23.56 44.42
N PRO C 363 -17.51 24.72 45.05
CA PRO C 363 -18.51 25.72 45.32
C PRO C 363 -19.25 26.17 44.07
N LYS C 364 -18.65 26.04 42.89
CA LYS C 364 -19.31 26.46 41.68
C LYS C 364 -20.30 25.41 41.23
N TYR C 365 -20.07 24.16 41.56
CA TYR C 365 -20.98 23.11 41.16
C TYR C 365 -22.07 23.10 42.18
N GLU C 366 -21.71 23.36 43.43
CA GLU C 366 -22.74 23.33 44.42
C GLU C 366 -23.66 24.49 44.12
N ALA C 367 -23.09 25.64 43.81
CA ALA C 367 -23.90 26.79 43.49
C ALA C 367 -24.71 26.61 42.23
N HIS C 368 -24.12 26.02 41.21
CA HIS C 368 -24.83 25.85 39.96
C HIS C 368 -25.96 24.87 40.07
N HIS C 369 -25.70 23.74 40.72
CA HIS C 369 -26.69 22.72 40.77
C HIS C 369 -27.56 22.74 42.03
N ASP C 370 -27.27 23.62 42.97
CA ASP C 370 -28.03 23.67 44.22
C ASP C 370 -27.96 22.32 44.91
N VAL C 371 -26.75 21.82 44.97
CA VAL C 371 -26.45 20.56 45.61
C VAL C 371 -25.29 20.79 46.53
N ARG C 372 -25.04 19.85 47.39
CA ARG C 372 -23.87 19.89 48.23
C ARG C 372 -23.17 18.56 48.06
N TYR C 373 -21.85 18.52 48.13
CA TYR C 373 -21.19 17.21 48.04
C TYR C 373 -20.58 16.82 49.36
N THR C 374 -20.62 15.53 49.66
CA THR C 374 -19.99 15.05 50.86
C THR C 374 -18.51 14.88 50.63
N ALA C 375 -17.75 14.70 51.70
CA ALA C 375 -16.32 14.47 51.58
C ALA C 375 -16.02 13.20 50.84
N LYS C 376 -16.86 12.20 51.04
CA LYS C 376 -16.64 10.94 50.37
C LYS C 376 -17.06 11.04 48.94
N ALA C 377 -18.06 11.86 48.64
CA ALA C 377 -18.45 11.96 47.26
C ALA C 377 -17.28 12.48 46.45
N VAL C 378 -16.56 13.44 46.99
CA VAL C 378 -15.43 13.96 46.26
C VAL C 378 -14.28 13.00 46.22
N ARG C 379 -13.94 12.41 47.36
CA ARG C 379 -12.83 11.46 47.43
C ARG C 379 -13.04 10.29 46.48
N ALA C 380 -14.30 9.83 46.40
CA ALA C 380 -14.65 8.74 45.55
C ALA C 380 -14.67 9.13 44.11
N ALA C 381 -15.16 10.32 43.77
CA ALA C 381 -15.19 10.63 42.36
C ALA C 381 -13.79 10.56 41.80
N VAL C 382 -12.81 11.00 42.57
CA VAL C 382 -11.49 10.92 42.02
C VAL C 382 -11.01 9.48 41.95
N GLU C 383 -11.13 8.72 43.02
CA GLU C 383 -10.55 7.38 42.95
C GLU C 383 -11.28 6.48 41.97
N LEU C 384 -12.59 6.59 41.91
CA LEU C 384 -13.39 5.76 41.03
C LEU C 384 -13.21 6.14 39.61
N ALA C 385 -13.13 7.42 39.31
CA ALA C 385 -12.98 7.79 37.93
C ALA C 385 -11.65 7.31 37.45
N VAL C 386 -10.64 7.36 38.29
CA VAL C 386 -9.36 6.88 37.84
C VAL C 386 -9.39 5.40 37.55
N LYS C 387 -10.01 4.64 38.41
CA LYS C 387 -10.09 3.21 38.20
C LYS C 387 -11.00 2.81 37.03
N TYR C 388 -12.12 3.49 36.83
CA TYR C 388 -13.04 3.06 35.81
C TYR C 388 -13.19 3.85 34.53
N ILE C 389 -12.81 5.10 34.49
CA ILE C 389 -12.96 5.86 33.26
C ILE C 389 -11.54 6.07 32.76
N ASN C 390 -11.18 5.51 31.61
CA ASN C 390 -9.80 5.59 31.22
C ASN C 390 -9.43 6.25 29.91
N ASP C 391 -10.27 7.11 29.37
CA ASP C 391 -9.97 7.82 28.15
C ASP C 391 -9.88 9.35 28.33
N ARG C 392 -9.82 9.75 29.60
CA ARG C 392 -9.69 11.15 29.99
C ARG C 392 -8.65 11.25 31.10
N HIS C 393 -8.13 12.46 31.31
CA HIS C 393 -7.13 12.69 32.33
C HIS C 393 -7.75 13.21 33.63
N LEU C 394 -7.07 12.98 34.75
CA LEU C 394 -7.67 13.23 36.06
C LEU C 394 -8.40 14.53 36.38
N PRO C 395 -7.93 15.72 36.04
CA PRO C 395 -8.53 16.93 36.47
C PRO C 395 -9.83 17.26 35.82
N ASP C 396 -10.21 16.58 34.75
CA ASP C 396 -11.44 16.94 34.07
C ASP C 396 -12.31 15.70 34.02
N LYS C 397 -11.69 14.60 34.41
CA LYS C 397 -12.36 13.33 34.44
C LYS C 397 -13.17 13.21 35.71
N ALA C 398 -12.54 13.58 36.83
CA ALA C 398 -13.23 13.51 38.09
C ALA C 398 -14.28 14.58 38.17
N ILE C 399 -14.12 15.62 37.36
CA ILE C 399 -15.06 16.71 37.36
C ILE C 399 -16.27 16.24 36.66
N ASP C 400 -16.12 15.56 35.53
CA ASP C 400 -17.33 15.09 34.88
C ASP C 400 -18.16 14.29 35.84
N VAL C 401 -17.52 13.51 36.69
CA VAL C 401 -18.31 12.75 37.62
C VAL C 401 -19.04 13.66 38.59
N ILE C 402 -18.35 14.66 39.14
CA ILE C 402 -18.97 15.60 40.08
C ILE C 402 -20.08 16.41 39.44
N ASP C 403 -19.86 16.90 38.24
CA ASP C 403 -20.80 17.73 37.53
C ASP C 403 -21.99 16.93 37.12
N GLU C 404 -21.74 15.72 36.65
CA GLU C 404 -22.79 14.81 36.24
C GLU C 404 -23.64 14.41 37.44
N ALA C 405 -22.99 14.10 38.56
CA ALA C 405 -23.74 13.73 39.74
C ALA C 405 -24.56 14.89 40.21
N GLY C 406 -24.03 16.09 40.07
CA GLY C 406 -24.75 17.29 40.42
C GLY C 406 -25.98 17.43 39.54
N ALA C 407 -25.78 17.33 38.22
CA ALA C 407 -26.89 17.49 37.29
C ALA C 407 -27.96 16.46 37.52
N ARG C 408 -27.55 15.26 37.88
CA ARG C 408 -28.48 14.19 38.20
C ARG C 408 -29.23 14.49 39.47
N ALA C 409 -28.51 14.88 40.49
CA ALA C 409 -29.11 15.18 41.78
C ALA C 409 -30.07 16.35 41.65
N ARG C 410 -29.77 17.29 40.78
CA ARG C 410 -30.63 18.43 40.53
C ARG C 410 -31.97 18.07 39.93
N LEU C 411 -32.09 16.84 39.45
CA LEU C 411 -33.33 16.37 38.83
C LEU C 411 -34.21 15.61 39.82
N MET C 412 -33.87 15.70 41.11
CA MET C 412 -34.63 15.01 42.14
C MET C 412 -35.64 15.95 42.79
N PRO C 413 -35.19 17.14 43.14
CA PRO C 413 -36.05 18.16 43.77
C PRO C 413 -37.33 18.39 42.99
N VAL C 414 -37.38 17.90 41.76
CA VAL C 414 -38.54 18.03 40.90
C VAL C 414 -39.72 17.28 41.53
N SER C 415 -39.40 16.28 42.37
CA SER C 415 -40.35 15.47 43.12
C SER C 415 -40.07 15.70 44.61
N LYS C 416 -39.43 16.85 44.90
CA LYS C 416 -38.98 17.31 46.20
C LYS C 416 -37.90 16.45 46.84
N ARG C 417 -37.16 15.67 46.06
CA ARG C 417 -36.10 14.86 46.62
C ARG C 417 -34.82 15.68 46.71
N LYS C 418 -34.82 16.64 47.59
CA LYS C 418 -33.66 17.47 47.81
C LYS C 418 -32.64 16.65 48.54
N LYS C 419 -31.39 16.69 48.12
CA LYS C 419 -30.43 15.90 48.84
C LYS C 419 -29.01 16.35 48.62
N THR C 420 -28.14 15.89 49.50
CA THR C 420 -26.72 16.05 49.37
C THR C 420 -26.26 14.91 48.46
N VAL C 421 -25.28 15.18 47.59
CA VAL C 421 -24.71 14.15 46.72
C VAL C 421 -23.74 13.37 47.54
N ASN C 422 -23.99 12.08 47.67
CA ASN C 422 -23.11 11.26 48.50
C ASN C 422 -22.34 10.29 47.64
N VAL C 423 -21.52 9.48 48.26
CA VAL C 423 -20.73 8.51 47.55
C VAL C 423 -21.60 7.59 46.74
N ALA C 424 -22.80 7.29 47.21
CA ALA C 424 -23.68 6.42 46.48
C ALA C 424 -24.08 6.99 45.12
N ASP C 425 -24.19 8.32 45.02
CA ASP C 425 -24.61 8.93 43.77
C ASP C 425 -23.44 8.98 42.86
N ILE C 426 -22.27 9.17 43.44
CA ILE C 426 -21.07 9.16 42.64
C ILE C 426 -20.87 7.78 42.07
N GLU C 427 -21.01 6.74 42.86
CA GLU C 427 -20.82 5.42 42.30
C GLU C 427 -21.82 5.13 41.23
N SER C 428 -23.06 5.57 41.39
CA SER C 428 -24.02 5.33 40.34
C SER C 428 -23.58 6.02 39.05
N VAL C 429 -23.13 7.26 39.14
CA VAL C 429 -22.68 7.98 37.97
C VAL C 429 -21.44 7.40 37.34
N VAL C 430 -20.46 7.00 38.13
CA VAL C 430 -19.28 6.45 37.51
C VAL C 430 -19.66 5.18 36.83
N ALA C 431 -20.48 4.36 37.50
CA ALA C 431 -20.90 3.10 36.92
C ALA C 431 -21.63 3.33 35.63
N ARG C 432 -22.46 4.36 35.55
CA ARG C 432 -23.13 4.58 34.30
C ARG C 432 -22.19 5.06 33.22
N ILE C 433 -21.30 5.98 33.53
CA ILE C 433 -20.42 6.53 32.51
C ILE C 433 -19.53 5.47 31.94
N ALA C 434 -18.96 4.64 32.81
CA ALA C 434 -18.06 3.60 32.40
C ALA C 434 -18.78 2.36 31.90
N ARG C 435 -20.09 2.35 31.99
CA ARG C 435 -20.93 1.19 31.68
C ARG C 435 -20.54 -0.06 32.45
N ILE C 436 -20.28 0.10 33.74
CA ILE C 436 -19.94 -0.98 34.66
C ILE C 436 -20.89 -0.97 35.83
N PRO C 437 -21.84 -1.89 35.95
CA PRO C 437 -22.88 -1.82 36.97
C PRO C 437 -22.32 -1.95 38.38
N GLU C 438 -22.86 -1.18 39.33
CA GLU C 438 -22.38 -1.23 40.73
C GLU C 438 -23.37 -1.27 41.91
N LYS C 439 -24.51 -0.56 41.85
CA LYS C 439 -25.42 -0.55 42.99
C LYS C 439 -26.58 -1.54 42.97
N SER C 440 -26.94 -2.06 41.81
CA SER C 440 -28.07 -2.97 41.68
C SER C 440 -27.78 -4.27 42.39
N VAL C 441 -26.52 -4.48 42.72
CA VAL C 441 -26.06 -5.65 43.42
C VAL C 441 -26.75 -5.74 44.76
N SER C 442 -27.21 -4.60 45.27
CA SER C 442 -27.88 -4.56 46.55
C SER C 442 -29.37 -4.78 46.46
N GLN C 443 -29.88 -4.86 45.24
CA GLN C 443 -31.30 -4.95 44.94
C GLN C 443 -31.66 -6.36 44.48
N SER C 444 -32.58 -6.45 43.50
CA SER C 444 -33.12 -7.70 42.98
C SER C 444 -32.09 -8.50 42.25
N ASP C 445 -30.99 -7.86 41.91
CA ASP C 445 -29.92 -8.54 41.23
C ASP C 445 -29.33 -9.58 42.19
N ARG C 446 -29.55 -9.43 43.50
CA ARG C 446 -29.03 -10.42 44.40
C ARG C 446 -29.68 -11.74 44.09
N ASP C 447 -30.95 -11.75 43.68
CA ASP C 447 -31.60 -13.00 43.43
C ASP C 447 -31.32 -13.46 42.04
N THR C 448 -31.17 -12.51 41.12
CA THR C 448 -30.86 -12.93 39.77
C THR C 448 -29.56 -13.69 39.81
N LEU C 449 -28.61 -13.15 40.55
CA LEU C 449 -27.32 -13.77 40.71
C LEU C 449 -27.41 -15.03 41.56
N LYS C 450 -28.13 -15.00 42.67
CA LYS C 450 -28.22 -16.16 43.56
C LYS C 450 -28.70 -17.39 42.85
N ASN C 451 -29.65 -17.20 41.97
CA ASN C 451 -30.29 -18.28 41.27
C ASN C 451 -29.60 -18.64 39.96
N LEU C 452 -28.51 -17.97 39.63
CA LEU C 452 -27.84 -18.21 38.37
C LEU C 452 -27.37 -19.61 38.30
N GLY C 453 -26.77 -20.08 39.38
CA GLY C 453 -26.22 -21.40 39.40
C GLY C 453 -27.26 -22.43 39.12
N ASP C 454 -28.50 -22.22 39.55
CA ASP C 454 -29.49 -23.25 39.32
C ASP C 454 -30.16 -23.12 37.97
N ARG C 455 -30.34 -21.91 37.47
CA ARG C 455 -31.00 -21.81 36.18
C ARG C 455 -30.18 -22.54 35.13
N LEU C 456 -28.88 -22.46 35.26
CA LEU C 456 -28.04 -23.10 34.28
C LEU C 456 -28.04 -24.60 34.39
N LYS C 457 -28.48 -25.16 35.50
CA LYS C 457 -28.42 -26.61 35.67
C LYS C 457 -29.64 -27.21 35.06
N MET C 458 -30.56 -26.36 34.61
CA MET C 458 -31.74 -26.85 33.99
C MET C 458 -31.52 -26.88 32.49
N LEU C 459 -30.39 -26.36 32.06
CA LEU C 459 -30.07 -26.26 30.66
C LEU C 459 -28.94 -27.18 30.33
N VAL C 460 -27.96 -27.23 31.21
CA VAL C 460 -26.84 -28.12 31.02
C VAL C 460 -26.88 -29.09 32.16
N PHE C 461 -26.96 -30.35 31.82
CA PHE C 461 -27.09 -31.37 32.81
C PHE C 461 -25.77 -32.02 33.05
N GLY C 462 -25.43 -32.29 34.29
CA GLY C 462 -24.13 -32.89 34.53
C GLY C 462 -23.25 -31.69 34.47
N GLN C 463 -21.93 -31.81 34.57
CA GLN C 463 -21.19 -30.56 34.47
C GLN C 463 -21.53 -29.48 35.48
N ASP C 464 -21.97 -29.86 36.67
CA ASP C 464 -22.34 -28.85 37.65
C ASP C 464 -21.15 -28.05 38.04
N LYS C 465 -19.98 -28.67 38.07
CA LYS C 465 -18.80 -27.95 38.47
C LYS C 465 -18.46 -26.83 37.49
N ALA C 466 -18.80 -26.95 36.21
CA ALA C 466 -18.48 -25.88 35.30
C ALA C 466 -19.40 -24.74 35.61
N ILE C 467 -20.63 -25.08 35.92
CA ILE C 467 -21.61 -24.07 36.21
C ILE C 467 -21.18 -23.34 37.45
N GLU C 468 -20.75 -24.07 38.45
CA GLU C 468 -20.31 -23.43 39.64
C GLU C 468 -19.12 -22.55 39.39
N ALA C 469 -18.14 -22.99 38.60
CA ALA C 469 -17.00 -22.12 38.40
C ALA C 469 -17.39 -20.80 37.77
N LEU C 470 -18.30 -20.84 36.81
CA LEU C 470 -18.70 -19.61 36.19
C LEU C 470 -19.48 -18.76 37.14
N THR C 471 -20.35 -19.40 37.90
CA THR C 471 -21.20 -18.69 38.79
C THR C 471 -20.38 -18.01 39.86
N GLU C 472 -19.39 -18.73 40.37
CA GLU C 472 -18.51 -18.23 41.41
C GLU C 472 -17.68 -17.04 40.94
N ALA C 473 -17.19 -17.08 39.70
CA ALA C 473 -16.39 -15.97 39.21
C ALA C 473 -17.22 -14.72 39.14
N ILE C 474 -18.46 -14.88 38.74
CA ILE C 474 -19.33 -13.75 38.65
C ILE C 474 -19.67 -13.24 40.01
N LYS C 475 -20.01 -14.13 40.93
CA LYS C 475 -20.35 -13.65 42.25
C LYS C 475 -19.21 -12.91 42.90
N MET C 476 -17.99 -13.37 42.77
CA MET C 476 -16.93 -12.64 43.40
C MET C 476 -16.81 -11.27 42.79
N ALA C 477 -16.89 -11.18 41.48
CA ALA C 477 -16.83 -9.87 40.89
C ALA C 477 -17.96 -8.98 41.32
N ARG C 478 -19.17 -9.50 41.48
CA ARG C 478 -20.26 -8.65 41.90
C ARG C 478 -20.13 -8.29 43.36
N ALA C 479 -19.61 -9.21 44.15
CA ALA C 479 -19.38 -9.00 45.57
C ALA C 479 -18.42 -7.87 45.77
N GLY C 480 -17.49 -7.72 44.85
CA GLY C 480 -16.49 -6.68 44.89
C GLY C 480 -15.15 -7.32 45.07
N LEU C 481 -15.15 -8.57 45.44
CA LEU C 481 -13.92 -9.29 45.61
C LEU C 481 -13.46 -9.91 44.31
N GLY C 482 -13.27 -9.09 43.32
CA GLY C 482 -12.82 -9.54 42.02
C GLY C 482 -11.34 -9.26 41.98
N HIS C 483 -10.75 -9.12 40.81
CA HIS C 483 -9.37 -8.78 40.86
C HIS C 483 -9.33 -7.32 40.52
N GLU C 484 -8.16 -6.72 40.53
CA GLU C 484 -8.06 -5.32 40.25
C GLU C 484 -8.00 -5.04 38.77
N HIS C 485 -7.45 -5.97 38.03
CA HIS C 485 -7.29 -5.79 36.61
C HIS C 485 -7.20 -7.05 35.83
N LYS C 486 -8.22 -7.85 35.89
CA LYS C 486 -8.25 -9.09 35.18
C LYS C 486 -9.67 -9.24 34.70
N PRO C 487 -9.97 -10.11 33.76
CA PRO C 487 -11.30 -10.40 33.34
C PRO C 487 -12.02 -10.96 34.54
N VAL C 488 -13.34 -11.07 34.45
CA VAL C 488 -14.15 -11.57 35.56
C VAL C 488 -13.62 -12.92 35.95
N GLY C 489 -13.28 -13.68 34.96
CA GLY C 489 -12.67 -14.96 35.15
C GLY C 489 -12.23 -15.42 33.79
N SER C 490 -11.30 -16.37 33.77
CA SER C 490 -10.79 -16.90 32.53
C SER C 490 -10.33 -18.35 32.68
N PHE C 491 -11.18 -19.29 32.28
CA PHE C 491 -10.87 -20.71 32.39
C PHE C 491 -11.16 -21.43 31.07
N LEU C 492 -10.40 -22.47 30.80
CA LEU C 492 -10.57 -23.25 29.57
C LEU C 492 -11.45 -24.47 29.82
N PHE C 493 -12.45 -24.65 28.97
CA PHE C 493 -13.37 -25.76 29.09
C PHE C 493 -13.01 -26.87 28.16
N ALA C 494 -12.51 -27.94 28.72
CA ALA C 494 -12.02 -29.05 27.94
C ALA C 494 -12.90 -30.25 28.14
N GLY C 495 -12.95 -31.12 27.15
CA GLY C 495 -13.78 -32.31 27.25
C GLY C 495 -14.18 -32.93 25.94
N PRO C 496 -14.88 -34.06 26.05
CA PRO C 496 -15.37 -34.81 24.92
C PRO C 496 -16.36 -33.98 24.18
N THR C 497 -16.58 -34.27 22.93
CA THR C 497 -17.55 -33.52 22.15
C THR C 497 -18.99 -33.69 22.59
N GLY C 498 -19.77 -32.63 22.48
CA GLY C 498 -21.20 -32.70 22.76
C GLY C 498 -21.54 -32.81 24.23
N VAL C 499 -20.81 -32.13 25.09
CA VAL C 499 -21.04 -32.25 26.50
C VAL C 499 -21.41 -30.93 27.16
N GLY C 500 -21.81 -29.93 26.36
CA GLY C 500 -22.20 -28.64 26.89
C GLY C 500 -21.08 -27.61 27.05
N LYS C 501 -19.94 -27.81 26.41
CA LYS C 501 -18.84 -26.86 26.60
C LYS C 501 -19.18 -25.49 26.06
N THR C 502 -19.86 -25.40 24.94
CA THR C 502 -20.15 -24.07 24.41
C THR C 502 -21.52 -23.71 24.82
N GLU C 503 -22.34 -24.74 25.01
CA GLU C 503 -23.72 -24.58 25.43
C GLU C 503 -23.84 -23.89 26.80
N VAL C 504 -22.97 -24.24 27.75
CA VAL C 504 -23.10 -23.60 29.03
C VAL C 504 -22.75 -22.14 28.91
N THR C 505 -21.80 -21.82 28.05
CA THR C 505 -21.39 -20.44 27.88
C THR C 505 -22.45 -19.67 27.18
N VAL C 506 -23.07 -20.24 26.19
CA VAL C 506 -24.10 -19.51 25.52
C VAL C 506 -25.20 -19.23 26.49
N GLN C 507 -25.56 -20.23 27.27
CA GLN C 507 -26.63 -20.05 28.22
C GLN C 507 -26.25 -19.11 29.32
N LEU C 508 -24.98 -19.05 29.68
CA LEU C 508 -24.58 -18.12 30.71
C LEU C 508 -24.89 -16.73 30.25
N SER C 509 -24.50 -16.39 29.05
CA SER C 509 -24.75 -15.03 28.61
C SER C 509 -26.24 -14.74 28.56
N LYS C 510 -27.05 -15.76 28.26
CA LYS C 510 -28.47 -15.50 28.25
C LYS C 510 -29.00 -15.33 29.65
N ALA C 511 -28.56 -16.16 30.57
CA ALA C 511 -29.02 -16.13 31.95
C ALA C 511 -28.70 -14.81 32.60
N LEU C 512 -27.56 -14.25 32.26
CA LEU C 512 -27.12 -12.99 32.81
C LEU C 512 -27.69 -11.79 32.12
N GLY C 513 -28.35 -11.97 30.99
CA GLY C 513 -28.84 -10.84 30.25
C GLY C 513 -27.75 -10.00 29.60
N ILE C 514 -26.62 -10.59 29.22
CA ILE C 514 -25.56 -9.76 28.64
C ILE C 514 -25.10 -10.26 27.29
N GLU C 515 -24.46 -9.39 26.55
CA GLU C 515 -24.03 -9.71 25.21
C GLU C 515 -23.04 -10.85 25.14
N LEU C 516 -23.25 -11.75 24.20
CA LEU C 516 -22.29 -12.81 23.96
C LEU C 516 -21.46 -12.44 22.78
N LEU C 517 -20.15 -12.34 22.99
CA LEU C 517 -19.21 -12.00 21.92
C LEU C 517 -18.54 -13.31 21.50
N ARG C 518 -19.13 -13.98 20.52
CA ARG C 518 -18.60 -15.26 20.07
C ARG C 518 -17.70 -15.23 18.83
N PHE C 519 -16.47 -15.69 19.02
CA PHE C 519 -15.50 -15.79 17.97
C PHE C 519 -15.21 -17.24 17.74
N ASP C 520 -15.06 -17.61 16.49
CA ASP C 520 -14.76 -18.98 16.12
C ASP C 520 -13.30 -19.09 15.88
N MET C 521 -12.57 -19.82 16.68
CA MET C 521 -11.16 -19.74 16.52
C MET C 521 -10.63 -20.52 15.38
N SER C 522 -11.48 -21.25 14.72
CA SER C 522 -11.10 -22.03 13.58
C SER C 522 -10.77 -21.10 12.45
N GLU C 523 -11.18 -19.85 12.55
CA GLU C 523 -10.93 -18.95 11.46
C GLU C 523 -9.60 -18.27 11.58
N TYR C 524 -8.89 -18.50 12.68
CA TYR C 524 -7.61 -17.87 12.89
C TYR C 524 -6.54 -18.94 12.84
N MET C 525 -6.37 -19.54 11.69
CA MET C 525 -5.40 -20.58 11.55
C MET C 525 -4.02 -20.17 11.13
N GLU C 526 -3.85 -18.96 10.59
CA GLU C 526 -2.54 -18.50 10.16
C GLU C 526 -2.03 -17.45 11.15
N ARG C 527 -0.72 -17.34 11.32
CA ARG C 527 -0.24 -16.36 12.26
C ARG C 527 -0.75 -14.98 12.00
N HIS C 528 -0.77 -14.60 10.74
CA HIS C 528 -1.19 -13.26 10.31
C HIS C 528 -2.68 -12.95 10.46
N THR C 529 -3.44 -13.90 10.98
CA THR C 529 -4.86 -13.69 11.16
C THR C 529 -5.08 -12.87 12.38
N VAL C 530 -4.04 -12.65 13.16
CA VAL C 530 -4.09 -11.79 14.30
C VAL C 530 -4.50 -10.42 13.89
N SER C 531 -4.14 -10.00 12.70
CA SER C 531 -4.54 -8.67 12.30
C SER C 531 -6.04 -8.53 12.29
N ARG C 532 -6.81 -9.61 12.22
CA ARG C 532 -8.24 -9.47 12.26
C ARG C 532 -8.72 -9.13 13.64
N LEU C 533 -7.93 -9.41 14.65
CA LEU C 533 -8.34 -9.18 16.01
C LEU C 533 -7.95 -7.78 16.43
N ILE C 534 -6.79 -7.34 15.95
CA ILE C 534 -6.16 -6.07 16.27
C ILE C 534 -6.38 -4.94 15.26
N GLY C 535 -6.25 -5.23 13.97
CA GLY C 535 -6.34 -4.26 12.89
C GLY C 535 -5.00 -4.17 12.21
N ALA C 536 -4.94 -3.69 10.98
CA ALA C 536 -3.64 -3.60 10.34
C ALA C 536 -2.80 -2.50 11.00
N PRO C 537 -1.48 -2.57 11.01
CA PRO C 537 -0.62 -1.52 11.48
C PRO C 537 -0.84 -0.30 10.61
N PRO C 538 -0.61 0.89 11.13
CA PRO C 538 -0.88 2.06 10.35
C PRO C 538 -0.09 1.96 9.11
N GLY C 539 -0.58 2.58 8.04
CA GLY C 539 0.12 2.55 6.77
C GLY C 539 -0.29 1.38 5.88
N TYR C 540 -1.06 0.45 6.43
CA TYR C 540 -1.51 -0.69 5.66
C TYR C 540 -2.97 -0.64 5.27
N VAL C 541 -3.29 -1.46 4.28
CA VAL C 541 -4.64 -1.54 3.73
C VAL C 541 -5.74 -1.50 4.78
N GLY C 542 -5.84 -2.59 5.54
CA GLY C 542 -6.87 -2.70 6.56
C GLY C 542 -6.68 -1.86 7.82
N PHE C 543 -6.06 -0.68 7.70
CA PHE C 543 -5.90 0.13 8.88
C PHE C 543 -7.16 0.71 9.48
N ASP C 544 -8.01 1.34 8.70
CA ASP C 544 -9.16 2.00 9.29
C ASP C 544 -10.23 1.04 9.76
N GLN C 545 -10.10 -0.21 9.40
CA GLN C 545 -11.06 -1.18 9.84
C GLN C 545 -11.03 -1.36 11.34
N GLY C 546 -9.85 -1.26 11.94
CA GLY C 546 -9.73 -1.54 13.36
C GLY C 546 -9.67 -3.04 13.54
N GLY C 547 -9.82 -3.52 14.76
CA GLY C 547 -9.71 -4.94 15.03
C GLY C 547 -11.08 -5.49 15.34
N LEU C 548 -11.32 -6.77 15.15
CA LEU C 548 -12.63 -7.27 15.46
C LEU C 548 -12.77 -7.60 16.93
N LEU C 549 -11.69 -7.97 17.59
CA LEU C 549 -11.79 -8.34 18.98
C LEU C 549 -11.75 -7.15 19.81
N THR C 550 -10.83 -6.26 19.50
CA THR C 550 -10.76 -5.10 20.33
C THR C 550 -12.00 -4.31 20.15
N ASP C 551 -12.56 -4.29 18.96
CA ASP C 551 -13.77 -3.53 18.85
C ASP C 551 -14.92 -4.19 19.57
N ALA C 552 -15.03 -5.50 19.53
CA ALA C 552 -16.15 -6.14 20.16
C ALA C 552 -16.24 -5.84 21.64
N VAL C 553 -15.11 -5.85 22.33
CA VAL C 553 -15.08 -5.57 23.77
C VAL C 553 -15.24 -4.09 24.13
N ILE C 554 -15.15 -3.21 23.14
CA ILE C 554 -15.28 -1.81 23.36
C ILE C 554 -16.72 -1.45 23.24
N LYS C 555 -17.41 -2.03 22.29
CA LYS C 555 -18.83 -1.77 22.25
C LYS C 555 -19.57 -2.46 23.36
N HIS C 556 -19.11 -3.63 23.78
CA HIS C 556 -19.80 -4.38 24.79
C HIS C 556 -18.89 -4.74 25.94
N PRO C 557 -18.49 -3.81 26.80
CA PRO C 557 -17.55 -4.01 27.87
C PRO C 557 -18.02 -4.98 28.93
N HIS C 558 -19.32 -5.19 29.01
CA HIS C 558 -19.85 -6.13 29.98
C HIS C 558 -20.41 -7.21 29.11
N ALA C 559 -19.74 -8.34 29.11
CA ALA C 559 -20.07 -9.38 28.15
C ALA C 559 -19.48 -10.70 28.51
N VAL C 560 -19.94 -11.72 27.82
CA VAL C 560 -19.30 -13.01 27.90
C VAL C 560 -18.57 -13.19 26.61
N LEU C 561 -17.29 -13.42 26.68
CA LEU C 561 -16.48 -13.59 25.50
C LEU C 561 -16.14 -15.03 25.31
N LEU C 562 -16.62 -15.60 24.24
CA LEU C 562 -16.42 -16.99 23.96
C LEU C 562 -15.53 -17.25 22.79
N LEU C 563 -14.45 -17.95 23.02
CA LEU C 563 -13.58 -18.26 21.93
C LEU C 563 -13.71 -19.75 21.69
N ASP C 564 -14.48 -20.12 20.66
CA ASP C 564 -14.74 -21.53 20.34
C ASP C 564 -13.55 -22.28 19.74
N GLU C 565 -13.38 -23.53 20.17
CA GLU C 565 -12.30 -24.39 19.70
C GLU C 565 -11.00 -23.60 19.59
N ILE C 566 -10.54 -23.08 20.73
CA ILE C 566 -9.34 -22.30 20.75
C ILE C 566 -8.11 -23.01 20.25
N GLU C 567 -8.06 -24.32 20.42
CA GLU C 567 -6.92 -25.11 19.96
C GLU C 567 -6.80 -25.18 18.43
N LYS C 568 -7.73 -24.57 17.70
CA LYS C 568 -7.67 -24.60 16.27
C LYS C 568 -7.01 -23.36 15.75
N ALA C 569 -6.83 -22.34 16.58
CA ALA C 569 -6.20 -21.12 16.15
C ALA C 569 -4.72 -21.36 16.07
N HIS C 570 -4.04 -20.62 15.25
CA HIS C 570 -2.61 -20.76 15.22
C HIS C 570 -2.17 -20.47 16.61
N PRO C 571 -1.25 -21.20 17.23
CA PRO C 571 -0.84 -20.97 18.59
C PRO C 571 -0.29 -19.61 18.87
N ASP C 572 0.20 -18.88 17.89
CA ASP C 572 0.68 -17.56 18.22
C ASP C 572 -0.45 -16.63 18.53
N VAL C 573 -1.65 -17.00 18.17
CA VAL C 573 -2.79 -16.15 18.40
C VAL C 573 -3.09 -16.17 19.88
N PHE C 574 -2.62 -17.16 20.59
CA PHE C 574 -2.89 -17.28 21.99
C PHE C 574 -2.14 -16.21 22.73
N ASN C 575 -1.10 -15.69 22.13
CA ASN C 575 -0.26 -14.76 22.82
C ASN C 575 -1.00 -13.48 23.04
N ILE C 576 -2.01 -13.24 22.25
CA ILE C 576 -2.82 -12.06 22.34
C ILE C 576 -3.58 -12.05 23.62
N LEU C 577 -3.78 -13.20 24.19
CA LEU C 577 -4.54 -13.27 25.38
C LEU C 577 -3.69 -13.16 26.61
N LEU C 578 -2.38 -13.09 26.50
CA LEU C 578 -1.67 -13.07 27.75
C LEU C 578 -1.96 -11.78 28.48
N GLN C 579 -2.00 -10.69 27.75
CA GLN C 579 -2.27 -9.41 28.37
C GLN C 579 -3.72 -9.20 28.65
N VAL C 580 -4.55 -10.02 28.07
CA VAL C 580 -5.95 -9.89 28.32
C VAL C 580 -6.23 -10.57 29.61
N MET C 581 -5.76 -11.77 29.72
CA MET C 581 -6.02 -12.51 30.92
C MET C 581 -5.36 -11.88 32.11
N ASP C 582 -4.20 -11.27 31.92
CA ASP C 582 -3.52 -10.70 33.05
C ASP C 582 -3.82 -9.25 33.39
N ASN C 583 -4.06 -8.39 32.40
CA ASN C 583 -4.28 -6.99 32.69
C ASN C 583 -5.63 -6.47 32.23
N GLY C 584 -6.44 -7.34 31.63
CA GLY C 584 -7.71 -6.90 31.19
C GLY C 584 -7.58 -5.96 30.02
N THR C 585 -6.47 -5.96 29.29
CA THR C 585 -6.40 -5.00 28.20
C THR C 585 -5.85 -5.57 26.95
N LEU C 586 -6.17 -4.91 25.86
CA LEU C 586 -5.58 -5.22 24.56
C LEU C 586 -5.52 -3.95 23.77
N THR C 587 -4.40 -3.63 23.13
CA THR C 587 -4.37 -2.35 22.42
C THR C 587 -4.59 -2.54 20.91
N ASP C 588 -5.53 -1.79 20.35
CA ASP C 588 -5.83 -1.88 18.92
C ASP C 588 -4.78 -1.15 18.08
N ASN C 589 -4.90 -1.22 16.76
CA ASN C 589 -3.93 -0.54 15.93
C ASN C 589 -3.97 0.98 15.94
N ASN C 590 -4.94 1.58 16.62
CA ASN C 590 -4.95 3.02 16.75
C ASN C 590 -4.46 3.41 18.10
N GLY C 591 -4.04 2.44 18.87
CA GLY C 591 -3.58 2.72 20.20
C GLY C 591 -4.69 2.83 21.22
N ARG C 592 -5.92 2.38 20.94
CA ARG C 592 -6.93 2.53 21.97
C ARG C 592 -6.97 1.24 22.71
N LYS C 593 -7.37 1.29 23.97
CA LYS C 593 -7.36 0.06 24.72
C LYS C 593 -8.69 -0.55 24.99
N ALA C 594 -8.76 -1.82 24.70
CA ALA C 594 -9.88 -2.66 24.99
C ALA C 594 -9.83 -2.86 26.46
N ASP C 595 -10.98 -2.95 27.11
CA ASP C 595 -11.03 -3.16 28.55
C ASP C 595 -11.89 -4.35 28.88
N PHE C 596 -11.27 -5.41 29.31
CA PHE C 596 -11.92 -6.69 29.51
C PHE C 596 -12.23 -6.94 30.95
N ARG C 597 -12.09 -5.97 31.81
CA ARG C 597 -12.31 -6.28 33.20
C ARG C 597 -13.73 -6.72 33.55
N ASN C 598 -14.69 -6.44 32.68
CA ASN C 598 -16.07 -6.85 32.92
C ASN C 598 -16.48 -7.92 31.94
N VAL C 599 -15.51 -8.57 31.35
CA VAL C 599 -15.77 -9.64 30.42
C VAL C 599 -15.44 -10.98 31.01
N VAL C 600 -16.32 -11.94 30.82
CA VAL C 600 -16.03 -13.29 31.30
C VAL C 600 -15.37 -13.99 30.14
N LEU C 601 -14.18 -14.53 30.30
CA LEU C 601 -13.55 -15.16 29.16
C LEU C 601 -13.63 -16.65 29.22
N VAL C 602 -14.27 -17.25 28.25
CA VAL C 602 -14.39 -18.67 28.20
C VAL C 602 -13.84 -19.18 26.92
N MET C 603 -12.94 -20.11 27.01
CA MET C 603 -12.36 -20.67 25.82
C MET C 603 -12.72 -22.11 25.84
N THR C 604 -13.14 -22.68 24.73
CA THR C 604 -13.46 -24.10 24.78
C THR C 604 -12.47 -24.87 23.98
N THR C 605 -12.35 -26.14 24.24
CA THR C 605 -11.40 -26.96 23.52
C THR C 605 -11.70 -28.43 23.46
N ASN C 606 -11.13 -29.08 22.46
CA ASN C 606 -11.28 -30.52 22.29
C ASN C 606 -9.90 -31.11 22.44
N ALA C 607 -8.98 -30.33 23.00
CA ALA C 607 -7.64 -30.80 23.16
C ALA C 607 -7.65 -31.90 24.15
N GLY C 608 -6.91 -32.94 23.86
CA GLY C 608 -6.80 -34.04 24.80
C GLY C 608 -7.86 -35.10 24.61
N VAL C 609 -8.86 -34.82 23.81
CA VAL C 609 -9.90 -35.81 23.68
C VAL C 609 -9.49 -36.94 22.81
N ARG C 610 -8.84 -36.66 21.72
CA ARG C 610 -8.49 -37.73 20.83
C ARG C 610 -7.67 -38.75 21.59
N GLU C 611 -6.81 -38.27 22.47
CA GLU C 611 -5.99 -39.15 23.27
C GLU C 611 -6.79 -39.85 24.38
N THR C 612 -7.69 -39.16 25.05
CA THR C 612 -8.36 -39.81 26.17
C THR C 612 -9.23 -40.95 25.69
N GLU C 613 -9.71 -40.84 24.45
CA GLU C 613 -10.57 -41.87 23.87
C GLU C 613 -9.82 -43.02 23.19
N ARG C 614 -8.51 -43.07 23.28
CA ARG C 614 -7.75 -44.13 22.62
C ARG C 614 -7.49 -45.36 23.50
N LYS C 615 -7.71 -46.55 22.94
CA LYS C 615 -7.46 -47.77 23.71
C LYS C 615 -6.00 -48.12 23.72
N SER C 616 -5.52 -48.48 24.89
CA SER C 616 -4.15 -48.85 25.10
C SER C 616 -3.90 -50.28 24.70
N ILE C 617 -2.63 -50.65 24.54
CA ILE C 617 -2.32 -52.01 24.18
C ILE C 617 -1.82 -52.75 25.39
N GLY C 618 -2.49 -53.79 25.80
CA GLY C 618 -1.98 -54.56 26.92
C GLY C 618 -3.09 -55.30 27.58
N LEU C 619 -2.79 -56.01 28.64
CA LEU C 619 -3.80 -56.78 29.33
C LEU C 619 -4.67 -55.89 30.19
N ILE C 620 -4.12 -54.82 30.69
CA ILE C 620 -4.87 -53.94 31.55
C ILE C 620 -5.13 -52.65 30.86
N HIS C 621 -6.39 -52.26 30.75
CA HIS C 621 -6.62 -51.00 30.08
C HIS C 621 -6.18 -49.90 30.95
N GLN C 622 -5.51 -48.96 30.35
CA GLN C 622 -4.98 -47.87 31.09
C GLN C 622 -5.98 -46.78 31.24
N ASP C 623 -5.83 -46.03 32.31
CA ASP C 623 -6.63 -44.88 32.56
C ASP C 623 -6.07 -43.68 31.85
N ASN C 624 -6.77 -43.19 30.85
CA ASN C 624 -6.25 -42.12 30.02
C ASN C 624 -6.84 -40.78 30.38
N SER C 625 -7.26 -40.61 31.62
CA SER C 625 -7.80 -39.35 32.08
C SER C 625 -6.77 -38.23 32.18
N THR C 626 -5.48 -38.53 32.13
CA THR C 626 -4.49 -37.50 32.22
C THR C 626 -4.19 -36.94 30.84
N ASP C 627 -5.20 -36.42 30.18
CA ASP C 627 -5.09 -35.77 28.88
C ASP C 627 -4.65 -34.33 29.07
N ALA C 628 -5.01 -33.81 30.23
CA ALA C 628 -4.69 -32.51 30.74
C ALA C 628 -3.22 -32.40 30.91
N MET C 629 -2.59 -33.52 31.17
CA MET C 629 -1.16 -33.52 31.38
C MET C 629 -0.37 -33.56 30.13
N GLU C 630 -1.01 -33.70 29.02
CA GLU C 630 -0.21 -33.76 27.85
C GLU C 630 -0.72 -32.82 26.84
N GLU C 631 -1.94 -32.96 26.41
CA GLU C 631 -2.30 -32.06 25.36
C GLU C 631 -2.52 -30.68 25.88
N ILE C 632 -3.13 -30.54 27.02
CA ILE C 632 -3.34 -29.16 27.39
C ILE C 632 -1.98 -28.51 27.64
N LYS C 633 -1.10 -29.21 28.31
CA LYS C 633 0.21 -28.69 28.61
C LYS C 633 1.11 -28.43 27.41
N LYS C 634 1.02 -29.26 26.37
CA LYS C 634 1.81 -29.09 25.18
C LYS C 634 1.28 -28.00 24.29
N ILE C 635 -0.02 -27.80 24.29
CA ILE C 635 -0.64 -26.79 23.45
C ILE C 635 -0.53 -25.41 24.02
N PHE C 636 -0.83 -25.24 25.28
CA PHE C 636 -0.82 -23.91 25.84
C PHE C 636 0.45 -23.65 26.63
N THR C 637 1.19 -22.66 26.20
CA THR C 637 2.45 -22.30 26.82
C THR C 637 2.26 -22.08 28.32
N PRO C 638 3.21 -22.42 29.21
CA PRO C 638 3.09 -22.26 30.64
C PRO C 638 2.59 -20.91 31.09
N GLU C 639 3.07 -19.83 30.47
CA GLU C 639 2.62 -18.49 30.84
C GLU C 639 1.14 -18.24 30.55
N PHE C 640 0.56 -19.02 29.64
CA PHE C 640 -0.83 -18.89 29.27
C PHE C 640 -1.57 -19.60 30.34
N ARG C 641 -1.13 -20.80 30.60
CA ARG C 641 -1.84 -21.61 31.54
C ARG C 641 -1.81 -21.04 32.91
N ASN C 642 -0.72 -20.43 33.27
CA ASN C 642 -0.58 -19.95 34.60
C ASN C 642 -1.39 -18.70 34.84
N ARG C 643 -2.10 -18.22 33.82
CA ARG C 643 -2.98 -17.08 33.93
C ARG C 643 -4.44 -17.44 33.94
N LEU C 644 -4.76 -18.72 33.87
CA LEU C 644 -6.15 -19.14 33.84
C LEU C 644 -6.70 -19.26 35.23
N ASP C 645 -8.00 -19.08 35.41
CA ASP C 645 -8.53 -19.33 36.72
C ASP C 645 -8.73 -20.79 36.85
N ASN C 646 -9.21 -21.41 35.80
CA ASN C 646 -9.29 -22.84 35.90
C ASN C 646 -9.35 -23.54 34.56
N ILE C 647 -9.03 -24.81 34.59
CA ILE C 647 -9.16 -25.71 33.48
C ILE C 647 -10.16 -26.70 33.92
N ILE C 648 -11.31 -26.69 33.32
CA ILE C 648 -12.40 -27.51 33.76
C ILE C 648 -12.70 -28.59 32.81
N TRP C 649 -12.68 -29.83 33.30
CA TRP C 649 -12.96 -31.00 32.47
C TRP C 649 -14.42 -31.41 32.49
N PHE C 650 -15.06 -31.35 31.33
CA PHE C 650 -16.42 -31.72 31.17
C PHE C 650 -16.38 -33.21 31.04
N ASP C 651 -17.36 -33.89 31.58
CA ASP C 651 -17.34 -35.33 31.45
C ASP C 651 -18.20 -35.79 30.31
N HIS C 652 -18.19 -37.08 30.10
CA HIS C 652 -19.04 -37.70 29.12
C HIS C 652 -20.37 -37.67 29.76
N LEU C 653 -21.42 -37.65 29.00
CA LEU C 653 -22.67 -37.61 29.69
C LEU C 653 -23.05 -39.01 30.09
N SER C 654 -23.64 -39.12 31.27
CA SER C 654 -24.16 -40.35 31.80
C SER C 654 -25.50 -40.65 31.20
N THR C 655 -26.01 -41.84 31.45
CA THR C 655 -27.32 -42.18 30.92
C THR C 655 -28.42 -41.43 31.63
N ASP C 656 -28.18 -41.00 32.87
CA ASP C 656 -29.17 -40.24 33.60
C ASP C 656 -29.33 -38.92 32.91
N VAL C 657 -28.19 -38.36 32.53
CA VAL C 657 -28.19 -37.17 31.75
C VAL C 657 -28.86 -37.37 30.43
N ILE C 658 -28.62 -38.48 29.76
CA ILE C 658 -29.29 -38.60 28.50
C ILE C 658 -30.76 -38.53 28.71
N HIS C 659 -31.29 -39.15 29.74
CA HIS C 659 -32.73 -39.03 29.87
C HIS C 659 -33.11 -37.56 30.01
N GLN C 660 -32.34 -36.78 30.75
CA GLN C 660 -32.65 -35.36 30.87
C GLN C 660 -32.51 -34.62 29.54
N VAL C 661 -31.52 -35.02 28.75
CA VAL C 661 -31.26 -34.43 27.45
C VAL C 661 -32.40 -34.72 26.52
N VAL C 662 -32.90 -35.94 26.54
CA VAL C 662 -34.00 -36.30 25.70
C VAL C 662 -35.19 -35.50 26.11
N ASP C 663 -35.45 -35.35 27.39
CA ASP C 663 -36.59 -34.55 27.77
C ASP C 663 -36.44 -33.15 27.25
N LYS C 664 -35.22 -32.60 27.33
CA LYS C 664 -34.96 -31.26 26.85
C LYS C 664 -35.23 -31.13 25.37
N PHE C 665 -34.74 -32.08 24.59
CA PHE C 665 -34.92 -32.00 23.16
C PHE C 665 -36.36 -32.18 22.78
N ILE C 666 -37.09 -33.00 23.51
CA ILE C 666 -38.49 -33.16 23.19
C ILE C 666 -39.17 -31.85 23.46
N VAL C 667 -38.84 -31.17 24.54
CA VAL C 667 -39.47 -29.88 24.74
C VAL C 667 -39.15 -28.95 23.59
N GLU C 668 -37.93 -28.94 23.09
CA GLU C 668 -37.66 -28.05 21.97
C GLU C 668 -38.57 -28.40 20.80
N LEU C 669 -38.79 -29.69 20.58
CA LEU C 669 -39.67 -30.14 19.53
C LEU C 669 -41.08 -29.68 19.79
N GLN C 670 -41.52 -29.76 21.03
CA GLN C 670 -42.87 -29.36 21.33
C GLN C 670 -43.05 -27.91 21.01
N VAL C 671 -42.05 -27.08 21.27
CA VAL C 671 -42.21 -25.68 20.98
C VAL C 671 -42.34 -25.45 19.49
N GLN C 672 -41.52 -26.11 18.68
CA GLN C 672 -41.62 -25.88 17.26
C GLN C 672 -43.00 -26.30 16.76
N LEU C 673 -43.53 -27.37 17.31
CA LEU C 673 -44.85 -27.83 16.93
C LEU C 673 -45.96 -26.89 17.39
N ASP C 674 -45.84 -26.37 18.61
CA ASP C 674 -46.83 -25.46 19.12
C ASP C 674 -47.01 -24.27 18.21
N GLN C 675 -45.94 -23.81 17.61
CA GLN C 675 -45.97 -22.67 16.72
C GLN C 675 -46.75 -22.93 15.44
N LYS C 676 -47.01 -24.20 15.14
CA LYS C 676 -47.76 -24.60 13.97
C LYS C 676 -49.18 -24.98 14.34
N GLY C 677 -49.53 -24.80 15.60
CA GLY C 677 -50.87 -25.11 16.05
C GLY C 677 -51.12 -26.57 16.36
N VAL C 678 -50.08 -27.37 16.54
CA VAL C 678 -50.29 -28.78 16.82
C VAL C 678 -49.49 -29.04 18.05
N SER C 679 -49.72 -30.12 18.74
CA SER C 679 -48.90 -30.38 19.91
C SER C 679 -48.53 -31.82 19.93
N LEU C 680 -47.53 -32.13 20.74
CA LEU C 680 -47.02 -33.48 20.85
C LEU C 680 -46.89 -34.03 22.23
N GLU C 681 -47.41 -35.22 22.41
CA GLU C 681 -47.23 -35.94 23.63
C GLU C 681 -46.40 -37.16 23.38
N VAL C 682 -45.42 -37.41 24.22
CA VAL C 682 -44.59 -38.59 24.10
C VAL C 682 -44.72 -39.35 25.41
N SER C 683 -45.00 -40.64 25.32
CA SER C 683 -45.14 -41.44 26.53
C SER C 683 -43.78 -41.63 27.17
N GLN C 684 -43.77 -42.03 28.43
CA GLN C 684 -42.50 -42.22 29.06
C GLN C 684 -41.72 -43.37 28.47
N GLU C 685 -42.43 -44.40 28.04
CA GLU C 685 -41.82 -45.57 27.45
C GLU C 685 -41.11 -45.17 26.16
N ALA C 686 -41.76 -44.28 25.41
CA ALA C 686 -41.20 -43.80 24.16
C ALA C 686 -39.97 -42.99 24.46
N ARG C 687 -40.01 -42.21 25.54
CA ARG C 687 -38.85 -41.42 25.88
C ARG C 687 -37.71 -42.28 26.31
N ASN C 688 -37.99 -43.30 27.10
CA ASN C 688 -36.89 -44.11 27.56
C ASN C 688 -36.30 -44.84 26.39
N TRP C 689 -37.14 -45.25 25.46
CA TRP C 689 -36.66 -45.95 24.32
C TRP C 689 -35.74 -45.09 23.50
N LEU C 690 -36.13 -43.84 23.24
CA LEU C 690 -35.30 -42.98 22.44
C LEU C 690 -33.98 -42.76 23.16
N ALA C 691 -34.02 -42.56 24.47
CA ALA C 691 -32.79 -42.33 25.20
C ALA C 691 -31.86 -43.52 25.13
N GLU C 692 -32.42 -44.70 25.28
CA GLU C 692 -31.65 -45.92 25.27
C GLU C 692 -31.07 -46.19 23.92
N LYS C 693 -31.84 -45.90 22.88
CA LYS C 693 -31.43 -46.10 21.51
C LYS C 693 -30.30 -45.20 21.11
N GLY C 694 -30.42 -43.91 21.43
CA GLY C 694 -29.41 -42.96 21.01
C GLY C 694 -28.16 -42.85 21.84
N TYR C 695 -28.16 -43.34 23.05
CA TYR C 695 -26.96 -43.14 23.82
C TYR C 695 -25.72 -43.75 23.23
N ASP C 696 -24.72 -42.91 23.19
CA ASP C 696 -23.38 -43.21 22.78
C ASP C 696 -22.48 -42.34 23.59
N ARG C 697 -21.77 -42.94 24.51
CA ARG C 697 -20.94 -42.17 25.38
C ARG C 697 -19.95 -41.33 24.59
N ALA C 698 -19.44 -41.88 23.50
CA ALA C 698 -18.44 -41.21 22.70
C ALA C 698 -18.88 -39.90 22.11
N MET C 699 -20.14 -39.73 21.80
CA MET C 699 -20.55 -38.51 21.12
C MET C 699 -21.40 -37.60 22.00
N GLY C 700 -21.41 -37.88 23.29
CA GLY C 700 -22.15 -37.05 24.22
C GLY C 700 -23.63 -36.94 23.90
N ALA C 701 -24.16 -35.74 23.94
CA ALA C 701 -25.56 -35.45 23.69
C ALA C 701 -25.82 -35.19 22.26
N ARG C 702 -24.76 -35.15 21.46
CA ARG C 702 -24.84 -34.81 20.03
C ARG C 702 -25.72 -35.63 19.09
N PRO C 703 -25.79 -36.94 19.30
CA PRO C 703 -26.53 -37.81 18.45
C PRO C 703 -27.95 -37.91 18.91
N MET C 704 -28.26 -37.40 20.10
CA MET C 704 -29.60 -37.60 20.58
C MET C 704 -30.51 -36.77 19.75
N ALA C 705 -29.99 -35.69 19.20
CA ALA C 705 -30.82 -34.84 18.42
C ALA C 705 -31.14 -35.52 17.11
N ARG C 706 -30.31 -36.47 16.69
CA ARG C 706 -30.53 -37.16 15.46
C ARG C 706 -31.52 -38.26 15.71
N VAL C 707 -31.43 -38.90 16.85
CA VAL C 707 -32.38 -39.95 17.15
C VAL C 707 -33.75 -39.35 17.20
N ILE C 708 -33.88 -38.19 17.81
CA ILE C 708 -35.13 -37.52 17.80
C ILE C 708 -35.47 -37.09 16.39
N GLN C 709 -34.52 -36.58 15.64
CA GLN C 709 -34.85 -36.20 14.29
C GLN C 709 -35.42 -37.36 13.48
N ASP C 710 -34.89 -38.57 13.61
CA ASP C 710 -35.40 -39.67 12.83
C ASP C 710 -36.63 -40.32 13.40
N ASN C 711 -36.77 -40.36 14.71
CA ASN C 711 -37.92 -41.03 15.26
C ASN C 711 -39.11 -40.13 15.45
N LEU C 712 -38.91 -38.86 15.69
CA LEU C 712 -40.06 -38.02 15.86
C LEU C 712 -40.18 -37.00 14.76
N LYS C 713 -39.11 -36.31 14.40
CA LYS C 713 -39.29 -35.24 13.43
C LYS C 713 -39.61 -35.71 12.02
N LYS C 714 -38.99 -36.77 11.54
CA LYS C 714 -39.32 -37.19 10.18
C LYS C 714 -40.80 -37.56 10.04
N PRO C 715 -41.38 -38.45 10.88
CA PRO C 715 -42.78 -38.76 10.85
C PRO C 715 -43.65 -37.53 10.92
N LEU C 716 -43.26 -36.59 11.78
CA LEU C 716 -44.06 -35.41 11.92
C LEU C 716 -43.99 -34.58 10.68
N ALA C 717 -42.82 -34.42 10.09
CA ALA C 717 -42.79 -33.61 8.90
C ALA C 717 -43.72 -34.17 7.86
N ASN C 718 -43.81 -35.49 7.72
CA ASN C 718 -44.74 -35.93 6.72
C ASN C 718 -46.17 -35.60 7.10
N GLU C 719 -46.51 -35.77 8.37
CA GLU C 719 -47.88 -35.46 8.82
C GLU C 719 -48.23 -33.97 8.71
N LEU C 720 -47.25 -33.11 8.93
CA LEU C 720 -47.40 -31.66 8.89
C LEU C 720 -47.46 -31.14 7.47
N LEU C 721 -46.64 -31.72 6.61
CA LEU C 721 -46.53 -31.31 5.23
C LEU C 721 -47.58 -31.86 4.31
N PHE C 722 -48.10 -33.03 4.56
CA PHE C 722 -49.04 -33.55 3.59
C PHE C 722 -50.49 -33.62 4.07
N GLY C 723 -50.79 -32.91 5.15
CA GLY C 723 -52.16 -32.79 5.66
C GLY C 723 -52.63 -33.75 6.76
N SER C 724 -51.88 -34.78 7.10
CA SER C 724 -52.38 -35.69 8.13
C SER C 724 -52.47 -35.04 9.51
N LEU C 725 -51.53 -34.17 9.84
CA LEU C 725 -51.45 -33.47 11.11
C LEU C 725 -51.30 -32.00 10.94
N VAL C 726 -52.34 -31.34 10.59
CA VAL C 726 -52.30 -29.93 10.40
C VAL C 726 -53.34 -29.35 11.32
N ASP C 727 -53.90 -28.24 10.96
CA ASP C 727 -54.87 -27.60 11.78
C ASP C 727 -55.96 -28.59 12.18
N GLY C 728 -56.34 -28.57 13.45
CA GLY C 728 -57.39 -29.44 13.99
C GLY C 728 -56.90 -30.65 14.81
N GLY C 729 -55.60 -31.00 14.73
CA GLY C 729 -55.17 -32.16 15.53
C GLY C 729 -53.92 -32.00 16.36
N GLN C 730 -53.60 -33.10 17.04
CA GLN C 730 -52.45 -33.25 17.94
C GLN C 730 -51.90 -34.64 17.75
N VAL C 731 -50.65 -34.84 18.07
CA VAL C 731 -50.07 -36.15 17.91
C VAL C 731 -49.59 -36.78 19.19
N THR C 732 -49.97 -38.02 19.40
CA THR C 732 -49.50 -38.72 20.56
C THR C 732 -48.64 -39.87 20.12
N VAL C 733 -47.48 -39.95 20.73
CA VAL C 733 -46.53 -40.97 20.44
C VAL C 733 -46.33 -41.88 21.62
N ALA C 734 -46.46 -43.16 21.37
CA ALA C 734 -46.28 -44.15 22.40
C ALA C 734 -45.49 -45.29 21.84
N LEU C 735 -44.87 -46.04 22.73
CA LEU C 735 -44.07 -47.15 22.31
C LEU C 735 -44.84 -48.44 22.49
N ASP C 736 -44.79 -49.34 21.51
CA ASP C 736 -45.46 -50.62 21.73
C ASP C 736 -44.42 -51.48 22.44
N LYS C 737 -44.71 -52.73 22.76
CA LYS C 737 -43.68 -53.49 23.46
C LYS C 737 -43.12 -54.59 22.59
N GLU C 738 -43.94 -55.01 21.66
CA GLU C 738 -43.70 -56.11 20.76
C GLU C 738 -42.60 -55.84 19.75
N LYS C 739 -42.54 -54.61 19.26
CA LYS C 739 -41.58 -54.24 18.24
C LYS C 739 -40.70 -53.13 18.80
N ASN C 740 -41.23 -52.46 19.83
CA ASN C 740 -40.67 -51.25 20.41
C ASN C 740 -40.67 -50.16 19.38
N GLU C 741 -41.78 -50.09 18.66
CA GLU C 741 -41.96 -49.11 17.61
C GLU C 741 -42.88 -48.01 18.14
N LEU C 742 -42.75 -46.83 17.55
CA LEU C 742 -43.55 -45.71 17.96
C LEU C 742 -44.86 -45.56 17.18
N THR C 743 -45.88 -45.08 17.88
CA THR C 743 -47.18 -44.80 17.33
C THR C 743 -47.28 -43.32 17.04
N TYR C 744 -48.30 -42.91 16.29
CA TYR C 744 -48.51 -41.51 15.93
C TYR C 744 -50.03 -41.29 15.84
N GLY C 745 -50.50 -40.08 15.54
CA GLY C 745 -51.96 -39.87 15.53
C GLY C 745 -52.39 -38.46 15.16
N PHE C 746 -53.65 -38.13 15.49
CA PHE C 746 -54.28 -36.84 15.21
C PHE C 746 -55.36 -36.52 16.23
N MET D 169 8.01 53.97 0.89
CA MET D 169 8.90 53.49 1.92
C MET D 169 8.56 54.23 3.18
N GLU D 170 7.41 54.90 3.12
CA GLU D 170 6.88 55.64 4.23
C GLU D 170 6.38 54.73 5.34
N ASN D 171 5.68 53.68 4.94
CA ASN D 171 5.10 52.74 5.89
C ASN D 171 5.14 51.26 5.50
N PHE D 172 5.87 50.87 4.47
CA PHE D 172 5.89 49.45 4.12
C PHE D 172 7.23 48.83 4.38
N THR D 173 8.24 49.65 4.61
CA THR D 173 9.56 49.18 4.86
C THR D 173 10.07 49.95 6.03
N THR D 174 11.12 49.47 6.66
CA THR D 174 11.74 50.30 7.68
C THR D 174 13.19 50.45 7.39
N ASN D 175 13.84 51.34 8.09
CA ASN D 175 15.25 51.61 7.91
C ASN D 175 16.11 50.93 8.96
N LEU D 176 16.84 49.89 8.58
CA LEU D 176 17.58 49.13 9.57
C LEU D 176 18.81 49.87 10.00
N ASN D 177 19.24 50.85 9.24
CA ASN D 177 20.44 51.55 9.63
C ASN D 177 20.00 52.48 10.71
N GLN D 178 18.82 53.04 10.54
CA GLN D 178 18.32 53.95 11.55
C GLN D 178 18.03 53.19 12.81
N LEU D 179 17.54 51.97 12.70
CA LEU D 179 17.30 51.24 13.91
C LEU D 179 18.62 50.85 14.55
N ALA D 180 19.60 50.44 13.76
CA ALA D 180 20.84 50.07 14.37
C ALA D 180 21.46 51.24 15.08
N ARG D 181 21.28 52.40 14.49
CA ARG D 181 21.81 53.66 14.96
C ARG D 181 21.30 54.05 16.33
N VAL D 182 20.15 53.51 16.72
CA VAL D 182 19.55 53.86 17.99
C VAL D 182 19.53 52.65 18.92
N GLY D 183 20.24 51.58 18.54
CA GLY D 183 20.31 50.38 19.34
C GLY D 183 19.13 49.41 19.19
N GLY D 184 18.41 49.46 18.07
CA GLY D 184 17.27 48.56 17.89
C GLY D 184 17.68 47.20 17.34
N ILE D 185 18.96 47.07 17.01
CA ILE D 185 19.54 45.87 16.46
C ILE D 185 20.70 45.33 17.28
N ASP D 186 20.58 44.08 17.69
CA ASP D 186 21.63 43.43 18.46
C ASP D 186 22.86 43.26 17.57
N PRO D 187 24.08 43.38 18.09
CA PRO D 187 25.32 43.28 17.36
C PRO D 187 25.61 41.88 16.95
N LEU D 188 26.36 41.71 15.88
CA LEU D 188 26.87 40.40 15.57
C LEU D 188 28.19 40.19 16.16
N ILE D 189 28.39 38.99 16.61
CA ILE D 189 29.68 38.57 17.05
C ILE D 189 30.21 37.56 16.06
N GLY D 190 31.37 37.81 15.51
CA GLY D 190 31.87 36.88 14.52
C GLY D 190 31.07 37.08 13.24
N ARG D 191 30.98 36.02 12.44
CA ARG D 191 30.26 36.07 11.17
C ARG D 191 30.87 37.12 10.23
N GLU D 192 32.19 37.23 10.22
CA GLU D 192 32.83 38.19 9.35
C GLU D 192 32.74 37.78 7.91
N LYS D 193 33.00 36.51 7.64
CA LYS D 193 33.03 36.10 6.27
C LYS D 193 31.65 36.10 5.66
N GLU D 194 30.63 35.88 6.48
CA GLU D 194 29.27 35.88 5.99
C GLU D 194 28.90 37.29 5.57
N LEU D 195 29.30 38.29 6.35
CA LEU D 195 29.02 39.65 5.94
C LEU D 195 29.79 39.98 4.69
N GLU D 196 31.03 39.51 4.62
CA GLU D 196 31.83 39.80 3.47
C GLU D 196 31.20 39.20 2.24
N ARG D 197 30.65 37.98 2.36
CA ARG D 197 30.03 37.41 1.20
C ARG D 197 28.88 38.26 0.76
N ALA D 198 28.05 38.72 1.70
CA ALA D 198 26.94 39.52 1.25
C ALA D 198 27.44 40.73 0.48
N ILE D 199 28.52 41.33 0.94
CA ILE D 199 29.06 42.50 0.28
C ILE D 199 29.59 42.13 -1.11
N GLN D 200 30.30 41.01 -1.20
CA GLN D 200 30.89 40.51 -2.43
C GLN D 200 29.83 40.15 -3.46
N VAL D 201 28.65 39.80 -3.02
CA VAL D 201 27.61 39.50 -3.97
C VAL D 201 26.94 40.80 -4.42
N LEU D 202 26.66 41.69 -3.49
CA LEU D 202 25.92 42.91 -3.80
C LEU D 202 26.63 43.82 -4.77
N CYS D 203 27.95 43.77 -4.74
CA CYS D 203 28.77 44.60 -5.64
C CYS D 203 29.02 44.00 -7.03
N ARG D 204 28.44 42.81 -7.31
CA ARG D 204 28.62 42.17 -8.61
C ARG D 204 27.96 42.95 -9.76
N ARG D 205 28.45 42.72 -10.98
CA ARG D 205 27.89 43.41 -12.16
C ARG D 205 26.48 42.88 -12.43
N ARG D 206 26.33 41.57 -12.26
CA ARG D 206 25.06 40.90 -12.50
C ARG D 206 24.82 39.86 -11.44
N LYS D 207 23.53 39.61 -11.14
CA LYS D 207 23.11 38.60 -10.15
C LYS D 207 23.68 38.97 -8.80
N ASN D 208 23.66 40.25 -8.51
CA ASN D 208 24.19 40.78 -7.30
C ASN D 208 23.21 40.84 -6.16
N ASN D 209 22.67 39.70 -5.80
CA ASN D 209 21.71 39.63 -4.72
C ASN D 209 22.01 38.44 -3.83
N PRO D 210 22.62 38.58 -2.66
CA PRO D 210 22.92 37.50 -1.79
C PRO D 210 21.66 36.94 -1.23
N LEU D 211 21.63 35.66 -1.01
CA LEU D 211 20.53 35.01 -0.33
C LEU D 211 21.08 34.32 0.90
N LEU D 212 20.54 34.61 2.03
CA LEU D 212 21.03 34.05 3.26
C LEU D 212 20.22 32.81 3.58
N VAL D 213 20.84 31.65 3.45
CA VAL D 213 20.10 30.41 3.61
C VAL D 213 20.66 29.61 4.75
N GLY D 214 19.80 29.18 5.63
CA GLY D 214 20.32 28.38 6.73
C GLY D 214 19.27 27.77 7.64
N GLU D 215 19.74 27.09 8.68
CA GLU D 215 18.91 26.40 9.65
C GLU D 215 18.24 27.41 10.53
N SER D 216 17.15 27.04 11.17
CA SER D 216 16.56 28.04 12.02
C SER D 216 17.42 28.47 13.17
N GLY D 217 17.40 29.76 13.48
CA GLY D 217 18.12 30.30 14.62
C GLY D 217 19.65 30.40 14.45
N VAL D 218 20.19 30.49 13.23
CA VAL D 218 21.64 30.53 13.15
C VAL D 218 22.25 31.82 12.67
N GLY D 219 21.45 32.79 12.29
CA GLY D 219 22.05 34.01 11.77
C GLY D 219 21.08 34.71 10.85
N LYS D 220 20.88 34.17 9.66
CA LYS D 220 19.86 34.72 8.75
C LYS D 220 19.62 36.22 8.95
N THR D 221 18.48 36.56 9.60
CA THR D 221 18.14 37.94 9.89
C THR D 221 19.17 38.61 10.73
N ALA D 222 19.71 37.95 11.75
CA ALA D 222 20.67 38.63 12.59
C ALA D 222 21.82 39.09 11.73
N ILE D 223 22.19 38.30 10.74
CA ILE D 223 23.28 38.71 9.89
C ILE D 223 22.90 39.91 9.04
N ALA D 224 21.72 39.88 8.42
CA ALA D 224 21.34 41.03 7.60
C ALA D 224 21.22 42.31 8.41
N GLU D 225 20.68 42.20 9.61
CA GLU D 225 20.54 43.36 10.46
C GLU D 225 21.89 43.80 10.95
N GLY D 226 22.75 42.81 11.20
CA GLY D 226 24.10 43.04 11.65
C GLY D 226 24.88 43.85 10.62
N LEU D 227 24.59 43.65 9.34
CA LEU D 227 25.27 44.44 8.34
C LEU D 227 24.83 45.88 8.48
N ALA D 228 23.52 46.13 8.64
CA ALA D 228 23.06 47.52 8.77
C ALA D 228 23.73 48.15 9.96
N TRP D 229 23.90 47.37 11.00
CA TRP D 229 24.56 47.81 12.19
C TRP D 229 26.00 48.14 11.90
N ARG D 230 26.75 47.26 11.24
CA ARG D 230 28.12 47.63 11.01
C ARG D 230 28.21 48.86 10.10
N ILE D 231 27.28 49.03 9.19
CA ILE D 231 27.36 50.19 8.32
C ILE D 231 27.24 51.47 9.12
N VAL D 232 26.30 51.53 10.07
CA VAL D 232 26.20 52.76 10.85
C VAL D 232 27.34 52.90 11.84
N GLN D 233 27.86 51.77 12.36
CA GLN D 233 28.98 51.81 13.28
C GLN D 233 30.22 52.26 12.53
N GLY D 234 30.28 51.91 11.24
CA GLY D 234 31.34 52.30 10.34
C GLY D 234 32.42 51.26 10.05
N ASP D 235 32.42 50.13 10.75
CA ASP D 235 33.45 49.14 10.49
C ASP D 235 33.10 48.19 9.35
N VAL D 236 32.96 48.78 8.19
CA VAL D 236 32.64 48.06 6.97
C VAL D 236 33.60 48.55 5.91
N PRO D 237 33.82 47.82 4.83
CA PRO D 237 34.58 48.33 3.71
C PRO D 237 33.85 49.60 3.38
N GLU D 238 34.58 50.66 3.11
CA GLU D 238 34.04 52.01 2.87
C GLU D 238 33.05 52.08 1.73
N VAL D 239 33.15 51.14 0.87
CA VAL D 239 32.28 51.04 -0.27
C VAL D 239 30.83 50.81 0.14
N MET D 240 30.62 50.30 1.37
CA MET D 240 29.30 50.07 1.93
C MET D 240 28.84 51.29 2.70
N ALA D 241 29.66 52.32 2.74
CA ALA D 241 29.31 53.47 3.49
C ALA D 241 28.08 54.06 2.86
N ASP D 242 27.22 54.56 3.72
CA ASP D 242 25.99 55.21 3.36
C ASP D 242 25.02 54.27 2.68
N CYS D 243 25.31 52.97 2.68
CA CYS D 243 24.41 52.03 2.09
C CYS D 243 23.34 51.80 3.12
N THR D 244 22.10 52.06 2.74
CA THR D 244 21.03 51.95 3.70
C THR D 244 20.19 50.75 3.44
N ILE D 245 20.06 49.90 4.46
CA ILE D 245 19.30 48.70 4.30
C ILE D 245 17.91 48.87 4.84
N TYR D 246 16.96 48.63 3.97
CA TYR D 246 15.58 48.77 4.34
C TYR D 246 15.03 47.39 4.54
N SER D 247 14.10 47.20 5.44
CA SER D 247 13.50 45.90 5.64
C SER D 247 12.06 45.91 5.27
N LEU D 248 11.70 45.00 4.37
CA LEU D 248 10.33 44.96 3.86
C LEU D 248 9.35 44.21 4.71
N ASP D 249 8.24 44.86 5.06
CA ASP D 249 7.19 44.21 5.79
C ASP D 249 6.19 43.75 4.74
N ILE D 250 6.25 42.47 4.39
CA ILE D 250 5.44 41.95 3.31
C ILE D 250 3.98 42.08 3.69
N GLY D 251 3.67 41.69 4.92
CA GLY D 251 2.31 41.75 5.41
C GLY D 251 1.76 43.15 5.38
N SER D 252 2.61 44.14 5.67
CA SER D 252 2.16 45.53 5.63
C SER D 252 1.83 45.94 4.23
N LEU D 253 2.70 45.59 3.30
CA LEU D 253 2.47 45.99 1.94
C LEU D 253 1.19 45.37 1.40
N LEU D 254 0.90 44.15 1.82
CA LEU D 254 -0.31 43.45 1.42
C LEU D 254 -1.54 43.89 2.21
N ALA D 255 -1.36 44.70 3.26
CA ALA D 255 -2.46 45.14 4.08
C ALA D 255 -2.98 46.34 3.37
N GLY D 256 -3.56 46.05 2.23
CA GLY D 256 -3.94 47.03 1.27
C GLY D 256 -5.38 47.28 1.21
N THR D 257 -5.81 47.53 0.01
CA THR D 257 -7.15 47.89 -0.23
C THR D 257 -7.81 46.81 -1.03
N LYS D 258 -9.12 46.88 -1.06
CA LYS D 258 -9.91 45.92 -1.80
C LYS D 258 -9.63 46.02 -3.28
N TYR D 259 -9.37 47.22 -3.73
CA TYR D 259 -9.29 47.56 -5.14
C TYR D 259 -8.16 46.99 -5.97
N ARG D 260 -8.56 46.57 -7.17
CA ARG D 260 -7.62 46.02 -8.12
C ARG D 260 -6.57 47.03 -8.47
N GLY D 261 -5.34 46.60 -8.50
CA GLY D 261 -4.25 47.48 -8.90
C GLY D 261 -3.59 48.23 -7.75
N ASP D 262 -4.19 48.27 -6.57
CA ASP D 262 -3.53 49.04 -5.53
C ASP D 262 -2.29 48.36 -5.02
N PHE D 263 -2.27 47.04 -5.03
CA PHE D 263 -1.08 46.34 -4.57
C PHE D 263 0.09 46.64 -5.46
N GLU D 264 -0.13 46.51 -6.76
CA GLU D 264 0.88 46.73 -7.76
C GLU D 264 1.42 48.15 -7.68
N LYS D 265 0.52 49.11 -7.48
CA LYS D 265 0.98 50.49 -7.38
C LYS D 265 1.83 50.69 -6.15
N ARG D 266 1.44 50.11 -5.01
CA ARG D 266 2.27 50.30 -3.83
C ARG D 266 3.61 49.65 -3.99
N PHE D 267 3.62 48.47 -4.57
CA PHE D 267 4.84 47.72 -4.71
C PHE D 267 5.78 48.50 -5.59
N LYS D 268 5.27 48.95 -6.75
CA LYS D 268 6.11 49.70 -7.64
C LYS D 268 6.51 51.01 -7.02
N ALA D 269 5.64 51.66 -6.24
CA ALA D 269 6.04 52.92 -5.65
C ALA D 269 7.26 52.72 -4.76
N LEU D 270 7.31 51.60 -4.02
CA LEU D 270 8.47 51.36 -3.18
C LEU D 270 9.69 51.17 -4.03
N LEU D 271 9.52 50.45 -5.13
CA LEU D 271 10.66 50.23 -5.98
C LEU D 271 11.10 51.54 -6.60
N LYS D 272 10.18 52.41 -6.99
CA LYS D 272 10.63 53.64 -7.60
C LYS D 272 11.51 54.40 -6.64
N GLN D 273 11.14 54.43 -5.38
CA GLN D 273 11.95 55.17 -4.42
C GLN D 273 13.31 54.50 -4.23
N LEU D 274 13.32 53.16 -4.25
CA LEU D 274 14.53 52.36 -4.10
C LEU D 274 15.48 52.57 -5.30
N GLU D 275 14.88 52.59 -6.51
CA GLU D 275 15.57 52.77 -7.78
C GLU D 275 16.17 54.15 -7.90
N GLN D 276 15.44 55.15 -7.44
CA GLN D 276 15.94 56.52 -7.49
C GLN D 276 17.12 56.72 -6.57
N ASP D 277 17.07 56.12 -5.39
CA ASP D 277 18.18 56.26 -4.47
C ASP D 277 19.47 55.61 -4.96
N THR D 278 19.39 54.32 -5.29
CA THR D 278 20.49 53.46 -5.76
C THR D 278 21.52 53.07 -4.70
N ASN D 279 21.55 53.73 -3.53
CA ASN D 279 22.46 53.26 -2.48
C ASN D 279 21.62 52.73 -1.36
N SER D 280 20.41 52.37 -1.75
CA SER D 280 19.41 51.77 -0.92
C SER D 280 19.26 50.35 -1.37
N ILE D 281 19.42 49.49 -0.42
CA ILE D 281 19.37 48.07 -0.57
C ILE D 281 18.21 47.53 0.22
N LEU D 282 17.44 46.63 -0.39
CA LEU D 282 16.29 46.15 0.35
C LEU D 282 16.50 44.74 0.88
N PHE D 283 16.27 44.55 2.15
CA PHE D 283 16.33 43.27 2.80
C PHE D 283 14.95 42.66 2.89
N ILE D 284 14.82 41.50 2.30
CA ILE D 284 13.54 40.86 2.31
C ILE D 284 13.68 39.61 3.11
N ASP D 285 13.07 39.62 4.26
CA ASP D 285 13.09 38.46 5.10
C ASP D 285 12.05 37.57 4.52
N GLU D 286 12.11 36.29 4.85
CA GLU D 286 11.15 35.32 4.34
C GLU D 286 10.91 35.69 2.88
N ILE D 287 12.00 35.69 2.12
CA ILE D 287 11.94 36.06 0.73
C ILE D 287 11.15 35.15 -0.13
N HIS D 288 11.09 33.88 0.25
CA HIS D 288 10.32 32.90 -0.50
C HIS D 288 8.81 33.05 -0.30
N THR D 289 8.38 34.05 0.47
CA THR D 289 6.97 34.23 0.68
C THR D 289 6.45 35.32 -0.22
N ILE D 290 7.35 35.95 -0.99
CA ILE D 290 6.87 36.99 -1.89
C ILE D 290 6.23 36.28 -3.07
N ILE D 291 6.57 35.01 -3.23
CA ILE D 291 6.03 34.28 -4.33
C ILE D 291 4.59 34.40 -3.98
N GLY D 292 3.69 33.91 -4.79
CA GLY D 292 2.31 34.07 -4.45
C GLY D 292 2.22 35.56 -4.22
N ALA D 293 1.48 35.98 -3.20
CA ALA D 293 1.36 37.39 -2.88
C ALA D 293 0.37 38.19 -3.75
N GLY D 294 -0.27 39.15 -3.12
CA GLY D 294 -1.23 40.05 -3.73
C GLY D 294 -2.20 39.57 -4.77
N ALA D 295 -1.74 38.68 -5.64
CA ALA D 295 -2.56 38.17 -6.74
C ALA D 295 -4.05 37.95 -6.41
N ALA D 296 -4.92 38.66 -7.10
CA ALA D 296 -6.37 38.53 -6.89
C ALA D 296 -7.07 38.22 -8.19
N SER D 297 -8.13 38.97 -8.53
CA SER D 297 -8.81 38.68 -9.79
C SER D 297 -8.28 39.68 -10.81
N GLY D 298 -8.33 39.36 -12.10
CA GLY D 298 -7.77 40.30 -13.06
C GLY D 298 -6.24 40.14 -13.17
N GLY D 299 -5.75 38.94 -12.90
CA GLY D 299 -4.31 38.65 -12.96
C GLY D 299 -3.63 39.07 -11.68
N GLN D 300 -3.54 40.38 -11.49
CA GLN D 300 -2.97 40.96 -10.27
C GLN D 300 -1.62 40.37 -9.91
N VAL D 301 -0.67 40.55 -10.79
CA VAL D 301 0.66 40.00 -10.64
C VAL D 301 1.26 40.30 -9.26
N ASP D 302 1.87 39.29 -8.67
CA ASP D 302 2.44 39.39 -7.32
C ASP D 302 3.84 40.03 -7.23
N ALA D 303 4.31 40.12 -6.00
CA ALA D 303 5.61 40.68 -5.67
C ALA D 303 6.76 39.97 -6.34
N ALA D 304 6.67 38.66 -6.45
CA ALA D 304 7.72 37.91 -7.06
C ALA D 304 7.95 38.34 -8.47
N ASN D 305 6.87 38.67 -9.17
CA ASN D 305 6.99 39.11 -10.55
C ASN D 305 7.17 40.60 -10.71
N LEU D 306 6.55 41.40 -9.86
CA LEU D 306 6.64 42.84 -9.98
C LEU D 306 8.09 43.30 -9.82
N ILE D 307 8.85 42.59 -9.00
CA ILE D 307 10.25 42.89 -8.79
C ILE D 307 11.22 42.35 -9.87
N LYS D 308 10.79 41.37 -10.69
CA LYS D 308 11.73 40.71 -11.60
C LYS D 308 12.51 41.65 -12.49
N PRO D 309 11.92 42.64 -13.17
CA PRO D 309 12.63 43.53 -14.07
C PRO D 309 13.74 44.31 -13.41
N LEU D 310 13.70 44.51 -12.09
CA LEU D 310 14.76 45.30 -11.53
C LEU D 310 15.85 44.41 -11.04
N LEU D 311 15.51 43.17 -10.72
CA LEU D 311 16.54 42.26 -10.32
C LEU D 311 17.24 41.78 -11.57
N SER D 312 16.49 41.72 -12.68
CA SER D 312 16.93 41.30 -13.99
C SER D 312 17.88 42.33 -14.62
N SER D 313 17.57 43.62 -14.45
CA SER D 313 18.44 44.65 -15.01
C SER D 313 19.59 45.00 -14.08
N GLY D 314 19.41 44.77 -12.78
CA GLY D 314 20.40 45.10 -11.79
C GLY D 314 20.14 46.50 -11.23
N LYS D 315 19.01 47.09 -11.61
CA LYS D 315 18.67 48.42 -11.12
C LYS D 315 18.57 48.49 -9.61
N ILE D 316 18.05 47.44 -8.98
CA ILE D 316 17.99 47.47 -7.52
C ILE D 316 18.68 46.24 -7.03
N ARG D 317 19.02 46.20 -5.76
CA ARG D 317 19.63 45.01 -5.23
C ARG D 317 19.00 44.71 -3.92
N VAL D 318 18.91 43.43 -3.62
CA VAL D 318 18.31 43.01 -2.39
C VAL D 318 19.13 42.00 -1.66
N ILE D 319 18.85 41.84 -0.39
CA ILE D 319 19.42 40.78 0.41
C ILE D 319 18.23 39.93 0.76
N GLY D 320 18.25 38.66 0.48
CA GLY D 320 17.08 37.88 0.85
C GLY D 320 17.43 36.90 1.94
N SER D 321 16.43 36.37 2.62
CA SER D 321 16.64 35.32 3.62
C SER D 321 15.56 34.25 3.63
N THR D 322 16.01 32.99 3.77
CA THR D 322 15.09 31.84 3.76
C THR D 322 15.73 30.59 4.42
N THR D 323 14.94 29.60 4.83
CA THR D 323 15.58 28.37 5.32
C THR D 323 15.75 27.34 4.24
N TYR D 324 16.29 26.19 4.58
CA TYR D 324 16.59 25.21 3.57
C TYR D 324 15.38 24.61 2.89
N GLN D 325 14.31 24.40 3.64
CA GLN D 325 13.12 23.78 3.09
C GLN D 325 12.35 24.80 2.30
N GLU D 326 12.36 26.02 2.78
CA GLU D 326 11.67 27.08 2.11
C GLU D 326 12.36 27.36 0.81
N PHE D 327 13.70 27.32 0.86
CA PHE D 327 14.51 27.52 -0.34
C PHE D 327 14.36 26.36 -1.31
N SER D 328 14.31 25.13 -0.79
CA SER D 328 14.16 23.97 -1.62
C SER D 328 12.78 23.81 -2.24
N ASN D 329 11.73 24.11 -1.48
CA ASN D 329 10.41 23.89 -2.00
C ASN D 329 9.72 25.10 -2.60
N ILE D 330 10.09 26.31 -2.22
CA ILE D 330 9.41 27.46 -2.77
C ILE D 330 10.33 28.33 -3.59
N PHE D 331 11.42 28.79 -2.98
CA PHE D 331 12.25 29.80 -3.62
C PHE D 331 12.81 29.29 -4.93
N GLU D 332 13.37 28.09 -4.89
CA GLU D 332 14.03 27.48 -6.05
C GLU D 332 13.09 27.07 -7.15
N LYS D 333 11.79 27.18 -6.94
CA LYS D 333 10.90 26.76 -7.98
C LYS D 333 10.72 27.84 -9.02
N ASP D 334 11.06 29.08 -8.72
CA ASP D 334 10.91 30.08 -9.76
C ASP D 334 12.28 30.60 -10.10
N ARG D 335 12.82 30.06 -11.18
CA ARG D 335 14.17 30.34 -11.59
C ARG D 335 14.36 31.75 -12.03
N ALA D 336 13.29 32.43 -12.38
CA ALA D 336 13.42 33.77 -12.83
C ALA D 336 14.02 34.63 -11.73
N LEU D 337 13.71 34.29 -10.46
CA LEU D 337 14.31 35.02 -9.37
C LEU D 337 15.52 34.29 -8.89
N ALA D 338 15.44 32.97 -8.78
CA ALA D 338 16.55 32.24 -8.18
C ALA D 338 17.86 32.46 -8.93
N ARG D 339 17.79 32.65 -10.24
CA ARG D 339 18.96 32.86 -11.05
C ARG D 339 19.66 34.17 -10.77
N ARG D 340 18.97 35.09 -10.10
CA ARG D 340 19.53 36.41 -9.81
C ARG D 340 20.08 36.47 -8.40
N PHE D 341 20.10 35.33 -7.71
CA PHE D 341 20.62 35.30 -6.37
C PHE D 341 21.78 34.39 -6.14
N GLN D 342 22.62 34.79 -5.23
CA GLN D 342 23.74 33.97 -4.83
C GLN D 342 23.56 33.44 -3.45
N LYS D 343 23.41 32.14 -3.34
CA LYS D 343 23.22 31.56 -2.04
C LYS D 343 24.48 31.57 -1.20
N ILE D 344 24.32 32.02 0.03
CA ILE D 344 25.32 31.96 1.05
C ILE D 344 24.88 30.98 2.12
N ASP D 345 25.71 29.99 2.39
CA ASP D 345 25.36 28.98 3.38
C ASP D 345 25.73 29.42 4.77
N ILE D 346 24.74 29.61 5.61
CA ILE D 346 24.99 30.06 6.96
C ILE D 346 24.81 28.88 7.85
N THR D 347 25.87 28.43 8.47
CA THR D 347 25.75 27.26 9.28
C THR D 347 25.75 27.60 10.72
N GLU D 348 25.35 26.64 11.55
CA GLU D 348 25.36 26.82 12.99
C GLU D 348 26.81 26.82 13.52
N PRO D 349 27.12 27.80 14.35
CA PRO D 349 28.41 27.99 14.96
C PRO D 349 28.64 26.89 15.94
N SER D 350 29.87 26.73 16.37
CA SER D 350 30.20 25.76 17.40
C SER D 350 30.19 26.39 18.78
N ILE D 351 30.79 25.68 19.72
CA ILE D 351 30.78 26.06 21.12
C ILE D 351 31.52 27.34 21.38
N GLU D 352 32.69 27.51 20.80
CA GLU D 352 33.46 28.69 21.10
C GLU D 352 32.80 29.92 20.57
N GLU D 353 32.30 29.83 19.35
CA GLU D 353 31.59 30.94 18.72
C GLU D 353 30.33 31.30 19.49
N THR D 354 29.69 30.31 20.10
CA THR D 354 28.49 30.57 20.86
C THR D 354 28.83 31.25 22.16
N VAL D 355 29.89 30.80 22.82
CA VAL D 355 30.26 31.44 24.06
C VAL D 355 30.60 32.89 23.79
N GLN D 356 31.34 33.16 22.72
CA GLN D 356 31.70 34.51 22.37
C GLN D 356 30.46 35.34 22.04
N ILE D 357 29.50 34.74 21.36
CA ILE D 357 28.28 35.42 20.98
C ILE D 357 27.53 35.81 22.19
N ILE D 358 27.42 34.90 23.14
CA ILE D 358 26.73 35.24 24.35
C ILE D 358 27.49 36.33 25.03
N ASN D 359 28.80 36.25 25.13
CA ASN D 359 29.49 37.31 25.81
C ASN D 359 29.30 38.67 25.17
N GLY D 360 29.21 38.72 23.86
CA GLY D 360 28.96 39.99 23.21
C GLY D 360 27.56 40.51 23.50
N LEU D 361 26.57 39.62 23.52
CA LEU D 361 25.18 40.01 23.76
C LEU D 361 24.86 40.13 25.23
N LYS D 362 25.61 39.40 26.03
CA LYS D 362 25.44 39.32 27.45
C LYS D 362 25.09 40.63 28.12
N PRO D 363 25.79 41.76 27.92
CA PRO D 363 25.50 43.00 28.59
C PRO D 363 24.05 43.46 28.39
N LYS D 364 23.41 43.05 27.30
CA LYS D 364 22.04 43.44 27.04
C LYS D 364 21.11 42.66 27.91
N TYR D 365 21.47 41.40 28.15
CA TYR D 365 20.64 40.57 28.96
C TYR D 365 20.88 40.99 30.38
N GLU D 366 22.12 41.33 30.69
CA GLU D 366 22.43 41.74 32.02
C GLU D 366 21.69 42.99 32.34
N ALA D 367 21.63 43.92 31.40
CA ALA D 367 20.90 45.12 31.68
C ALA D 367 19.42 44.85 31.78
N HIS D 368 18.87 44.07 30.87
CA HIS D 368 17.44 43.86 30.85
C HIS D 368 16.94 43.22 32.10
N HIS D 369 17.66 42.21 32.57
CA HIS D 369 17.22 41.46 33.70
C HIS D 369 17.83 41.92 35.01
N ASP D 370 18.61 42.98 35.00
CA ASP D 370 19.29 43.41 36.22
C ASP D 370 20.10 42.26 36.84
N VAL D 371 20.88 41.55 36.02
CA VAL D 371 21.69 40.43 36.47
C VAL D 371 23.08 40.52 35.95
N ARG D 372 23.96 39.70 36.47
CA ARG D 372 25.30 39.57 35.94
C ARG D 372 25.58 38.10 35.78
N TYR D 373 26.10 37.67 34.63
CA TYR D 373 26.36 36.26 34.42
C TYR D 373 27.83 35.94 34.59
N THR D 374 28.16 34.83 35.26
CA THR D 374 29.56 34.53 35.43
C THR D 374 30.08 33.95 34.14
N ALA D 375 31.40 33.89 33.99
CA ALA D 375 31.97 33.29 32.79
C ALA D 375 31.66 31.82 32.73
N LYS D 376 31.63 31.19 33.89
CA LYS D 376 31.34 29.78 33.96
C LYS D 376 29.90 29.54 33.56
N ALA D 377 29.00 30.41 34.00
CA ALA D 377 27.60 30.27 33.67
C ALA D 377 27.41 30.36 32.16
N VAL D 378 28.15 31.25 31.50
CA VAL D 378 27.99 31.32 30.07
C VAL D 378 28.50 30.08 29.41
N ARG D 379 29.65 29.61 29.83
CA ARG D 379 30.10 28.43 29.18
C ARG D 379 29.15 27.28 29.41
N ALA D 380 28.61 27.16 30.64
CA ALA D 380 27.70 26.08 30.98
C ALA D 380 26.48 26.12 30.10
N ALA D 381 25.96 27.31 29.81
CA ALA D 381 24.77 27.38 28.97
C ALA D 381 25.04 26.78 27.62
N VAL D 382 26.24 26.96 27.11
CA VAL D 382 26.52 26.46 25.80
C VAL D 382 26.81 24.96 25.83
N GLU D 383 27.68 24.53 26.73
CA GLU D 383 28.05 23.12 26.78
C GLU D 383 26.95 22.21 27.32
N LEU D 384 26.01 22.73 28.10
CA LEU D 384 24.90 21.91 28.55
C LEU D 384 23.82 21.90 27.52
N ALA D 385 23.52 23.02 26.89
CA ALA D 385 22.44 23.02 25.95
C ALA D 385 22.71 22.03 24.82
N VAL D 386 23.94 21.90 24.39
CA VAL D 386 24.20 20.93 23.33
C VAL D 386 24.01 19.49 23.74
N LYS D 387 23.98 19.21 25.03
CA LYS D 387 23.81 17.87 25.50
C LYS D 387 22.36 17.53 25.81
N TYR D 388 21.62 18.49 26.34
CA TYR D 388 20.24 18.20 26.75
C TYR D 388 19.09 18.81 25.94
N ILE D 389 19.36 19.85 25.15
CA ILE D 389 18.25 20.43 24.41
C ILE D 389 18.50 20.08 22.96
N ASN D 390 17.71 19.21 22.36
CA ASN D 390 18.06 18.76 21.02
C ASN D 390 17.15 19.09 19.84
N ASP D 391 16.27 20.04 19.97
CA ASP D 391 15.39 20.40 18.86
C ASP D 391 15.65 21.78 18.30
N ARG D 392 16.77 22.38 18.69
CA ARG D 392 17.13 23.72 18.21
C ARG D 392 18.64 23.85 17.97
N HIS D 393 18.99 24.82 17.12
CA HIS D 393 20.37 25.09 16.78
C HIS D 393 20.99 25.95 17.86
N LEU D 394 22.28 25.79 18.05
CA LEU D 394 22.99 26.36 19.15
C LEU D 394 22.94 27.86 19.46
N PRO D 395 23.05 28.79 18.54
CA PRO D 395 23.10 30.18 18.89
C PRO D 395 22.03 30.55 19.87
N ASP D 396 20.78 30.47 19.42
CA ASP D 396 19.64 30.80 20.25
C ASP D 396 19.34 29.72 21.27
N LYS D 397 19.79 28.49 21.03
CA LYS D 397 19.51 27.47 22.00
C LYS D 397 20.25 27.76 23.30
N ALA D 398 21.51 28.19 23.22
CA ALA D 398 22.22 28.54 24.43
C ALA D 398 21.76 29.90 24.97
N ILE D 399 21.43 30.85 24.11
CA ILE D 399 20.99 32.16 24.58
C ILE D 399 19.73 32.00 25.39
N ASP D 400 18.83 31.16 24.96
CA ASP D 400 17.60 30.93 25.67
C ASP D 400 17.87 30.48 27.09
N VAL D 401 18.95 29.76 27.34
CA VAL D 401 19.23 29.31 28.69
C VAL D 401 19.63 30.53 29.49
N ILE D 402 20.44 31.37 28.87
CA ILE D 402 20.92 32.60 29.47
C ILE D 402 19.76 33.55 29.76
N ASP D 403 18.84 33.66 28.82
CA ASP D 403 17.72 34.56 28.94
C ASP D 403 16.75 34.05 29.99
N GLU D 404 16.44 32.76 30.02
CA GLU D 404 15.56 32.31 31.07
C GLU D 404 16.27 32.42 32.40
N ALA D 405 17.57 32.07 32.48
CA ALA D 405 18.26 32.17 33.74
C ALA D 405 18.25 33.60 34.20
N GLY D 406 18.35 34.51 33.24
CA GLY D 406 18.29 35.92 33.52
C GLY D 406 16.95 36.25 34.13
N ALA D 407 15.85 35.85 33.46
CA ALA D 407 14.50 36.13 33.92
C ALA D 407 14.26 35.52 35.28
N ARG D 408 14.78 34.35 35.48
CA ARG D 408 14.62 33.68 36.72
C ARG D 408 15.28 34.48 37.81
N ALA D 409 16.53 34.87 37.58
CA ALA D 409 17.23 35.64 38.56
C ALA D 409 16.52 36.98 38.73
N ARG D 410 15.95 37.53 37.68
CA ARG D 410 15.21 38.78 37.75
C ARG D 410 14.03 38.69 38.69
N LEU D 411 13.46 37.51 38.86
CA LEU D 411 12.34 37.33 39.75
C LEU D 411 12.76 36.95 41.15
N MET D 412 14.08 36.88 41.39
CA MET D 412 14.58 36.60 42.71
C MET D 412 14.55 37.80 43.65
N PRO D 413 15.04 39.03 43.29
CA PRO D 413 15.06 40.20 44.15
C PRO D 413 13.71 40.86 44.20
N VAL D 414 12.71 40.05 44.53
CA VAL D 414 11.35 40.42 44.79
C VAL D 414 11.26 40.09 46.27
N SER D 415 12.24 39.26 46.66
CA SER D 415 12.52 38.78 48.00
C SER D 415 13.64 39.63 48.54
N LYS D 416 14.05 40.57 47.69
CA LYS D 416 15.14 41.52 47.85
C LYS D 416 16.51 40.85 47.89
N ARG D 417 16.57 39.60 47.44
CA ARG D 417 17.82 38.90 47.31
C ARG D 417 18.37 39.09 45.91
N LYS D 418 19.43 39.89 45.81
CA LYS D 418 20.07 40.24 44.55
C LYS D 418 20.79 39.05 43.97
N LYS D 419 20.64 38.83 42.68
CA LYS D 419 21.32 37.70 42.10
C LYS D 419 22.11 37.99 40.85
N THR D 420 23.13 37.17 40.73
CA THR D 420 23.97 37.02 39.58
C THR D 420 23.64 35.63 39.12
N VAL D 421 24.05 35.24 37.93
CA VAL D 421 23.70 33.92 37.45
C VAL D 421 24.92 33.01 37.44
N ASN D 422 24.85 31.96 38.25
CA ASN D 422 25.96 31.03 38.37
C ASN D 422 25.68 29.78 37.56
N VAL D 423 26.61 28.85 37.56
CA VAL D 423 26.41 27.61 36.84
C VAL D 423 25.20 26.88 37.35
N ALA D 424 25.00 26.89 38.64
CA ALA D 424 23.86 26.21 39.21
C ALA D 424 22.54 26.75 38.67
N ASP D 425 22.47 28.03 38.35
CA ASP D 425 21.22 28.59 37.88
C ASP D 425 21.05 28.19 36.44
N ILE D 426 22.15 28.11 35.72
CA ILE D 426 22.11 27.62 34.36
C ILE D 426 21.67 26.17 34.33
N GLU D 427 22.20 25.35 35.23
CA GLU D 427 21.81 23.95 35.25
C GLU D 427 20.34 23.80 35.53
N SER D 428 19.81 24.62 36.44
CA SER D 428 18.40 24.53 36.74
C SER D 428 17.57 24.86 35.53
N VAL D 429 17.96 25.90 34.79
CA VAL D 429 17.23 26.26 33.60
C VAL D 429 17.29 25.16 32.58
N VAL D 430 18.46 24.58 32.34
CA VAL D 430 18.52 23.53 31.36
C VAL D 430 17.67 22.38 31.81
N ALA D 431 17.73 22.03 33.09
CA ALA D 431 16.95 20.90 33.51
C ALA D 431 15.47 21.14 33.23
N ARG D 432 15.01 22.36 33.43
CA ARG D 432 13.60 22.69 33.16
C ARG D 432 13.25 22.70 31.66
N ILE D 433 14.17 23.13 30.81
CA ILE D 433 13.94 23.18 29.38
C ILE D 433 13.97 21.81 28.77
N ALA D 434 14.94 21.02 29.18
CA ALA D 434 15.13 19.69 28.68
C ALA D 434 14.26 18.65 29.36
N ARG D 435 13.46 19.05 30.34
CA ARG D 435 12.62 18.12 31.10
C ARG D 435 13.38 16.95 31.74
N ILE D 436 14.46 17.27 32.42
CA ILE D 436 15.29 16.27 33.09
C ILE D 436 15.42 16.67 34.56
N PRO D 437 15.81 15.77 35.47
CA PRO D 437 16.09 16.06 36.86
C PRO D 437 17.34 16.93 36.98
N GLU D 438 17.43 17.77 38.02
CA GLU D 438 18.59 18.65 38.23
C GLU D 438 19.67 18.05 39.18
N LYS D 439 19.60 18.34 40.49
CA LYS D 439 20.55 17.84 41.50
C LYS D 439 19.73 17.28 42.65
N SER D 440 20.03 16.04 43.05
CA SER D 440 19.23 15.33 44.03
C SER D 440 19.61 15.32 45.50
N VAL D 441 20.83 15.64 45.87
CA VAL D 441 21.22 15.36 47.27
C VAL D 441 20.44 16.10 48.34
N SER D 442 20.15 17.37 48.11
CA SER D 442 19.44 18.18 49.10
C SER D 442 17.92 18.02 48.97
N GLN D 443 17.50 17.20 48.02
CA GLN D 443 16.12 17.01 47.71
C GLN D 443 15.54 15.89 48.51
N SER D 444 14.22 15.87 48.62
CA SER D 444 13.56 14.75 49.25
C SER D 444 13.78 13.49 48.42
N ASP D 445 14.17 13.67 47.15
CA ASP D 445 14.48 12.59 46.24
C ASP D 445 15.65 11.82 46.78
N ARG D 446 16.52 12.46 47.54
CA ARG D 446 17.65 11.77 48.10
C ARG D 446 17.20 10.69 49.02
N ASP D 447 16.12 10.94 49.76
CA ASP D 447 15.72 9.99 50.74
C ASP D 447 14.88 8.95 50.06
N THR D 448 14.12 9.39 49.07
CA THR D 448 13.26 8.51 48.33
C THR D 448 14.12 7.51 47.63
N LEU D 449 15.20 7.97 47.05
CA LEU D 449 16.10 7.10 46.36
C LEU D 449 16.86 6.21 47.33
N LYS D 450 17.31 6.76 48.46
CA LYS D 450 18.12 5.98 49.39
C LYS D 450 17.46 4.70 49.82
N ASN D 451 16.17 4.76 50.10
CA ASN D 451 15.46 3.59 50.58
C ASN D 451 14.49 3.02 49.56
N LEU D 452 14.77 3.25 48.28
CA LEU D 452 13.93 2.71 47.22
C LEU D 452 13.95 1.22 47.25
N GLY D 453 15.12 0.65 47.45
CA GLY D 453 15.23 -0.79 47.49
C GLY D 453 14.41 -1.35 48.63
N ASP D 454 14.33 -0.63 49.73
CA ASP D 454 13.63 -1.18 50.86
C ASP D 454 12.16 -1.20 50.62
N ARG D 455 11.64 -0.17 49.99
CA ARG D 455 10.21 -0.20 49.74
C ARG D 455 9.86 -1.27 48.75
N LEU D 456 10.69 -1.46 47.74
CA LEU D 456 10.34 -2.47 46.77
C LEU D 456 10.38 -3.84 47.36
N LYS D 457 11.30 -4.10 48.27
CA LYS D 457 11.39 -5.39 48.90
C LYS D 457 10.18 -5.73 49.77
N MET D 458 9.31 -4.76 50.02
CA MET D 458 8.11 -5.02 50.80
C MET D 458 6.98 -5.48 49.91
N LEU D 459 7.15 -5.30 48.60
CA LEU D 459 6.13 -5.62 47.63
C LEU D 459 6.52 -6.83 46.83
N VAL D 460 7.80 -6.93 46.52
CA VAL D 460 8.32 -8.06 45.80
C VAL D 460 9.24 -8.75 46.71
N PHE D 461 8.93 -9.99 47.01
CA PHE D 461 9.70 -10.70 47.98
C PHE D 461 10.67 -11.60 47.29
N GLY D 462 11.87 -11.63 47.76
CA GLY D 462 12.83 -12.48 47.11
C GLY D 462 13.25 -11.71 45.88
N GLN D 463 14.09 -12.30 45.06
CA GLN D 463 14.57 -11.64 43.85
C GLN D 463 15.22 -10.32 44.21
N ASP D 464 15.95 -10.29 45.30
CA ASP D 464 16.58 -9.07 45.74
C ASP D 464 17.54 -8.57 44.71
N LYS D 465 18.21 -9.46 44.02
CA LYS D 465 19.16 -8.99 43.06
C LYS D 465 18.52 -8.19 41.95
N ALA D 466 17.25 -8.46 41.62
CA ALA D 466 16.63 -7.69 40.56
C ALA D 466 16.32 -6.33 41.08
N ILE D 467 15.89 -6.28 42.33
CA ILE D 467 15.54 -4.99 42.89
C ILE D 467 16.77 -4.15 42.97
N GLU D 468 17.85 -4.73 43.41
CA GLU D 468 19.05 -3.97 43.51
C GLU D 468 19.51 -3.51 42.16
N ALA D 469 19.46 -4.34 41.13
CA ALA D 469 19.94 -3.87 39.85
C ALA D 469 19.17 -2.65 39.38
N LEU D 470 17.87 -2.63 39.62
CA LEU D 470 17.10 -1.48 39.20
C LEU D 470 17.47 -0.26 39.98
N THR D 471 17.63 -0.39 41.29
CA THR D 471 17.89 0.81 42.02
C THR D 471 19.30 1.29 41.83
N GLU D 472 20.23 0.39 41.54
CA GLU D 472 21.60 0.80 41.32
C GLU D 472 21.69 1.61 40.05
N ALA D 473 21.00 1.20 39.00
CA ALA D 473 21.06 1.97 37.76
C ALA D 473 20.48 3.35 37.96
N ILE D 474 19.43 3.44 38.76
CA ILE D 474 18.82 4.72 38.99
C ILE D 474 19.74 5.61 39.78
N LYS D 475 20.35 5.06 40.83
CA LYS D 475 21.25 5.86 41.63
C LYS D 475 22.38 6.35 40.80
N MET D 476 22.93 5.54 39.92
CA MET D 476 24.01 6.06 39.13
C MET D 476 23.54 7.23 38.30
N ALA D 477 22.40 7.08 37.66
CA ALA D 477 21.91 8.15 36.84
C ALA D 477 21.65 9.42 37.62
N ARG D 478 21.14 9.32 38.84
CA ARG D 478 20.89 10.56 39.56
C ARG D 478 22.18 11.09 40.16
N ALA D 479 23.11 10.19 40.47
CA ALA D 479 24.41 10.57 40.99
C ALA D 479 25.13 11.37 39.94
N GLY D 480 24.89 11.04 38.69
CA GLY D 480 25.51 11.71 37.57
C GLY D 480 26.46 10.78 36.89
N LEU D 481 26.62 9.60 37.44
CA LEU D 481 27.50 8.63 36.85
C LEU D 481 26.72 7.79 35.89
N GLY D 482 26.26 8.42 34.86
CA GLY D 482 25.38 7.79 33.90
C GLY D 482 26.11 7.46 32.64
N HIS D 483 25.41 7.67 31.54
CA HIS D 483 25.90 7.39 30.21
C HIS D 483 25.61 8.63 29.42
N GLU D 484 26.38 8.89 28.41
CA GLU D 484 26.18 10.05 27.58
C GLU D 484 24.93 9.96 26.72
N HIS D 485 24.66 8.78 26.22
CA HIS D 485 23.56 8.57 25.32
C HIS D 485 22.94 7.19 25.37
N LYS D 486 22.48 6.79 26.52
CA LYS D 486 21.89 5.47 26.70
C LYS D 486 20.72 5.65 27.65
N PRO D 487 19.78 4.73 27.74
CA PRO D 487 18.72 4.72 28.70
C PRO D 487 19.34 4.64 30.07
N VAL D 488 18.55 4.90 31.11
CA VAL D 488 19.04 4.90 32.49
C VAL D 488 19.71 3.59 32.76
N GLY D 489 19.08 2.55 32.29
CA GLY D 489 19.59 1.22 32.37
C GLY D 489 18.69 0.40 31.50
N SER D 490 19.17 -0.74 31.11
CA SER D 490 18.44 -1.64 30.23
C SER D 490 18.51 -3.07 30.69
N PHE D 491 17.38 -3.62 31.06
CA PHE D 491 17.44 -4.92 31.66
C PHE D 491 16.54 -5.90 31.01
N LEU D 492 16.98 -7.14 30.96
CA LEU D 492 16.14 -8.21 30.51
C LEU D 492 15.80 -9.04 31.71
N PHE D 493 14.51 -9.20 31.96
CA PHE D 493 14.01 -9.96 33.09
C PHE D 493 13.58 -11.33 32.60
N ALA D 494 14.32 -12.35 33.01
CA ALA D 494 14.03 -13.69 32.59
C ALA D 494 13.82 -14.57 33.77
N GLY D 495 13.16 -15.70 33.60
CA GLY D 495 12.99 -16.60 34.74
C GLY D 495 11.66 -17.32 34.67
N PRO D 496 11.34 -18.17 35.64
CA PRO D 496 10.16 -18.98 35.77
C PRO D 496 8.96 -18.10 35.86
N THR D 497 7.80 -18.59 35.53
CA THR D 497 6.61 -17.78 35.60
C THR D 497 6.14 -17.61 37.01
N GLY D 498 5.32 -16.61 37.25
CA GLY D 498 4.69 -16.35 38.53
C GLY D 498 5.63 -15.66 39.51
N VAL D 499 6.82 -15.39 39.01
CA VAL D 499 7.86 -14.72 39.75
C VAL D 499 7.64 -13.29 39.33
N GLY D 500 7.80 -12.36 40.25
CA GLY D 500 7.52 -10.96 39.89
C GLY D 500 8.48 -10.20 38.98
N LYS D 501 8.61 -10.66 37.74
CA LYS D 501 9.40 -10.05 36.67
C LYS D 501 8.68 -8.81 36.19
N THR D 502 7.40 -8.92 36.07
CA THR D 502 6.58 -7.81 35.64
C THR D 502 6.25 -7.01 36.84
N GLU D 503 5.76 -7.70 37.86
CA GLU D 503 5.42 -7.07 39.13
C GLU D 503 6.46 -6.08 39.68
N VAL D 504 7.75 -6.41 39.62
CA VAL D 504 8.69 -5.47 40.18
C VAL D 504 8.80 -4.23 39.33
N THR D 505 8.61 -4.32 38.01
CA THR D 505 8.73 -3.16 37.17
C THR D 505 7.58 -2.26 37.40
N VAL D 506 6.43 -2.83 37.55
CA VAL D 506 5.26 -2.02 37.77
C VAL D 506 5.43 -1.27 39.05
N GLN D 507 5.90 -1.96 40.09
CA GLN D 507 6.10 -1.30 41.35
C GLN D 507 7.21 -0.31 41.33
N LEU D 508 8.23 -0.51 40.50
CA LEU D 508 9.28 0.48 40.45
C LEU D 508 8.71 1.79 40.00
N SER D 509 7.92 1.79 38.96
CA SER D 509 7.43 3.06 38.50
C SER D 509 6.58 3.70 39.55
N LYS D 510 5.86 2.91 40.34
CA LYS D 510 5.06 3.54 41.37
C LYS D 510 5.93 4.10 42.47
N ALA D 511 6.94 3.33 42.86
CA ALA D 511 7.82 3.73 43.94
C ALA D 511 8.53 5.02 43.63
N LEU D 512 8.89 5.21 42.38
CA LEU D 512 9.56 6.41 41.94
C LEU D 512 8.64 7.56 41.61
N GLY D 513 7.35 7.32 41.58
CA GLY D 513 6.44 8.38 41.20
C GLY D 513 6.51 8.75 39.72
N ILE D 514 6.86 7.82 38.82
CA ILE D 514 6.98 8.20 37.42
C ILE D 514 6.11 7.37 36.51
N GLU D 515 5.87 7.86 35.34
CA GLU D 515 5.00 7.21 34.39
C GLU D 515 5.48 5.85 33.93
N LEU D 516 4.57 4.88 33.88
CA LEU D 516 4.91 3.58 33.34
C LEU D 516 4.40 3.50 31.93
N LEU D 517 5.28 3.27 30.99
CA LEU D 517 4.90 3.16 29.61
C LEU D 517 4.92 1.70 29.35
N ARG D 518 3.79 1.13 28.96
CA ARG D 518 3.70 -0.29 28.69
C ARG D 518 3.53 -0.62 27.21
N PHE D 519 4.03 -1.78 26.80
CA PHE D 519 3.95 -2.24 25.43
C PHE D 519 3.92 -3.77 25.43
N ASP D 520 2.72 -4.34 25.34
CA ASP D 520 2.56 -5.76 25.35
C ASP D 520 3.16 -6.24 24.07
N MET D 521 4.26 -6.94 24.11
CA MET D 521 4.91 -7.18 22.86
C MET D 521 4.32 -8.30 22.07
N SER D 522 3.32 -8.93 22.61
CA SER D 522 2.61 -10.01 21.99
C SER D 522 1.82 -9.46 20.83
N GLU D 523 1.64 -8.15 20.83
CA GLU D 523 0.88 -7.47 19.78
C GLU D 523 1.76 -7.03 18.61
N TYR D 524 3.02 -7.41 18.62
CA TYR D 524 3.93 -7.04 17.55
C TYR D 524 4.55 -8.32 17.03
N MET D 525 3.71 -9.18 16.45
CA MET D 525 4.20 -10.42 15.95
C MET D 525 4.53 -10.48 14.49
N GLU D 526 4.17 -9.47 13.72
CA GLU D 526 4.44 -9.47 12.29
C GLU D 526 5.51 -8.43 11.98
N ARG D 527 6.26 -8.64 10.91
CA ARG D 527 7.33 -7.70 10.54
C ARG D 527 6.83 -6.26 10.38
N HIS D 528 5.63 -6.13 9.82
CA HIS D 528 5.04 -4.82 9.56
C HIS D 528 4.38 -4.15 10.76
N THR D 529 4.44 -4.75 11.95
CA THR D 529 3.83 -4.13 13.08
C THR D 529 4.76 -3.09 13.62
N VAL D 530 5.99 -3.05 13.13
CA VAL D 530 6.90 -2.04 13.56
C VAL D 530 6.29 -0.68 13.29
N SER D 531 5.55 -0.50 12.22
CA SER D 531 5.05 0.83 12.01
C SER D 531 4.12 1.28 13.11
N ARG D 532 3.52 0.41 13.92
CA ARG D 532 2.69 1.02 14.92
C ARG D 532 3.55 1.61 16.02
N LEU D 533 4.83 1.25 16.10
CA LEU D 533 5.70 1.78 17.13
C LEU D 533 6.26 3.12 16.71
N ILE D 534 6.60 3.24 15.43
CA ILE D 534 7.23 4.47 14.92
C ILE D 534 6.40 5.32 13.94
N GLY D 535 5.27 4.81 13.47
CA GLY D 535 4.36 5.54 12.60
C GLY D 535 4.46 5.15 11.14
N ALA D 536 3.40 5.41 10.36
CA ALA D 536 3.48 5.06 8.95
C ALA D 536 4.44 6.01 8.25
N PRO D 537 5.07 5.65 7.15
CA PRO D 537 5.90 6.55 6.39
C PRO D 537 4.97 7.66 5.93
N PRO D 538 5.48 8.81 5.54
CA PRO D 538 4.71 9.93 5.08
C PRO D 538 3.98 9.59 3.83
N GLY D 539 2.76 10.06 3.72
CA GLY D 539 1.94 9.82 2.55
C GLY D 539 1.02 8.63 2.72
N TYR D 540 1.22 7.83 3.77
CA TYR D 540 0.40 6.66 3.99
C TYR D 540 -0.72 6.91 5.00
N VAL D 541 -1.69 6.00 5.04
CA VAL D 541 -2.95 6.15 5.78
C VAL D 541 -2.78 6.31 7.28
N GLY D 542 -1.65 5.83 7.78
CA GLY D 542 -1.36 5.93 9.21
C GLY D 542 -0.15 6.82 9.39
N PHE D 543 -0.22 8.02 8.80
CA PHE D 543 0.88 8.98 8.87
C PHE D 543 0.69 10.04 9.95
N ASP D 544 -0.55 10.41 10.25
CA ASP D 544 -0.76 11.44 11.26
C ASP D 544 -0.82 10.85 12.65
N GLN D 545 -1.20 9.61 12.72
CA GLN D 545 -1.25 8.95 14.00
C GLN D 545 0.10 8.93 14.69
N GLY D 546 1.19 8.80 13.94
CA GLY D 546 2.50 8.75 14.53
C GLY D 546 2.75 7.39 15.12
N GLY D 547 3.83 7.24 15.85
CA GLY D 547 4.18 5.97 16.44
C GLY D 547 3.67 5.91 17.84
N LEU D 548 3.38 4.73 18.36
CA LEU D 548 2.92 4.67 19.72
C LEU D 548 4.08 4.69 20.68
N LEU D 549 5.25 4.24 20.26
CA LEU D 549 6.36 4.21 21.16
C LEU D 549 7.06 5.51 21.20
N THR D 550 7.29 6.08 20.03
CA THR D 550 8.04 7.30 20.07
C THR D 550 7.20 8.37 20.68
N ASP D 551 5.90 8.34 20.49
CA ASP D 551 5.12 9.38 21.08
C ASP D 551 5.07 9.20 22.59
N ALA D 552 4.96 7.97 23.07
CA ALA D 552 4.90 7.79 24.50
C ALA D 552 6.16 8.30 25.19
N VAL D 553 7.30 8.07 24.58
CA VAL D 553 8.55 8.51 25.16
C VAL D 553 8.69 10.01 25.10
N ILE D 554 8.29 10.60 24.01
CA ILE D 554 8.37 12.04 23.90
C ILE D 554 7.50 12.70 24.94
N LYS D 555 6.30 12.21 25.14
CA LYS D 555 5.45 12.80 26.15
C LYS D 555 5.98 12.61 27.54
N HIS D 556 6.62 11.48 27.80
CA HIS D 556 7.20 11.18 29.10
C HIS D 556 8.67 10.74 29.00
N PRO D 557 9.58 11.71 28.99
CA PRO D 557 11.00 11.44 28.91
C PRO D 557 11.56 10.76 30.12
N HIS D 558 10.91 10.91 31.24
CA HIS D 558 11.36 10.30 32.47
C HIS D 558 10.29 9.33 32.81
N ALA D 559 10.60 8.07 32.63
CA ALA D 559 9.59 7.04 32.72
C ALA D 559 10.20 5.68 32.84
N VAL D 560 9.37 4.72 33.21
CA VAL D 560 9.82 3.34 33.18
C VAL D 560 9.16 2.75 31.98
N LEU D 561 9.93 2.22 31.07
CA LEU D 561 9.40 1.62 29.88
C LEU D 561 9.47 0.15 29.99
N LEU D 562 8.32 -0.48 29.98
CA LEU D 562 8.19 -1.89 30.14
C LEU D 562 7.73 -2.58 28.91
N LEU D 563 8.53 -3.49 28.43
CA LEU D 563 8.12 -4.23 27.26
C LEU D 563 7.84 -5.65 27.70
N ASP D 564 6.59 -6.02 27.79
CA ASP D 564 6.27 -7.33 28.27
C ASP D 564 6.42 -8.38 27.25
N GLU D 565 6.94 -9.52 27.68
CA GLU D 565 7.08 -10.69 26.82
C GLU D 565 7.68 -10.29 25.49
N ILE D 566 8.86 -9.69 25.57
CA ILE D 566 9.57 -9.23 24.40
C ILE D 566 9.88 -10.31 23.39
N GLU D 567 10.08 -11.54 23.86
CA GLU D 567 10.38 -12.66 22.97
C GLU D 567 9.21 -13.05 22.05
N LYS D 568 8.06 -12.42 22.23
CA LYS D 568 6.91 -12.72 21.41
C LYS D 568 6.89 -11.82 20.22
N ALA D 569 7.63 -10.73 20.25
CA ALA D 569 7.62 -9.79 19.16
C ALA D 569 8.37 -10.38 18.00
N HIS D 570 8.01 -9.99 16.82
CA HIS D 570 8.75 -10.41 15.67
C HIS D 570 10.14 -9.86 15.86
N PRO D 571 11.23 -10.59 15.57
CA PRO D 571 12.60 -10.15 15.68
C PRO D 571 12.89 -8.81 15.02
N ASP D 572 12.17 -8.40 14.00
CA ASP D 572 12.51 -7.08 13.45
C ASP D 572 12.33 -6.01 14.51
N VAL D 573 11.46 -6.23 15.47
CA VAL D 573 11.23 -5.26 16.51
C VAL D 573 12.48 -5.05 17.31
N PHE D 574 13.30 -6.07 17.48
CA PHE D 574 14.45 -5.94 18.31
C PHE D 574 15.43 -4.97 17.70
N ASN D 575 15.33 -4.74 16.40
CA ASN D 575 16.27 -3.87 15.76
C ASN D 575 16.00 -2.43 16.14
N ILE D 576 14.76 -2.15 16.51
CA ILE D 576 14.38 -0.85 16.95
C ILE D 576 15.00 -0.70 18.31
N LEU D 577 14.92 -1.74 19.10
CA LEU D 577 15.50 -1.64 20.40
C LEU D 577 16.99 -1.53 20.36
N LEU D 578 17.67 -2.16 19.42
CA LEU D 578 19.11 -2.05 19.47
C LEU D 578 19.56 -0.63 19.35
N GLN D 579 18.95 0.15 18.47
CA GLN D 579 19.46 1.50 18.39
C GLN D 579 19.10 2.32 19.60
N VAL D 580 18.02 1.97 20.28
CA VAL D 580 17.70 2.72 21.47
C VAL D 580 18.68 2.43 22.54
N MET D 581 18.97 1.17 22.72
CA MET D 581 19.87 0.83 23.78
C MET D 581 21.21 1.53 23.62
N ASP D 582 21.66 1.72 22.39
CA ASP D 582 22.93 2.39 22.12
C ASP D 582 22.95 3.92 21.97
N ASN D 583 21.84 4.55 21.56
CA ASN D 583 21.87 5.98 21.40
C ASN D 583 20.86 6.73 22.21
N GLY D 584 19.94 6.04 22.86
CA GLY D 584 18.96 6.76 23.61
C GLY D 584 17.94 7.31 22.65
N THR D 585 17.92 6.85 21.42
CA THR D 585 16.96 7.45 20.53
C THR D 585 16.47 6.70 19.32
N LEU D 586 15.23 7.05 18.95
CA LEU D 586 14.54 6.60 17.73
C LEU D 586 14.04 7.74 16.92
N THR D 587 14.15 7.64 15.61
CA THR D 587 13.57 8.67 14.80
C THR D 587 12.22 8.18 14.38
N ASP D 588 11.20 9.03 14.54
CA ASP D 588 9.83 8.65 14.19
C ASP D 588 9.53 9.02 12.74
N ASN D 589 8.32 8.72 12.29
CA ASN D 589 7.97 9.04 10.92
C ASN D 589 7.84 10.52 10.63
N ASN D 590 8.01 11.40 11.59
CA ASN D 590 7.98 12.81 11.30
C ASN D 590 9.36 13.34 11.31
N GLY D 591 10.33 12.45 11.44
CA GLY D 591 11.70 12.83 11.47
C GLY D 591 12.09 13.43 12.80
N ARG D 592 11.35 13.16 13.87
CA ARG D 592 11.72 13.77 15.12
C ARG D 592 12.22 12.67 15.99
N LYS D 593 13.01 13.01 16.99
CA LYS D 593 13.54 11.95 17.80
C LYS D 593 13.01 11.83 19.18
N ALA D 594 12.79 10.59 19.58
CA ALA D 594 12.41 10.29 20.94
C ALA D 594 13.68 10.17 21.70
N ASP D 595 13.70 10.72 22.90
CA ASP D 595 14.86 10.69 23.77
C ASP D 595 14.60 9.80 24.98
N PHE D 596 15.31 8.70 25.04
CA PHE D 596 15.14 7.67 26.04
C PHE D 596 16.17 7.76 27.12
N ARG D 597 16.96 8.83 27.10
CA ARG D 597 18.01 9.05 28.09
C ARG D 597 17.57 8.97 29.56
N ASN D 598 16.30 9.27 29.84
CA ASN D 598 15.81 9.24 31.19
C ASN D 598 14.75 8.17 31.36
N VAL D 599 14.74 7.22 30.45
CA VAL D 599 13.83 6.12 30.52
C VAL D 599 14.51 4.89 31.04
N VAL D 600 13.88 4.20 31.98
CA VAL D 600 14.43 2.96 32.47
C VAL D 600 13.86 1.92 31.57
N LEU D 601 14.66 1.10 30.93
CA LEU D 601 14.10 0.15 30.01
C LEU D 601 14.14 -1.26 30.54
N VAL D 602 12.99 -1.84 30.76
CA VAL D 602 12.93 -3.18 31.27
C VAL D 602 12.10 -3.98 30.35
N MET D 603 12.61 -5.08 29.93
CA MET D 603 11.82 -5.92 29.10
C MET D 603 11.81 -7.25 29.74
N THR D 604 10.67 -7.91 29.73
CA THR D 604 10.59 -9.19 30.40
C THR D 604 10.47 -10.27 29.41
N THR D 605 10.75 -11.47 29.84
CA THR D 605 10.69 -12.59 28.95
C THR D 605 10.39 -13.90 29.61
N ASN D 606 9.88 -14.83 28.81
CA ASN D 606 9.60 -16.16 29.27
C ASN D 606 10.49 -17.12 28.48
N ALA D 607 11.47 -16.56 27.76
CA ALA D 607 12.32 -17.41 27.02
C ALA D 607 12.89 -18.36 28.00
N GLY D 608 12.98 -19.60 27.65
CA GLY D 608 13.61 -20.54 28.55
C GLY D 608 12.69 -21.10 29.61
N VAL D 609 11.43 -20.67 29.66
CA VAL D 609 10.59 -21.22 30.69
C VAL D 609 10.21 -22.63 30.44
N ARG D 610 9.82 -22.97 29.22
CA ARG D 610 9.39 -24.33 29.02
C ARG D 610 10.52 -25.26 29.41
N GLU D 611 11.74 -24.87 29.13
CA GLU D 611 12.87 -25.68 29.49
C GLU D 611 13.07 -25.67 31.00
N THR D 612 12.90 -24.56 31.65
CA THR D 612 13.10 -24.51 33.07
C THR D 612 12.21 -25.49 33.80
N GLU D 613 10.97 -25.61 33.37
CA GLU D 613 10.01 -26.51 33.99
C GLU D 613 10.14 -27.98 33.60
N ARG D 614 11.00 -28.29 32.65
CA ARG D 614 11.11 -29.65 32.20
C ARG D 614 11.81 -30.52 33.20
N LYS D 615 11.28 -31.70 33.40
CA LYS D 615 11.94 -32.65 34.27
C LYS D 615 12.77 -33.58 33.42
N SER D 616 13.99 -33.79 33.84
CA SER D 616 14.93 -34.67 33.15
C SER D 616 14.63 -36.12 33.38
N ILE D 617 15.27 -36.97 32.60
CA ILE D 617 15.12 -38.39 32.76
C ILE D 617 16.22 -38.88 33.64
N GLY D 618 15.90 -39.51 34.74
CA GLY D 618 16.96 -39.97 35.59
C GLY D 618 16.52 -39.96 37.01
N LEU D 619 17.40 -40.36 37.90
CA LEU D 619 17.04 -40.40 39.29
C LEU D 619 17.15 -39.02 39.91
N ILE D 620 18.04 -38.22 39.39
CA ILE D 620 18.28 -36.91 39.93
C ILE D 620 17.82 -35.85 38.99
N HIS D 621 16.94 -34.97 39.43
CA HIS D 621 16.53 -33.95 38.51
C HIS D 621 17.63 -32.95 38.35
N GLN D 622 17.79 -32.50 37.14
CA GLN D 622 18.80 -31.57 36.78
C GLN D 622 18.37 -30.14 36.89
N ASP D 623 19.34 -29.28 37.08
CA ASP D 623 19.15 -27.84 37.08
C ASP D 623 19.23 -27.36 35.66
N ASN D 624 18.11 -26.95 35.11
CA ASN D 624 18.05 -26.58 33.72
C ASN D 624 18.21 -25.08 33.50
N SER D 625 18.57 -24.33 34.53
CA SER D 625 18.71 -22.89 34.34
C SER D 625 19.79 -22.58 33.35
N THR D 626 20.75 -23.45 33.25
CA THR D 626 21.81 -23.29 32.29
C THR D 626 21.31 -23.45 30.88
N ASP D 627 20.25 -24.22 30.66
CA ASP D 627 19.77 -24.40 29.30
C ASP D 627 18.83 -23.28 29.00
N ALA D 628 18.16 -22.77 30.01
CA ALA D 628 17.26 -21.68 29.77
C ALA D 628 18.07 -20.53 29.19
N MET D 629 19.28 -20.36 29.67
CA MET D 629 20.10 -19.33 29.12
C MET D 629 20.45 -19.58 27.69
N GLU D 630 20.56 -20.82 27.29
CA GLU D 630 20.91 -21.09 25.93
C GLU D 630 19.79 -20.66 25.04
N GLU D 631 18.56 -20.78 25.55
CA GLU D 631 17.38 -20.38 24.81
C GLU D 631 17.33 -18.87 24.66
N ILE D 632 17.73 -18.16 25.72
CA ILE D 632 17.73 -16.71 25.68
C ILE D 632 18.73 -16.23 24.69
N LYS D 633 19.87 -16.83 24.66
CA LYS D 633 20.92 -16.45 23.75
C LYS D 633 20.63 -16.71 22.28
N LYS D 634 19.58 -17.49 21.97
CA LYS D 634 19.20 -17.78 20.60
C LYS D 634 18.15 -16.81 20.13
N ILE D 635 17.39 -16.28 21.06
CA ILE D 635 16.37 -15.32 20.71
C ILE D 635 16.98 -13.96 20.58
N PHE D 636 17.82 -13.60 21.53
CA PHE D 636 18.43 -12.30 21.53
C PHE D 636 19.88 -12.48 21.14
N THR D 637 20.25 -11.96 19.99
CA THR D 637 21.58 -12.14 19.46
C THR D 637 22.60 -11.34 20.24
N PRO D 638 23.92 -11.60 20.13
CA PRO D 638 24.98 -10.90 20.82
C PRO D 638 24.87 -9.41 20.72
N GLU D 639 24.45 -8.93 19.55
CA GLU D 639 24.30 -7.50 19.33
C GLU D 639 23.26 -6.87 20.27
N PHE D 640 22.30 -7.69 20.72
CA PHE D 640 21.28 -7.23 21.60
C PHE D 640 21.76 -7.40 22.98
N ARG D 641 22.30 -8.54 23.27
CA ARG D 641 22.67 -8.82 24.62
C ARG D 641 23.74 -7.87 25.13
N ASN D 642 24.69 -7.54 24.26
CA ASN D 642 25.76 -6.63 24.62
C ASN D 642 25.32 -5.19 24.92
N ARG D 643 24.07 -4.88 24.61
CA ARG D 643 23.53 -3.55 24.84
C ARG D 643 22.68 -3.48 26.10
N LEU D 644 22.51 -4.62 26.75
CA LEU D 644 21.72 -4.65 27.95
C LEU D 644 22.67 -4.39 29.06
N ASP D 645 22.23 -3.82 30.15
CA ASP D 645 23.13 -3.71 31.25
C ASP D 645 23.19 -5.02 31.93
N ASN D 646 22.04 -5.67 32.04
CA ASN D 646 22.09 -6.99 32.61
C ASN D 646 20.94 -7.86 32.19
N ILE D 647 21.16 -9.15 32.31
CA ILE D 647 20.14 -10.16 32.12
C ILE D 647 19.98 -10.77 33.45
N ILE D 648 18.83 -10.63 34.01
CA ILE D 648 18.64 -11.10 35.34
C ILE D 648 17.74 -12.27 35.34
N TRP D 649 18.25 -13.40 35.76
CA TRP D 649 17.46 -14.60 35.81
C TRP D 649 16.86 -14.73 37.19
N PHE D 650 15.56 -14.60 37.26
CA PHE D 650 14.85 -14.60 38.50
C PHE D 650 14.72 -16.01 38.98
N ASP D 651 14.79 -16.22 40.27
CA ASP D 651 14.67 -17.58 40.76
C ASP D 651 13.23 -17.95 41.08
N HIS D 652 13.03 -19.18 41.50
CA HIS D 652 11.74 -19.70 41.90
C HIS D 652 11.41 -19.17 43.26
N LEU D 653 10.15 -19.10 43.60
CA LEU D 653 9.85 -18.60 44.92
C LEU D 653 10.00 -19.72 45.93
N SER D 654 10.49 -19.37 47.11
CA SER D 654 10.64 -20.25 48.25
C SER D 654 9.39 -20.28 49.09
N THR D 655 9.36 -21.19 50.06
CA THR D 655 8.22 -21.27 50.93
C THR D 655 8.13 -20.08 51.87
N ASP D 656 9.28 -19.47 52.16
CA ASP D 656 9.29 -18.30 53.03
C ASP D 656 8.64 -17.18 52.30
N VAL D 657 8.98 -17.08 51.02
CA VAL D 657 8.35 -16.12 50.17
C VAL D 657 6.89 -16.38 50.11
N ILE D 658 6.46 -17.62 49.97
CA ILE D 658 5.04 -17.78 49.90
C ILE D 658 4.39 -17.25 51.14
N HIS D 659 4.95 -17.48 52.30
CA HIS D 659 4.27 -16.94 53.45
C HIS D 659 4.14 -15.43 53.32
N GLN D 660 5.19 -14.75 52.84
CA GLN D 660 5.09 -13.31 52.66
C GLN D 660 4.05 -12.94 51.61
N VAL D 661 3.98 -13.74 50.56
CA VAL D 661 3.05 -13.54 49.46
C VAL D 661 1.63 -13.71 49.96
N VAL D 662 1.40 -14.70 50.78
CA VAL D 662 0.07 -14.90 51.28
C VAL D 662 -0.33 -13.73 52.12
N ASP D 663 0.56 -13.25 52.98
CA ASP D 663 0.15 -12.10 53.75
C ASP D 663 -0.18 -10.95 52.83
N LYS D 664 0.61 -10.78 51.77
CA LYS D 664 0.34 -9.73 50.82
C LYS D 664 -1.02 -9.86 50.20
N PHE D 665 -1.38 -11.06 49.76
CA PHE D 665 -2.66 -11.22 49.14
C PHE D 665 -3.79 -11.04 50.12
N ILE D 666 -3.60 -11.47 51.36
CA ILE D 666 -4.63 -11.30 52.34
C ILE D 666 -4.84 -9.84 52.57
N VAL D 667 -3.77 -9.06 52.64
CA VAL D 667 -3.97 -7.65 52.83
C VAL D 667 -4.78 -7.09 51.69
N GLU D 668 -4.49 -7.50 50.45
CA GLU D 668 -5.27 -6.97 49.36
C GLU D 668 -6.74 -7.33 49.55
N LEU D 669 -7.01 -8.53 50.04
CA LEU D 669 -8.37 -8.94 50.32
C LEU D 669 -8.99 -8.07 51.38
N GLN D 670 -8.24 -7.79 52.43
CA GLN D 670 -8.77 -6.98 53.50
C GLN D 670 -9.12 -5.61 52.98
N VAL D 671 -8.32 -5.09 52.08
CA VAL D 671 -8.62 -3.78 51.54
C VAL D 671 -9.90 -3.84 50.74
N GLN D 672 -10.08 -4.87 49.93
CA GLN D 672 -11.29 -4.95 49.14
C GLN D 672 -12.51 -5.05 50.03
N LEU D 673 -12.39 -5.77 51.15
CA LEU D 673 -13.49 -5.89 52.07
C LEU D 673 -13.76 -4.59 52.81
N ASP D 674 -12.71 -3.84 53.15
CA ASP D 674 -12.88 -2.59 53.85
C ASP D 674 -13.73 -1.65 53.02
N GLN D 675 -13.62 -1.73 51.71
CA GLN D 675 -14.39 -0.88 50.81
C GLN D 675 -15.90 -1.14 50.89
N LYS D 676 -16.30 -2.27 51.45
CA LYS D 676 -17.70 -2.59 51.65
C LYS D 676 -18.07 -2.48 53.11
N GLY D 677 -17.15 -1.97 53.92
CA GLY D 677 -17.38 -1.85 55.33
C GLY D 677 -17.20 -3.15 56.08
N VAL D 678 -16.45 -4.10 55.53
CA VAL D 678 -16.30 -5.36 56.19
C VAL D 678 -14.90 -5.63 56.63
N SER D 679 -14.71 -5.89 57.90
CA SER D 679 -13.38 -6.18 58.38
C SER D 679 -13.14 -7.68 58.26
N LEU D 680 -11.90 -8.09 58.27
CA LEU D 680 -11.56 -9.50 58.22
C LEU D 680 -10.37 -9.91 59.03
N GLU D 681 -10.58 -10.87 59.90
CA GLU D 681 -9.50 -11.51 60.62
C GLU D 681 -9.14 -12.86 60.06
N VAL D 682 -7.87 -13.06 59.81
CA VAL D 682 -7.40 -14.38 59.39
C VAL D 682 -6.36 -14.78 60.40
N SER D 683 -6.53 -15.94 61.00
CA SER D 683 -5.58 -16.41 61.99
C SER D 683 -4.26 -16.79 61.38
N GLN D 684 -3.23 -16.90 62.21
CA GLN D 684 -1.95 -17.31 61.68
C GLN D 684 -1.97 -18.72 61.18
N GLU D 685 -2.73 -19.56 61.81
CA GLU D 685 -2.75 -20.92 61.36
C GLU D 685 -3.46 -20.99 60.02
N ALA D 686 -4.50 -20.19 59.85
CA ALA D 686 -5.20 -20.20 58.58
C ALA D 686 -4.20 -19.78 57.50
N ARG D 687 -3.33 -18.83 57.82
CA ARG D 687 -2.33 -18.41 56.86
C ARG D 687 -1.33 -19.47 56.59
N ASN D 688 -0.90 -20.17 57.63
CA ASN D 688 0.11 -21.16 57.40
C ASN D 688 -0.45 -22.20 56.49
N TRP D 689 -1.67 -22.58 56.72
CA TRP D 689 -2.31 -23.58 55.92
C TRP D 689 -2.49 -23.19 54.48
N LEU D 690 -2.95 -21.97 54.23
CA LEU D 690 -3.15 -21.57 52.86
C LEU D 690 -1.82 -21.59 52.13
N ALA D 691 -0.76 -21.12 52.78
CA ALA D 691 0.54 -21.10 52.14
C ALA D 691 1.06 -22.50 51.85
N GLU D 692 0.85 -23.39 52.79
CA GLU D 692 1.30 -24.76 52.66
C GLU D 692 0.57 -25.47 51.55
N LYS D 693 -0.71 -25.18 51.44
CA LYS D 693 -1.55 -25.77 50.43
C LYS D 693 -1.23 -25.31 49.03
N GLY D 694 -1.07 -24.01 48.86
CA GLY D 694 -0.84 -23.43 47.54
C GLY D 694 0.55 -23.50 46.97
N TYR D 695 1.58 -23.68 47.77
CA TYR D 695 2.89 -23.64 47.18
C TYR D 695 3.16 -24.67 46.13
N ASP D 696 3.67 -24.15 45.03
CA ASP D 696 4.10 -24.89 43.89
C ASP D 696 5.30 -24.18 43.33
N ARG D 697 6.45 -24.76 43.50
CA ARG D 697 7.68 -24.12 43.11
C ARG D 697 7.70 -23.76 41.63
N ALA D 698 7.06 -24.56 40.79
CA ALA D 698 7.07 -24.29 39.38
C ALA D 698 6.14 -23.19 38.92
N MET D 699 5.09 -22.85 39.67
CA MET D 699 4.14 -21.89 39.15
C MET D 699 4.26 -20.51 39.75
N GLY D 700 5.20 -20.32 40.65
CA GLY D 700 5.38 -19.03 41.27
C GLY D 700 4.19 -18.65 42.14
N ALA D 701 3.90 -17.37 42.23
CA ALA D 701 2.85 -16.86 43.10
C ALA D 701 1.49 -16.84 42.48
N ARG D 702 1.35 -16.99 41.19
CA ARG D 702 0.01 -16.86 40.65
C ARG D 702 -1.01 -17.79 41.32
N PRO D 703 -0.72 -19.09 41.59
CA PRO D 703 -1.60 -20.01 42.28
C PRO D 703 -2.00 -19.57 43.64
N MET D 704 -1.26 -18.70 44.27
CA MET D 704 -1.64 -18.36 45.59
C MET D 704 -2.89 -17.57 45.55
N ALA D 705 -3.12 -16.86 44.47
CA ALA D 705 -4.29 -16.07 44.41
C ALA D 705 -5.48 -16.96 44.17
N ARG D 706 -5.23 -18.17 43.67
CA ARG D 706 -6.29 -19.12 43.37
C ARG D 706 -6.72 -19.71 44.70
N VAL D 707 -5.74 -19.89 45.57
CA VAL D 707 -5.99 -20.42 46.88
C VAL D 707 -6.80 -19.42 47.66
N ILE D 708 -6.45 -18.16 47.56
CA ILE D 708 -7.22 -17.14 48.23
C ILE D 708 -8.61 -17.11 47.64
N GLN D 709 -8.78 -17.18 46.32
CA GLN D 709 -10.15 -17.16 45.87
C GLN D 709 -10.96 -18.33 46.37
N ASP D 710 -10.40 -19.51 46.42
CA ASP D 710 -11.24 -20.61 46.84
C ASP D 710 -11.46 -20.71 48.31
N ASN D 711 -10.50 -20.33 49.10
CA ASN D 711 -10.70 -20.47 50.50
C ASN D 711 -11.27 -19.25 51.16
N LEU D 712 -10.98 -18.05 50.65
CA LEU D 712 -11.50 -16.91 51.35
C LEU D 712 -12.52 -16.14 50.54
N LYS D 713 -12.23 -15.86 49.28
CA LYS D 713 -13.14 -14.96 48.56
C LYS D 713 -14.46 -15.58 48.21
N LYS D 714 -14.47 -16.83 47.82
CA LYS D 714 -15.74 -17.42 47.45
C LYS D 714 -16.71 -17.44 48.64
N PRO D 715 -16.35 -17.99 49.83
CA PRO D 715 -17.17 -17.95 51.00
C PRO D 715 -17.62 -16.55 51.35
N LEU D 716 -16.73 -15.58 51.21
CA LEU D 716 -17.10 -14.22 51.51
C LEU D 716 -18.11 -13.70 50.53
N ALA D 717 -17.94 -14.02 49.25
CA ALA D 717 -18.89 -13.51 48.29
C ALA D 717 -20.26 -13.99 48.63
N ASN D 718 -20.40 -15.23 49.07
CA ASN D 718 -21.74 -15.63 49.40
C ASN D 718 -22.28 -14.89 50.59
N GLU D 719 -21.45 -14.65 51.61
CA GLU D 719 -21.97 -13.93 52.74
C GLU D 719 -22.27 -12.46 52.41
N LEU D 720 -21.41 -11.83 51.60
CA LEU D 720 -21.53 -10.44 51.14
C LEU D 720 -22.71 -10.23 50.21
N LEU D 721 -22.99 -11.23 49.41
CA LEU D 721 -24.07 -11.11 48.48
C LEU D 721 -25.40 -11.57 48.99
N PHE D 722 -25.45 -12.65 49.75
CA PHE D 722 -26.74 -13.17 50.10
C PHE D 722 -27.00 -13.28 51.59
N GLY D 723 -25.98 -13.06 52.42
CA GLY D 723 -26.09 -13.38 53.83
C GLY D 723 -25.92 -12.25 54.80
N SER D 724 -25.23 -12.60 55.87
CA SER D 724 -24.97 -11.79 57.03
C SER D 724 -24.00 -10.64 56.86
N LEU D 725 -23.21 -10.60 55.81
CA LEU D 725 -22.25 -9.51 55.78
C LEU D 725 -22.73 -8.30 55.08
N VAL D 726 -23.89 -8.34 54.48
CA VAL D 726 -24.33 -7.20 53.69
C VAL D 726 -24.33 -5.92 54.48
N ASP D 727 -24.90 -5.94 55.66
CA ASP D 727 -24.93 -4.81 56.56
C ASP D 727 -24.26 -5.22 57.86
N GLY D 728 -23.42 -6.23 57.74
CA GLY D 728 -22.73 -6.86 58.86
C GLY D 728 -21.44 -6.14 59.13
N GLY D 729 -20.49 -6.32 58.25
CA GLY D 729 -19.21 -5.68 58.49
C GLY D 729 -18.10 -6.46 59.20
N GLN D 730 -18.23 -7.76 59.43
CA GLN D 730 -17.15 -8.47 60.13
C GLN D 730 -17.04 -9.94 59.84
N VAL D 731 -15.84 -10.47 59.61
CA VAL D 731 -15.69 -11.91 59.37
C VAL D 731 -14.47 -12.55 60.06
N THR D 732 -14.67 -13.62 60.83
CA THR D 732 -13.52 -14.26 61.48
C THR D 732 -13.15 -15.62 60.89
N VAL D 733 -11.91 -15.70 60.43
CA VAL D 733 -11.38 -16.89 59.81
C VAL D 733 -10.23 -17.53 60.57
N ALA D 734 -10.44 -18.76 60.96
CA ALA D 734 -9.44 -19.56 61.63
C ALA D 734 -9.70 -21.00 61.26
N LEU D 735 -8.76 -21.89 61.49
CA LEU D 735 -9.07 -23.28 61.20
C LEU D 735 -8.93 -24.21 62.34
N ASP D 736 -9.64 -25.32 62.24
CA ASP D 736 -9.51 -26.35 63.25
C ASP D 736 -8.34 -27.22 62.86
N LYS D 737 -8.03 -28.26 63.61
CA LYS D 737 -6.89 -29.06 63.21
C LYS D 737 -7.37 -30.40 62.68
N GLU D 738 -8.58 -30.76 63.09
CA GLU D 738 -9.17 -32.05 62.73
C GLU D 738 -9.54 -32.18 61.25
N LYS D 739 -10.01 -31.09 60.65
CA LYS D 739 -10.39 -31.16 59.27
C LYS D 739 -9.49 -30.23 58.47
N ASN D 740 -8.91 -29.24 59.18
CA ASN D 740 -8.14 -28.14 58.63
C ASN D 740 -9.03 -27.30 57.78
N GLU D 741 -10.22 -27.10 58.30
CA GLU D 741 -11.18 -26.28 57.60
C GLU D 741 -11.30 -24.94 58.24
N LEU D 742 -11.62 -23.97 57.44
CA LEU D 742 -11.75 -22.61 57.90
C LEU D 742 -13.11 -22.29 58.50
N THR D 743 -13.10 -21.37 59.46
CA THR D 743 -14.29 -20.83 60.06
C THR D 743 -14.63 -19.61 59.28
N TYR D 744 -15.83 -19.13 59.47
CA TYR D 744 -16.27 -17.92 58.82
C TYR D 744 -17.38 -17.36 59.67
N GLY D 745 -17.93 -16.24 59.26
CA GLY D 745 -19.06 -15.67 59.94
C GLY D 745 -18.78 -14.43 60.74
N PHE D 746 -19.87 -13.70 60.92
CA PHE D 746 -20.00 -12.44 61.63
C PHE D 746 -20.01 -12.64 63.12
N MET E 169 5.32 45.26 -35.21
CA MET E 169 6.38 44.54 -34.56
C MET E 169 7.51 45.51 -34.27
N GLU E 170 7.34 46.73 -34.74
CA GLU E 170 8.37 47.77 -34.69
C GLU E 170 8.89 48.04 -33.28
N ASN E 171 8.01 47.97 -32.29
CA ASN E 171 8.40 48.17 -30.92
C ASN E 171 8.08 46.95 -30.08
N PHE E 172 7.98 45.79 -30.73
CA PHE E 172 7.64 44.58 -30.00
C PHE E 172 8.64 43.46 -30.12
N THR E 173 9.27 43.31 -31.28
CA THR E 173 10.18 42.20 -31.46
C THR E 173 11.58 42.77 -31.68
N THR E 174 12.56 42.22 -30.98
CA THR E 174 13.92 42.72 -31.07
C THR E 174 14.64 42.16 -32.26
N ASN E 175 15.21 43.00 -33.09
CA ASN E 175 15.89 42.45 -34.24
C ASN E 175 17.27 41.97 -33.79
N LEU E 176 17.50 40.64 -33.79
CA LEU E 176 18.76 40.15 -33.29
C LEU E 176 19.78 40.34 -34.36
N ASN E 177 19.35 40.25 -35.61
CA ASN E 177 20.34 40.48 -36.65
C ASN E 177 20.82 41.91 -36.55
N GLN E 178 19.92 42.80 -36.18
CA GLN E 178 20.35 44.18 -36.08
C GLN E 178 21.29 44.32 -34.91
N LEU E 179 21.03 43.62 -33.80
CA LEU E 179 21.97 43.74 -32.70
C LEU E 179 23.32 43.17 -33.13
N ALA E 180 23.32 42.14 -33.93
CA ALA E 180 24.60 41.61 -34.38
C ALA E 180 25.31 42.62 -35.27
N ARG E 181 24.56 43.33 -36.13
CA ARG E 181 25.13 44.36 -37.00
C ARG E 181 25.67 45.55 -36.21
N VAL E 182 24.94 45.90 -35.15
CA VAL E 182 25.28 46.98 -34.23
C VAL E 182 26.47 46.63 -33.36
N GLY E 183 26.50 45.39 -32.88
CA GLY E 183 27.53 44.93 -31.97
C GLY E 183 26.92 44.61 -30.60
N GLY E 184 25.57 44.59 -30.54
CA GLY E 184 24.83 44.24 -29.34
C GLY E 184 25.07 42.76 -29.02
N ILE E 185 25.27 41.96 -30.08
CA ILE E 185 25.56 40.55 -29.91
C ILE E 185 27.03 40.23 -30.03
N ASP E 186 27.57 39.64 -28.98
CA ASP E 186 28.96 39.25 -28.95
C ASP E 186 29.11 38.03 -29.86
N PRO E 187 30.19 37.91 -30.65
CA PRO E 187 30.44 36.77 -31.52
C PRO E 187 30.36 35.51 -30.73
N LEU E 188 29.75 34.49 -31.29
CA LEU E 188 29.64 33.25 -30.55
C LEU E 188 30.98 32.57 -30.59
N ILE E 189 31.37 32.00 -29.49
CA ILE E 189 32.60 31.28 -29.43
C ILE E 189 32.35 29.79 -29.50
N GLY E 190 32.91 29.14 -30.50
CA GLY E 190 32.68 27.72 -30.70
C GLY E 190 31.24 27.49 -31.13
N ARG E 191 30.73 26.31 -30.74
CA ARG E 191 29.38 25.84 -31.05
C ARG E 191 29.01 25.71 -32.52
N GLU E 192 29.94 25.23 -33.31
CA GLU E 192 29.69 25.10 -34.72
C GLU E 192 28.61 24.08 -35.03
N LYS E 193 28.59 22.95 -34.32
CA LYS E 193 27.62 21.91 -34.63
C LYS E 193 26.23 22.25 -34.12
N GLU E 194 26.16 23.06 -33.07
CA GLU E 194 24.91 23.49 -32.49
C GLU E 194 24.23 24.45 -33.45
N LEU E 195 25.04 25.34 -34.03
CA LEU E 195 24.50 26.27 -34.99
C LEU E 195 24.12 25.54 -36.25
N GLU E 196 24.93 24.55 -36.66
CA GLU E 196 24.59 23.83 -37.85
C GLU E 196 23.29 23.11 -37.64
N ARG E 197 23.04 22.60 -36.44
CA ARG E 197 21.78 21.94 -36.33
C ARG E 197 20.65 22.96 -36.41
N ALA E 198 20.79 24.11 -35.77
CA ALA E 198 19.70 25.06 -35.83
C ALA E 198 19.35 25.40 -37.27
N ILE E 199 20.35 25.57 -38.13
CA ILE E 199 20.05 25.86 -39.52
C ILE E 199 19.50 24.66 -40.27
N GLN E 200 19.99 23.46 -39.94
CA GLN E 200 19.49 22.25 -40.56
C GLN E 200 18.01 22.06 -40.25
N VAL E 201 17.61 22.43 -39.06
CA VAL E 201 16.22 22.35 -38.67
C VAL E 201 15.41 23.46 -39.36
N LEU E 202 15.92 24.69 -39.34
CA LEU E 202 15.20 25.81 -39.94
C LEU E 202 14.97 25.64 -41.44
N CYS E 203 15.88 24.97 -42.15
CA CYS E 203 15.73 24.74 -43.57
C CYS E 203 14.70 23.64 -43.96
N ARG E 204 14.19 22.89 -42.98
CA ARG E 204 13.24 21.80 -43.27
C ARG E 204 11.76 22.22 -43.38
N ARG E 205 10.96 21.34 -43.99
CA ARG E 205 9.52 21.60 -44.15
C ARG E 205 8.71 21.28 -42.89
N ARG E 206 9.06 20.20 -42.17
CA ARG E 206 8.35 19.78 -40.95
C ARG E 206 9.35 19.70 -39.82
N LYS E 207 8.90 19.90 -38.56
CA LYS E 207 9.84 19.87 -37.43
C LYS E 207 11.00 20.80 -37.76
N ASN E 208 10.65 21.95 -38.29
CA ASN E 208 11.56 22.96 -38.79
C ASN E 208 11.74 24.20 -37.96
N ASN E 209 11.45 24.08 -36.68
CA ASN E 209 11.64 25.14 -35.72
C ASN E 209 12.54 24.58 -34.59
N PRO E 210 13.80 24.91 -34.49
CA PRO E 210 14.70 24.32 -33.52
C PRO E 210 14.43 24.81 -32.13
N LEU E 211 14.74 23.98 -31.15
CA LEU E 211 14.71 24.34 -29.76
C LEU E 211 16.08 24.16 -29.17
N LEU E 212 16.60 25.18 -28.54
CA LEU E 212 17.89 25.01 -27.94
C LEU E 212 17.57 24.61 -26.52
N VAL E 213 17.88 23.38 -26.17
CA VAL E 213 17.48 22.85 -24.88
C VAL E 213 18.70 22.52 -24.04
N GLY E 214 18.78 23.04 -22.84
CA GLY E 214 19.96 22.79 -22.02
C GLY E 214 19.82 22.95 -20.51
N GLU E 215 20.82 23.57 -19.92
CA GLU E 215 20.93 23.78 -18.48
C GLU E 215 21.56 25.14 -18.24
N SER E 216 21.71 25.56 -17.00
CA SER E 216 22.24 26.90 -16.80
C SER E 216 23.72 27.08 -16.86
N GLY E 217 24.10 28.01 -17.73
CA GLY E 217 25.43 28.42 -18.06
C GLY E 217 25.85 27.79 -19.37
N VAL E 218 24.94 27.11 -20.07
CA VAL E 218 25.37 26.52 -21.33
C VAL E 218 25.35 27.56 -22.43
N GLY E 219 24.61 28.65 -22.26
CA GLY E 219 24.61 29.62 -23.32
C GLY E 219 23.55 29.38 -24.37
N LYS E 220 22.50 28.65 -24.07
CA LYS E 220 21.53 28.40 -25.13
C LYS E 220 20.98 29.69 -25.75
N THR E 221 20.74 30.75 -24.96
CA THR E 221 20.33 31.99 -25.60
C THR E 221 21.50 32.59 -26.34
N ALA E 222 22.69 32.52 -25.76
CA ALA E 222 23.87 33.07 -26.40
C ALA E 222 24.03 32.44 -27.78
N ILE E 223 23.69 31.16 -27.91
CA ILE E 223 23.78 30.48 -29.18
C ILE E 223 22.76 31.04 -30.13
N ALA E 224 21.51 31.23 -29.69
CA ALA E 224 20.49 31.81 -30.58
C ALA E 224 20.92 33.20 -31.07
N GLU E 225 21.52 33.98 -30.18
CA GLU E 225 22.01 35.28 -30.58
C GLU E 225 23.17 35.08 -31.52
N GLY E 226 23.98 34.07 -31.23
CA GLY E 226 25.12 33.66 -32.00
C GLY E 226 24.69 33.29 -33.39
N LEU E 227 23.51 32.69 -33.53
CA LEU E 227 23.06 32.37 -34.86
C LEU E 227 22.72 33.63 -35.58
N ALA E 228 22.01 34.58 -34.94
CA ALA E 228 21.68 35.83 -35.62
C ALA E 228 22.97 36.49 -36.06
N TRP E 229 24.00 36.36 -35.24
CA TRP E 229 25.29 36.90 -35.58
C TRP E 229 25.82 36.22 -36.84
N ARG E 230 25.75 34.89 -36.93
CA ARG E 230 26.20 34.17 -38.13
C ARG E 230 25.35 34.52 -39.37
N ILE E 231 24.05 34.80 -39.15
CA ILE E 231 23.15 35.15 -40.24
C ILE E 231 23.63 36.45 -40.86
N VAL E 232 24.02 37.37 -39.98
CA VAL E 232 24.59 38.67 -40.30
C VAL E 232 25.98 38.60 -40.89
N GLN E 233 26.83 37.75 -40.34
CA GLN E 233 28.18 37.61 -40.84
C GLN E 233 28.14 36.92 -42.20
N GLY E 234 27.12 36.09 -42.43
CA GLY E 234 27.02 35.35 -43.68
C GLY E 234 27.86 34.10 -43.58
N ASP E 235 27.91 33.54 -42.37
CA ASP E 235 28.68 32.33 -42.08
C ASP E 235 27.82 31.10 -42.26
N VAL E 236 26.61 31.32 -42.75
CA VAL E 236 25.66 30.29 -43.03
C VAL E 236 25.32 30.45 -44.50
N PRO E 237 24.78 29.43 -45.16
CA PRO E 237 24.30 29.46 -46.53
C PRO E 237 23.14 30.41 -46.63
N GLU E 238 22.94 30.98 -47.82
CA GLU E 238 21.86 31.92 -48.06
C GLU E 238 20.47 31.47 -47.59
N VAL E 239 20.20 30.17 -47.57
CA VAL E 239 18.89 29.75 -47.14
C VAL E 239 18.60 30.54 -45.86
N MET E 240 19.64 30.69 -45.04
CA MET E 240 19.53 31.39 -43.78
C MET E 240 20.32 32.70 -43.75
N ALA E 241 21.35 32.83 -44.56
CA ALA E 241 22.08 34.09 -44.50
C ALA E 241 21.16 35.17 -44.90
N ASP E 242 21.28 36.30 -44.24
CA ASP E 242 20.45 37.46 -44.49
C ASP E 242 18.95 37.27 -44.17
N CYS E 243 18.55 36.12 -43.63
CA CYS E 243 17.21 35.99 -43.07
C CYS E 243 17.23 36.86 -41.87
N THR E 244 16.08 37.15 -41.27
CA THR E 244 16.15 37.98 -40.08
C THR E 244 15.64 37.27 -38.87
N ILE E 245 16.47 37.22 -37.84
CA ILE E 245 16.03 36.64 -36.61
C ILE E 245 15.69 37.77 -35.65
N TYR E 246 14.49 37.72 -35.12
CA TYR E 246 14.00 38.69 -34.18
C TYR E 246 13.73 37.96 -32.88
N SER E 247 13.79 38.61 -31.74
CA SER E 247 13.51 37.99 -30.45
C SER E 247 12.36 38.56 -29.64
N LEU E 248 11.57 37.64 -29.14
CA LEU E 248 10.44 38.05 -28.36
C LEU E 248 10.65 37.59 -26.96
N ASP E 249 10.56 38.55 -26.05
CA ASP E 249 10.70 38.29 -24.63
C ASP E 249 9.41 38.67 -23.94
N ILE E 250 9.46 38.79 -22.61
CA ILE E 250 8.28 39.15 -21.85
C ILE E 250 8.40 40.58 -21.32
N GLY E 251 8.47 41.55 -22.25
CA GLY E 251 8.59 42.94 -21.85
C GLY E 251 7.72 43.86 -22.69
N SER E 252 7.75 43.66 -24.00
CA SER E 252 6.95 44.48 -24.91
C SER E 252 5.48 44.10 -25.15
N LEU E 253 5.23 42.86 -25.55
CA LEU E 253 3.87 42.43 -25.86
C LEU E 253 3.08 42.17 -24.60
N LEU E 254 3.76 42.07 -23.46
CA LEU E 254 3.11 41.69 -22.23
C LEU E 254 2.66 42.94 -21.53
N ALA E 255 2.90 44.08 -22.20
CA ALA E 255 2.51 45.37 -21.69
C ALA E 255 1.04 45.59 -22.00
N GLY E 256 0.43 44.69 -22.80
CA GLY E 256 -1.00 44.82 -23.14
C GLY E 256 -1.85 44.34 -21.97
N THR E 257 -1.80 45.10 -20.87
CA THR E 257 -2.45 44.80 -19.59
C THR E 257 -3.86 45.37 -19.53
N LYS E 258 -4.25 46.01 -20.63
CA LYS E 258 -5.58 46.56 -20.85
C LYS E 258 -6.35 45.54 -21.68
N TYR E 259 -5.70 44.38 -21.83
CA TYR E 259 -6.09 43.19 -22.55
C TYR E 259 -6.03 43.36 -24.05
N ARG E 260 -6.96 42.71 -24.75
CA ARG E 260 -6.84 42.37 -26.17
C ARG E 260 -6.77 43.58 -27.07
N GLY E 261 -7.44 44.67 -26.70
CA GLY E 261 -7.42 45.85 -27.54
C GLY E 261 -5.97 46.28 -27.78
N ASP E 262 -5.09 46.07 -26.80
CA ASP E 262 -3.70 46.37 -27.00
C ASP E 262 -2.97 45.13 -27.48
N PHE E 263 -3.12 44.04 -26.72
CA PHE E 263 -2.39 42.80 -26.94
C PHE E 263 -2.66 42.09 -28.23
N GLU E 264 -3.92 41.87 -28.58
CA GLU E 264 -4.24 41.10 -29.74
C GLU E 264 -3.79 41.85 -30.93
N LYS E 265 -4.06 43.13 -30.93
CA LYS E 265 -3.65 43.93 -32.06
C LYS E 265 -2.13 43.96 -32.23
N ARG E 266 -1.36 44.10 -31.14
CA ARG E 266 0.09 44.13 -31.32
C ARG E 266 0.65 42.76 -31.62
N PHE E 267 0.10 41.74 -30.97
CA PHE E 267 0.51 40.37 -31.19
C PHE E 267 0.24 39.94 -32.63
N LYS E 268 -0.98 40.15 -33.13
CA LYS E 268 -1.29 39.79 -34.48
C LYS E 268 -0.53 40.66 -35.44
N ALA E 269 -0.26 41.93 -35.11
CA ALA E 269 0.51 42.73 -36.04
C ALA E 269 1.82 42.03 -36.33
N LEU E 270 2.43 41.42 -35.30
CA LEU E 270 3.67 40.72 -35.55
C LEU E 270 3.38 39.55 -36.41
N LEU E 271 2.33 38.81 -36.12
CA LEU E 271 2.14 37.62 -36.91
C LEU E 271 1.92 37.94 -38.37
N LYS E 272 1.19 39.01 -38.65
CA LYS E 272 0.91 39.37 -40.03
C LYS E 272 2.17 39.86 -40.73
N GLN E 273 2.98 40.67 -40.06
CA GLN E 273 4.21 41.18 -40.65
C GLN E 273 5.23 40.07 -40.86
N LEU E 274 5.26 39.13 -39.93
CA LEU E 274 6.16 38.02 -39.98
C LEU E 274 5.65 37.03 -41.02
N GLU E 275 4.34 36.87 -41.12
CA GLU E 275 3.75 36.00 -42.12
C GLU E 275 4.09 36.50 -43.50
N GLN E 276 4.02 37.83 -43.68
CA GLN E 276 4.34 38.44 -44.95
C GLN E 276 5.83 38.29 -45.24
N ASP E 277 6.68 38.45 -44.22
CA ASP E 277 8.09 38.23 -44.40
C ASP E 277 8.40 36.79 -44.01
N THR E 278 8.39 35.91 -44.98
CA THR E 278 8.54 34.50 -44.68
C THR E 278 9.99 34.13 -44.42
N ASN E 279 10.87 35.12 -44.52
CA ASN E 279 12.26 34.88 -44.24
C ASN E 279 12.56 35.43 -42.85
N SER E 280 11.51 35.68 -42.07
CA SER E 280 11.64 36.12 -40.69
C SER E 280 11.50 34.95 -39.72
N ILE E 281 12.42 34.92 -38.79
CA ILE E 281 12.50 33.91 -37.77
C ILE E 281 12.37 34.56 -36.41
N LEU E 282 11.56 34.02 -35.52
CA LEU E 282 11.51 34.58 -34.20
C LEU E 282 12.28 33.70 -33.26
N PHE E 283 12.88 34.30 -32.28
CA PHE E 283 13.49 33.60 -31.20
C PHE E 283 12.69 33.85 -29.95
N ILE E 284 12.28 32.79 -29.30
CA ILE E 284 11.51 33.00 -28.11
C ILE E 284 12.30 32.50 -26.94
N ASP E 285 12.78 33.43 -26.14
CA ASP E 285 13.60 33.01 -25.03
C ASP E 285 12.66 32.56 -23.95
N GLU E 286 13.15 31.76 -23.01
CA GLU E 286 12.30 31.36 -21.89
C GLU E 286 10.94 30.91 -22.44
N ILE E 287 10.97 29.99 -23.42
CA ILE E 287 9.80 29.61 -24.20
C ILE E 287 8.68 28.98 -23.37
N HIS E 288 9.00 28.48 -22.18
CA HIS E 288 7.99 27.90 -21.32
C HIS E 288 6.93 28.94 -20.94
N THR E 289 7.30 30.22 -21.07
CA THR E 289 6.41 31.31 -20.76
C THR E 289 5.11 31.09 -21.50
N ILE E 290 5.20 30.61 -22.74
CA ILE E 290 4.00 30.42 -23.52
C ILE E 290 3.62 28.93 -23.60
N ILE E 291 4.61 28.04 -23.75
CA ILE E 291 4.26 26.65 -23.98
C ILE E 291 4.14 25.98 -22.64
N GLY E 292 2.96 25.46 -22.36
CA GLY E 292 2.71 24.86 -21.06
C GLY E 292 2.32 25.94 -20.06
N ALA E 293 2.11 27.16 -20.56
CA ALA E 293 1.77 28.31 -19.74
C ALA E 293 0.77 29.21 -20.49
N GLY E 294 1.21 30.35 -21.03
CA GLY E 294 0.28 31.13 -21.85
C GLY E 294 -0.57 32.22 -21.15
N ALA E 295 -0.19 32.66 -19.96
CA ALA E 295 -0.99 33.68 -19.31
C ALA E 295 -0.39 35.06 -19.55
N ALA E 296 0.47 35.51 -18.63
CA ALA E 296 1.08 36.84 -18.70
C ALA E 296 -0.04 37.87 -18.64
N SER E 297 -0.24 38.58 -19.74
CA SER E 297 -1.25 39.63 -19.86
C SER E 297 -2.64 39.01 -20.05
N GLY E 298 -2.69 37.69 -20.14
CA GLY E 298 -3.91 36.94 -20.34
C GLY E 298 -4.08 36.76 -21.81
N GLY E 299 -2.98 36.90 -22.54
CA GLY E 299 -2.98 36.78 -23.98
C GLY E 299 -2.13 35.65 -24.55
N GLN E 300 -1.30 34.99 -23.74
CA GLN E 300 -0.37 34.10 -24.40
C GLN E 300 -0.77 32.65 -24.78
N VAL E 301 -1.86 32.08 -24.26
CA VAL E 301 -2.16 30.71 -24.71
C VAL E 301 -2.57 30.77 -26.16
N ASP E 302 -3.48 31.67 -26.49
CA ASP E 302 -3.88 31.73 -27.85
C ASP E 302 -2.84 32.43 -28.66
N ALA E 303 -2.02 33.29 -28.07
CA ALA E 303 -0.99 33.83 -28.92
C ALA E 303 -0.14 32.68 -29.42
N ALA E 304 0.17 31.70 -28.55
CA ALA E 304 0.94 30.56 -29.01
C ALA E 304 0.16 29.80 -30.07
N ASN E 305 -1.15 29.68 -29.88
CA ASN E 305 -1.96 28.94 -30.84
C ASN E 305 -2.05 29.66 -32.17
N LEU E 306 -1.87 30.97 -32.16
CA LEU E 306 -1.89 31.78 -33.36
C LEU E 306 -0.52 31.84 -34.05
N ILE E 307 0.53 31.28 -33.43
CA ILE E 307 1.85 31.26 -34.02
C ILE E 307 1.96 29.93 -34.72
N LYS E 308 1.54 28.90 -34.00
CA LYS E 308 1.61 27.52 -34.45
C LYS E 308 1.19 27.30 -35.93
N PRO E 309 0.01 27.70 -36.45
CA PRO E 309 -0.38 27.55 -37.86
C PRO E 309 0.59 28.17 -38.85
N LEU E 310 1.32 29.19 -38.43
CA LEU E 310 2.23 29.85 -39.32
C LEU E 310 3.54 29.14 -39.28
N LEU E 311 3.78 28.39 -38.21
CA LEU E 311 5.01 27.65 -38.20
C LEU E 311 4.78 26.42 -39.07
N SER E 312 3.55 25.88 -39.00
CA SER E 312 3.17 24.68 -39.73
C SER E 312 3.22 24.88 -41.23
N SER E 313 2.69 26.02 -41.70
CA SER E 313 2.66 26.38 -43.09
C SER E 313 3.99 26.92 -43.60
N GLY E 314 4.95 27.13 -42.71
CA GLY E 314 6.24 27.69 -43.07
C GLY E 314 6.23 29.21 -43.27
N LYS E 315 5.27 29.93 -42.68
CA LYS E 315 5.23 31.38 -42.84
C LYS E 315 6.15 32.04 -41.85
N ILE E 316 6.20 31.48 -40.65
CA ILE E 316 7.05 32.04 -39.60
C ILE E 316 7.93 30.94 -39.08
N ARG E 317 9.19 31.19 -38.88
CA ARG E 317 10.02 30.17 -38.29
C ARG E 317 10.33 30.58 -36.88
N VAL E 318 10.45 29.62 -35.97
CA VAL E 318 10.80 29.92 -34.59
C VAL E 318 11.94 29.10 -33.99
N ILE E 319 12.81 29.78 -33.27
CA ILE E 319 13.88 29.15 -32.55
C ILE E 319 13.49 29.24 -31.08
N GLY E 320 13.42 28.14 -30.37
CA GLY E 320 13.06 28.26 -28.95
C GLY E 320 14.28 28.19 -28.05
N SER E 321 14.00 28.29 -26.75
CA SER E 321 14.99 28.22 -25.68
C SER E 321 14.42 27.70 -24.38
N THR E 322 14.93 26.56 -23.95
CA THR E 322 14.45 25.95 -22.72
C THR E 322 15.48 25.04 -22.09
N THR E 323 15.10 24.38 -21.02
CA THR E 323 16.00 23.47 -20.34
C THR E 323 15.46 22.09 -20.48
N TYR E 324 16.25 21.09 -20.13
CA TYR E 324 15.81 19.71 -20.28
C TYR E 324 14.58 19.40 -19.43
N GLN E 325 14.52 19.97 -18.24
CA GLN E 325 13.43 19.68 -17.34
C GLN E 325 12.19 20.42 -17.81
N GLU E 326 12.36 21.67 -18.22
CA GLU E 326 11.21 22.40 -18.69
C GLU E 326 10.73 21.76 -19.96
N PHE E 327 11.65 21.31 -20.79
CA PHE E 327 11.31 20.72 -22.07
C PHE E 327 10.36 19.57 -21.86
N SER E 328 10.69 18.68 -20.94
CA SER E 328 9.77 17.58 -20.67
C SER E 328 8.43 18.06 -20.12
N ASN E 329 8.44 19.18 -19.42
CA ASN E 329 7.20 19.72 -18.90
C ASN E 329 6.40 20.49 -19.96
N ILE E 330 7.05 21.07 -20.98
CA ILE E 330 6.31 21.89 -21.95
C ILE E 330 6.17 21.27 -23.37
N PHE E 331 7.26 20.74 -23.93
CA PHE E 331 7.31 20.21 -25.29
C PHE E 331 6.66 18.88 -25.41
N GLU E 332 6.98 18.02 -24.47
CA GLU E 332 6.52 16.63 -24.52
C GLU E 332 5.02 16.53 -24.22
N LYS E 333 4.45 17.64 -23.80
CA LYS E 333 3.05 17.76 -23.46
C LYS E 333 2.22 18.41 -24.57
N ASP E 334 2.85 18.81 -25.68
CA ASP E 334 2.11 19.52 -26.74
C ASP E 334 2.51 19.04 -28.14
N ARG E 335 1.58 18.31 -28.79
CA ARG E 335 1.87 17.69 -30.07
C ARG E 335 1.98 18.69 -31.19
N ALA E 336 1.58 19.94 -30.92
CA ALA E 336 1.71 20.94 -31.92
C ALA E 336 3.17 21.23 -32.11
N LEU E 337 3.96 21.11 -31.03
CA LEU E 337 5.37 21.38 -31.15
C LEU E 337 6.06 20.12 -31.53
N ALA E 338 5.50 18.98 -31.16
CA ALA E 338 6.18 17.74 -31.51
C ALA E 338 6.37 17.65 -33.02
N ARG E 339 5.40 18.16 -33.78
CA ARG E 339 5.46 18.13 -35.24
C ARG E 339 6.08 19.39 -35.90
N ARG E 340 6.37 20.41 -35.10
CA ARG E 340 6.85 21.70 -35.61
C ARG E 340 8.25 22.01 -35.19
N PHE E 341 8.63 21.57 -34.01
CA PHE E 341 9.91 21.85 -33.44
C PHE E 341 10.81 20.66 -33.20
N GLN E 342 12.10 20.93 -33.25
CA GLN E 342 13.11 19.90 -33.02
C GLN E 342 14.12 20.25 -31.95
N LYS E 343 14.29 19.36 -30.99
CA LYS E 343 15.28 19.57 -29.95
C LYS E 343 16.73 19.44 -30.38
N ILE E 344 17.52 20.41 -29.92
CA ILE E 344 18.97 20.44 -30.05
C ILE E 344 19.56 20.41 -28.63
N ASP E 345 20.44 19.45 -28.36
CA ASP E 345 21.02 19.34 -27.03
C ASP E 345 22.20 20.28 -26.81
N ILE E 346 22.06 21.24 -25.91
CA ILE E 346 23.11 22.22 -25.66
C ILE E 346 23.78 21.90 -24.34
N THR E 347 25.09 21.73 -24.36
CA THR E 347 25.89 21.42 -23.19
C THR E 347 26.92 22.51 -23.02
N GLU E 348 27.74 22.43 -21.98
CA GLU E 348 28.79 23.44 -21.76
C GLU E 348 29.97 23.37 -22.75
N PRO E 349 30.53 24.55 -23.05
CA PRO E 349 31.67 24.72 -23.94
C PRO E 349 32.94 24.15 -23.31
N SER E 350 34.04 24.17 -24.04
CA SER E 350 35.33 23.71 -23.51
C SER E 350 35.94 24.71 -22.54
N ILE E 351 37.03 24.32 -21.89
CA ILE E 351 37.73 25.20 -20.95
C ILE E 351 38.28 26.39 -21.71
N GLU E 352 38.85 26.12 -22.86
CA GLU E 352 39.46 27.15 -23.68
C GLU E 352 38.40 28.08 -24.20
N GLU E 353 37.27 27.51 -24.61
CA GLU E 353 36.20 28.34 -25.09
C GLU E 353 35.68 29.17 -23.95
N THR E 354 35.61 28.63 -22.74
CA THR E 354 35.13 29.39 -21.62
C THR E 354 36.06 30.56 -21.37
N VAL E 355 37.38 30.35 -21.46
CA VAL E 355 38.30 31.45 -21.24
C VAL E 355 38.08 32.52 -22.29
N GLN E 356 37.89 32.10 -23.55
CA GLN E 356 37.65 33.02 -24.65
C GLN E 356 36.35 33.80 -24.42
N ILE E 357 35.34 33.14 -23.85
CA ILE E 357 34.06 33.75 -23.50
C ILE E 357 34.31 34.77 -22.42
N ILE E 358 35.13 34.42 -21.43
CA ILE E 358 35.48 35.35 -20.40
C ILE E 358 36.21 36.52 -21.00
N ASN E 359 37.12 36.28 -21.91
CA ASN E 359 37.85 37.39 -22.49
C ASN E 359 36.95 38.30 -23.34
N GLY E 360 35.93 37.73 -23.97
CA GLY E 360 34.99 38.54 -24.71
C GLY E 360 34.22 39.46 -23.75
N LEU E 361 33.81 38.90 -22.60
CA LEU E 361 33.05 39.62 -21.59
C LEU E 361 33.91 40.37 -20.59
N LYS E 362 35.15 39.95 -20.42
CA LYS E 362 36.07 40.50 -19.46
C LYS E 362 35.99 42.01 -19.38
N PRO E 363 36.08 42.80 -20.48
CA PRO E 363 36.05 44.23 -20.46
C PRO E 363 34.80 44.81 -19.81
N LYS E 364 33.71 44.04 -19.78
CA LYS E 364 32.45 44.49 -19.21
C LYS E 364 32.60 44.47 -17.70
N TYR E 365 33.37 43.50 -17.23
CA TYR E 365 33.60 43.38 -15.80
C TYR E 365 34.63 44.40 -15.44
N GLU E 366 35.57 44.62 -16.33
CA GLU E 366 36.59 45.59 -16.03
C GLU E 366 35.96 46.96 -15.94
N ALA E 367 35.05 47.28 -16.87
CA ALA E 367 34.38 48.55 -16.89
C ALA E 367 33.50 48.76 -15.68
N HIS E 368 32.78 47.72 -15.26
CA HIS E 368 31.89 47.86 -14.13
C HIS E 368 32.67 48.02 -12.83
N HIS E 369 33.71 47.20 -12.68
CA HIS E 369 34.42 47.19 -11.44
C HIS E 369 35.66 48.07 -11.38
N ASP E 370 36.06 48.69 -12.49
CA ASP E 370 37.28 49.50 -12.49
C ASP E 370 38.46 48.62 -12.07
N VAL E 371 38.49 47.45 -12.69
CA VAL E 371 39.54 46.47 -12.48
C VAL E 371 40.05 46.03 -13.81
N ARG E 372 41.19 45.36 -13.84
CA ARG E 372 41.75 44.84 -15.09
C ARG E 372 42.14 43.39 -14.84
N TYR E 373 41.78 42.46 -15.72
CA TYR E 373 42.11 41.06 -15.49
C TYR E 373 43.30 40.55 -16.29
N THR E 374 44.22 39.84 -15.62
CA THR E 374 45.38 39.29 -16.30
C THR E 374 44.98 38.08 -17.14
N ALA E 375 45.87 37.66 -18.04
CA ALA E 375 45.63 36.46 -18.84
C ALA E 375 45.55 35.23 -17.95
N LYS E 376 46.36 35.25 -16.89
CA LYS E 376 46.38 34.16 -15.96
C LYS E 376 45.12 34.18 -15.12
N ALA E 377 44.63 35.38 -14.77
CA ALA E 377 43.41 35.47 -14.00
C ALA E 377 42.23 34.89 -14.74
N VAL E 378 42.17 35.10 -16.05
CA VAL E 378 41.03 34.56 -16.78
C VAL E 378 41.16 33.06 -16.97
N ARG E 379 42.38 32.57 -17.23
CA ARG E 379 42.51 31.14 -17.34
C ARG E 379 42.21 30.49 -16.02
N ALA E 380 42.74 31.08 -14.95
CA ALA E 380 42.55 30.57 -13.63
C ALA E 380 41.09 30.63 -13.22
N ALA E 381 40.37 31.67 -13.57
CA ALA E 381 38.99 31.68 -13.13
C ALA E 381 38.26 30.47 -13.67
N VAL E 382 38.55 30.11 -14.91
CA VAL E 382 37.84 28.97 -15.45
C VAL E 382 38.34 27.70 -14.79
N GLU E 383 39.66 27.53 -14.68
CA GLU E 383 40.20 26.30 -14.11
C GLU E 383 39.84 26.10 -12.64
N LEU E 384 39.86 27.17 -11.87
CA LEU E 384 39.61 27.08 -10.46
C LEU E 384 38.13 26.87 -10.22
N ALA E 385 37.28 27.50 -11.04
CA ALA E 385 35.87 27.30 -10.89
C ALA E 385 35.58 25.82 -11.14
N VAL E 386 36.24 25.21 -12.10
CA VAL E 386 35.96 23.81 -12.34
C VAL E 386 36.33 22.93 -11.18
N LYS E 387 37.50 23.19 -10.61
CA LYS E 387 38.00 22.42 -9.50
C LYS E 387 37.10 22.46 -8.27
N TYR E 388 36.46 23.62 -7.98
CA TYR E 388 35.65 23.72 -6.75
C TYR E 388 34.15 24.13 -6.85
N ILE E 389 33.71 24.77 -7.93
CA ILE E 389 32.34 25.27 -8.03
C ILE E 389 31.54 24.28 -8.87
N ASN E 390 30.49 23.71 -8.27
CA ASN E 390 29.70 22.67 -8.90
C ASN E 390 28.24 23.08 -9.14
N ASP E 391 28.02 24.38 -9.24
CA ASP E 391 26.69 24.95 -9.36
C ASP E 391 26.14 25.14 -10.78
N ARG E 392 27.02 25.32 -11.75
CA ARG E 392 26.61 25.70 -13.09
C ARG E 392 27.54 25.18 -14.15
N HIS E 393 27.18 25.40 -15.40
CA HIS E 393 27.99 25.05 -16.55
C HIS E 393 29.11 26.08 -16.64
N LEU E 394 30.23 25.69 -17.27
CA LEU E 394 31.43 26.53 -17.23
C LEU E 394 31.28 28.04 -17.37
N PRO E 395 30.64 28.64 -18.39
CA PRO E 395 30.52 30.06 -18.48
C PRO E 395 30.02 30.74 -17.23
N ASP E 396 29.05 30.17 -16.52
CA ASP E 396 28.59 30.91 -15.37
C ASP E 396 29.48 30.75 -14.17
N LYS E 397 30.07 29.60 -13.98
CA LYS E 397 30.88 29.52 -12.79
C LYS E 397 32.13 30.38 -12.97
N ALA E 398 32.68 30.41 -14.18
CA ALA E 398 33.85 31.19 -14.43
C ALA E 398 33.54 32.68 -14.33
N ILE E 399 32.35 33.09 -14.79
CA ILE E 399 31.99 34.47 -14.72
C ILE E 399 31.81 34.94 -13.32
N ASP E 400 31.15 34.17 -12.47
CA ASP E 400 31.02 34.62 -11.10
C ASP E 400 32.39 34.82 -10.51
N VAL E 401 33.35 33.97 -10.85
CA VAL E 401 34.67 34.17 -10.31
C VAL E 401 35.28 35.48 -10.80
N ILE E 402 35.16 35.77 -12.07
CA ILE E 402 35.67 37.01 -12.61
C ILE E 402 34.97 38.22 -12.02
N ASP E 403 33.65 38.16 -11.93
CA ASP E 403 32.86 39.27 -11.40
C ASP E 403 33.08 39.47 -9.89
N GLU E 404 33.36 38.38 -9.20
CA GLU E 404 33.59 38.41 -7.76
C GLU E 404 35.00 38.89 -7.48
N ALA E 405 35.95 38.43 -8.30
CA ALA E 405 37.34 38.82 -8.12
C ALA E 405 37.46 40.27 -8.42
N GLY E 406 36.72 40.71 -9.44
CA GLY E 406 36.71 42.08 -9.85
C GLY E 406 36.14 42.89 -8.73
N ALA E 407 34.96 42.52 -8.28
CA ALA E 407 34.40 43.30 -7.25
C ALA E 407 35.23 43.28 -5.99
N ARG E 408 35.73 42.14 -5.55
CA ARG E 408 36.47 42.18 -4.31
C ARG E 408 37.66 43.12 -4.44
N ALA E 409 38.32 43.07 -5.60
CA ALA E 409 39.47 43.92 -5.84
C ALA E 409 39.10 45.40 -5.70
N ARG E 410 37.87 45.81 -5.97
CA ARG E 410 37.53 47.22 -5.78
C ARG E 410 36.88 47.54 -4.43
N LEU E 411 36.69 46.55 -3.57
CA LEU E 411 35.98 46.78 -2.31
C LEU E 411 36.88 46.65 -1.11
N MET E 412 37.65 45.58 -1.10
CA MET E 412 38.52 45.29 0.03
C MET E 412 39.63 46.32 0.19
N PRO E 413 40.47 46.57 -0.83
CA PRO E 413 41.65 47.39 -0.72
C PRO E 413 41.33 48.86 -0.75
N VAL E 414 40.58 49.36 0.20
CA VAL E 414 40.27 50.77 0.16
C VAL E 414 41.54 51.59 0.29
N SER E 415 42.45 51.11 1.13
CA SER E 415 43.74 51.74 1.38
C SER E 415 44.81 51.42 0.31
N LYS E 416 44.53 50.47 -0.61
CA LYS E 416 45.55 50.07 -1.59
C LYS E 416 45.14 50.34 -3.04
N ARG E 417 43.85 50.14 -3.34
CA ARG E 417 43.21 50.33 -4.63
C ARG E 417 43.85 49.62 -5.83
N LYS E 418 44.20 48.35 -5.67
CA LYS E 418 44.79 47.60 -6.77
C LYS E 418 43.69 47.41 -7.81
N LYS E 419 44.02 47.59 -9.09
CA LYS E 419 43.00 47.42 -10.14
C LYS E 419 43.13 46.08 -10.80
N THR E 420 44.36 45.63 -10.98
CA THR E 420 44.61 44.38 -11.65
C THR E 420 44.25 43.20 -10.78
N VAL E 421 43.53 42.27 -11.39
CA VAL E 421 43.09 41.03 -10.80
C VAL E 421 43.95 39.92 -11.37
N ASN E 422 44.66 39.24 -10.49
CA ASN E 422 45.55 38.16 -10.89
C ASN E 422 45.03 36.82 -10.38
N VAL E 423 45.77 35.76 -10.65
CA VAL E 423 45.37 34.42 -10.22
C VAL E 423 45.13 34.37 -8.72
N ALA E 424 45.94 35.06 -7.94
CA ALA E 424 45.78 35.08 -6.49
C ALA E 424 44.41 35.63 -6.07
N ASP E 425 43.86 36.56 -6.85
CA ASP E 425 42.59 37.16 -6.51
C ASP E 425 41.47 36.20 -6.88
N ILE E 426 41.70 35.44 -7.95
CA ILE E 426 40.79 34.38 -8.32
C ILE E 426 40.77 33.32 -7.25
N GLU E 427 41.92 32.95 -6.71
CA GLU E 427 41.92 31.91 -5.70
C GLU E 427 41.13 32.35 -4.46
N SER E 428 41.27 33.62 -4.06
CA SER E 428 40.52 34.07 -2.90
C SER E 428 39.00 34.02 -3.15
N VAL E 429 38.55 34.50 -4.30
CA VAL E 429 37.11 34.49 -4.49
C VAL E 429 36.56 33.13 -4.81
N VAL E 430 37.33 32.28 -5.50
CA VAL E 430 36.82 30.96 -5.77
C VAL E 430 36.61 30.27 -4.48
N ALA E 431 37.53 30.43 -3.54
CA ALA E 431 37.29 29.75 -2.31
C ALA E 431 35.97 30.16 -1.68
N ARG E 432 35.68 31.46 -1.70
CA ARG E 432 34.42 31.96 -1.15
C ARG E 432 33.14 31.56 -1.93
N ILE E 433 33.23 31.50 -3.26
CA ILE E 433 32.10 31.16 -4.11
C ILE E 433 31.79 29.70 -3.97
N ALA E 434 32.85 28.90 -3.94
CA ALA E 434 32.83 27.45 -3.86
C ALA E 434 32.59 26.91 -2.45
N ARG E 435 32.47 27.79 -1.46
CA ARG E 435 32.27 27.39 -0.08
C ARG E 435 33.38 26.50 0.48
N ILE E 436 34.63 26.85 0.18
CA ILE E 436 35.77 26.14 0.68
C ILE E 436 36.69 27.18 1.35
N PRO E 437 37.64 26.81 2.22
CA PRO E 437 38.62 27.70 2.81
C PRO E 437 39.52 28.39 1.78
N GLU E 438 39.91 29.62 2.12
CA GLU E 438 40.80 30.50 1.33
C GLU E 438 42.17 29.87 1.13
N LYS E 439 42.52 28.99 2.04
CA LYS E 439 43.77 28.27 1.96
C LYS E 439 43.64 27.05 1.05
N SER E 440 42.58 26.26 1.27
CA SER E 440 42.31 24.96 0.64
C SER E 440 42.09 25.00 -0.85
N VAL E 441 41.78 26.18 -1.36
CA VAL E 441 41.62 26.39 -2.80
C VAL E 441 42.92 26.04 -3.54
N SER E 442 44.06 26.11 -2.81
CA SER E 442 45.38 25.81 -3.29
C SER E 442 46.05 24.75 -2.37
N GLN E 443 46.07 25.02 -1.06
CA GLN E 443 46.78 24.18 -0.09
C GLN E 443 45.91 23.36 0.86
N SER E 444 45.90 22.04 0.64
CA SER E 444 45.12 21.10 1.44
C SER E 444 45.76 20.81 2.81
N ASP E 445 45.00 20.22 3.74
CA ASP E 445 45.56 19.94 5.04
C ASP E 445 46.28 18.61 5.08
N ARG E 446 47.50 18.68 4.61
CA ARG E 446 48.36 17.53 4.46
C ARG E 446 48.63 16.87 5.81
N ASP E 447 48.71 17.69 6.87
CA ASP E 447 49.05 17.17 8.18
C ASP E 447 47.90 16.55 8.92
N THR E 448 46.67 17.06 8.75
CA THR E 448 45.62 16.37 9.48
C THR E 448 45.51 14.97 8.90
N LEU E 449 45.76 14.85 7.60
CA LEU E 449 45.67 13.53 7.02
C LEU E 449 46.86 12.66 7.45
N LYS E 450 48.08 13.20 7.53
CA LYS E 450 49.21 12.39 7.96
C LYS E 450 49.04 11.85 9.37
N ASN E 451 48.44 12.65 10.23
CA ASN E 451 48.28 12.30 11.63
C ASN E 451 47.00 11.56 11.94
N LEU E 452 46.22 11.22 10.92
CA LEU E 452 44.95 10.60 11.18
C LEU E 452 45.08 9.26 11.84
N GLY E 453 46.01 8.44 11.35
CA GLY E 453 46.14 7.11 11.86
C GLY E 453 46.50 7.08 13.33
N ASP E 454 47.29 8.04 13.77
CA ASP E 454 47.69 7.98 15.16
C ASP E 454 46.62 8.54 16.04
N ARG E 455 45.91 9.55 15.57
CA ARG E 455 44.88 10.07 16.41
C ARG E 455 43.82 9.03 16.66
N LEU E 456 43.54 8.20 15.66
CA LEU E 456 42.56 7.16 15.85
C LEU E 456 43.12 6.00 16.68
N LYS E 457 44.40 5.65 16.51
CA LYS E 457 44.95 4.54 17.29
C LYS E 457 44.92 4.84 18.77
N MET E 458 44.98 6.12 19.14
CA MET E 458 44.91 6.49 20.54
C MET E 458 43.51 6.39 21.14
N LEU E 459 42.48 6.24 20.30
CA LEU E 459 41.11 6.17 20.76
C LEU E 459 40.50 4.78 20.65
N VAL E 460 40.75 4.09 19.54
CA VAL E 460 40.24 2.75 19.33
C VAL E 460 41.41 1.81 19.37
N PHE E 461 41.50 1.04 20.42
CA PHE E 461 42.67 0.26 20.64
C PHE E 461 42.63 -1.10 20.06
N GLY E 462 43.73 -1.53 19.52
CA GLY E 462 43.92 -2.89 19.05
C GLY E 462 43.56 -3.09 17.60
N GLN E 463 42.76 -2.21 17.06
CA GLN E 463 42.35 -2.36 15.68
C GLN E 463 43.32 -1.60 14.84
N ASP E 464 44.56 -2.02 14.89
CA ASP E 464 45.57 -1.23 14.25
C ASP E 464 45.54 -1.43 12.78
N LYS E 465 45.31 -2.65 12.32
CA LYS E 465 45.35 -2.81 10.89
C LYS E 465 44.11 -2.20 10.30
N ALA E 466 43.01 -2.21 11.06
CA ALA E 466 41.79 -1.65 10.55
C ALA E 466 41.93 -0.15 10.40
N ILE E 467 42.58 0.49 11.36
CA ILE E 467 42.75 1.92 11.28
C ILE E 467 43.64 2.21 10.12
N GLU E 468 44.70 1.45 9.95
CA GLU E 468 45.58 1.71 8.85
C GLU E 468 44.86 1.49 7.54
N ALA E 469 44.03 0.46 7.41
CA ALA E 469 43.37 0.27 6.14
C ALA E 469 42.50 1.46 5.78
N LEU E 470 41.80 1.99 6.77
CA LEU E 470 40.94 3.15 6.59
C LEU E 470 41.75 4.38 6.29
N THR E 471 42.81 4.58 7.05
CA THR E 471 43.63 5.75 6.94
C THR E 471 44.30 5.81 5.60
N GLU E 472 44.85 4.69 5.16
CA GLU E 472 45.56 4.69 3.91
C GLU E 472 44.60 4.90 2.76
N ALA E 473 43.43 4.27 2.81
CA ALA E 473 42.50 4.44 1.72
C ALA E 473 42.05 5.89 1.61
N ILE E 474 41.86 6.58 2.73
CA ILE E 474 41.46 7.96 2.65
C ILE E 474 42.59 8.77 2.06
N LYS E 475 43.81 8.53 2.51
CA LYS E 475 44.90 9.30 1.95
C LYS E 475 44.99 9.09 0.45
N MET E 476 44.77 7.88 -0.05
CA MET E 476 44.86 7.70 -1.48
C MET E 476 43.84 8.55 -2.19
N ALA E 477 42.63 8.60 -1.66
CA ALA E 477 41.61 9.43 -2.27
C ALA E 477 41.97 10.91 -2.19
N ARG E 478 42.54 11.33 -1.06
CA ARG E 478 42.90 12.73 -0.85
C ARG E 478 44.10 13.13 -1.66
N ALA E 479 44.94 12.17 -1.98
CA ALA E 479 46.11 12.37 -2.78
C ALA E 479 45.72 12.46 -4.25
N GLY E 480 44.45 12.20 -4.56
CA GLY E 480 43.99 12.25 -5.92
C GLY E 480 44.18 10.96 -6.69
N LEU E 481 44.35 9.82 -6.02
CA LEU E 481 44.51 8.57 -6.75
C LEU E 481 43.19 7.87 -6.63
N GLY E 482 42.37 8.05 -7.64
CA GLY E 482 41.00 7.60 -7.62
C GLY E 482 40.28 8.33 -8.71
N HIS E 483 38.97 8.29 -8.70
CA HIS E 483 38.23 8.95 -9.76
C HIS E 483 37.59 10.20 -9.23
N GLU E 484 37.62 11.26 -10.02
CA GLU E 484 37.08 12.56 -9.67
C GLU E 484 35.58 12.59 -9.52
N HIS E 485 34.89 11.56 -10.00
CA HIS E 485 33.47 11.49 -9.84
C HIS E 485 33.03 10.67 -8.62
N LYS E 486 33.93 9.96 -7.94
CA LYS E 486 33.48 9.04 -6.89
C LYS E 486 33.54 9.60 -5.47
N PRO E 487 32.90 8.95 -4.48
CA PRO E 487 32.96 9.28 -3.08
C PRO E 487 34.37 9.18 -2.60
N VAL E 488 34.68 9.80 -1.47
CA VAL E 488 36.05 9.82 -0.96
C VAL E 488 36.49 8.40 -0.78
N GLY E 489 35.60 7.61 -0.28
CA GLY E 489 35.87 6.22 -0.11
C GLY E 489 34.61 5.56 0.34
N SER E 490 34.60 4.24 0.28
CA SER E 490 33.46 3.43 0.65
C SER E 490 33.88 2.17 1.36
N PHE E 491 33.55 2.06 2.64
CA PHE E 491 33.96 0.87 3.39
C PHE E 491 32.86 0.18 4.20
N LEU E 492 32.90 -1.15 4.18
CA LEU E 492 31.98 -1.99 4.93
C LEU E 492 32.80 -2.58 6.07
N PHE E 493 32.56 -2.07 7.28
CA PHE E 493 33.30 -2.53 8.44
C PHE E 493 32.64 -3.76 9.03
N ALA E 494 33.43 -4.74 9.41
CA ALA E 494 32.85 -5.94 9.96
C ALA E 494 33.72 -6.57 11.01
N GLY E 495 33.08 -7.27 11.93
CA GLY E 495 33.77 -7.94 13.01
C GLY E 495 32.84 -8.22 14.16
N PRO E 496 33.41 -8.81 15.21
CA PRO E 496 32.71 -9.18 16.44
C PRO E 496 32.12 -7.97 17.07
N THR E 497 31.19 -8.12 17.99
CA THR E 497 30.65 -6.97 18.68
C THR E 497 31.64 -6.41 19.67
N GLY E 498 31.45 -5.15 20.05
CA GLY E 498 32.24 -4.49 21.05
C GLY E 498 33.67 -4.27 20.60
N VAL E 499 33.92 -4.10 19.31
CA VAL E 499 35.28 -3.98 18.88
C VAL E 499 35.64 -2.62 18.33
N GLY E 500 34.69 -1.69 18.31
CA GLY E 500 34.96 -0.35 17.82
C GLY E 500 34.60 -0.08 16.37
N LYS E 501 33.85 -0.95 15.70
CA LYS E 501 33.57 -0.63 14.31
C LYS E 501 32.74 0.66 14.13
N THR E 502 31.93 1.04 15.12
CA THR E 502 31.25 2.32 14.98
C THR E 502 32.06 3.34 15.69
N GLU E 503 32.72 2.95 16.76
CA GLU E 503 33.44 3.95 17.50
C GLU E 503 34.51 4.58 16.64
N VAL E 504 35.18 3.79 15.82
CA VAL E 504 36.19 4.39 15.00
C VAL E 504 35.57 5.32 13.97
N THR E 505 34.37 5.04 13.49
CA THR E 505 33.75 5.91 12.49
C THR E 505 33.41 7.22 13.12
N VAL E 506 32.90 7.17 14.32
CA VAL E 506 32.56 8.39 14.98
C VAL E 506 33.82 9.20 15.22
N GLN E 507 34.86 8.53 15.68
CA GLN E 507 36.10 9.24 15.90
C GLN E 507 36.73 9.67 14.60
N LEU E 508 36.50 8.96 13.50
CA LEU E 508 37.02 9.36 12.22
C LEU E 508 36.49 10.71 11.85
N SER E 509 35.18 10.88 11.97
CA SER E 509 34.61 12.15 11.59
C SER E 509 35.11 13.24 12.49
N LYS E 510 35.37 12.93 13.76
CA LYS E 510 35.89 13.99 14.59
C LYS E 510 37.32 14.32 14.21
N ALA E 511 38.13 13.29 13.97
CA ALA E 511 39.53 13.50 13.65
C ALA E 511 39.69 14.32 12.40
N LEU E 512 38.82 14.11 11.45
CA LEU E 512 38.89 14.84 10.21
C LEU E 512 38.23 16.20 10.27
N GLY E 513 37.54 16.52 11.36
CA GLY E 513 36.83 17.78 11.44
C GLY E 513 35.63 17.82 10.52
N ILE E 514 35.03 16.67 10.27
CA ILE E 514 33.94 16.60 9.33
C ILE E 514 32.64 16.18 9.98
N GLU E 515 31.57 16.90 9.72
CA GLU E 515 30.27 16.55 10.27
C GLU E 515 29.84 15.14 9.89
N LEU E 516 29.34 14.40 10.89
CA LEU E 516 28.87 13.03 10.70
C LEU E 516 27.38 12.97 10.45
N LEU E 517 27.02 12.36 9.34
CA LEU E 517 25.64 12.17 8.97
C LEU E 517 25.34 10.74 9.33
N ARG E 518 24.43 10.51 10.25
CA ARG E 518 24.24 9.15 10.67
C ARG E 518 22.86 8.60 10.48
N PHE E 519 22.81 7.53 9.71
CA PHE E 519 21.58 6.87 9.42
C PHE E 519 21.63 5.48 10.00
N ASP E 520 20.64 5.17 10.81
CA ASP E 520 20.59 3.87 11.42
C ASP E 520 19.74 2.96 10.58
N MET E 521 20.33 1.95 9.98
CA MET E 521 19.64 1.12 9.03
C MET E 521 18.50 0.32 9.61
N SER E 522 18.44 0.21 10.93
CA SER E 522 17.36 -0.49 11.58
C SER E 522 16.07 0.29 11.40
N GLU E 523 16.17 1.56 11.06
CA GLU E 523 14.99 2.36 10.87
C GLU E 523 14.50 2.23 9.46
N TYR E 524 15.21 1.49 8.61
CA TYR E 524 14.85 1.35 7.22
C TYR E 524 14.75 -0.09 6.77
N MET E 525 13.95 -0.89 7.48
CA MET E 525 13.78 -2.31 7.22
C MET E 525 12.65 -2.60 6.25
N GLU E 526 11.81 -1.60 6.00
CA GLU E 526 10.63 -1.78 5.14
C GLU E 526 10.95 -1.46 3.71
N ARG E 527 9.98 -1.57 2.81
CA ARG E 527 10.31 -1.26 1.46
C ARG E 527 9.86 0.16 1.09
N HIS E 528 9.48 0.94 2.11
CA HIS E 528 9.08 2.33 2.00
C HIS E 528 10.22 3.23 2.44
N THR E 529 11.42 2.69 2.57
CA THR E 529 12.57 3.47 3.02
C THR E 529 12.89 4.52 2.04
N VAL E 530 12.67 4.18 0.80
CA VAL E 530 13.01 5.07 -0.24
C VAL E 530 12.22 6.35 -0.08
N SER E 531 10.96 6.24 0.30
CA SER E 531 10.10 7.42 0.44
C SER E 531 10.65 8.42 1.44
N ARG E 532 11.58 8.00 2.29
CA ARG E 532 12.17 8.91 3.21
C ARG E 532 13.60 9.22 2.83
N LEU E 533 14.35 8.27 2.30
CA LEU E 533 15.75 8.50 1.95
C LEU E 533 15.90 9.33 0.69
N ILE E 534 14.99 9.12 -0.26
CA ILE E 534 14.91 9.80 -1.55
C ILE E 534 13.78 10.82 -1.55
N GLY E 535 12.63 10.44 -1.00
CA GLY E 535 11.47 11.34 -0.93
C GLY E 535 10.19 10.68 -1.42
N ALA E 536 9.04 11.14 -0.92
CA ALA E 536 7.77 10.53 -1.33
C ALA E 536 7.47 10.92 -2.77
N PRO E 537 6.68 10.16 -3.52
CA PRO E 537 6.27 10.53 -4.84
C PRO E 537 5.48 11.84 -4.76
N PRO E 538 5.45 12.67 -5.78
CA PRO E 538 4.67 13.87 -5.86
C PRO E 538 3.23 13.51 -5.62
N GLY E 539 2.51 14.34 -4.88
CA GLY E 539 1.12 14.05 -4.57
C GLY E 539 1.02 13.43 -3.20
N TYR E 540 2.15 13.08 -2.61
CA TYR E 540 2.17 12.47 -1.31
C TYR E 540 2.92 13.32 -0.33
N VAL E 541 2.52 13.23 0.92
CA VAL E 541 3.20 13.96 1.96
C VAL E 541 4.60 13.45 1.99
N GLY E 542 5.57 14.34 2.05
CA GLY E 542 6.95 13.90 2.07
C GLY E 542 7.60 14.06 0.71
N PHE E 543 6.84 14.43 -0.34
CA PHE E 543 7.48 14.64 -1.65
C PHE E 543 8.33 15.89 -1.52
N ASP E 544 7.95 16.71 -0.55
CA ASP E 544 8.64 17.94 -0.25
C ASP E 544 10.03 17.67 0.32
N GLN E 545 10.27 16.49 0.88
CA GLN E 545 11.57 16.24 1.41
C GLN E 545 12.42 15.88 0.20
N GLY E 546 13.70 16.21 0.19
CA GLY E 546 14.52 15.84 -0.96
C GLY E 546 15.14 14.49 -0.74
N GLY E 547 14.78 13.90 0.38
CA GLY E 547 15.28 12.64 0.81
C GLY E 547 16.20 12.86 1.95
N LEU E 548 16.08 12.09 3.00
CA LEU E 548 16.93 12.34 4.13
C LEU E 548 18.37 12.11 3.76
N LEU E 549 18.65 11.16 2.89
CA LEU E 549 20.01 10.89 2.53
C LEU E 549 20.49 11.94 1.58
N THR E 550 19.67 12.21 0.59
CA THR E 550 20.06 13.14 -0.45
C THR E 550 20.17 14.55 0.11
N ASP E 551 19.22 14.99 0.93
CA ASP E 551 19.29 16.33 1.48
C ASP E 551 20.44 16.49 2.42
N ALA E 552 20.73 15.49 3.25
CA ALA E 552 21.82 15.65 4.16
C ALA E 552 23.13 15.87 3.41
N VAL E 553 23.31 15.14 2.32
CA VAL E 553 24.52 15.32 1.54
C VAL E 553 24.48 16.64 0.79
N ILE E 554 23.36 17.06 0.25
CA ILE E 554 23.35 18.34 -0.44
C ILE E 554 23.73 19.47 0.51
N LYS E 555 23.15 19.52 1.72
CA LYS E 555 23.57 20.59 2.60
C LYS E 555 24.99 20.39 3.16
N HIS E 556 25.42 19.13 3.26
CA HIS E 556 26.76 18.81 3.73
C HIS E 556 27.41 17.87 2.72
N PRO E 557 27.97 18.43 1.64
CA PRO E 557 28.60 17.61 0.61
C PRO E 557 29.95 17.09 1.06
N HIS E 558 30.49 17.70 2.08
CA HIS E 558 31.74 17.29 2.62
C HIS E 558 31.31 16.76 3.96
N ALA E 559 31.37 15.44 4.10
CA ALA E 559 30.78 14.78 5.27
C ALA E 559 31.30 13.37 5.49
N VAL E 560 31.09 12.85 6.69
CA VAL E 560 31.31 11.43 6.87
C VAL E 560 29.94 10.87 7.00
N LEU E 561 29.62 9.92 6.15
CA LEU E 561 28.30 9.33 6.13
C LEU E 561 28.31 7.92 6.65
N LEU E 562 27.55 7.70 7.70
CA LEU E 562 27.49 6.40 8.33
C LEU E 562 26.17 5.70 8.18
N LEU E 563 26.22 4.49 7.66
CA LEU E 563 25.03 3.68 7.54
C LEU E 563 25.24 2.57 8.54
N ASP E 564 24.61 2.70 9.66
CA ASP E 564 24.90 1.85 10.79
C ASP E 564 24.12 0.53 10.72
N GLU E 565 24.83 -0.58 10.76
CA GLU E 565 24.18 -1.88 10.65
C GLU E 565 23.36 -1.98 9.36
N ILE E 566 24.06 -1.95 8.21
CA ILE E 566 23.43 -2.02 6.92
C ILE E 566 22.75 -3.31 6.53
N GLU E 567 23.16 -4.43 7.11
CA GLU E 567 22.54 -5.72 6.81
C GLU E 567 21.05 -5.77 7.20
N LYS E 568 20.57 -4.77 7.93
CA LYS E 568 19.21 -4.70 8.36
C LYS E 568 18.38 -3.85 7.45
N ALA E 569 19.03 -3.15 6.56
CA ALA E 569 18.30 -2.29 5.67
C ALA E 569 17.55 -3.16 4.70
N HIS E 570 16.41 -2.70 4.28
CA HIS E 570 15.69 -3.38 3.24
C HIS E 570 16.56 -3.38 2.00
N PRO E 571 16.63 -4.46 1.21
CA PRO E 571 17.41 -4.58 -0.01
C PRO E 571 17.24 -3.44 -1.01
N ASP E 572 16.13 -2.74 -1.06
CA ASP E 572 16.02 -1.65 -2.04
C ASP E 572 17.05 -0.55 -1.80
N VAL E 573 17.58 -0.43 -0.58
CA VAL E 573 18.54 0.61 -0.28
C VAL E 573 19.79 0.39 -1.08
N PHE E 574 20.01 -0.82 -1.51
CA PHE E 574 21.19 -1.10 -2.24
C PHE E 574 21.09 -0.52 -3.62
N ASN E 575 19.90 -0.29 -4.15
CA ASN E 575 19.94 0.30 -5.47
C ASN E 575 20.41 1.72 -5.29
N ILE E 576 20.02 2.33 -4.18
CA ILE E 576 20.45 3.70 -3.92
C ILE E 576 21.97 3.74 -3.75
N LEU E 577 22.49 2.82 -2.94
CA LEU E 577 23.91 2.80 -2.67
C LEU E 577 24.75 2.40 -3.85
N LEU E 578 24.28 1.46 -4.66
CA LEU E 578 25.08 1.06 -5.79
C LEU E 578 25.22 2.25 -6.71
N GLN E 579 24.15 3.04 -6.87
CA GLN E 579 24.30 4.17 -7.77
C GLN E 579 25.34 5.12 -7.25
N VAL E 580 25.30 5.43 -5.96
CA VAL E 580 26.25 6.38 -5.44
C VAL E 580 27.66 5.87 -5.58
N MET E 581 27.88 4.61 -5.30
CA MET E 581 29.22 4.13 -5.41
C MET E 581 29.72 4.20 -6.86
N ASP E 582 28.85 4.05 -7.86
CA ASP E 582 29.34 4.17 -9.22
C ASP E 582 29.44 5.59 -9.75
N ASN E 583 28.54 6.49 -9.38
CA ASN E 583 28.62 7.82 -9.96
C ASN E 583 28.85 9.00 -9.03
N GLY E 584 28.92 8.79 -7.72
CA GLY E 584 29.18 9.89 -6.79
C GLY E 584 27.99 10.77 -6.57
N THR E 585 26.87 10.40 -7.11
CA THR E 585 25.73 11.23 -6.96
C THR E 585 24.47 10.49 -6.70
N LEU E 586 23.48 11.25 -6.34
CA LEU E 586 22.17 10.70 -6.12
C LEU E 586 21.15 11.77 -6.36
N THR E 587 20.19 11.52 -7.22
CA THR E 587 19.22 12.55 -7.43
C THR E 587 18.11 12.44 -6.42
N ASP E 588 17.37 13.52 -6.24
CA ASP E 588 16.20 13.52 -5.38
C ASP E 588 14.99 13.30 -6.24
N ASN E 589 13.81 13.41 -5.64
CA ASN E 589 12.59 13.22 -6.36
C ASN E 589 12.08 14.52 -6.99
N ASN E 590 12.89 15.59 -6.91
CA ASN E 590 12.56 16.89 -7.45
C ASN E 590 13.60 17.35 -8.49
N GLY E 591 14.45 16.41 -8.92
CA GLY E 591 15.47 16.65 -9.95
C GLY E 591 16.83 17.22 -9.50
N ARG E 592 17.06 17.39 -8.20
CA ARG E 592 18.32 17.96 -7.73
C ARG E 592 19.26 16.83 -7.32
N LYS E 593 20.56 17.08 -7.24
CA LYS E 593 21.39 15.95 -6.85
C LYS E 593 22.40 16.22 -5.75
N ALA E 594 22.59 15.19 -4.95
CA ALA E 594 23.63 15.15 -3.94
C ALA E 594 24.95 14.84 -4.57
N ASP E 595 25.97 15.46 -4.04
CA ASP E 595 27.35 15.28 -4.44
C ASP E 595 28.10 14.58 -3.34
N PHE E 596 28.47 13.34 -3.55
CA PHE E 596 29.09 12.56 -2.52
C PHE E 596 30.58 12.54 -2.66
N ARG E 597 31.13 13.34 -3.55
CA ARG E 597 32.56 13.27 -3.76
C ARG E 597 33.38 13.68 -2.57
N ASN E 598 32.83 14.46 -1.66
CA ASN E 598 33.57 14.81 -0.48
C ASN E 598 33.00 14.08 0.72
N VAL E 599 32.24 13.03 0.46
CA VAL E 599 31.66 12.23 1.51
C VAL E 599 32.43 10.93 1.71
N VAL E 600 32.76 10.63 2.95
CA VAL E 600 33.42 9.38 3.27
C VAL E 600 32.31 8.44 3.65
N LEU E 601 32.13 7.36 2.92
CA LEU E 601 31.03 6.47 3.23
C LEU E 601 31.43 5.23 3.98
N VAL E 602 30.91 5.11 5.17
CA VAL E 602 31.20 3.98 6.00
C VAL E 602 29.95 3.30 6.38
N MET E 603 29.90 2.04 6.19
CA MET E 603 28.74 1.33 6.62
C MET E 603 29.23 0.17 7.39
N THR E 604 28.53 -0.18 8.43
CA THR E 604 29.03 -1.24 9.26
C THR E 604 28.09 -2.40 9.17
N THR E 605 28.57 -3.58 9.48
CA THR E 605 27.71 -4.74 9.50
C THR E 605 28.04 -5.69 10.60
N ASN E 606 27.02 -6.33 11.13
CA ASN E 606 27.24 -7.33 12.14
C ASN E 606 27.07 -8.71 11.56
N ALA E 607 27.09 -8.83 10.24
CA ALA E 607 27.02 -10.17 9.70
C ALA E 607 28.19 -10.96 10.25
N GLY E 608 29.32 -10.25 10.40
CA GLY E 608 30.60 -10.74 10.87
C GLY E 608 30.66 -11.04 12.35
N VAL E 609 29.58 -10.80 13.10
CA VAL E 609 29.68 -11.10 14.52
C VAL E 609 29.25 -12.50 14.72
N ARG E 610 28.71 -13.14 13.70
CA ARG E 610 28.27 -14.48 13.97
C ARG E 610 29.47 -15.36 14.17
N GLU E 611 29.52 -16.01 15.32
CA GLU E 611 30.53 -16.97 15.73
C GLU E 611 29.87 -17.85 16.77
N THR E 612 30.58 -18.86 17.27
CA THR E 612 30.01 -19.70 18.31
C THR E 612 30.65 -19.48 19.65
N GLU E 613 30.04 -20.10 20.64
CA GLU E 613 30.51 -20.08 22.01
C GLU E 613 31.04 -21.43 22.43
N ARG E 614 30.82 -22.42 21.57
CA ARG E 614 31.19 -23.79 21.85
C ARG E 614 32.58 -24.15 21.38
N LYS E 615 33.26 -24.93 22.20
CA LYS E 615 34.59 -25.42 21.96
C LYS E 615 34.59 -26.82 21.40
N SER E 616 35.75 -27.27 20.98
CA SER E 616 35.95 -28.58 20.42
C SER E 616 35.80 -29.64 21.47
N ILE E 617 35.69 -30.88 21.04
CA ILE E 617 35.53 -31.97 21.97
C ILE E 617 36.83 -32.68 22.17
N GLY E 618 37.36 -32.68 23.36
CA GLY E 618 38.62 -33.36 23.56
C GLY E 618 39.27 -32.83 24.79
N LEU E 619 40.41 -33.39 25.14
CA LEU E 619 41.11 -32.93 26.31
C LEU E 619 41.86 -31.65 26.00
N ILE E 620 42.28 -31.50 24.76
CA ILE E 620 43.04 -30.35 24.35
C ILE E 620 42.21 -29.48 23.48
N HIS E 621 42.11 -28.22 23.81
CA HIS E 621 41.32 -27.36 22.97
C HIS E 621 42.08 -26.95 21.76
N GLN E 622 41.34 -26.73 20.71
CA GLN E 622 41.88 -26.29 19.45
C GLN E 622 41.01 -25.20 18.95
N ASP E 623 41.55 -24.37 18.07
CA ASP E 623 40.81 -23.25 17.51
C ASP E 623 39.83 -23.73 16.45
N ASN E 624 38.55 -23.57 16.73
CA ASN E 624 37.48 -24.01 15.86
C ASN E 624 36.75 -22.85 15.21
N SER E 625 37.42 -21.72 15.07
CA SER E 625 36.85 -20.52 14.46
C SER E 625 36.52 -20.73 13.00
N THR E 626 35.48 -20.04 12.55
CA THR E 626 35.04 -20.11 11.16
C THR E 626 35.80 -19.12 10.30
N ASP E 627 35.64 -19.25 8.99
CA ASP E 627 36.28 -18.35 8.04
C ASP E 627 35.66 -16.98 7.99
N ALA E 628 36.49 -15.98 8.17
CA ALA E 628 36.00 -14.61 8.20
C ALA E 628 35.44 -14.22 6.86
N MET E 629 34.39 -13.44 6.95
CA MET E 629 33.68 -12.80 5.87
C MET E 629 32.91 -13.75 4.98
N GLU E 630 32.79 -15.02 5.33
CA GLU E 630 31.97 -15.87 4.49
C GLU E 630 30.53 -15.40 4.64
N GLU E 631 30.20 -15.02 5.87
CA GLU E 631 28.87 -14.52 6.18
C GLU E 631 28.57 -13.19 5.49
N ILE E 632 29.61 -12.48 5.05
CA ILE E 632 29.39 -11.22 4.38
C ILE E 632 29.12 -11.52 2.95
N LYS E 633 29.88 -12.45 2.39
CA LYS E 633 29.69 -12.83 1.00
C LYS E 633 28.30 -13.43 0.79
N LYS E 634 27.72 -14.03 1.83
CA LYS E 634 26.39 -14.59 1.75
C LYS E 634 25.26 -13.58 1.96
N ILE E 635 25.59 -12.35 2.37
CA ILE E 635 24.61 -11.31 2.64
C ILE E 635 24.66 -10.23 1.60
N PHE E 636 25.84 -9.78 1.31
CA PHE E 636 26.04 -8.71 0.38
C PHE E 636 26.43 -9.34 -0.92
N THR E 637 25.78 -8.95 -2.00
CA THR E 637 26.07 -9.57 -3.28
C THR E 637 27.33 -8.93 -3.87
N PRO E 638 27.99 -9.56 -4.86
CA PRO E 638 29.18 -9.06 -5.55
C PRO E 638 28.99 -7.67 -6.12
N GLU E 639 27.78 -7.34 -6.52
CA GLU E 639 27.61 -6.01 -7.09
C GLU E 639 27.89 -4.94 -6.06
N PHE E 640 27.52 -5.24 -4.82
CA PHE E 640 27.71 -4.30 -3.72
C PHE E 640 29.12 -4.38 -3.17
N ARG E 641 29.68 -5.59 -3.16
CA ARG E 641 31.03 -5.81 -2.63
C ARG E 641 32.16 -5.36 -3.56
N ASN E 642 31.91 -5.37 -4.87
CA ASN E 642 32.92 -4.98 -5.81
C ASN E 642 32.99 -3.49 -5.99
N ARG E 643 32.07 -2.77 -5.36
CA ARG E 643 32.04 -1.32 -5.46
C ARG E 643 32.60 -0.69 -4.19
N LEU E 644 33.07 -1.51 -3.26
CA LEU E 644 33.61 -1.01 -2.03
C LEU E 644 35.09 -0.78 -2.21
N ASP E 645 35.65 0.14 -1.47
CA ASP E 645 37.08 0.29 -1.52
C ASP E 645 37.61 -0.86 -0.75
N ASN E 646 36.99 -1.12 0.38
CA ASN E 646 37.40 -2.31 1.09
C ASN E 646 36.35 -2.81 2.06
N ILE E 647 36.69 -3.93 2.68
CA ILE E 647 35.93 -4.48 3.76
C ILE E 647 36.97 -4.53 4.84
N ILE E 648 36.75 -3.81 5.89
CA ILE E 648 37.74 -3.75 6.91
C ILE E 648 37.32 -4.58 8.08
N TRP E 649 38.10 -5.61 8.32
CA TRP E 649 37.80 -6.54 9.37
C TRP E 649 38.39 -6.09 10.68
N PHE E 650 37.58 -6.12 11.70
CA PHE E 650 37.95 -5.78 13.05
C PHE E 650 38.05 -7.07 13.79
N ASP E 651 39.07 -7.23 14.61
CA ASP E 651 39.19 -8.49 15.32
C ASP E 651 38.64 -8.42 16.71
N HIS E 652 38.68 -9.55 17.40
CA HIS E 652 38.27 -9.55 18.77
C HIS E 652 39.40 -8.88 19.45
N LEU E 653 39.13 -8.17 20.51
CA LEU E 653 40.25 -7.58 21.19
C LEU E 653 40.79 -8.46 22.30
N SER E 654 42.08 -8.30 22.53
CA SER E 654 42.91 -8.98 23.51
C SER E 654 42.91 -8.32 24.85
N THR E 655 43.57 -8.96 25.80
CA THR E 655 43.67 -8.44 27.15
C THR E 655 44.55 -7.20 27.22
N ASP E 656 45.42 -7.03 26.25
CA ASP E 656 46.29 -5.87 26.23
C ASP E 656 45.46 -4.68 25.86
N VAL E 657 44.55 -4.93 24.94
CA VAL E 657 43.63 -3.92 24.53
C VAL E 657 42.77 -3.57 25.71
N ILE E 658 42.35 -4.57 26.46
CA ILE E 658 41.52 -4.29 27.60
C ILE E 658 42.22 -3.36 28.53
N HIS E 659 43.49 -3.59 28.80
CA HIS E 659 44.11 -2.66 29.73
C HIS E 659 44.02 -1.23 29.19
N GLN E 660 44.20 -1.05 27.89
CA GLN E 660 44.07 0.30 27.34
C GLN E 660 42.62 0.81 27.42
N VAL E 661 41.65 -0.09 27.23
CA VAL E 661 40.24 0.25 27.31
C VAL E 661 39.88 0.66 28.73
N VAL E 662 40.38 -0.05 29.71
CA VAL E 662 40.08 0.33 31.07
C VAL E 662 40.61 1.71 31.28
N ASP E 663 41.81 1.99 30.85
CA ASP E 663 42.28 3.33 31.09
C ASP E 663 41.39 4.39 30.49
N LYS E 664 40.85 4.19 29.27
CA LYS E 664 40.02 5.28 28.81
C LYS E 664 38.71 5.34 29.58
N PHE E 665 38.22 4.20 30.07
CA PHE E 665 36.98 4.23 30.82
C PHE E 665 37.19 4.89 32.17
N ILE E 666 38.35 4.69 32.79
CA ILE E 666 38.61 5.32 34.06
C ILE E 666 38.64 6.81 33.82
N VAL E 667 39.24 7.24 32.72
CA VAL E 667 39.26 8.65 32.44
C VAL E 667 37.86 9.18 32.25
N GLU E 668 37.01 8.46 31.52
CA GLU E 668 35.65 8.94 31.33
C GLU E 668 34.95 9.05 32.68
N LEU E 669 35.21 8.10 33.56
CA LEU E 669 34.63 8.15 34.88
C LEU E 669 35.10 9.38 35.58
N GLN E 670 36.38 9.70 35.46
CA GLN E 670 36.85 10.90 36.10
C GLN E 670 36.22 12.12 35.51
N VAL E 671 35.98 12.15 34.22
CA VAL E 671 35.37 13.35 33.70
C VAL E 671 34.02 13.54 34.36
N GLN E 672 33.25 12.46 34.50
CA GLN E 672 31.96 12.60 35.15
C GLN E 672 32.13 13.04 36.59
N LEU E 673 33.14 12.52 37.28
CA LEU E 673 33.37 12.93 38.66
C LEU E 673 33.83 14.37 38.77
N ASP E 674 34.58 14.87 37.80
CA ASP E 674 35.01 16.26 37.84
C ASP E 674 33.80 17.18 37.93
N GLN E 675 32.71 16.79 37.30
CA GLN E 675 31.51 17.62 37.30
C GLN E 675 30.78 17.61 38.64
N LYS E 676 31.22 16.74 39.53
CA LYS E 676 30.67 16.61 40.87
C LYS E 676 31.66 17.23 41.86
N GLY E 677 32.81 17.69 41.34
CA GLY E 677 33.86 18.21 42.19
C GLY E 677 34.61 17.09 42.87
N VAL E 678 34.62 15.89 42.29
CA VAL E 678 35.26 14.77 42.91
C VAL E 678 36.43 14.25 42.11
N SER E 679 37.56 14.14 42.77
CA SER E 679 38.77 13.63 42.16
C SER E 679 38.96 12.18 42.52
N LEU E 680 39.00 11.30 41.53
CA LEU E 680 39.19 9.89 41.81
C LEU E 680 40.50 9.31 41.39
N GLU E 681 41.20 8.76 42.35
CA GLU E 681 42.41 8.04 42.04
C GLU E 681 42.23 6.56 42.03
N VAL E 682 42.43 5.94 40.90
CA VAL E 682 42.31 4.50 40.83
C VAL E 682 43.71 3.97 40.76
N SER E 683 44.07 3.07 41.65
CA SER E 683 45.43 2.57 41.65
C SER E 683 45.68 1.69 40.44
N GLN E 684 46.94 1.43 40.15
CA GLN E 684 47.23 0.57 39.01
C GLN E 684 46.74 -0.83 39.23
N GLU E 685 46.80 -1.29 40.47
CA GLU E 685 46.37 -2.65 40.72
C GLU E 685 44.88 -2.75 40.62
N ALA E 686 44.19 -1.69 41.02
CA ALA E 686 42.75 -1.73 40.88
C ALA E 686 42.43 -1.87 39.40
N ARG E 687 43.21 -1.19 38.56
CA ARG E 687 42.96 -1.31 37.14
C ARG E 687 43.31 -2.68 36.61
N ASN E 688 44.39 -3.25 37.08
CA ASN E 688 44.80 -4.51 36.54
C ASN E 688 43.75 -5.56 36.85
N TRP E 689 43.23 -5.51 38.05
CA TRP E 689 42.23 -6.45 38.44
C TRP E 689 40.93 -6.30 37.68
N LEU E 690 40.45 -5.07 37.53
CA LEU E 690 39.19 -4.89 36.83
C LEU E 690 39.36 -5.35 35.39
N ALA E 691 40.52 -5.07 34.80
CA ALA E 691 40.77 -5.47 33.44
C ALA E 691 40.67 -6.96 33.29
N GLU E 692 41.17 -7.70 34.27
CA GLU E 692 41.05 -9.13 34.17
C GLU E 692 39.63 -9.61 34.45
N LYS E 693 39.00 -9.03 35.47
CA LYS E 693 37.67 -9.45 35.89
C LYS E 693 36.62 -9.37 34.81
N GLY E 694 36.63 -8.29 34.05
CA GLY E 694 35.62 -8.09 33.03
C GLY E 694 35.96 -8.63 31.65
N TYR E 695 37.07 -9.34 31.48
CA TYR E 695 37.38 -9.72 30.12
C TYR E 695 36.63 -10.91 29.56
N ASP E 696 36.08 -10.67 28.40
CA ASP E 696 35.40 -11.68 27.58
C ASP E 696 35.61 -11.33 26.15
N ARG E 697 36.44 -12.06 25.44
CA ARG E 697 36.73 -11.65 24.08
C ARG E 697 35.47 -11.64 23.23
N ALA E 698 34.52 -12.50 23.55
CA ALA E 698 33.33 -12.62 22.76
C ALA E 698 32.51 -11.36 22.70
N MET E 699 32.53 -10.56 23.76
CA MET E 699 31.67 -9.40 23.79
C MET E 699 32.48 -8.10 23.64
N GLY E 700 33.74 -8.24 23.25
CA GLY E 700 34.63 -7.12 23.05
C GLY E 700 34.84 -6.25 24.28
N ALA E 701 34.77 -4.94 24.09
CA ALA E 701 34.95 -3.92 25.11
C ALA E 701 33.70 -3.58 25.88
N ARG E 702 32.55 -4.09 25.44
CA ARG E 702 31.29 -3.80 26.14
C ARG E 702 31.40 -4.08 27.64
N PRO E 703 31.76 -5.31 27.97
CA PRO E 703 31.91 -5.78 29.31
C PRO E 703 32.82 -4.95 30.14
N MET E 704 33.69 -4.16 29.53
CA MET E 704 34.53 -3.43 30.38
C MET E 704 33.78 -2.24 30.85
N ALA E 705 32.90 -1.73 30.01
CA ALA E 705 32.15 -0.58 30.48
C ALA E 705 31.32 -1.05 31.66
N ARG E 706 30.86 -2.28 31.55
CA ARG E 706 30.05 -2.92 32.55
C ARG E 706 30.80 -3.24 33.83
N VAL E 707 32.04 -3.75 33.75
CA VAL E 707 32.75 -4.08 34.99
C VAL E 707 33.14 -2.81 35.71
N ILE E 708 33.45 -1.75 34.97
CA ILE E 708 33.82 -0.50 35.58
C ILE E 708 32.59 0.07 36.24
N GLN E 709 31.46 0.02 35.57
CA GLN E 709 30.26 0.50 36.17
C GLN E 709 29.91 -0.26 37.43
N ASP E 710 30.08 -1.55 37.40
CA ASP E 710 29.74 -2.36 38.55
C ASP E 710 30.67 -2.14 39.74
N ASN E 711 31.96 -2.04 39.49
CA ASN E 711 32.86 -1.91 40.62
C ASN E 711 33.18 -0.50 41.06
N LEU E 712 33.14 0.47 40.16
CA LEU E 712 33.47 1.79 40.62
C LEU E 712 32.25 2.66 40.65
N LYS E 713 31.43 2.64 39.61
CA LYS E 713 30.31 3.57 39.67
C LYS E 713 29.36 3.23 40.78
N LYS E 714 29.07 1.96 41.03
CA LYS E 714 28.15 1.69 42.12
C LYS E 714 28.55 2.37 43.45
N PRO E 715 29.69 2.05 44.08
CA PRO E 715 30.13 2.69 45.30
C PRO E 715 30.17 4.19 45.21
N LEU E 716 30.60 4.73 44.08
CA LEU E 716 30.67 6.16 43.98
C LEU E 716 29.31 6.76 44.00
N ALA E 717 28.36 6.17 43.32
CA ALA E 717 27.03 6.72 43.29
C ALA E 717 26.44 6.71 44.67
N ASN E 718 26.69 5.64 45.41
CA ASN E 718 26.11 5.59 46.71
C ASN E 718 26.64 6.69 47.59
N GLU E 719 27.95 6.94 47.52
CA GLU E 719 28.57 8.00 48.30
C GLU E 719 28.21 9.40 47.79
N LEU E 720 28.10 9.56 46.47
CA LEU E 720 27.77 10.84 45.86
C LEU E 720 26.41 11.28 46.26
N LEU E 721 25.51 10.34 46.42
CA LEU E 721 24.18 10.69 46.81
C LEU E 721 23.90 10.73 48.30
N PHE E 722 24.43 9.78 49.05
CA PHE E 722 24.03 9.67 50.44
C PHE E 722 25.15 9.83 51.45
N GLY E 723 26.40 9.85 51.02
CA GLY E 723 27.49 9.78 51.95
C GLY E 723 28.55 10.84 51.81
N SER E 724 29.78 10.41 51.88
CA SER E 724 30.93 11.27 51.93
C SER E 724 31.22 12.04 50.68
N LEU E 725 30.72 11.66 49.53
CA LEU E 725 31.16 12.36 48.36
C LEU E 725 30.23 13.49 47.98
N VAL E 726 29.19 13.70 48.78
CA VAL E 726 28.18 14.69 48.39
C VAL E 726 28.71 16.10 48.21
N ASP E 727 29.77 16.48 48.91
CA ASP E 727 30.26 17.85 48.79
C ASP E 727 31.44 18.09 47.84
N GLY E 728 31.97 17.08 47.17
CA GLY E 728 33.14 17.32 46.33
C GLY E 728 34.38 17.06 47.18
N GLY E 729 35.51 16.68 46.58
CA GLY E 729 36.70 16.32 47.37
C GLY E 729 37.53 15.20 46.72
N GLN E 730 38.32 14.46 47.54
CA GLN E 730 39.24 13.45 46.99
C GLN E 730 38.91 12.03 47.40
N VAL E 731 38.73 11.15 46.44
CA VAL E 731 38.43 9.74 46.66
C VAL E 731 39.44 8.86 45.95
N THR E 732 39.84 7.75 46.54
CA THR E 732 40.76 6.88 45.87
C THR E 732 40.28 5.47 45.99
N VAL E 733 40.76 4.62 45.10
CA VAL E 733 40.49 3.20 45.15
C VAL E 733 41.75 2.35 45.09
N ALA E 734 41.91 1.51 46.09
CA ALA E 734 43.04 0.62 46.17
C ALA E 734 42.59 -0.79 45.91
N LEU E 735 43.49 -1.64 45.44
CA LEU E 735 43.09 -3.01 45.30
C LEU E 735 43.55 -3.73 46.52
N ASP E 736 42.69 -4.55 47.06
CA ASP E 736 43.02 -5.37 48.19
C ASP E 736 43.88 -6.54 47.75
N LYS E 737 44.59 -7.12 48.68
CA LYS E 737 45.39 -8.31 48.42
C LYS E 737 44.42 -9.47 48.16
N GLU E 738 43.18 -9.27 48.62
CA GLU E 738 42.06 -10.18 48.49
C GLU E 738 41.18 -9.91 47.26
N LYS E 739 41.62 -8.97 46.40
CA LYS E 739 40.96 -8.53 45.15
C LYS E 739 39.61 -7.84 45.30
N ASN E 740 39.49 -7.05 46.34
CA ASN E 740 38.34 -6.24 46.62
C ASN E 740 38.68 -4.80 46.28
N GLU E 741 37.66 -3.97 46.08
CA GLU E 741 37.88 -2.55 45.83
C GLU E 741 37.82 -1.82 47.18
N LEU E 742 38.90 -1.14 47.55
CA LEU E 742 38.98 -0.46 48.81
C LEU E 742 38.82 1.02 48.59
N THR E 743 37.85 1.63 49.23
CA THR E 743 37.64 3.03 48.96
C THR E 743 38.00 3.94 50.12
N TYR E 744 38.45 5.11 49.75
CA TYR E 744 38.81 6.24 50.60
C TYR E 744 37.63 7.03 51.11
N GLY E 745 37.88 7.74 52.22
CA GLY E 745 36.93 8.67 52.81
C GLY E 745 36.95 9.91 51.94
N PHE E 746 37.10 11.09 52.53
CA PHE E 746 37.14 12.33 51.77
C PHE E 746 37.86 13.43 52.54
N MET F 169 -20.24 27.97 -38.42
CA MET F 169 -19.21 27.41 -37.56
C MET F 169 -17.88 27.34 -38.27
N GLU F 170 -17.68 28.28 -39.19
CA GLU F 170 -16.49 28.35 -40.04
C GLU F 170 -15.22 28.62 -39.27
N ASN F 171 -15.38 29.13 -38.06
CA ASN F 171 -14.30 29.44 -37.17
C ASN F 171 -14.37 28.62 -35.90
N PHE F 172 -15.12 27.52 -35.91
CA PHE F 172 -15.24 26.66 -34.74
C PHE F 172 -14.64 25.30 -35.06
N THR F 173 -14.70 24.96 -36.33
CA THR F 173 -14.22 23.67 -36.79
C THR F 173 -13.74 23.73 -38.22
N THR F 174 -12.81 22.86 -38.59
CA THR F 174 -12.33 22.81 -39.96
C THR F 174 -13.09 21.81 -40.79
N ASN F 175 -13.58 22.23 -41.91
CA ASN F 175 -14.28 21.31 -42.77
C ASN F 175 -13.22 20.49 -43.46
N LEU F 176 -13.16 19.20 -43.18
CA LEU F 176 -12.06 18.43 -43.73
C LEU F 176 -12.37 17.93 -45.10
N ASN F 177 -13.61 18.07 -45.54
CA ASN F 177 -13.89 17.60 -46.88
C ASN F 177 -13.37 18.73 -47.72
N GLN F 178 -13.60 19.94 -47.20
CA GLN F 178 -13.16 21.16 -47.82
C GLN F 178 -11.68 21.26 -47.76
N LEU F 179 -11.08 20.79 -46.68
CA LEU F 179 -9.65 20.82 -46.65
C LEU F 179 -9.17 19.84 -47.69
N ALA F 180 -9.74 18.64 -47.73
CA ALA F 180 -9.28 17.68 -48.72
C ALA F 180 -9.47 18.22 -50.14
N ARG F 181 -10.57 18.93 -50.37
CA ARG F 181 -10.81 19.54 -51.68
C ARG F 181 -9.75 20.55 -52.14
N VAL F 182 -9.01 21.16 -51.21
CA VAL F 182 -8.00 22.14 -51.57
C VAL F 182 -6.58 21.67 -51.25
N GLY F 183 -6.41 20.39 -50.92
CA GLY F 183 -5.09 19.88 -50.57
C GLY F 183 -4.85 19.77 -49.07
N GLY F 184 -3.62 19.56 -48.64
CA GLY F 184 -3.36 19.31 -47.22
C GLY F 184 -3.54 17.81 -46.94
N ILE F 185 -4.75 17.33 -47.24
CA ILE F 185 -5.11 15.94 -47.14
C ILE F 185 -4.88 15.20 -48.45
N ASP F 186 -4.10 14.15 -48.35
CA ASP F 186 -3.76 13.25 -49.44
C ASP F 186 -4.62 12.01 -49.30
N PRO F 187 -4.81 11.22 -50.36
CA PRO F 187 -5.44 9.93 -50.26
C PRO F 187 -4.58 9.10 -49.35
N LEU F 188 -5.20 8.23 -48.55
CA LEU F 188 -4.42 7.39 -47.65
C LEU F 188 -3.75 6.27 -48.42
N ILE F 189 -2.50 5.97 -48.08
CA ILE F 189 -1.83 4.84 -48.70
C ILE F 189 -1.83 3.63 -47.79
N GLY F 190 -2.51 2.57 -48.18
CA GLY F 190 -2.58 1.41 -47.31
C GLY F 190 -3.61 1.64 -46.23
N ARG F 191 -3.73 0.67 -45.33
CA ARG F 191 -4.69 0.69 -44.23
C ARG F 191 -6.13 0.98 -44.65
N GLU F 192 -6.54 0.30 -45.72
CA GLU F 192 -7.88 0.40 -46.22
C GLU F 192 -8.88 -0.19 -45.24
N LYS F 193 -8.48 -1.25 -44.52
CA LYS F 193 -9.38 -1.89 -43.59
C LYS F 193 -9.67 -0.97 -42.40
N GLU F 194 -8.73 -0.08 -42.12
CA GLU F 194 -8.86 0.87 -41.04
C GLU F 194 -9.93 1.87 -41.43
N LEU F 195 -9.88 2.34 -42.68
CA LEU F 195 -10.88 3.28 -43.15
C LEU F 195 -12.24 2.59 -43.14
N GLU F 196 -12.27 1.32 -43.58
CA GLU F 196 -13.52 0.58 -43.61
C GLU F 196 -13.99 0.29 -42.22
N ARG F 197 -13.10 0.05 -41.27
CA ARG F 197 -13.58 -0.24 -39.95
C ARG F 197 -14.21 0.99 -39.36
N ALA F 198 -13.61 2.16 -39.59
CA ALA F 198 -14.20 3.36 -39.05
C ALA F 198 -15.59 3.52 -39.62
N ILE F 199 -15.75 3.21 -40.90
CA ILE F 199 -17.03 3.30 -41.55
C ILE F 199 -18.02 2.31 -40.98
N GLN F 200 -17.60 1.08 -40.75
CA GLN F 200 -18.50 0.07 -40.19
C GLN F 200 -19.00 0.53 -38.83
N VAL F 201 -18.17 1.19 -38.07
CA VAL F 201 -18.60 1.75 -36.82
C VAL F 201 -19.55 2.93 -37.04
N LEU F 202 -19.25 3.81 -37.99
CA LEU F 202 -20.13 4.94 -38.29
C LEU F 202 -21.51 4.42 -38.72
N CYS F 203 -21.53 3.26 -39.35
CA CYS F 203 -22.74 2.59 -39.79
C CYS F 203 -23.60 2.01 -38.64
N ARG F 204 -23.09 1.96 -37.41
CA ARG F 204 -23.87 1.39 -36.30
C ARG F 204 -24.86 2.36 -35.66
N ARG F 205 -25.83 1.86 -34.89
CA ARG F 205 -26.78 2.79 -34.28
C ARG F 205 -26.38 3.15 -32.86
N ARG F 206 -25.63 2.28 -32.18
CA ARG F 206 -25.23 2.61 -30.82
C ARG F 206 -23.79 2.20 -30.69
N LYS F 207 -23.01 2.93 -29.89
CA LYS F 207 -21.58 2.64 -29.75
C LYS F 207 -21.01 2.73 -31.17
N ASN F 208 -21.51 3.73 -31.88
CA ASN F 208 -21.25 4.00 -33.28
C ASN F 208 -20.32 5.15 -33.61
N ASN F 209 -19.44 5.49 -32.70
CA ASN F 209 -18.50 6.55 -32.93
C ASN F 209 -17.10 5.91 -33.02
N PRO F 210 -16.46 5.80 -34.17
CA PRO F 210 -15.20 5.12 -34.24
C PRO F 210 -14.18 5.93 -33.53
N LEU F 211 -13.27 5.27 -32.90
CA LEU F 211 -12.13 5.92 -32.32
C LEU F 211 -10.87 5.35 -32.87
N LEU F 212 -10.05 6.19 -33.46
CA LEU F 212 -8.81 5.67 -34.01
C LEU F 212 -7.82 5.72 -32.89
N VAL F 213 -7.29 4.56 -32.50
CA VAL F 213 -6.37 4.47 -31.37
C VAL F 213 -4.98 4.09 -31.84
N GLY F 214 -4.01 4.96 -31.63
CA GLY F 214 -2.67 4.70 -32.14
C GLY F 214 -1.55 5.04 -31.18
N GLU F 215 -0.41 5.29 -31.75
CA GLU F 215 0.75 5.71 -30.99
C GLU F 215 1.54 6.54 -31.95
N SER F 216 2.45 7.35 -31.47
CA SER F 216 3.01 8.29 -32.40
C SER F 216 3.68 7.61 -33.57
N GLY F 217 3.40 8.13 -34.75
CA GLY F 217 3.91 7.68 -36.03
C GLY F 217 3.13 6.56 -36.70
N VAL F 218 2.06 6.04 -36.13
CA VAL F 218 1.39 4.93 -36.82
C VAL F 218 0.60 5.39 -38.04
N GLY F 219 0.04 6.58 -37.98
CA GLY F 219 -0.75 7.14 -39.06
C GLY F 219 -2.24 7.30 -38.73
N LYS F 220 -2.57 7.46 -37.45
CA LYS F 220 -3.96 7.60 -37.07
C LYS F 220 -4.57 8.92 -37.58
N THR F 221 -3.74 9.96 -37.75
CA THR F 221 -4.29 11.21 -38.21
C THR F 221 -4.46 11.06 -39.68
N ALA F 222 -3.54 10.32 -40.31
CA ALA F 222 -3.60 10.14 -41.74
C ALA F 222 -4.89 9.44 -42.12
N ILE F 223 -5.33 8.51 -41.29
CA ILE F 223 -6.58 7.81 -41.55
C ILE F 223 -7.74 8.77 -41.46
N ALA F 224 -7.78 9.57 -40.40
CA ALA F 224 -8.90 10.50 -40.30
C ALA F 224 -8.94 11.45 -41.49
N GLU F 225 -7.75 11.85 -41.96
CA GLU F 225 -7.65 12.71 -43.11
C GLU F 225 -8.19 11.94 -44.31
N GLY F 226 -7.85 10.65 -44.38
CA GLY F 226 -8.28 9.71 -45.40
C GLY F 226 -9.80 9.55 -45.42
N LEU F 227 -10.44 9.61 -44.25
CA LEU F 227 -11.89 9.47 -44.24
C LEU F 227 -12.51 10.71 -44.87
N ALA F 228 -11.94 11.88 -44.57
CA ALA F 228 -12.40 13.11 -45.17
C ALA F 228 -12.11 13.12 -46.66
N TRP F 229 -10.97 12.53 -47.00
CA TRP F 229 -10.55 12.41 -48.38
C TRP F 229 -11.55 11.58 -49.18
N ARG F 230 -11.92 10.42 -48.65
CA ARG F 230 -12.87 9.58 -49.34
C ARG F 230 -14.17 10.31 -49.51
N ILE F 231 -14.58 11.11 -48.54
CA ILE F 231 -15.79 11.83 -48.75
C ILE F 231 -15.63 12.86 -49.87
N VAL F 232 -14.54 13.64 -49.87
CA VAL F 232 -14.46 14.69 -50.89
C VAL F 232 -14.40 14.08 -52.29
N GLN F 233 -13.85 12.87 -52.40
CA GLN F 233 -13.79 12.18 -53.68
C GLN F 233 -15.05 11.37 -53.97
N GLY F 234 -15.99 11.32 -53.03
CA GLY F 234 -17.21 10.56 -53.16
C GLY F 234 -17.04 9.06 -52.95
N ASP F 235 -15.90 8.63 -52.41
CA ASP F 235 -15.64 7.22 -52.22
C ASP F 235 -16.16 6.74 -50.89
N VAL F 236 -17.44 6.88 -50.71
CA VAL F 236 -18.10 6.50 -49.47
C VAL F 236 -19.39 5.76 -49.79
N PRO F 237 -19.91 4.96 -48.88
CA PRO F 237 -21.19 4.30 -48.99
C PRO F 237 -22.26 5.34 -48.81
N GLU F 238 -23.45 5.11 -49.36
CA GLU F 238 -24.54 6.03 -49.16
C GLU F 238 -24.85 6.23 -47.65
N VAL F 239 -24.49 5.25 -46.82
CA VAL F 239 -24.72 5.33 -45.40
C VAL F 239 -24.31 6.72 -44.90
N MET F 240 -23.19 7.20 -45.43
CA MET F 240 -22.64 8.49 -45.08
C MET F 240 -23.15 9.60 -45.98
N ALA F 241 -23.92 9.26 -47.00
CA ALA F 241 -24.38 10.20 -48.00
C ALA F 241 -23.23 11.11 -48.45
N ASP F 242 -23.45 12.42 -48.36
CA ASP F 242 -22.49 13.46 -48.68
C ASP F 242 -21.92 14.10 -47.43
N CYS F 243 -22.05 13.36 -46.34
CA CYS F 243 -21.64 13.78 -44.99
C CYS F 243 -20.34 14.55 -44.93
N THR F 244 -20.33 15.57 -44.07
CA THR F 244 -19.15 16.37 -43.90
C THR F 244 -18.47 16.04 -42.62
N ILE F 245 -17.19 15.72 -42.72
CA ILE F 245 -16.40 15.49 -41.53
C ILE F 245 -15.73 16.80 -41.19
N TYR F 246 -15.92 17.24 -39.98
CA TYR F 246 -15.27 18.46 -39.57
C TYR F 246 -14.26 18.15 -38.48
N SER F 247 -13.15 18.86 -38.42
CA SER F 247 -12.16 18.71 -37.36
C SER F 247 -12.34 19.73 -36.25
N LEU F 248 -12.58 19.28 -35.04
CA LEU F 248 -12.82 20.23 -33.96
C LEU F 248 -11.64 21.17 -33.82
N ASP F 249 -11.86 22.49 -33.85
CA ASP F 249 -10.74 23.37 -33.75
C ASP F 249 -10.75 24.07 -32.41
N ILE F 250 -10.07 23.46 -31.46
CA ILE F 250 -10.09 23.97 -30.11
C ILE F 250 -9.30 25.28 -30.03
N GLY F 251 -8.32 25.41 -30.91
CA GLY F 251 -7.53 26.62 -30.99
C GLY F 251 -8.41 27.79 -31.38
N SER F 252 -9.16 27.64 -32.49
CA SER F 252 -10.03 28.73 -32.94
C SER F 252 -11.17 29.00 -31.98
N LEU F 253 -11.69 27.96 -31.32
CA LEU F 253 -12.76 28.16 -30.37
C LEU F 253 -12.30 29.01 -29.18
N LEU F 254 -11.05 28.83 -28.76
CA LEU F 254 -10.48 29.56 -27.63
C LEU F 254 -9.99 30.97 -27.99
N ALA F 255 -9.33 31.07 -29.15
CA ALA F 255 -8.62 32.27 -29.53
C ALA F 255 -9.46 33.52 -29.64
N GLY F 256 -8.85 34.60 -29.15
CA GLY F 256 -9.41 35.94 -29.16
C GLY F 256 -10.25 36.24 -27.92
N THR F 257 -10.50 35.22 -27.09
CA THR F 257 -11.33 35.42 -25.92
C THR F 257 -10.72 34.83 -24.66
N LYS F 258 -10.68 33.50 -24.61
CA LYS F 258 -10.25 32.70 -23.45
C LYS F 258 -11.12 32.90 -22.21
N TYR F 259 -12.42 32.99 -22.46
CA TYR F 259 -13.39 33.08 -21.39
C TYR F 259 -14.31 31.90 -21.58
N ARG F 260 -14.73 31.27 -20.48
CA ARG F 260 -15.59 30.10 -20.58
C ARG F 260 -16.82 30.42 -21.39
N GLY F 261 -17.38 31.60 -21.17
CA GLY F 261 -18.59 32.04 -21.86
C GLY F 261 -18.42 32.09 -23.37
N ASP F 262 -17.25 32.44 -23.89
CA ASP F 262 -17.08 32.53 -25.31
C ASP F 262 -16.67 31.20 -25.91
N PHE F 263 -15.87 30.43 -25.17
CA PHE F 263 -15.47 29.11 -25.63
C PHE F 263 -16.74 28.30 -25.75
N GLU F 264 -17.60 28.43 -24.74
CA GLU F 264 -18.88 27.76 -24.69
C GLU F 264 -19.89 28.23 -25.71
N LYS F 265 -20.05 29.54 -25.95
CA LYS F 265 -21.07 29.86 -26.93
C LYS F 265 -20.65 29.37 -28.30
N ARG F 266 -19.35 29.44 -28.61
CA ARG F 266 -18.84 28.97 -29.88
C ARG F 266 -18.87 27.45 -30.00
N PHE F 267 -18.47 26.79 -28.91
CA PHE F 267 -18.43 25.34 -28.85
C PHE F 267 -19.84 24.76 -28.88
N LYS F 268 -20.72 25.30 -28.05
CA LYS F 268 -22.08 24.82 -28.02
C LYS F 268 -22.71 25.10 -29.38
N ALA F 269 -22.45 26.30 -29.96
CA ALA F 269 -22.99 26.61 -31.27
C ALA F 269 -22.45 25.66 -32.29
N LEU F 270 -21.18 25.29 -32.14
CA LEU F 270 -20.57 24.32 -33.01
C LEU F 270 -21.30 23.03 -32.94
N LEU F 271 -21.54 22.54 -31.74
CA LEU F 271 -22.19 21.27 -31.68
C LEU F 271 -23.59 21.42 -32.24
N LYS F 272 -24.30 22.52 -31.95
CA LYS F 272 -25.63 22.62 -32.49
C LYS F 272 -25.64 22.56 -34.01
N GLN F 273 -24.71 23.26 -34.65
CA GLN F 273 -24.67 23.26 -36.11
C GLN F 273 -24.25 21.89 -36.66
N LEU F 274 -23.33 21.23 -35.98
CA LEU F 274 -22.90 19.90 -36.37
C LEU F 274 -24.01 18.89 -36.19
N GLU F 275 -24.83 19.04 -35.14
CA GLU F 275 -25.96 18.16 -34.85
C GLU F 275 -27.02 18.33 -35.93
N GLN F 276 -27.20 19.58 -36.38
CA GLN F 276 -28.16 19.93 -37.42
C GLN F 276 -27.78 19.37 -38.80
N ASP F 277 -26.49 19.35 -39.15
CA ASP F 277 -26.10 18.80 -40.45
C ASP F 277 -26.49 17.31 -40.58
N THR F 278 -27.07 16.96 -41.73
CA THR F 278 -27.47 15.58 -42.00
C THR F 278 -26.24 14.73 -42.23
N ASN F 279 -26.17 13.58 -41.56
CA ASN F 279 -25.03 12.68 -41.64
C ASN F 279 -23.77 13.38 -41.21
N SER F 280 -23.88 14.33 -40.30
CA SER F 280 -22.73 15.05 -39.84
C SER F 280 -21.77 14.20 -39.07
N ILE F 281 -20.48 14.42 -39.29
CA ILE F 281 -19.47 13.79 -38.50
C ILE F 281 -18.52 14.78 -37.88
N LEU F 282 -18.31 14.64 -36.60
CA LEU F 282 -17.35 15.50 -35.97
C LEU F 282 -16.13 14.68 -35.70
N PHE F 283 -15.04 15.08 -36.28
CA PHE F 283 -13.78 14.45 -36.05
C PHE F 283 -13.07 15.23 -35.01
N ILE F 284 -12.63 14.53 -33.99
CA ILE F 284 -11.91 15.23 -32.98
C ILE F 284 -10.51 14.75 -32.99
N ASP F 285 -9.60 15.57 -33.47
CA ASP F 285 -8.24 15.12 -33.44
C ASP F 285 -7.85 15.43 -32.05
N GLU F 286 -6.81 14.81 -31.56
CA GLU F 286 -6.38 15.04 -30.20
C GLU F 286 -7.58 14.90 -29.26
N ILE F 287 -8.33 13.81 -29.36
CA ILE F 287 -9.52 13.73 -28.51
C ILE F 287 -9.11 13.65 -27.05
N HIS F 288 -7.92 13.12 -26.81
CA HIS F 288 -7.38 12.99 -25.48
C HIS F 288 -6.91 14.30 -24.88
N THR F 289 -6.91 15.40 -25.65
CA THR F 289 -6.47 16.66 -25.08
C THR F 289 -7.64 17.59 -24.85
N ILE F 290 -8.89 17.20 -25.22
CA ILE F 290 -9.99 18.16 -25.04
C ILE F 290 -10.75 17.82 -23.79
N ILE F 291 -10.31 16.71 -23.18
CA ILE F 291 -10.84 16.10 -21.99
C ILE F 291 -10.70 17.01 -20.77
N GLY F 292 -9.78 17.98 -20.88
CA GLY F 292 -9.51 18.96 -19.85
C GLY F 292 -10.49 20.12 -20.00
N ALA F 293 -10.18 21.09 -20.85
CA ALA F 293 -11.11 22.20 -21.08
C ALA F 293 -11.04 22.68 -22.51
N GLY F 294 -11.19 21.79 -23.48
CA GLY F 294 -10.99 22.30 -24.81
C GLY F 294 -9.52 22.68 -24.85
N ALA F 295 -9.19 23.73 -25.59
CA ALA F 295 -7.80 24.16 -25.75
C ALA F 295 -7.14 24.63 -24.46
N ALA F 296 -7.88 25.23 -23.54
CA ALA F 296 -7.21 25.75 -22.35
C ALA F 296 -8.12 26.01 -21.18
N SER F 297 -7.52 26.03 -20.00
CA SER F 297 -8.25 26.42 -18.83
C SER F 297 -8.72 27.83 -19.08
N GLY F 298 -9.93 28.12 -18.64
CA GLY F 298 -10.53 29.43 -18.85
C GLY F 298 -11.54 29.34 -20.00
N GLY F 299 -11.45 28.28 -20.80
CA GLY F 299 -12.39 28.02 -21.85
C GLY F 299 -13.43 27.00 -21.40
N GLN F 300 -13.93 26.21 -22.33
CA GLN F 300 -15.00 25.34 -21.93
C GLN F 300 -14.54 24.06 -21.27
N VAL F 301 -14.63 24.12 -19.94
CA VAL F 301 -14.25 23.07 -19.00
C VAL F 301 -15.19 21.88 -19.14
N ASP F 302 -16.35 22.14 -19.69
CA ASP F 302 -17.36 21.13 -19.92
C ASP F 302 -17.41 20.68 -21.37
N ALA F 303 -16.38 20.96 -22.18
CA ALA F 303 -16.49 20.59 -23.58
C ALA F 303 -16.75 19.12 -23.76
N ALA F 304 -16.09 18.28 -22.96
CA ALA F 304 -16.34 16.86 -23.09
C ALA F 304 -17.77 16.55 -22.68
N ASN F 305 -18.27 17.30 -21.68
CA ASN F 305 -19.58 17.09 -21.12
C ASN F 305 -20.69 17.53 -22.07
N LEU F 306 -20.39 18.49 -22.94
CA LEU F 306 -21.36 18.95 -23.92
C LEU F 306 -21.46 17.95 -25.08
N ILE F 307 -20.38 17.20 -25.33
CA ILE F 307 -20.41 16.16 -26.37
C ILE F 307 -21.06 14.87 -25.86
N LYS F 308 -20.76 14.45 -24.64
CA LYS F 308 -21.38 13.23 -24.10
C LYS F 308 -22.88 13.03 -24.46
N PRO F 309 -23.82 13.97 -24.26
CA PRO F 309 -25.21 13.78 -24.61
C PRO F 309 -25.49 13.68 -26.12
N LEU F 310 -24.62 14.22 -26.99
CA LEU F 310 -24.95 14.11 -28.40
C LEU F 310 -24.57 12.72 -28.84
N LEU F 311 -23.53 12.18 -28.20
CA LEU F 311 -23.07 10.84 -28.51
C LEU F 311 -24.10 9.86 -28.04
N SER F 312 -24.71 10.18 -26.90
CA SER F 312 -25.71 9.34 -26.30
C SER F 312 -26.96 9.30 -27.15
N SER F 313 -27.32 10.45 -27.74
CA SER F 313 -28.47 10.51 -28.64
C SER F 313 -28.11 10.12 -30.08
N GLY F 314 -26.82 10.19 -30.46
CA GLY F 314 -26.37 9.87 -31.79
C GLY F 314 -26.63 11.01 -32.77
N LYS F 315 -26.63 12.24 -32.27
CA LYS F 315 -26.92 13.40 -33.10
C LYS F 315 -25.83 13.70 -34.12
N ILE F 316 -24.56 13.54 -33.76
CA ILE F 316 -23.46 13.79 -34.68
C ILE F 316 -22.68 12.50 -34.59
N ARG F 317 -22.30 11.89 -35.68
CA ARG F 317 -21.46 10.74 -35.50
C ARG F 317 -20.10 11.33 -35.11
N VAL F 318 -19.38 10.75 -34.18
CA VAL F 318 -18.11 11.35 -33.83
C VAL F 318 -16.94 10.43 -34.09
N ILE F 319 -15.92 10.93 -34.76
CA ILE F 319 -14.74 10.13 -35.00
C ILE F 319 -13.68 10.63 -34.06
N GLY F 320 -13.14 9.77 -33.22
CA GLY F 320 -12.12 10.29 -32.33
C GLY F 320 -10.72 9.96 -32.85
N SER F 321 -9.72 10.45 -32.13
CA SER F 321 -8.29 10.24 -32.39
C SER F 321 -7.51 10.22 -31.09
N THR F 322 -7.13 9.03 -30.63
CA THR F 322 -6.40 8.92 -29.36
C THR F 322 -5.28 7.95 -29.47
N THR F 323 -4.60 7.72 -28.38
CA THR F 323 -3.51 6.78 -28.39
C THR F 323 -3.85 5.57 -27.56
N TYR F 324 -3.05 4.53 -27.67
CA TYR F 324 -3.27 3.30 -26.93
C TYR F 324 -3.14 3.52 -25.45
N GLN F 325 -2.21 4.36 -25.07
CA GLN F 325 -1.94 4.63 -23.68
C GLN F 325 -2.96 5.59 -23.08
N GLU F 326 -3.43 6.52 -23.89
CA GLU F 326 -4.43 7.47 -23.44
C GLU F 326 -5.82 6.88 -23.49
N PHE F 327 -6.06 5.90 -24.34
CA PHE F 327 -7.39 5.33 -24.43
C PHE F 327 -7.96 4.95 -23.06
N SER F 328 -7.17 4.25 -22.24
CA SER F 328 -7.63 3.81 -20.92
C SER F 328 -7.77 4.96 -19.89
N ASN F 329 -7.25 6.13 -20.23
CA ASN F 329 -7.32 7.30 -19.39
C ASN F 329 -8.31 8.35 -19.91
N ILE F 330 -8.99 8.05 -21.01
CA ILE F 330 -9.93 8.96 -21.63
C ILE F 330 -11.29 8.31 -21.74
N PHE F 331 -11.32 7.13 -22.37
CA PHE F 331 -12.57 6.45 -22.66
C PHE F 331 -12.97 5.51 -21.55
N GLU F 332 -12.03 4.69 -21.07
CA GLU F 332 -12.40 3.70 -20.05
C GLU F 332 -12.73 4.42 -18.74
N LYS F 333 -12.22 5.63 -18.64
CA LYS F 333 -12.39 6.56 -17.55
C LYS F 333 -13.84 6.96 -17.33
N ASP F 334 -14.62 7.07 -18.41
CA ASP F 334 -15.99 7.55 -18.32
C ASP F 334 -16.85 6.80 -19.32
N ARG F 335 -17.80 6.04 -18.82
CA ARG F 335 -18.63 5.18 -19.66
C ARG F 335 -19.40 5.96 -20.71
N ALA F 336 -19.60 7.26 -20.48
CA ALA F 336 -20.29 8.11 -21.44
C ALA F 336 -19.50 8.17 -22.75
N LEU F 337 -18.20 7.87 -22.72
CA LEU F 337 -17.41 7.83 -23.93
C LEU F 337 -17.04 6.36 -24.26
N ALA F 338 -16.74 5.55 -23.22
CA ALA F 338 -16.31 4.15 -23.45
C ALA F 338 -17.35 3.35 -24.20
N ARG F 339 -18.60 3.68 -23.95
CA ARG F 339 -19.70 2.98 -24.54
C ARG F 339 -20.36 3.80 -25.64
N ARG F 340 -19.59 4.67 -26.27
CA ARG F 340 -20.11 5.52 -27.33
C ARG F 340 -19.14 5.41 -28.47
N PHE F 341 -17.94 4.97 -28.14
CA PHE F 341 -16.89 4.79 -29.11
C PHE F 341 -16.34 3.38 -29.28
N GLN F 342 -15.98 3.05 -30.51
CA GLN F 342 -15.32 1.76 -30.80
C GLN F 342 -13.83 1.86 -30.87
N LYS F 343 -13.16 0.90 -30.27
CA LYS F 343 -11.72 0.92 -30.30
C LYS F 343 -11.14 0.28 -31.55
N ILE F 344 -10.56 1.11 -32.42
CA ILE F 344 -9.98 0.65 -33.66
C ILE F 344 -8.46 0.72 -33.52
N ASP F 345 -7.79 -0.42 -33.55
CA ASP F 345 -6.35 -0.43 -33.29
C ASP F 345 -5.54 -0.09 -34.54
N ILE F 346 -4.84 1.05 -34.51
CA ILE F 346 -4.07 1.50 -35.67
C ILE F 346 -2.60 1.16 -35.47
N THR F 347 -2.02 0.46 -36.42
CA THR F 347 -0.62 0.08 -36.31
C THR F 347 0.12 0.68 -37.47
N GLU F 348 1.43 0.60 -37.40
CA GLU F 348 2.30 1.16 -38.40
C GLU F 348 2.19 0.38 -39.71
N PRO F 349 2.48 1.01 -40.87
CA PRO F 349 2.59 0.45 -42.20
C PRO F 349 3.87 -0.34 -42.42
N SER F 350 3.87 -1.09 -43.50
CA SER F 350 5.01 -1.89 -43.95
C SER F 350 6.09 -1.06 -44.60
N ILE F 351 7.21 -1.71 -44.89
CA ILE F 351 8.33 -1.07 -45.56
C ILE F 351 7.90 -0.57 -46.91
N GLU F 352 7.14 -1.39 -47.63
CA GLU F 352 6.70 -1.04 -48.95
C GLU F 352 5.71 0.10 -48.90
N GLU F 353 4.81 0.07 -47.91
CA GLU F 353 3.84 1.13 -47.80
C GLU F 353 4.52 2.44 -47.48
N THR F 354 5.55 2.42 -46.63
CA THR F 354 6.20 3.68 -46.35
C THR F 354 6.90 4.17 -47.58
N VAL F 355 7.51 3.27 -48.36
CA VAL F 355 8.17 3.74 -49.56
C VAL F 355 7.12 4.39 -50.46
N GLN F 356 5.92 3.80 -50.56
CA GLN F 356 4.84 4.38 -51.35
C GLN F 356 4.44 5.75 -50.78
N ILE F 357 4.44 5.88 -49.46
CA ILE F 357 4.11 7.15 -48.78
C ILE F 357 5.17 8.17 -49.13
N ILE F 358 6.44 7.75 -49.12
CA ILE F 358 7.50 8.65 -49.49
C ILE F 358 7.32 9.05 -50.90
N ASN F 359 7.05 8.13 -51.80
CA ASN F 359 6.92 8.52 -53.19
C ASN F 359 5.70 9.37 -53.43
N GLY F 360 4.65 9.18 -52.63
CA GLY F 360 3.47 10.02 -52.69
C GLY F 360 3.85 11.45 -52.31
N LEU F 361 4.57 11.60 -51.19
CA LEU F 361 5.00 12.90 -50.67
C LEU F 361 6.30 13.42 -51.27
N LYS F 362 7.12 12.55 -51.81
CA LYS F 362 8.42 12.87 -52.38
C LYS F 362 8.38 14.10 -53.23
N PRO F 363 7.48 14.25 -54.23
CA PRO F 363 7.44 15.39 -55.10
C PRO F 363 7.27 16.68 -54.33
N LYS F 364 6.68 16.59 -53.13
CA LYS F 364 6.46 17.76 -52.33
C LYS F 364 7.80 18.15 -51.78
N TYR F 365 8.59 17.16 -51.38
CA TYR F 365 9.89 17.44 -50.81
C TYR F 365 10.85 17.86 -51.88
N GLU F 366 10.65 17.31 -53.07
CA GLU F 366 11.51 17.68 -54.18
C GLU F 366 11.27 19.13 -54.53
N ALA F 367 9.99 19.54 -54.52
CA ALA F 367 9.61 20.90 -54.78
C ALA F 367 10.02 21.84 -53.65
N HIS F 368 9.93 21.36 -52.41
CA HIS F 368 10.24 22.18 -51.26
C HIS F 368 11.69 22.50 -51.18
N HIS F 369 12.54 21.52 -51.51
CA HIS F 369 13.94 21.75 -51.33
C HIS F 369 14.79 21.80 -52.59
N ASP F 370 14.17 21.91 -53.76
CA ASP F 370 14.88 21.90 -55.06
C ASP F 370 15.80 20.68 -55.24
N VAL F 371 15.28 19.52 -54.89
CA VAL F 371 16.01 18.24 -54.95
C VAL F 371 15.24 17.17 -55.65
N ARG F 372 15.92 16.07 -55.93
CA ARG F 372 15.27 14.90 -56.50
C ARG F 372 15.68 13.68 -55.70
N TYR F 373 14.80 12.71 -55.50
CA TYR F 373 15.17 11.53 -54.73
C TYR F 373 15.27 10.26 -55.60
N THR F 374 16.35 9.50 -55.45
CA THR F 374 16.48 8.29 -56.24
C THR F 374 15.60 7.21 -55.69
N ALA F 375 15.40 6.15 -56.47
CA ALA F 375 14.63 5.03 -55.98
C ALA F 375 15.32 4.43 -54.77
N LYS F 376 16.65 4.43 -54.79
CA LYS F 376 17.40 3.92 -53.68
C LYS F 376 17.24 4.81 -52.47
N ALA F 377 17.17 6.13 -52.66
CA ALA F 377 17.02 7.08 -51.55
C ALA F 377 15.69 6.93 -50.84
N VAL F 378 14.64 6.64 -51.59
CA VAL F 378 13.35 6.51 -50.95
C VAL F 378 13.29 5.17 -50.23
N ARG F 379 13.85 4.13 -50.84
CA ARG F 379 13.86 2.87 -50.14
C ARG F 379 14.77 2.96 -48.96
N ALA F 380 15.91 3.64 -49.09
CA ALA F 380 16.86 3.78 -48.00
C ALA F 380 16.27 4.56 -46.86
N ALA F 381 15.48 5.58 -47.11
CA ALA F 381 14.92 6.29 -45.99
C ALA F 381 14.08 5.32 -45.16
N VAL F 382 13.41 4.39 -45.80
CA VAL F 382 12.62 3.40 -45.08
C VAL F 382 13.46 2.27 -44.48
N GLU F 383 14.34 1.70 -45.29
CA GLU F 383 15.19 0.58 -44.95
C GLU F 383 16.17 0.94 -43.87
N LEU F 384 16.65 2.17 -43.88
CA LEU F 384 17.61 2.54 -42.90
C LEU F 384 16.91 3.09 -41.66
N ALA F 385 15.78 3.77 -41.80
CA ALA F 385 15.16 4.30 -40.59
C ALA F 385 14.79 3.17 -39.64
N VAL F 386 14.34 2.04 -40.18
CA VAL F 386 13.96 0.93 -39.31
C VAL F 386 15.14 0.24 -38.63
N LYS F 387 16.35 0.56 -39.04
CA LYS F 387 17.53 -0.06 -38.49
C LYS F 387 18.23 0.83 -37.45
N TYR F 388 18.15 2.15 -37.62
CA TYR F 388 18.91 3.04 -36.76
C TYR F 388 18.08 3.94 -35.84
N ILE F 389 16.80 4.16 -36.16
CA ILE F 389 15.95 5.04 -35.38
C ILE F 389 15.58 4.45 -34.04
N ASN F 390 15.19 3.18 -34.05
CA ASN F 390 14.83 2.40 -32.87
C ASN F 390 13.53 2.75 -32.11
N ASP F 391 13.34 4.01 -31.72
CA ASP F 391 12.18 4.39 -30.90
C ASP F 391 10.99 5.09 -31.56
N ARG F 392 10.91 5.11 -32.89
CA ARG F 392 9.80 5.76 -33.58
C ARG F 392 9.33 4.96 -34.76
N HIS F 393 8.05 5.04 -35.04
CA HIS F 393 7.56 4.35 -36.20
C HIS F 393 7.98 5.02 -37.48
N LEU F 394 8.19 4.15 -38.42
CA LEU F 394 8.60 4.43 -39.75
C LEU F 394 7.93 5.59 -40.51
N PRO F 395 6.59 5.78 -40.52
CA PRO F 395 5.94 6.84 -41.25
C PRO F 395 6.48 8.21 -40.95
N ASP F 396 7.00 8.47 -39.74
CA ASP F 396 7.52 9.80 -39.56
C ASP F 396 8.99 9.81 -39.84
N LYS F 397 9.69 8.74 -39.48
CA LYS F 397 11.12 8.91 -39.60
C LYS F 397 11.65 8.73 -40.99
N ALA F 398 11.04 7.89 -41.80
CA ALA F 398 11.57 7.82 -43.14
C ALA F 398 11.34 9.17 -43.81
N ILE F 399 10.21 9.80 -43.47
CA ILE F 399 9.84 11.09 -44.02
C ILE F 399 10.75 12.20 -43.51
N ASP F 400 11.08 12.19 -42.22
CA ASP F 400 12.00 13.20 -41.71
C ASP F 400 13.31 13.11 -42.44
N VAL F 401 13.72 11.88 -42.74
CA VAL F 401 14.97 11.65 -43.44
C VAL F 401 14.92 12.20 -44.86
N ILE F 402 13.81 12.01 -45.57
CA ILE F 402 13.61 12.57 -46.90
C ILE F 402 13.58 14.10 -46.84
N ASP F 403 12.85 14.66 -45.87
CA ASP F 403 12.75 16.10 -45.70
C ASP F 403 14.13 16.66 -45.42
N GLU F 404 14.87 16.07 -44.47
CA GLU F 404 16.21 16.50 -44.14
C GLU F 404 17.20 16.30 -45.25
N ALA F 405 17.14 15.21 -45.98
CA ALA F 405 18.11 15.11 -47.04
C ALA F 405 17.89 16.20 -48.03
N GLY F 406 16.63 16.52 -48.32
CA GLY F 406 16.34 17.58 -49.23
C GLY F 406 16.78 18.91 -48.68
N ALA F 407 16.33 19.20 -47.46
CA ALA F 407 16.59 20.45 -46.79
C ALA F 407 18.07 20.71 -46.57
N ARG F 408 18.79 19.66 -46.21
CA ARG F 408 20.21 19.72 -45.99
C ARG F 408 20.90 20.04 -47.29
N ALA F 409 20.52 19.36 -48.37
CA ALA F 409 21.09 19.64 -49.66
C ALA F 409 20.79 21.07 -50.12
N ARG F 410 19.63 21.62 -49.72
CA ARG F 410 19.32 23.00 -50.09
C ARG F 410 20.14 23.99 -49.28
N LEU F 411 20.31 23.69 -47.99
CA LEU F 411 21.07 24.54 -47.12
C LEU F 411 22.54 24.50 -47.48
N MET F 412 23.10 23.32 -47.61
CA MET F 412 24.48 23.19 -48.04
C MET F 412 24.44 23.45 -49.53
N PRO F 413 25.54 23.85 -50.17
CA PRO F 413 25.55 24.09 -51.61
C PRO F 413 25.59 22.78 -52.37
N VAL F 414 24.56 21.96 -52.21
CA VAL F 414 24.52 20.67 -52.82
C VAL F 414 23.48 20.62 -53.90
N SER F 415 22.24 20.95 -53.55
CA SER F 415 21.07 20.85 -54.44
C SER F 415 21.17 21.79 -55.61
N LYS F 416 22.06 22.77 -55.49
CA LYS F 416 22.32 23.75 -56.52
C LYS F 416 22.81 23.06 -57.78
N ARG F 417 23.49 21.95 -57.58
CA ARG F 417 24.10 21.17 -58.63
C ARG F 417 23.64 19.73 -58.46
N LYS F 418 23.89 19.18 -57.28
CA LYS F 418 23.53 17.82 -56.97
C LYS F 418 22.13 17.79 -56.42
N LYS F 419 21.17 17.94 -57.32
CA LYS F 419 19.78 17.96 -56.90
C LYS F 419 19.41 16.61 -56.34
N THR F 420 19.96 15.58 -56.96
CA THR F 420 19.67 14.23 -56.58
C THR F 420 20.24 13.81 -55.24
N VAL F 421 19.35 13.22 -54.46
CA VAL F 421 19.54 12.63 -53.17
C VAL F 421 19.52 11.15 -53.38
N ASN F 422 20.64 10.51 -53.11
CA ASN F 422 20.80 9.07 -53.27
C ASN F 422 20.90 8.44 -51.90
N VAL F 423 21.06 7.12 -51.86
CA VAL F 423 21.24 6.45 -50.57
C VAL F 423 22.38 7.06 -49.77
N ALA F 424 23.45 7.53 -50.42
CA ALA F 424 24.57 8.14 -49.72
C ALA F 424 24.16 9.36 -48.90
N ASP F 425 23.18 10.11 -49.39
CA ASP F 425 22.74 11.32 -48.72
C ASP F 425 21.82 10.94 -47.59
N ILE F 426 21.07 9.86 -47.81
CA ILE F 426 20.20 9.32 -46.77
C ILE F 426 21.04 8.82 -45.62
N GLU F 427 22.15 8.15 -45.91
CA GLU F 427 23.01 7.64 -44.85
C GLU F 427 23.51 8.77 -43.97
N SER F 428 23.90 9.91 -44.58
CA SER F 428 24.37 11.06 -43.79
C SER F 428 23.24 11.64 -42.93
N VAL F 429 22.04 11.66 -43.48
CA VAL F 429 20.89 12.19 -42.77
C VAL F 429 20.38 11.32 -41.64
N VAL F 430 20.28 10.02 -41.84
CA VAL F 430 19.80 9.22 -40.74
C VAL F 430 20.86 9.37 -39.64
N ALA F 431 22.14 9.25 -40.06
CA ALA F 431 23.27 9.36 -39.16
C ALA F 431 23.35 10.69 -38.48
N ARG F 432 22.89 11.74 -39.14
CA ARG F 432 22.89 13.06 -38.52
C ARG F 432 22.43 13.01 -37.05
N ILE F 433 21.41 12.19 -36.76
CA ILE F 433 20.90 12.07 -35.41
C ILE F 433 21.28 10.73 -34.80
N ALA F 434 21.13 9.63 -35.56
CA ALA F 434 21.43 8.29 -35.05
C ALA F 434 22.94 8.04 -34.83
N ARG F 435 23.76 8.67 -35.67
CA ARG F 435 25.22 8.59 -35.81
C ARG F 435 25.72 7.21 -36.20
N ILE F 436 24.83 6.37 -36.66
CA ILE F 436 25.22 5.05 -37.08
C ILE F 436 25.55 4.90 -38.57
N PRO F 437 24.60 5.03 -39.52
CA PRO F 437 24.77 4.61 -40.90
C PRO F 437 25.89 5.28 -41.69
N GLU F 438 26.29 6.50 -41.35
CA GLU F 438 27.35 7.11 -42.11
C GLU F 438 28.65 6.34 -41.99
N LYS F 439 28.83 5.62 -40.88
CA LYS F 439 30.04 4.83 -40.70
C LYS F 439 29.72 3.34 -40.71
N SER F 440 28.46 3.01 -40.40
CA SER F 440 28.06 1.62 -40.28
C SER F 440 26.73 1.24 -40.94
N VAL F 441 26.32 1.88 -42.05
CA VAL F 441 25.05 1.45 -42.64
C VAL F 441 25.18 0.09 -43.24
N SER F 442 26.34 -0.14 -43.79
CA SER F 442 26.71 -1.36 -44.40
C SER F 442 28.20 -1.32 -44.34
N GLN F 443 28.76 -2.41 -43.91
CA GLN F 443 30.19 -2.59 -43.87
C GLN F 443 30.32 -3.90 -44.57
N SER F 444 30.23 -4.95 -43.80
CA SER F 444 30.14 -6.26 -44.34
C SER F 444 29.51 -7.16 -43.35
N ASP F 445 28.49 -7.87 -43.78
CA ASP F 445 27.81 -8.75 -42.87
C ASP F 445 28.55 -10.08 -42.81
N ARG F 446 29.59 -10.18 -43.61
CA ARG F 446 30.39 -11.37 -43.64
C ARG F 446 31.77 -11.12 -43.04
N ASP F 447 32.33 -9.91 -43.25
CA ASP F 447 33.69 -9.62 -42.80
C ASP F 447 33.71 -9.12 -41.38
N THR F 448 32.63 -8.47 -40.93
CA THR F 448 32.62 -7.97 -39.56
C THR F 448 32.43 -9.15 -38.64
N LEU F 449 32.07 -10.29 -39.21
CA LEU F 449 31.95 -11.48 -38.45
C LEU F 449 33.26 -12.23 -38.55
N LYS F 450 33.85 -12.33 -39.74
CA LYS F 450 35.14 -13.04 -39.82
C LYS F 450 36.20 -12.36 -38.97
N ASN F 451 36.18 -11.04 -38.95
CA ASN F 451 37.15 -10.22 -38.26
C ASN F 451 36.94 -10.24 -36.77
N LEU F 452 35.86 -10.86 -36.33
CA LEU F 452 35.56 -10.96 -34.94
C LEU F 452 36.58 -11.83 -34.29
N GLY F 453 37.00 -12.90 -34.98
CA GLY F 453 37.92 -13.81 -34.32
C GLY F 453 39.20 -13.09 -34.00
N ASP F 454 39.62 -12.24 -34.93
CA ASP F 454 40.87 -11.55 -34.78
C ASP F 454 40.74 -10.32 -33.93
N ARG F 455 39.61 -9.64 -33.95
CA ARG F 455 39.51 -8.49 -33.09
C ARG F 455 39.45 -8.93 -31.63
N LEU F 456 38.81 -10.06 -31.34
CA LEU F 456 38.74 -10.50 -29.96
C LEU F 456 40.15 -10.81 -29.45
N LYS F 457 41.00 -11.36 -30.31
CA LYS F 457 42.41 -11.69 -29.98
C LYS F 457 43.25 -10.47 -29.63
N MET F 458 42.81 -9.28 -30.02
CA MET F 458 43.58 -8.08 -29.80
C MET F 458 43.32 -7.52 -28.42
N LEU F 459 42.24 -7.97 -27.80
CA LEU F 459 41.85 -7.42 -26.52
C LEU F 459 41.98 -8.47 -25.43
N VAL F 460 41.53 -9.68 -25.72
CA VAL F 460 41.59 -10.78 -24.79
C VAL F 460 42.69 -11.67 -25.24
N PHE F 461 43.61 -11.98 -24.35
CA PHE F 461 44.72 -12.75 -24.80
C PHE F 461 44.65 -14.16 -24.28
N GLY F 462 44.97 -15.10 -25.15
CA GLY F 462 44.89 -16.50 -24.83
C GLY F 462 43.46 -16.92 -25.15
N GLN F 463 43.13 -18.20 -24.94
CA GLN F 463 41.79 -18.70 -25.22
C GLN F 463 41.38 -18.43 -26.65
N ASP F 464 42.32 -18.58 -27.58
CA ASP F 464 42.03 -18.29 -28.96
C ASP F 464 40.92 -19.16 -29.50
N LYS F 465 40.89 -20.40 -29.07
CA LYS F 465 39.88 -21.29 -29.57
C LYS F 465 38.48 -20.93 -29.06
N ALA F 466 38.40 -20.29 -27.89
CA ALA F 466 37.10 -19.96 -27.33
C ALA F 466 36.46 -18.87 -28.13
N ILE F 467 37.28 -17.90 -28.51
CA ILE F 467 36.80 -16.78 -29.27
C ILE F 467 36.51 -17.17 -30.71
N GLU F 468 37.27 -18.13 -31.23
CA GLU F 468 36.98 -18.63 -32.54
C GLU F 468 35.67 -19.41 -32.52
N ALA F 469 35.41 -20.21 -31.46
CA ALA F 469 34.17 -20.98 -31.39
C ALA F 469 32.95 -20.06 -31.43
N LEU F 470 33.04 -18.91 -30.77
CA LEU F 470 31.95 -17.95 -30.77
C LEU F 470 31.78 -17.36 -32.14
N THR F 471 32.88 -17.07 -32.79
CA THR F 471 32.85 -16.50 -34.11
C THR F 471 32.15 -17.48 -35.05
N GLU F 472 32.46 -18.76 -34.92
CA GLU F 472 31.87 -19.75 -35.79
C GLU F 472 30.38 -19.87 -35.56
N ALA F 473 29.96 -19.83 -34.31
CA ALA F 473 28.56 -19.93 -34.02
C ALA F 473 27.79 -18.73 -34.52
N ILE F 474 28.39 -17.55 -34.42
CA ILE F 474 27.74 -16.34 -34.86
C ILE F 474 27.56 -16.41 -36.37
N LYS F 475 28.59 -16.86 -37.08
CA LYS F 475 28.49 -17.00 -38.51
C LYS F 475 27.38 -17.96 -38.88
N MET F 476 27.27 -19.08 -38.18
CA MET F 476 26.20 -20.01 -38.52
C MET F 476 24.84 -19.36 -38.35
N ALA F 477 24.68 -18.59 -37.27
CA ALA F 477 23.41 -17.92 -37.07
C ALA F 477 23.14 -16.88 -38.18
N ARG F 478 24.17 -16.15 -38.57
CA ARG F 478 24.05 -15.12 -39.60
C ARG F 478 23.73 -15.73 -40.94
N ALA F 479 24.27 -16.91 -41.16
CA ALA F 479 24.11 -17.70 -42.35
C ALA F 479 22.67 -18.17 -42.53
N GLY F 480 21.85 -18.09 -41.47
CA GLY F 480 20.50 -18.53 -41.57
C GLY F 480 20.24 -19.93 -41.06
N LEU F 481 21.12 -20.45 -40.19
CA LEU F 481 20.88 -21.77 -39.65
C LEU F 481 20.16 -21.62 -38.32
N GLY F 482 18.88 -21.93 -38.31
CA GLY F 482 18.06 -21.71 -37.14
C GLY F 482 16.66 -21.40 -37.57
N HIS F 483 15.89 -20.79 -36.69
CA HIS F 483 14.51 -20.48 -36.96
C HIS F 483 14.26 -19.07 -36.51
N GLU F 484 13.25 -18.43 -37.06
CA GLU F 484 12.93 -17.06 -36.73
C GLU F 484 12.52 -16.83 -35.27
N HIS F 485 12.03 -17.84 -34.60
CA HIS F 485 11.69 -17.67 -33.20
C HIS F 485 12.84 -18.00 -32.25
N LYS F 486 13.94 -18.53 -32.74
CA LYS F 486 15.00 -18.93 -31.84
C LYS F 486 15.98 -17.79 -31.62
N PRO F 487 16.71 -17.76 -30.51
CA PRO F 487 17.80 -16.85 -30.22
C PRO F 487 18.89 -16.94 -31.24
N VAL F 488 19.70 -15.90 -31.36
CA VAL F 488 20.80 -15.90 -32.30
C VAL F 488 21.72 -17.02 -31.88
N GLY F 489 21.92 -17.16 -30.59
CA GLY F 489 22.71 -18.27 -30.09
C GLY F 489 22.74 -18.32 -28.59
N SER F 490 23.31 -19.40 -28.07
CA SER F 490 23.42 -19.64 -26.62
C SER F 490 24.70 -20.38 -26.21
N PHE F 491 25.52 -19.75 -25.39
CA PHE F 491 26.77 -20.43 -25.03
C PHE F 491 27.16 -20.32 -23.57
N LEU F 492 27.57 -21.44 -23.01
CA LEU F 492 28.00 -21.45 -21.64
C LEU F 492 29.51 -21.33 -21.59
N PHE F 493 30.00 -20.34 -20.86
CA PHE F 493 31.41 -20.09 -20.77
C PHE F 493 31.94 -20.61 -19.47
N ALA F 494 32.67 -21.70 -19.54
CA ALA F 494 33.18 -22.31 -18.34
C ALA F 494 34.61 -21.92 -18.21
N GLY F 495 35.06 -21.54 -17.04
CA GLY F 495 36.46 -21.19 -16.89
C GLY F 495 36.75 -20.64 -15.50
N PRO F 496 38.01 -20.38 -15.15
CA PRO F 496 38.47 -19.79 -13.90
C PRO F 496 37.93 -18.39 -13.87
N THR F 497 37.87 -17.73 -12.72
CA THR F 497 37.40 -16.35 -12.80
C THR F 497 38.59 -15.53 -13.22
N GLY F 498 38.34 -14.31 -13.62
CA GLY F 498 39.43 -13.42 -13.93
C GLY F 498 40.16 -13.83 -15.20
N VAL F 499 39.48 -14.46 -16.14
CA VAL F 499 40.15 -14.90 -17.34
C VAL F 499 39.56 -14.24 -18.54
N GLY F 500 38.77 -13.20 -18.34
CA GLY F 500 38.20 -12.52 -19.47
C GLY F 500 36.91 -13.14 -19.99
N LYS F 501 36.20 -13.95 -19.21
CA LYS F 501 34.96 -14.48 -19.80
C LYS F 501 34.04 -13.30 -20.15
N THR F 502 34.03 -12.31 -19.25
CA THR F 502 33.22 -11.12 -19.36
C THR F 502 33.82 -10.27 -20.44
N GLU F 503 35.15 -10.17 -20.46
CA GLU F 503 35.79 -9.30 -21.41
C GLU F 503 35.53 -9.78 -22.81
N VAL F 504 35.49 -11.08 -23.03
CA VAL F 504 35.15 -11.57 -24.36
C VAL F 504 33.75 -11.14 -24.68
N THR F 505 32.84 -11.30 -23.72
CA THR F 505 31.45 -10.96 -23.94
C THR F 505 31.32 -9.46 -24.27
N VAL F 506 32.06 -8.63 -23.56
CA VAL F 506 32.07 -7.19 -23.80
C VAL F 506 32.59 -6.90 -25.17
N GLN F 507 33.67 -7.55 -25.53
CA GLN F 507 34.20 -7.29 -26.83
C GLN F 507 33.29 -7.84 -27.89
N LEU F 508 32.55 -8.92 -27.64
CA LEU F 508 31.62 -9.35 -28.68
C LEU F 508 30.60 -8.27 -28.87
N SER F 509 30.11 -7.68 -27.79
CA SER F 509 29.06 -6.70 -27.96
C SER F 509 29.58 -5.48 -28.69
N LYS F 510 30.81 -5.10 -28.40
CA LYS F 510 31.32 -3.95 -29.09
C LYS F 510 31.58 -4.26 -30.55
N ALA F 511 32.18 -5.41 -30.80
CA ALA F 511 32.56 -5.82 -32.13
C ALA F 511 31.37 -5.97 -33.04
N LEU F 512 30.27 -6.44 -32.48
CA LEU F 512 29.06 -6.68 -33.21
C LEU F 512 28.13 -5.48 -33.28
N GLY F 513 28.49 -4.38 -32.61
CA GLY F 513 27.64 -3.18 -32.59
C GLY F 513 26.37 -3.31 -31.75
N ILE F 514 26.40 -4.10 -30.68
CA ILE F 514 25.21 -4.32 -29.86
C ILE F 514 25.44 -4.01 -28.39
N GLU F 515 24.35 -3.86 -27.65
CA GLU F 515 24.40 -3.60 -26.22
C GLU F 515 24.69 -4.85 -25.42
N LEU F 516 25.29 -4.68 -24.26
CA LEU F 516 25.47 -5.78 -23.33
C LEU F 516 24.54 -5.64 -22.13
N LEU F 517 23.78 -6.69 -21.86
CA LEU F 517 22.88 -6.71 -20.73
C LEU F 517 23.47 -7.62 -19.70
N ARG F 518 23.44 -7.25 -18.42
CA ARG F 518 24.04 -8.16 -17.46
C ARG F 518 23.21 -8.43 -16.25
N PHE F 519 23.22 -9.69 -15.86
CA PHE F 519 22.58 -10.12 -14.63
C PHE F 519 23.51 -11.07 -13.88
N ASP F 520 23.49 -10.99 -12.56
CA ASP F 520 24.28 -11.88 -11.72
C ASP F 520 23.37 -12.91 -11.12
N MET F 521 23.51 -14.17 -11.50
CA MET F 521 22.55 -15.16 -11.06
C MET F 521 22.54 -15.41 -9.60
N SER F 522 23.58 -15.06 -8.89
CA SER F 522 23.60 -15.28 -7.47
C SER F 522 22.59 -14.38 -6.77
N GLU F 523 22.09 -13.36 -7.47
CA GLU F 523 21.10 -12.45 -6.95
C GLU F 523 19.69 -12.94 -7.27
N TYR F 524 19.63 -14.02 -8.06
CA TYR F 524 18.40 -14.64 -8.53
C TYR F 524 18.32 -16.06 -8.03
N MET F 525 18.98 -16.31 -6.90
CA MET F 525 19.05 -17.59 -6.20
C MET F 525 17.77 -17.98 -5.44
N GLU F 526 17.02 -16.99 -4.97
CA GLU F 526 15.79 -17.15 -4.21
C GLU F 526 14.57 -17.04 -5.16
N ARG F 527 13.42 -17.61 -4.82
CA ARG F 527 12.33 -17.55 -5.79
C ARG F 527 11.65 -16.18 -6.02
N HIS F 528 11.58 -15.34 -5.01
CA HIS F 528 10.91 -14.06 -5.17
C HIS F 528 11.69 -13.23 -6.17
N THR F 529 13.00 -13.26 -6.03
CA THR F 529 13.86 -12.49 -6.91
C THR F 529 13.72 -12.97 -8.35
N VAL F 530 13.43 -14.26 -8.51
CA VAL F 530 13.21 -14.85 -9.82
C VAL F 530 12.05 -14.14 -10.51
N SER F 531 10.97 -13.87 -9.78
CA SER F 531 9.82 -13.20 -10.36
C SER F 531 10.16 -11.77 -10.74
N ARG F 532 11.00 -11.12 -9.94
CA ARG F 532 11.43 -9.77 -10.22
C ARG F 532 12.17 -9.72 -11.55
N LEU F 533 12.99 -10.75 -11.78
CA LEU F 533 13.75 -10.84 -13.02
C LEU F 533 12.85 -10.99 -14.22
N ILE F 534 11.90 -11.91 -14.10
CA ILE F 534 10.95 -12.23 -15.17
C ILE F 534 9.95 -11.15 -15.42
N GLY F 535 9.43 -10.54 -14.39
CA GLY F 535 8.33 -9.62 -14.58
C GLY F 535 7.11 -10.45 -14.57
N ALA F 536 7.18 -11.53 -13.79
CA ALA F 536 6.09 -12.46 -13.72
C ALA F 536 4.89 -11.68 -13.21
N PRO F 537 3.64 -12.02 -13.57
CA PRO F 537 2.48 -11.33 -13.06
C PRO F 537 2.62 -11.03 -11.54
N PRO F 538 2.99 -11.96 -10.62
CA PRO F 538 3.31 -11.62 -9.26
C PRO F 538 4.77 -11.22 -9.17
N GLY F 539 5.13 -10.39 -8.19
CA GLY F 539 6.56 -10.25 -7.86
C GLY F 539 7.41 -9.53 -8.91
N TYR F 540 6.77 -8.66 -9.69
CA TYR F 540 7.48 -7.91 -10.72
C TYR F 540 8.05 -6.62 -10.12
N VAL F 541 8.86 -5.91 -10.90
CA VAL F 541 9.46 -4.68 -10.44
C VAL F 541 8.59 -3.47 -10.72
N GLY F 542 8.37 -2.62 -9.72
CA GLY F 542 7.59 -1.41 -9.95
C GLY F 542 6.20 -1.77 -10.45
N PHE F 543 5.84 -1.14 -11.57
CA PHE F 543 4.56 -1.32 -12.25
C PHE F 543 4.81 -1.59 -13.74
N ASP F 544 5.53 -0.65 -14.37
CA ASP F 544 5.83 -0.67 -15.79
C ASP F 544 7.27 -1.13 -16.00
N GLN F 545 7.93 -1.39 -14.88
CA GLN F 545 9.31 -1.82 -14.79
C GLN F 545 9.37 -3.32 -14.73
N GLY F 546 8.18 -3.90 -14.78
CA GLY F 546 7.89 -5.31 -14.68
C GLY F 546 9.08 -6.24 -14.62
N GLY F 547 9.48 -6.76 -15.75
CA GLY F 547 10.64 -7.64 -15.70
C GLY F 547 11.91 -6.87 -15.90
N LEU F 548 12.96 -7.36 -15.29
CA LEU F 548 14.24 -6.72 -15.49
C LEU F 548 14.77 -7.23 -16.79
N LEU F 549 14.52 -8.51 -17.03
CA LEU F 549 14.97 -9.16 -18.23
C LEU F 549 14.07 -8.83 -19.38
N THR F 550 12.77 -8.70 -19.12
CA THR F 550 11.87 -8.37 -20.21
C THR F 550 12.13 -6.98 -20.63
N ASP F 551 12.43 -6.08 -19.71
CA ASP F 551 12.70 -4.75 -20.16
C ASP F 551 14.01 -4.71 -20.92
N ALA F 552 15.02 -5.38 -20.40
CA ALA F 552 16.32 -5.35 -21.03
C ALA F 552 16.26 -5.85 -22.48
N VAL F 553 15.49 -6.90 -22.72
CA VAL F 553 15.31 -7.50 -24.05
C VAL F 553 14.37 -6.71 -24.99
N ILE F 554 13.61 -5.76 -24.46
CA ILE F 554 12.72 -4.94 -25.26
C ILE F 554 13.46 -3.69 -25.66
N LYS F 555 14.15 -3.07 -24.73
CA LYS F 555 14.91 -1.88 -25.03
C LYS F 555 16.07 -2.18 -25.95
N HIS F 556 16.71 -3.33 -25.75
CA HIS F 556 17.89 -3.66 -26.51
C HIS F 556 17.75 -5.07 -27.09
N PRO F 557 16.84 -5.28 -28.05
CA PRO F 557 16.46 -6.57 -28.58
C PRO F 557 17.57 -7.30 -29.33
N HIS F 558 18.62 -6.58 -29.73
CA HIS F 558 19.72 -7.21 -30.45
C HIS F 558 20.95 -7.41 -29.60
N ALA F 559 20.78 -7.18 -28.32
CA ALA F 559 21.83 -7.25 -27.33
C ALA F 559 22.36 -8.64 -27.06
N VAL F 560 23.52 -8.65 -26.43
CA VAL F 560 24.07 -9.89 -25.94
C VAL F 560 23.78 -9.87 -24.47
N LEU F 561 23.20 -10.94 -24.00
CA LEU F 561 22.76 -11.09 -22.65
C LEU F 561 23.69 -11.95 -21.84
N LEU F 562 24.27 -11.39 -20.80
CA LEU F 562 25.23 -12.09 -19.98
C LEU F 562 24.71 -12.44 -18.60
N LEU F 563 24.66 -13.73 -18.30
CA LEU F 563 24.19 -14.17 -17.00
C LEU F 563 25.33 -14.81 -16.25
N ASP F 564 25.77 -14.16 -15.18
CA ASP F 564 26.93 -14.68 -14.47
C ASP F 564 26.67 -15.76 -13.48
N GLU F 565 27.58 -16.71 -13.45
CA GLU F 565 27.57 -17.80 -12.47
C GLU F 565 26.22 -18.47 -12.39
N ILE F 566 25.75 -18.97 -13.53
CA ILE F 566 24.41 -19.54 -13.57
C ILE F 566 24.19 -20.72 -12.63
N GLU F 567 25.24 -21.34 -12.11
CA GLU F 567 25.10 -22.46 -11.17
C GLU F 567 24.49 -22.00 -9.84
N LYS F 568 24.45 -20.69 -9.62
CA LYS F 568 23.87 -20.11 -8.44
C LYS F 568 22.44 -19.65 -8.63
N ALA F 569 21.89 -19.82 -9.83
CA ALA F 569 20.54 -19.37 -10.13
C ALA F 569 19.49 -20.24 -9.48
N HIS F 570 18.36 -19.65 -9.11
CA HIS F 570 17.23 -20.41 -8.65
C HIS F 570 16.76 -21.27 -9.83
N PRO F 571 16.31 -22.52 -9.63
CA PRO F 571 15.77 -23.37 -10.66
C PRO F 571 14.70 -22.71 -11.54
N ASP F 572 13.92 -21.75 -11.06
CA ASP F 572 12.94 -21.16 -11.94
C ASP F 572 13.54 -20.12 -12.89
N VAL F 573 14.80 -19.76 -12.67
CA VAL F 573 15.47 -18.88 -13.60
C VAL F 573 15.85 -19.82 -14.70
N PHE F 574 16.39 -20.96 -14.29
CA PHE F 574 16.84 -22.00 -15.21
C PHE F 574 15.69 -22.44 -16.08
N ASN F 575 14.51 -22.62 -15.48
CA ASN F 575 13.36 -23.03 -16.23
C ASN F 575 12.88 -21.93 -17.17
N ILE F 576 12.91 -20.66 -16.74
CA ILE F 576 12.45 -19.65 -17.66
C ILE F 576 13.41 -19.51 -18.80
N LEU F 577 14.72 -19.67 -18.55
CA LEU F 577 15.66 -19.56 -19.64
C LEU F 577 15.40 -20.64 -20.65
N LEU F 578 15.08 -21.85 -20.21
CA LEU F 578 14.81 -22.88 -21.19
C LEU F 578 13.56 -22.53 -21.97
N GLN F 579 12.55 -21.97 -21.32
CA GLN F 579 11.35 -21.61 -22.06
C GLN F 579 11.68 -20.56 -23.13
N VAL F 580 12.55 -19.61 -22.81
CA VAL F 580 12.97 -18.63 -23.78
C VAL F 580 13.78 -19.30 -24.89
N MET F 581 14.69 -20.20 -24.53
CA MET F 581 15.48 -20.87 -25.55
C MET F 581 14.53 -21.57 -26.52
N ASP F 582 13.47 -22.19 -26.03
CA ASP F 582 12.55 -22.87 -26.90
C ASP F 582 11.63 -22.00 -27.73
N ASN F 583 11.11 -20.89 -27.19
CA ASN F 583 10.17 -20.10 -27.98
C ASN F 583 10.55 -18.66 -28.34
N GLY F 584 11.70 -18.16 -27.89
CA GLY F 584 12.12 -16.81 -28.25
C GLY F 584 11.47 -15.73 -27.40
N THR F 585 10.70 -16.09 -26.40
CA THR F 585 10.09 -15.00 -25.68
C THR F 585 9.87 -15.17 -24.20
N LEU F 586 9.86 -14.02 -23.57
CA LEU F 586 9.60 -13.89 -22.15
C LEU F 586 8.41 -12.95 -21.98
N THR F 587 7.41 -13.35 -21.23
CA THR F 587 6.22 -12.49 -21.09
C THR F 587 6.18 -11.79 -19.74
N ASP F 588 6.03 -10.48 -19.83
CA ASP F 588 5.96 -9.48 -18.77
C ASP F 588 4.61 -9.46 -18.06
N ASN F 589 4.59 -8.93 -16.84
CA ASN F 589 3.35 -8.75 -16.09
C ASN F 589 2.35 -7.86 -16.83
N ASN F 590 2.81 -6.99 -17.72
CA ASN F 590 1.88 -6.14 -18.43
C ASN F 590 1.42 -6.76 -19.76
N GLY F 591 1.81 -8.02 -19.99
CA GLY F 591 1.45 -8.77 -21.18
C GLY F 591 2.40 -8.52 -22.35
N ARG F 592 3.38 -7.69 -22.10
CA ARG F 592 4.36 -7.31 -23.09
C ARG F 592 5.30 -8.46 -23.32
N LYS F 593 5.78 -8.61 -24.54
CA LYS F 593 6.73 -9.70 -24.76
C LYS F 593 8.08 -9.25 -25.22
N ALA F 594 9.08 -9.79 -24.55
CA ALA F 594 10.46 -9.60 -24.97
C ALA F 594 10.76 -10.62 -26.02
N ASP F 595 11.36 -10.17 -27.11
CA ASP F 595 11.71 -11.02 -28.22
C ASP F 595 13.21 -11.27 -28.27
N PHE F 596 13.58 -12.50 -28.02
CA PHE F 596 14.96 -12.91 -27.89
C PHE F 596 15.52 -13.45 -29.20
N ARG F 597 14.77 -13.36 -30.28
CA ARG F 597 15.25 -13.92 -31.53
C ARG F 597 16.49 -13.19 -32.03
N ASN F 598 16.68 -11.97 -31.57
CA ASN F 598 17.80 -11.19 -31.98
C ASN F 598 18.92 -11.15 -30.94
N VAL F 599 18.85 -11.98 -29.89
CA VAL F 599 19.93 -11.86 -28.90
C VAL F 599 20.76 -13.11 -28.77
N VAL F 600 21.90 -12.88 -28.18
CA VAL F 600 22.83 -13.95 -27.89
C VAL F 600 22.90 -14.14 -26.41
N LEU F 601 22.70 -15.36 -25.97
CA LEU F 601 22.77 -15.65 -24.57
C LEU F 601 24.11 -16.21 -24.19
N VAL F 602 24.75 -15.53 -23.28
CA VAL F 602 26.03 -15.92 -22.76
C VAL F 602 25.88 -16.15 -21.29
N MET F 603 26.22 -17.33 -20.86
CA MET F 603 26.13 -17.65 -19.48
C MET F 603 27.48 -17.99 -19.03
N THR F 604 27.85 -17.66 -17.82
CA THR F 604 29.16 -18.05 -17.38
C THR F 604 29.04 -18.98 -16.21
N THR F 605 30.11 -19.73 -15.97
CA THR F 605 30.17 -20.62 -14.84
C THR F 605 31.59 -20.90 -14.39
N ASN F 606 31.74 -21.13 -13.09
CA ASN F 606 33.06 -21.45 -12.55
C ASN F 606 33.10 -22.89 -12.05
N ALA F 607 32.13 -23.70 -12.43
CA ALA F 607 32.09 -25.05 -11.90
C ALA F 607 33.33 -25.87 -12.20
N GLY F 608 33.88 -25.70 -13.39
CA GLY F 608 34.99 -26.51 -13.86
C GLY F 608 36.32 -26.15 -13.27
N VAL F 609 36.37 -25.10 -12.46
CA VAL F 609 37.64 -24.71 -11.87
C VAL F 609 37.62 -25.04 -10.39
N ARG F 610 36.49 -25.47 -9.83
CA ARG F 610 36.53 -25.66 -8.39
C ARG F 610 37.12 -27.02 -8.00
N GLU F 611 36.81 -28.03 -8.79
CA GLU F 611 37.22 -29.40 -8.53
C GLU F 611 38.70 -29.61 -8.67
N THR F 612 39.29 -28.91 -9.60
CA THR F 612 40.69 -29.11 -9.92
C THR F 612 41.60 -28.58 -8.85
N GLU F 613 41.06 -27.80 -7.91
CA GLU F 613 41.92 -27.17 -6.94
C GLU F 613 41.90 -27.93 -5.63
N ARG F 614 41.20 -29.06 -5.61
CA ARG F 614 41.08 -29.86 -4.41
C ARG F 614 42.20 -30.89 -4.28
N LYS F 615 42.65 -31.11 -3.05
CA LYS F 615 43.71 -32.07 -2.81
C LYS F 615 43.11 -33.40 -2.43
N SER F 616 43.63 -34.45 -3.02
CA SER F 616 43.19 -35.80 -2.78
C SER F 616 43.70 -36.30 -1.45
N ILE F 617 43.07 -37.36 -0.96
CA ILE F 617 43.43 -37.97 0.29
C ILE F 617 44.42 -39.06 0.00
N GLY F 618 45.56 -39.06 0.66
CA GLY F 618 46.51 -40.13 0.38
C GLY F 618 47.91 -39.63 0.52
N LEU F 619 48.85 -40.55 0.48
CA LEU F 619 50.24 -40.20 0.62
C LEU F 619 50.74 -39.49 -0.61
N ILE F 620 50.19 -39.84 -1.74
CA ILE F 620 50.56 -39.23 -2.98
C ILE F 620 49.43 -38.39 -3.45
N HIS F 621 49.62 -37.09 -3.59
CA HIS F 621 48.49 -36.34 -4.07
C HIS F 621 48.43 -36.64 -5.53
N GLN F 622 47.24 -36.75 -6.07
CA GLN F 622 47.18 -36.99 -7.48
C GLN F 622 46.67 -35.80 -8.19
N ASP F 623 46.61 -35.92 -9.50
CA ASP F 623 46.16 -34.86 -10.36
C ASP F 623 44.65 -34.87 -10.48
N ASN F 624 44.01 -33.84 -9.93
CA ASN F 624 42.56 -33.73 -9.90
C ASN F 624 42.02 -32.94 -11.07
N SER F 625 42.84 -32.74 -12.08
CA SER F 625 42.34 -32.06 -13.25
C SER F 625 41.18 -32.87 -13.76
N THR F 626 40.14 -32.15 -14.16
CA THR F 626 38.93 -32.76 -14.65
C THR F 626 38.56 -32.19 -15.96
N ASP F 627 37.53 -32.76 -16.52
CA ASP F 627 36.99 -32.23 -17.74
C ASP F 627 35.92 -31.28 -17.35
N ALA F 628 36.15 -30.02 -17.58
CA ALA F 628 35.20 -29.02 -17.19
C ALA F 628 33.87 -29.29 -17.83
N MET F 629 33.87 -29.86 -19.04
CA MET F 629 32.62 -30.08 -19.71
C MET F 629 31.81 -31.14 -18.94
N GLU F 630 32.48 -32.08 -18.28
CA GLU F 630 31.81 -33.11 -17.52
C GLU F 630 31.29 -32.52 -16.23
N GLU F 631 32.01 -31.55 -15.69
CA GLU F 631 31.57 -30.96 -14.46
C GLU F 631 30.26 -30.26 -14.75
N ILE F 632 30.16 -29.65 -15.92
CA ILE F 632 28.94 -29.00 -16.32
C ILE F 632 27.87 -30.05 -16.47
N LYS F 633 28.20 -31.19 -17.09
CA LYS F 633 27.20 -32.24 -17.26
C LYS F 633 26.55 -32.71 -15.96
N LYS F 634 27.33 -32.72 -14.89
CA LYS F 634 26.85 -33.18 -13.59
C LYS F 634 26.10 -32.11 -12.77
N ILE F 635 26.07 -30.87 -13.26
CA ILE F 635 25.40 -29.77 -12.58
C ILE F 635 24.14 -29.35 -13.30
N PHE F 636 24.27 -29.21 -14.60
CA PHE F 636 23.22 -28.72 -15.45
C PHE F 636 22.46 -29.89 -16.02
N THR F 637 21.23 -29.66 -16.42
CA THR F 637 20.45 -30.74 -16.99
C THR F 637 20.80 -30.87 -18.47
N PRO F 638 20.55 -32.02 -19.13
CA PRO F 638 20.69 -32.18 -20.56
C PRO F 638 19.69 -31.35 -21.33
N GLU F 639 18.56 -31.00 -20.74
CA GLU F 639 17.63 -30.20 -21.51
C GLU F 639 18.28 -28.87 -21.78
N PHE F 640 18.95 -28.36 -20.78
CA PHE F 640 19.69 -27.12 -20.90
C PHE F 640 20.82 -27.27 -21.90
N ARG F 641 21.63 -28.30 -21.73
CA ARG F 641 22.80 -28.45 -22.58
C ARG F 641 22.46 -28.61 -24.04
N ASN F 642 21.36 -29.28 -24.30
CA ASN F 642 20.94 -29.58 -25.64
C ASN F 642 20.40 -28.38 -26.39
N ARG F 643 20.19 -27.28 -25.65
CA ARG F 643 19.66 -26.06 -26.24
C ARG F 643 20.76 -25.03 -26.42
N LEU F 644 22.01 -25.45 -26.19
CA LEU F 644 23.12 -24.55 -26.32
C LEU F 644 23.77 -24.78 -27.65
N ASP F 645 24.45 -23.76 -28.15
CA ASP F 645 25.23 -23.92 -29.35
C ASP F 645 26.54 -24.49 -28.89
N ASN F 646 26.99 -24.06 -27.71
CA ASN F 646 28.19 -24.68 -27.19
C ASN F 646 28.36 -24.48 -25.70
N ILE F 647 29.39 -25.14 -25.19
CA ILE F 647 29.92 -24.99 -23.85
C ILE F 647 31.40 -24.80 -24.15
N ILE F 648 31.94 -23.68 -23.78
CA ILE F 648 33.31 -23.38 -24.15
C ILE F 648 34.23 -23.21 -22.96
N TRP F 649 35.37 -23.88 -22.97
CA TRP F 649 36.30 -23.68 -21.86
C TRP F 649 37.23 -22.51 -22.14
N PHE F 650 37.26 -21.60 -21.18
CA PHE F 650 38.09 -20.42 -21.16
C PHE F 650 39.17 -20.77 -20.19
N ASP F 651 40.37 -20.95 -20.68
CA ASP F 651 41.43 -21.46 -19.84
C ASP F 651 42.11 -20.42 -18.99
N HIS F 652 43.06 -20.91 -18.20
CA HIS F 652 43.85 -20.10 -17.30
C HIS F 652 44.74 -19.22 -18.15
N LEU F 653 45.47 -18.31 -17.54
CA LEU F 653 46.24 -17.41 -18.34
C LEU F 653 47.72 -17.74 -18.24
N SER F 654 48.42 -17.55 -19.35
CA SER F 654 49.86 -17.73 -19.44
C SER F 654 50.63 -16.54 -18.90
N THR F 655 51.95 -16.72 -18.73
CA THR F 655 52.79 -15.67 -18.18
C THR F 655 52.75 -14.39 -19.00
N ASP F 656 52.78 -14.50 -20.33
CA ASP F 656 52.77 -13.29 -21.11
C ASP F 656 51.44 -12.58 -21.03
N VAL F 657 50.37 -13.31 -20.79
CA VAL F 657 49.08 -12.70 -20.67
C VAL F 657 49.00 -11.93 -19.39
N ILE F 658 49.49 -12.53 -18.30
CA ILE F 658 49.42 -11.80 -17.05
C ILE F 658 50.32 -10.58 -17.14
N HIS F 659 51.38 -10.62 -17.96
CA HIS F 659 52.17 -9.41 -18.16
C HIS F 659 51.34 -8.38 -18.92
N GLN F 660 50.60 -8.80 -19.93
CA GLN F 660 49.79 -7.83 -20.65
C GLN F 660 48.81 -7.17 -19.71
N VAL F 661 48.26 -7.94 -18.78
CA VAL F 661 47.35 -7.42 -17.80
C VAL F 661 48.03 -6.46 -16.83
N VAL F 662 49.21 -6.79 -16.31
CA VAL F 662 49.82 -5.86 -15.38
C VAL F 662 50.24 -4.60 -16.11
N ASP F 663 50.66 -4.71 -17.36
CA ASP F 663 51.07 -3.53 -18.07
C ASP F 663 49.88 -2.66 -18.30
N LYS F 664 48.71 -3.25 -18.59
CA LYS F 664 47.56 -2.40 -18.77
C LYS F 664 47.31 -1.63 -17.48
N PHE F 665 47.42 -2.29 -16.34
CA PHE F 665 47.20 -1.59 -15.08
C PHE F 665 48.21 -0.49 -14.83
N ILE F 666 49.47 -0.75 -15.15
CA ILE F 666 50.52 0.24 -14.97
C ILE F 666 50.28 1.41 -15.86
N VAL F 667 49.88 1.18 -17.10
CA VAL F 667 49.61 2.28 -17.96
C VAL F 667 48.48 3.12 -17.40
N GLU F 668 47.42 2.49 -16.89
CA GLU F 668 46.32 3.25 -16.32
C GLU F 668 46.81 4.07 -15.13
N LEU F 669 47.71 3.51 -14.33
CA LEU F 669 48.29 4.25 -13.23
C LEU F 669 49.04 5.42 -13.74
N GLN F 670 49.81 5.22 -14.80
CA GLN F 670 50.56 6.31 -15.33
C GLN F 670 49.63 7.35 -15.86
N VAL F 671 48.51 6.98 -16.45
CA VAL F 671 47.62 8.02 -16.91
C VAL F 671 47.24 8.91 -15.74
N GLN F 672 46.89 8.32 -14.60
CA GLN F 672 46.52 9.16 -13.46
C GLN F 672 47.71 10.03 -13.01
N LEU F 673 48.90 9.46 -13.04
CA LEU F 673 50.06 10.23 -12.64
C LEU F 673 50.35 11.34 -13.65
N ASP F 674 50.13 11.09 -14.94
CA ASP F 674 50.31 12.07 -16.02
C ASP F 674 49.36 13.23 -15.85
N GLN F 675 48.18 12.97 -15.32
CA GLN F 675 47.22 14.04 -15.09
C GLN F 675 47.81 15.00 -14.07
N LYS F 676 48.56 14.46 -13.10
CA LYS F 676 49.23 15.27 -12.11
C LYS F 676 50.54 15.80 -12.69
N GLY F 677 51.13 14.99 -13.58
CA GLY F 677 52.41 15.23 -14.23
C GLY F 677 53.54 14.34 -13.71
N VAL F 678 53.23 13.36 -12.86
CA VAL F 678 54.24 12.49 -12.29
C VAL F 678 54.60 11.38 -13.25
N SER F 679 55.89 11.17 -13.46
CA SER F 679 56.32 10.08 -14.32
C SER F 679 56.75 8.89 -13.50
N LEU F 680 56.06 7.74 -13.61
CA LEU F 680 56.46 6.57 -12.84
C LEU F 680 57.09 5.50 -13.69
N GLU F 681 58.34 5.21 -13.39
CA GLU F 681 59.00 4.14 -14.08
C GLU F 681 58.85 2.83 -13.34
N VAL F 682 58.27 1.84 -13.98
CA VAL F 682 58.09 0.56 -13.30
C VAL F 682 59.02 -0.40 -14.00
N SER F 683 59.96 -0.97 -13.26
CA SER F 683 60.94 -1.82 -13.92
C SER F 683 60.30 -3.07 -14.47
N GLN F 684 60.99 -3.74 -15.40
CA GLN F 684 60.44 -4.96 -15.95
C GLN F 684 60.34 -6.03 -14.90
N GLU F 685 61.27 -6.03 -13.96
CA GLU F 685 61.23 -7.02 -12.93
C GLU F 685 60.00 -6.77 -12.07
N ALA F 686 59.71 -5.47 -11.80
CA ALA F 686 58.53 -5.11 -11.02
C ALA F 686 57.27 -5.54 -11.76
N ARG F 687 57.27 -5.39 -13.09
CA ARG F 687 56.11 -5.74 -13.89
C ARG F 687 55.88 -7.24 -13.85
N ASN F 688 56.94 -8.02 -13.98
CA ASN F 688 56.78 -9.46 -13.92
C ASN F 688 56.28 -9.89 -12.57
N TRP F 689 56.91 -9.39 -11.53
CA TRP F 689 56.53 -9.77 -10.21
C TRP F 689 55.11 -9.43 -9.84
N LEU F 690 54.65 -8.23 -10.16
CA LEU F 690 53.29 -7.92 -9.81
C LEU F 690 52.37 -8.85 -10.54
N ALA F 691 52.67 -9.14 -11.81
CA ALA F 691 51.78 -10.03 -12.52
C ALA F 691 51.74 -11.40 -11.85
N GLU F 692 52.91 -11.91 -11.45
CA GLU F 692 53.00 -13.22 -10.81
C GLU F 692 52.36 -13.26 -9.45
N LYS F 693 52.52 -12.20 -8.67
CA LYS F 693 51.98 -12.13 -7.33
C LYS F 693 50.48 -11.95 -7.31
N GLY F 694 49.96 -11.05 -8.14
CA GLY F 694 48.52 -10.83 -8.15
C GLY F 694 47.80 -12.02 -8.73
N TYR F 695 48.30 -12.56 -9.84
CA TYR F 695 47.61 -13.64 -10.52
C TYR F 695 47.45 -14.91 -9.72
N ASP F 696 46.25 -15.44 -9.77
CA ASP F 696 45.89 -16.71 -9.15
C ASP F 696 45.22 -17.52 -10.18
N ARG F 697 45.80 -18.61 -10.60
CA ARG F 697 45.18 -19.36 -11.67
C ARG F 697 43.72 -19.72 -11.36
N ALA F 698 43.34 -19.90 -10.08
CA ALA F 698 41.93 -20.20 -9.78
C ALA F 698 41.03 -18.95 -9.97
N MET F 699 41.59 -17.74 -9.71
CA MET F 699 40.86 -16.47 -9.80
C MET F 699 41.38 -15.57 -10.89
N GLY F 700 42.27 -16.11 -11.66
CA GLY F 700 42.86 -15.48 -12.80
C GLY F 700 43.51 -14.15 -12.48
N ALA F 701 43.17 -13.18 -13.27
CA ALA F 701 43.66 -11.84 -13.14
C ALA F 701 42.83 -11.03 -12.19
N ARG F 702 41.76 -11.58 -11.67
CA ARG F 702 40.90 -10.77 -10.82
C ARG F 702 41.71 -10.04 -9.73
N PRO F 703 42.53 -10.72 -8.89
CA PRO F 703 43.37 -10.13 -7.86
C PRO F 703 44.45 -9.16 -8.35
N MET F 704 44.69 -9.08 -9.66
CA MET F 704 45.66 -8.14 -10.15
C MET F 704 45.26 -6.74 -9.84
N ALA F 705 43.96 -6.51 -9.69
CA ALA F 705 43.53 -5.19 -9.37
C ALA F 705 44.10 -4.76 -8.05
N ARG F 706 44.23 -5.72 -7.14
CA ARG F 706 44.69 -5.47 -5.79
C ARG F 706 46.20 -5.48 -5.64
N VAL F 707 46.91 -6.20 -6.51
CA VAL F 707 48.34 -6.20 -6.33
C VAL F 707 48.84 -4.86 -6.84
N ILE F 708 48.22 -4.32 -7.90
CA ILE F 708 48.65 -3.03 -8.38
C ILE F 708 48.06 -1.91 -7.52
N GLN F 709 46.79 -2.02 -7.09
CA GLN F 709 46.19 -0.95 -6.30
C GLN F 709 46.94 -0.69 -5.04
N ASP F 710 47.46 -1.72 -4.40
CA ASP F 710 48.19 -1.37 -3.23
C ASP F 710 49.66 -1.16 -3.51
N ASN F 711 50.32 -2.05 -4.26
CA ASN F 711 51.76 -1.92 -4.34
C ASN F 711 52.25 -0.74 -5.15
N LEU F 712 51.53 -0.38 -6.19
CA LEU F 712 51.96 0.70 -7.02
C LEU F 712 51.28 1.99 -6.68
N LYS F 713 50.40 2.02 -5.69
CA LYS F 713 49.75 3.27 -5.42
C LYS F 713 49.90 3.74 -4.02
N LYS F 714 49.90 2.86 -3.05
CA LYS F 714 49.93 3.38 -1.69
C LYS F 714 51.11 4.32 -1.46
N PRO F 715 52.36 3.97 -1.84
CA PRO F 715 53.50 4.83 -1.66
C PRO F 715 53.43 6.11 -2.47
N LEU F 716 52.65 6.16 -3.54
CA LEU F 716 52.65 7.36 -4.36
C LEU F 716 51.70 8.33 -3.75
N ALA F 717 50.62 7.79 -3.22
CA ALA F 717 49.65 8.64 -2.58
C ALA F 717 50.30 9.30 -1.41
N ASN F 718 51.15 8.54 -0.72
CA ASN F 718 51.80 9.09 0.41
C ASN F 718 52.86 10.08 0.05
N GLU F 719 53.65 9.85 -0.98
CA GLU F 719 54.65 10.88 -1.16
C GLU F 719 53.94 12.17 -1.64
N LEU F 720 52.90 12.02 -2.48
CA LEU F 720 52.18 13.18 -3.01
C LEU F 720 51.40 13.95 -2.00
N LEU F 721 50.76 13.26 -1.07
CA LEU F 721 49.97 13.92 -0.07
C LEU F 721 50.84 14.46 1.03
N PHE F 722 51.95 13.80 1.33
CA PHE F 722 52.82 14.30 2.36
C PHE F 722 53.50 15.56 1.84
N GLY F 723 53.74 15.57 0.52
CA GLY F 723 54.39 16.69 -0.14
C GLY F 723 55.86 16.44 -0.46
N SER F 724 56.33 15.19 -0.32
CA SER F 724 57.72 14.93 -0.64
C SER F 724 57.83 14.75 -2.14
N LEU F 725 56.74 14.34 -2.76
CA LEU F 725 56.65 14.21 -4.19
C LEU F 725 55.81 15.36 -4.66
N VAL F 726 56.07 15.82 -5.84
CA VAL F 726 55.43 16.97 -6.41
C VAL F 726 54.57 16.55 -7.56
N ASP F 727 53.89 17.50 -8.18
CA ASP F 727 52.99 17.19 -9.27
C ASP F 727 53.74 16.59 -10.43
N GLY F 728 54.97 17.02 -10.60
CA GLY F 728 55.87 16.50 -11.60
C GLY F 728 56.91 15.59 -10.97
N GLY F 729 58.08 15.50 -11.57
CA GLY F 729 59.12 14.67 -11.00
C GLY F 729 59.18 13.26 -11.57
N GLN F 730 60.38 12.65 -11.52
CA GLN F 730 60.52 11.29 -12.03
C GLN F 730 60.70 10.32 -10.90
N VAL F 731 59.68 9.53 -10.67
CA VAL F 731 59.65 8.60 -9.57
C VAL F 731 59.80 7.24 -10.17
N THR F 732 60.64 6.42 -9.60
CA THR F 732 60.81 5.12 -10.17
C THR F 732 60.59 4.07 -9.14
N VAL F 733 60.22 2.87 -9.57
CA VAL F 733 60.20 1.75 -8.67
C VAL F 733 60.98 0.59 -9.25
N ALA F 734 62.15 0.38 -8.67
CA ALA F 734 62.96 -0.77 -9.00
C ALA F 734 62.39 -1.91 -8.21
N LEU F 735 62.61 -3.11 -8.63
CA LEU F 735 62.17 -4.19 -7.78
C LEU F 735 63.47 -4.79 -7.29
N ASP F 736 63.56 -5.20 -6.04
CA ASP F 736 64.79 -5.90 -5.64
C ASP F 736 64.66 -7.41 -5.69
N LYS F 737 65.71 -8.11 -5.26
CA LYS F 737 65.79 -9.58 -5.25
C LYS F 737 64.82 -10.24 -4.27
N GLU F 738 64.30 -9.46 -3.32
CA GLU F 738 63.38 -9.91 -2.29
C GLU F 738 61.96 -9.55 -2.70
N LYS F 739 61.86 -9.02 -3.91
CA LYS F 739 60.68 -8.52 -4.56
C LYS F 739 60.03 -7.34 -3.84
N ASN F 740 60.84 -6.43 -3.31
CA ASN F 740 60.34 -5.22 -2.67
C ASN F 740 60.27 -4.10 -3.66
N GLU F 741 59.36 -3.16 -3.42
CA GLU F 741 59.22 -1.98 -4.28
C GLU F 741 60.24 -0.93 -3.84
N LEU F 742 61.27 -0.73 -4.67
CA LEU F 742 62.33 0.21 -4.39
C LEU F 742 61.98 1.54 -4.99
N THR F 743 61.07 2.20 -4.30
CA THR F 743 60.51 3.45 -4.71
C THR F 743 61.48 4.58 -4.46
N TYR F 744 61.18 5.72 -5.05
CA TYR F 744 61.99 6.90 -4.99
C TYR F 744 61.15 8.16 -4.80
N GLY F 745 61.81 9.31 -4.71
CA GLY F 745 61.17 10.61 -4.60
C GLY F 745 60.98 11.14 -6.01
N PHE F 746 61.93 11.96 -6.49
CA PHE F 746 61.76 12.46 -7.84
C PHE F 746 62.88 13.36 -8.30
N UNK G 1 7.86 -23.00 1.26
CA UNK G 1 6.47 -22.98 1.66
C UNK G 1 5.90 -21.58 1.48
N UNK G 2 4.72 -21.33 2.04
CA UNK G 2 4.06 -20.04 1.91
C UNK G 2 4.66 -18.95 2.79
N UNK G 3 4.56 -17.72 2.32
CA UNK G 3 4.95 -16.54 3.08
C UNK G 3 3.96 -15.46 2.76
N UNK G 4 3.57 -14.68 3.75
CA UNK G 4 2.56 -13.66 3.56
C UNK G 4 3.13 -12.37 3.03
N UNK G 5 2.30 -11.57 2.36
CA UNK G 5 2.71 -10.29 1.84
C UNK G 5 1.77 -9.16 2.21
N UNK G 6 2.30 -8.12 2.83
CA UNK G 6 1.52 -6.98 3.27
C UNK G 6 1.32 -5.99 2.14
N UNK G 7 0.26 -5.17 2.20
CA UNK G 7 0.00 -4.14 1.18
C UNK G 7 0.30 -2.72 1.71
N UNK G 8 -0.41 -1.69 1.25
CA UNK G 8 -0.20 -0.29 1.71
C UNK G 8 -1.35 0.58 1.27
N UNK G 9 -1.59 1.72 1.90
CA UNK G 9 -2.66 2.57 1.39
C UNK G 9 -2.58 4.08 1.73
N UNK G 10 -3.30 4.92 0.90
CA UNK G 10 -3.59 6.38 1.05
C UNK G 10 -2.99 7.31 0.01
N UNK G 11 -3.70 8.45 -0.18
CA UNK G 11 -3.38 9.61 -1.06
C UNK G 11 -4.14 10.85 -0.52
N UNK G 12 -3.74 12.08 -0.90
CA UNK G 12 -4.40 13.33 -0.42
C UNK G 12 -5.33 14.10 -1.40
N UNK G 13 -6.31 14.85 -0.85
CA UNK G 13 -7.24 15.73 -1.57
C UNK G 13 -6.66 17.13 -1.86
N UNK G 14 -7.28 17.83 -2.83
CA UNK G 14 -6.90 19.19 -3.26
C UNK G 14 -7.50 20.33 -2.41
N UNK G 15 -8.28 20.00 -1.40
CA UNK G 15 -8.92 20.99 -0.54
C UNK G 15 -9.75 22.02 -1.33
N UNK G 16 -9.46 23.32 -1.12
CA UNK G 16 -10.25 24.39 -1.71
C UNK G 16 -9.45 25.71 -1.78
N UNK G 17 -10.06 26.72 -2.40
CA UNK G 17 -9.46 28.03 -2.50
C UNK G 17 -10.28 29.06 -1.72
N UNK G 18 -10.60 30.18 -2.35
CA UNK G 18 -11.36 31.23 -1.69
C UNK G 18 -11.82 32.25 -2.69
N UNK G 19 -10.89 32.74 -3.51
CA UNK G 19 -11.17 33.80 -4.44
C UNK G 19 -11.62 35.05 -3.71
N UNK G 20 -10.75 35.59 -2.85
CA UNK G 20 -11.08 36.81 -2.13
C UNK G 20 -11.40 37.91 -3.14
N UNK G 21 -10.72 37.88 -4.26
CA UNK G 21 -10.93 38.82 -5.35
C UNK G 21 -10.67 40.24 -4.92
N UNK G 22 -11.18 41.19 -5.71
CA UNK G 22 -10.86 42.59 -5.54
C UNK G 22 -11.99 43.48 -6.04
N UNK G 23 -12.04 44.67 -5.48
CA UNK G 23 -13.01 45.70 -5.80
C UNK G 23 -12.64 46.54 -7.02
N UNK G 24 -13.64 47.23 -7.54
CA UNK G 24 -13.43 48.15 -8.65
C UNK G 24 -14.55 49.20 -8.68
PG ATP H . -23.07 -1.14 -17.38
O1G ATP H . -23.25 -0.42 -16.06
O2G ATP H . -21.79 -1.94 -17.36
O3G ATP H . -23.01 -0.12 -18.50
PB ATP H . -25.90 -1.77 -17.21
O1B ATP H . -26.26 -2.48 -15.92
O2B ATP H . -26.03 -0.28 -17.02
O3B ATP H . -24.35 -2.14 -17.63
PA ATP H . -26.98 -1.57 -19.90
O1A ATP H . -26.24 -2.43 -20.89
O2A ATP H . -26.33 -0.20 -19.85
O3A ATP H . -26.93 -2.26 -18.41
O5' ATP H . -28.55 -1.42 -20.38
C5' ATP H . -28.83 -0.62 -21.50
C4' ATP H . -28.53 -1.39 -22.73
O4' ATP H . -28.76 -2.86 -22.48
C3' ATP H . -29.41 -0.98 -23.85
O3' ATP H . -28.64 -0.92 -25.09
C2' ATP H . -30.45 -1.98 -23.97
O2' ATP H . -30.66 -2.30 -25.38
C1' ATP H . -30.02 -3.19 -23.25
N9 ATP H . -31.06 -3.64 -22.39
C8 ATP H . -30.85 -4.03 -21.24
N7 ATP H . -31.76 -4.36 -20.65
C5 ATP H . -32.92 -4.25 -21.39
C6 ATP H . -34.38 -4.45 -21.37
N6 ATP H . -35.04 -4.97 -20.19
N1 ATP H . -35.13 -4.14 -22.54
C2 ATP H . -34.54 -3.67 -23.63
N3 ATP H . -33.30 -3.47 -23.71
C4 ATP H . -32.44 -3.67 -22.83
PB ADP I . 7.37 -37.33 -27.85
O1B ADP I . 6.84 -38.75 -27.64
O2B ADP I . 6.26 -36.33 -27.51
O3B ADP I . 8.55 -37.09 -26.94
PA ADP I . 7.86 -35.69 -30.18
O1A ADP I . 8.34 -34.60 -29.23
O2A ADP I . 6.45 -35.35 -30.68
O3A ADP I . 7.83 -37.15 -29.41
O5' ADP I . 8.89 -35.79 -31.48
C5' ADP I . 10.23 -35.31 -31.32
C4' ADP I . 10.82 -35.05 -32.70
O4' ADP I . 10.74 -36.37 -33.59
C3' ADP I . 10.08 -34.14 -33.35
O3' ADP I . 10.91 -33.38 -34.25
C2' ADP I . 8.99 -34.99 -34.19
O2' ADP I . 8.54 -34.23 -35.30
C1' ADP I . 9.64 -36.11 -34.63
N9 ADP I . 8.75 -37.21 -34.67
C8 ADP I . 8.55 -38.08 -33.69
N7 ADP I . 7.65 -38.97 -34.07
C5 ADP I . 7.24 -38.66 -35.30
C6 ADP I . 6.32 -39.24 -36.19
N6 ADP I . 5.55 -40.43 -35.81
N1 ADP I . 6.15 -38.66 -37.39
C2 ADP I . 6.85 -37.57 -37.73
N3 ADP I . 7.72 -37.01 -36.92
C4 ADP I . 7.95 -37.52 -35.68
PG ATP J . -28.05 5.89 10.43
O1G ATP J . -27.93 7.16 9.63
O2G ATP J . -27.97 4.68 9.49
O3G ATP J . -26.94 5.80 11.42
PB ATP J . -30.16 7.17 12.04
O1B ATP J . -29.61 8.43 11.44
O2B ATP J . -29.78 7.10 13.52
O3B ATP J . -29.52 5.86 11.25
PA ATP J . -32.81 6.52 13.02
O1A ATP J . -32.69 5.02 13.00
O2A ATP J . -32.44 7.03 14.39
O3A ATP J . -31.78 7.16 11.89
O5' ATP J . -34.30 6.94 12.69
C5' ATP J . -35.31 6.62 13.64
C4' ATP J . -35.55 5.10 13.60
O4' ATP J . -35.27 4.58 14.71
C3' ATP J . -37.16 4.78 13.33
O3' ATP J . -37.45 4.83 11.87
C2' ATP J . -37.34 3.63 13.77
O2' ATP J . -37.14 2.62 12.66
C1' ATP J . -36.25 3.43 14.88
N9 ATP J . -36.82 3.48 16.09
C8 ATP J . -36.72 2.54 17.04
N7 ATP J . -37.42 2.92 18.11
C5 ATP J . -37.98 4.12 17.86
C6 ATP J . -38.80 4.99 18.59
N6 ATP J . -39.24 4.64 19.98
N1 ATP J . -39.19 6.13 18.02
C2 ATP J . -38.81 6.44 16.78
N3 ATP J . -38.04 5.64 16.06
C4 ATP J . -37.60 4.48 16.56
PG ATP K . -16.49 -39.25 -8.33
O1G ATP K . -16.70 -37.84 -7.82
O2G ATP K . -15.85 -40.08 -7.26
O3G ATP K . -15.58 -39.19 -9.54
PB ATP K . -19.40 -39.27 -8.32
O1B ATP K . -19.83 -39.88 -7.01
O2B ATP K . -19.26 -37.78 -8.16
O3B ATP K . -17.94 -39.91 -8.76
PA ATP K . -21.26 -38.45 -10.38
O1A ATP K . -20.28 -37.37 -10.74
O2A ATP K . -22.40 -37.85 -9.58
O3A ATP K . -20.51 -39.61 -9.48
O5' ATP K . -21.86 -39.13 -11.76
C5' ATP K . -20.99 -39.31 -12.85
C4' ATP K . -21.77 -39.49 -14.09
O4' ATP K . -22.39 -40.87 -14.09
C3' ATP K . -22.87 -38.49 -14.18
O3' ATP K . -22.93 -37.98 -15.55
C2' ATP K . -24.12 -39.18 -13.89
O2' ATP K . -25.15 -38.77 -14.83
C1' ATP K . -23.88 -40.64 -14.00
N9 ATP K . -24.41 -41.30 -12.88
C8 ATP K . -23.78 -41.42 -11.84
N7 ATP K . -24.30 -41.97 -11.01
C5 ATP K . -25.57 -42.39 -11.36
C6 ATP K . -26.78 -43.10 -10.92
N6 ATP K . -26.86 -43.64 -9.58
N1 ATP K . -27.88 -43.23 -11.81
C2 ATP K . -27.81 -42.73 -13.05
N3 ATP K . -26.82 -42.11 -13.50
C4 ATP K . -25.75 -41.88 -12.90
PG ATP L . -8.75 20.89 26.32
O1G ATP L . -9.00 22.37 26.10
O2G ATP L . -9.94 20.10 25.79
O3G ATP L . -7.52 20.47 25.59
PB ATP L . -7.86 21.64 29.02
O1B ATP L . -7.18 22.74 28.26
O2B ATP L . -6.82 20.90 29.86
O3B ATP L . -8.56 20.58 27.96
PA ATP L . -8.81 23.68 30.85
O1A ATP L . -7.48 23.67 31.54
O2A ATP L . -8.87 24.86 29.89
O3A ATP L . -9.00 22.27 30.01
O5' ATP L . -9.97 23.83 31.91
C5' ATP L . -9.76 23.29 33.22
C4' ATP L . -10.19 21.81 33.19
O4' ATP L . -9.23 21.07 33.57
C3' ATP L . -11.44 21.54 34.22
O3' ATP L . -12.20 20.33 33.82
C2' ATP L . -10.93 21.36 35.34
O2' ATP L . -11.76 20.39 36.15
C1' ATP L . -9.52 20.73 35.03
N9 ATP L . -8.59 21.27 35.82
C8 ATP L . -7.59 20.61 36.43
N7 ATP L . -6.85 21.46 37.14
C5 ATP L . -7.37 22.70 37.00
C6 ATP L . -7.01 23.96 37.50
N6 ATP L . -5.83 24.12 38.41
N1 ATP L . -7.75 25.01 37.15
C2 ATP L . -8.81 24.86 36.34
N3 ATP L . -9.17 23.68 35.85
C4 ATP L . -8.47 22.58 36.15
PG ATP M . -18.18 -29.51 19.74
O1G ATP M . -17.88 -28.03 19.60
O2G ATP M . -19.02 -29.98 18.56
O3G ATP M . -16.90 -30.29 19.78
PB ATP M . -19.41 -28.58 22.25
O1B ATP M . -18.55 -27.39 22.00
O2B ATP M . -19.18 -29.09 23.66
O3B ATP M . -19.04 -29.78 21.17
PA ATP M . -22.12 -28.34 23.28
O1A ATP M . -22.21 -29.78 23.67
O2A ATP M . -21.71 -27.52 24.48
O3A ATP M . -20.99 -28.17 22.08
O5' ATP M . -23.52 -27.84 22.76
C5' ATP M . -24.69 -28.26 23.47
C4' ATP M . -25.56 -29.09 22.50
O4' ATP M . -25.43 -30.33 22.74
C3' ATP M . -27.16 -28.74 22.72
O3' ATP M . -27.93 -29.14 21.51
C2' ATP M . -27.52 -29.43 23.69
O2' ATP M . -28.95 -29.89 23.51
C1' ATP M . -26.55 -30.67 23.71
N9 ATP M . -26.06 -30.86 24.93
C8 ATP M . -24.79 -31.09 25.25
N7 ATP M . -24.67 -31.24 26.58
C5 ATP M . -25.90 -31.10 27.13
C6 ATP M . -26.39 -31.15 28.44
N6 ATP M . -25.46 -31.41 29.59
N1 ATP M . -27.69 -30.97 28.65
C2 ATP M . -28.52 -30.73 27.62
N3 ATP M . -28.09 -30.68 26.36
C4 ATP M . -26.79 -30.86 26.08
PG ATP N . 14.30 32.29 11.71
O1G ATP N . 13.99 32.41 10.24
O2G ATP N . 13.18 32.93 12.52
O3G ATP N . 14.41 30.84 12.09
PB ATP N . 16.01 34.68 11.79
O1B ATP N . 15.23 35.47 12.79
O2B ATP N . 15.59 35.05 10.38
O3B ATP N . 15.75 33.06 12.04
PA ATP N . 18.51 34.49 13.27
O1A ATP N . 18.03 33.14 13.70
O2A ATP N . 19.97 34.40 12.87
O3A ATP N . 17.62 35.00 11.98
O5' ATP N . 18.37 35.51 14.46
C5' ATP N . 19.50 35.75 15.30
C4' ATP N . 19.21 35.13 16.68
O4' ATP N . 20.04 34.21 16.93
C3' ATP N . 19.40 36.28 17.87
O3' ATP N . 18.67 35.86 19.09
C2' ATP N . 20.63 36.31 18.09
O2' ATP N . 20.87 36.57 19.56
C1' ATP N . 21.17 34.89 17.70
N9 ATP N . 22.25 35.00 16.94
C8 ATP N . 22.50 34.32 15.82
N7 ATP N . 23.68 34.69 15.32
C5 ATP N . 24.21 35.64 16.13
C6 ATP N . 25.40 36.38 16.11
N6 ATP N . 26.40 36.19 15.01
N1 ATP N . 25.62 37.26 17.09
C2 ATP N . 24.72 37.42 18.08
N3 ATP N . 23.59 36.74 18.12
C4 ATP N . 23.30 35.83 17.17
PG ATP O . 4.86 -14.51 33.59
O1G ATP O . 4.10 -13.44 32.84
O2G ATP O . 5.87 -15.16 32.65
O3G ATP O . 3.90 -15.55 34.09
PB ATP O . 5.38 -12.30 35.46
O1B ATP O . 5.10 -11.38 34.31
O2B ATP O . 6.59 -11.81 36.24
O3B ATP O . 5.67 -13.82 34.89
PA ATP O . 3.90 -11.35 37.78
O1A ATP O . 4.97 -11.67 38.78
O2A ATP O . 4.02 -9.91 37.35
O3A ATP O . 4.07 -12.33 36.46
O5' ATP O . 2.49 -11.58 38.43
C5' ATP O . 1.99 -10.61 39.35
C4' ATP O . 1.74 -11.32 40.69
O4' ATP O . 2.61 -12.21 40.90
C3' ATP O . 1.85 -10.25 41.95
O3' ATP O . 0.57 -9.53 42.13
C2' ATP O . 2.10 -10.94 42.96
O2' ATP O . 0.82 -11.31 43.65
C1' ATP O . 2.82 -12.24 42.41
N9 ATP O . 4.12 -12.20 42.71
C8 ATP O . 5.12 -12.53 41.89
N7 ATP O . 6.29 -12.39 42.53
C5 ATP O . 6.03 -11.96 43.79
C6 ATP O . 6.84 -11.64 44.88
N6 ATP O . 8.34 -11.76 44.79
N1 ATP O . 6.26 -11.23 46.01
C2 ATP O . 4.93 -11.13 46.09
N3 ATP O . 4.13 -11.43 45.06
C4 ATP O . 4.64 -11.84 43.90
PB ADP P . 20.89 30.03 -19.13
O1B ADP P . 20.45 28.57 -19.28
O2B ADP P . 19.76 30.95 -19.59
O3B ADP P . 21.21 30.31 -17.69
PA ADP P . 23.07 31.70 -20.03
O1A ADP P . 23.70 31.92 -18.66
O2A ADP P . 22.13 32.88 -20.35
O3A ADP P . 22.22 30.30 -20.05
O5' ADP P . 24.28 31.64 -21.19
C5' ADP P . 24.87 32.87 -21.62
C4' ADP P . 26.17 33.07 -20.88
O4' ADP P . 27.21 31.93 -21.27
C3' ADP P . 26.74 34.21 -21.26
O3' ADP P . 27.50 34.77 -20.17
C2' ADP P . 27.72 33.83 -22.48
O2' ADP P . 28.75 34.79 -22.59
C1' ADP P . 28.25 32.61 -22.16
N9 ADP P . 28.46 31.85 -23.34
C8 ADP P . 28.04 30.61 -23.54
N7 ADP P . 28.41 30.22 -24.75
C5 ADP P . 29.08 31.21 -25.32
C6 ADP P . 29.71 31.36 -26.58
N6 ADP P . 29.68 30.25 -27.56
N1 ADP P . 30.31 32.51 -26.86
C2 ADP P . 30.33 33.51 -25.97
N3 ADP P . 29.75 33.39 -24.78
C4 ADP P . 29.11 32.26 -24.41
PG ATP Q . 28.05 -3.42 17.40
O1G ATP Q . 27.37 -2.41 16.50
O2G ATP Q . 27.82 -4.81 16.86
O3G ATP Q . 27.49 -3.31 18.79
PB ATP Q . 30.31 -1.59 17.37
O1B ATP Q . 31.57 -1.61 16.54
O2B ATP Q . 29.31 -0.64 16.75
O3B ATP Q . 29.68 -3.11 17.43
PA ATP Q . 30.92 0.49 19.31
O1A ATP Q . 29.60 1.22 19.35
O2A ATP Q . 31.81 1.14 18.28
O3A ATP Q . 30.66 -1.08 18.90
O5' ATP Q . 31.63 0.57 20.78
C5' ATP Q . 30.85 0.36 21.93
C4' ATP Q . 31.44 1.06 23.09
O4' ATP Q . 32.67 0.31 23.55
C3' ATP Q . 31.84 2.44 22.73
O3' ATP Q . 31.44 3.35 23.79
C2' ATP Q . 33.28 2.46 22.60
O2' ATP Q . 33.82 3.66 23.26
C1' ATP Q . 33.82 1.26 23.27
N9 ATP Q . 34.77 0.62 22.43
C8 ATP Q . 34.44 -0.17 21.56
N7 ATP Q . 35.27 -0.61 20.95
C5 ATP Q . 36.52 -0.14 21.34
C6 ATP Q . 37.96 -0.19 21.09
N6 ATP Q . 38.49 -1.05 20.04
N1 ATP Q . 38.84 0.59 21.89
C2 ATP Q . 38.36 1.37 22.86
N3 ATP Q . 37.14 1.47 23.12
C4 ATP Q . 36.19 0.89 22.56
PB ADP R . 1.49 10.51 -34.46
O1B ADP R . 2.99 10.32 -34.24
O2B ADP R . 0.71 9.64 -33.49
O3B ADP R . 1.13 11.97 -34.23
PA ADP R . 1.11 11.16 -37.26
O1A ADP R . -0.28 11.21 -37.90
O2A ADP R . 1.49 12.56 -36.76
O3A ADP R . 1.10 10.11 -36.00
O5' ADP R . 2.22 10.66 -38.39
C5' ADP R . 3.59 11.08 -38.24
C4' ADP R . 4.14 11.43 -39.62
O4' ADP R . 4.11 10.14 -40.55
C3' ADP R . 3.35 12.32 -40.21
O3' ADP R . 4.13 13.16 -41.08
C2' ADP R . 2.28 11.47 -41.06
O2' ADP R . 1.78 12.25 -42.14
C1' ADP R . 2.97 10.39 -41.56
N9 ADP R . 2.13 9.26 -41.62
C8 ADP R . 1.64 8.60 -40.59
N7 ADP R . 0.89 7.60 -41.03
C5 ADP R . 0.89 7.62 -42.35
C6 ADP R . 0.28 6.82 -43.33
N6 ADP R . -0.57 5.68 -42.95
N1 ADP R . 0.49 7.12 -44.62
C2 ADP R . 1.25 8.15 -44.97
N3 ADP R . 1.85 8.92 -44.06
C4 ADP R . 1.69 8.69 -42.74
PB ADP S . 35.78 -11.27 -13.64
O1B ADP S . 36.88 -11.58 -12.64
O2B ADP S . 35.93 -12.17 -14.86
O3B ADP S . 34.42 -11.50 -13.01
PA ADP S . 36.64 -9.20 -15.49
O1A ADP S . 36.24 -10.14 -16.65
O2A ADP S . 36.22 -7.78 -15.82
O3A ADP S . 35.90 -9.70 -14.11
O5' ADP S . 38.28 -9.26 -15.29
C5' ADP S . 38.83 -8.92 -14.00
C4' ADP S . 40.19 -8.28 -14.21
O4' ADP S . 41.19 -9.32 -14.89
C3' ADP S . 40.10 -7.26 -15.07
O3' ADP S . 41.07 -6.25 -14.75
C2' ADP S . 40.39 -7.88 -16.52
O2' ADP S . 40.87 -6.87 -17.40
C1' ADP S . 41.38 -8.82 -16.33
N9 ADP S . 41.22 -9.89 -17.24
C8 ADP S . 40.73 -11.09 -16.94
N7 ADP S . 40.71 -11.84 -18.03
C5 ADP S . 41.20 -11.12 -19.04
C6 ADP S . 41.42 -11.39 -20.40
N6 ADP S . 41.09 -12.70 -20.98
N1 ADP S . 41.94 -10.42 -21.17
C2 ADP S . 42.24 -9.22 -20.66
N3 ADP S . 42.04 -8.94 -19.37
C4 ADP S . 41.52 -9.86 -18.52
#